data_1YXE
#
_entry.id   1YXE
#
_entity_poly.entity_id   1
_entity_poly.type   'polypeptide(L)'
_entity_poly.pdbx_seq_one_letter_code
;MRGSHHHHHHGSNAKFGLWVDGNCEDIPHVNEFPAIDLFECNKLVFELSASDQPKQYEQHLTDYEKIKEGFKNKNASMIK
SAFLPTGAFKADRYKSHGKGYNWGNYNTETQKCEIFNVKPTCLINNSSYIATTALSHPIE
;
_entity_poly.pdbx_strand_id   A
#
# COMPACT_ATOMS: atom_id res chain seq x y z
N MET A 1 4.26 24.24 -24.27
CA MET A 1 3.12 24.19 -23.32
C MET A 1 3.22 22.95 -22.44
N ARG A 2 2.61 22.99 -21.27
CA ARG A 2 2.67 21.81 -20.35
C ARG A 2 1.36 21.69 -19.57
N GLY A 3 0.33 21.16 -20.19
CA GLY A 3 -0.98 21.01 -19.48
C GLY A 3 -1.56 19.63 -19.78
N SER A 4 -2.66 19.29 -19.14
CA SER A 4 -3.28 17.95 -19.36
C SER A 4 -4.78 18.12 -19.62
N HIS A 5 -5.52 17.04 -19.63
CA HIS A 5 -6.98 17.13 -19.86
C HIS A 5 -7.69 17.60 -18.59
N HIS A 6 -8.45 18.66 -18.68
CA HIS A 6 -9.18 19.19 -17.49
C HIS A 6 -10.48 18.42 -17.27
N HIS A 7 -11.06 18.54 -16.10
CA HIS A 7 -12.33 17.82 -15.80
C HIS A 7 -13.04 18.47 -14.61
N HIS A 8 -14.25 18.04 -14.33
CA HIS A 8 -15.00 18.62 -13.17
C HIS A 8 -15.91 17.57 -12.54
N HIS A 9 -15.38 16.39 -12.29
CA HIS A 9 -16.21 15.32 -11.67
C HIS A 9 -15.74 15.05 -10.24
N HIS A 10 -16.06 13.90 -9.70
CA HIS A 10 -15.63 13.57 -8.31
C HIS A 10 -14.52 12.51 -8.32
N GLY A 11 -13.66 12.52 -7.34
CA GLY A 11 -12.55 11.52 -7.29
C GLY A 11 -11.75 11.71 -6.01
N SER A 12 -10.46 11.54 -6.07
CA SER A 12 -9.61 11.71 -4.86
C SER A 12 -8.85 13.04 -4.93
N ASN A 13 -7.95 13.17 -5.87
CA ASN A 13 -7.17 14.44 -5.99
C ASN A 13 -8.06 15.57 -6.51
N ALA A 14 -9.07 15.23 -7.28
CA ALA A 14 -9.98 16.28 -7.83
C ALA A 14 -10.94 16.78 -6.74
N LYS A 15 -11.54 15.88 -6.01
CA LYS A 15 -12.49 16.29 -4.93
C LYS A 15 -12.34 15.39 -3.71
N PHE A 16 -13.30 15.43 -2.82
CA PHE A 16 -13.23 14.57 -1.59
C PHE A 16 -14.65 14.21 -1.13
N GLY A 17 -15.25 13.23 -1.75
CA GLY A 17 -16.63 12.83 -1.34
C GLY A 17 -16.85 11.34 -1.64
N LEU A 18 -18.08 10.92 -1.75
CA LEU A 18 -18.38 9.49 -2.02
C LEU A 18 -19.68 9.36 -2.80
N TRP A 19 -20.09 8.15 -3.10
CA TRP A 19 -21.36 7.95 -3.86
C TRP A 19 -22.56 8.00 -2.89
N VAL A 20 -23.76 7.99 -3.41
CA VAL A 20 -24.98 8.06 -2.53
C VAL A 20 -24.90 7.03 -1.38
N ASP A 21 -25.82 7.11 -0.45
CA ASP A 21 -25.81 6.18 0.71
C ASP A 21 -25.76 4.72 0.25
N GLY A 22 -25.13 3.89 1.03
CA GLY A 22 -25.01 2.45 0.68
C GLY A 22 -24.71 1.63 1.94
N ASN A 23 -23.56 1.01 1.99
CA ASN A 23 -23.19 0.20 3.18
C ASN A 23 -22.00 0.84 3.92
N CYS A 24 -21.15 1.50 3.19
CA CYS A 24 -19.96 2.16 3.82
C CYS A 24 -20.11 3.68 3.78
N GLU A 25 -20.65 4.26 4.81
CA GLU A 25 -20.83 5.75 4.84
C GLU A 25 -19.61 6.40 5.51
N ASP A 26 -18.59 6.71 4.74
CA ASP A 26 -17.36 7.33 5.32
C ASP A 26 -16.41 7.73 4.19
N ILE A 27 -15.13 7.81 4.47
CA ILE A 27 -14.14 8.18 3.43
C ILE A 27 -12.72 7.73 3.84
N PRO A 28 -12.18 6.74 3.16
CA PRO A 28 -10.82 6.25 3.50
C PRO A 28 -9.77 7.27 3.08
N HIS A 29 -8.52 7.02 3.39
CA HIS A 29 -7.44 7.98 3.02
C HIS A 29 -6.17 7.22 2.59
N VAL A 30 -6.06 6.90 1.32
CA VAL A 30 -4.86 6.18 0.83
C VAL A 30 -3.85 7.17 0.24
N ASN A 31 -2.61 6.77 0.13
CA ASN A 31 -1.57 7.70 -0.44
C ASN A 31 -1.49 7.55 -1.95
N GLU A 32 -1.69 8.62 -2.67
CA GLU A 32 -1.62 8.57 -4.16
C GLU A 32 -0.17 8.52 -4.62
N PHE A 33 0.08 8.06 -5.82
CA PHE A 33 1.48 7.98 -6.33
C PHE A 33 1.50 8.23 -7.86
N PRO A 34 2.23 9.25 -8.27
CA PRO A 34 2.32 9.55 -9.73
C PRO A 34 3.22 8.53 -10.41
N ALA A 35 2.80 7.29 -10.44
CA ALA A 35 3.64 6.21 -11.09
C ALA A 35 4.01 6.61 -12.52
N ILE A 36 3.23 7.45 -13.15
CA ILE A 36 3.54 7.87 -14.55
C ILE A 36 4.90 8.60 -14.59
N ASP A 37 5.28 9.21 -13.50
CA ASP A 37 6.58 9.95 -13.48
C ASP A 37 7.72 8.99 -13.12
N LEU A 38 7.54 8.17 -12.13
CA LEU A 38 8.62 7.22 -11.73
C LEU A 38 8.39 5.84 -12.39
N PHE A 39 7.47 5.07 -11.88
CA PHE A 39 7.19 3.73 -12.48
C PHE A 39 5.84 3.20 -12.00
N GLU A 40 5.77 2.74 -10.77
CA GLU A 40 4.48 2.21 -10.24
C GLU A 40 4.39 2.45 -8.73
N CYS A 41 3.43 1.83 -8.09
CA CYS A 41 3.26 2.02 -6.61
C CYS A 41 4.16 1.01 -5.86
N ASN A 42 5.43 1.03 -6.13
CA ASN A 42 6.35 0.08 -5.44
C ASN A 42 7.13 0.81 -4.32
N LYS A 43 7.54 2.02 -4.56
CA LYS A 43 8.29 2.78 -3.53
C LYS A 43 7.32 3.48 -2.57
N LEU A 44 7.28 3.06 -1.33
CA LEU A 44 6.35 3.70 -0.35
C LEU A 44 6.67 3.21 1.08
N VAL A 45 7.54 3.91 1.78
CA VAL A 45 7.90 3.49 3.16
C VAL A 45 8.16 4.72 4.03
N PHE A 46 7.33 5.73 3.91
CA PHE A 46 7.53 6.96 4.74
C PHE A 46 6.65 6.91 5.99
N GLU A 47 5.47 6.36 5.86
CA GLU A 47 4.55 6.28 7.05
C GLU A 47 3.65 5.04 6.95
N LEU A 48 4.12 4.01 6.28
CA LEU A 48 3.32 2.77 6.14
C LEU A 48 3.74 1.72 7.19
N SER A 49 4.95 1.82 7.68
CA SER A 49 5.42 0.83 8.71
C SER A 49 4.50 0.84 9.93
N ALA A 50 3.89 1.96 10.21
CA ALA A 50 2.98 2.05 11.39
C ALA A 50 1.80 1.08 11.21
N SER A 51 1.32 0.94 10.00
CA SER A 51 0.18 0.01 9.75
C SER A 51 0.67 -1.34 9.22
N ASP A 52 1.96 -1.59 9.25
CA ASP A 52 2.50 -2.89 8.75
C ASP A 52 1.88 -4.06 9.52
N GLN A 53 1.71 -3.92 10.81
CA GLN A 53 1.11 -5.01 11.63
C GLN A 53 0.01 -4.46 12.54
N PRO A 54 -1.17 -4.27 11.98
CA PRO A 54 -2.30 -3.74 12.80
C PRO A 54 -2.83 -4.82 13.74
N LYS A 55 -3.03 -6.02 13.24
CA LYS A 55 -3.53 -7.12 14.11
C LYS A 55 -2.50 -8.24 14.22
N GLN A 56 -2.88 -9.37 14.76
CA GLN A 56 -1.91 -10.49 14.90
C GLN A 56 -1.43 -10.95 13.52
N TYR A 57 -0.27 -10.50 13.11
CA TYR A 57 0.26 -10.91 11.77
C TYR A 57 1.57 -11.68 11.95
N GLU A 58 1.73 -12.35 13.06
CA GLU A 58 2.98 -13.14 13.29
C GLU A 58 2.72 -14.63 13.09
N GLN A 59 1.51 -15.07 13.32
CA GLN A 59 1.19 -16.52 13.14
C GLN A 59 0.44 -16.74 11.81
N HIS A 60 1.09 -16.49 10.71
CA HIS A 60 0.43 -16.69 9.38
C HIS A 60 1.02 -17.89 8.64
N LEU A 61 1.70 -18.77 9.34
CA LEU A 61 2.30 -19.96 8.66
C LEU A 61 1.20 -20.83 8.04
N THR A 62 0.02 -20.80 8.61
CA THR A 62 -1.11 -21.61 8.05
C THR A 62 -1.77 -20.90 6.87
N ASP A 63 -1.28 -19.74 6.48
CA ASP A 63 -1.89 -19.00 5.33
C ASP A 63 -1.25 -19.44 3.99
N TYR A 64 -0.10 -20.09 4.05
CA TYR A 64 0.57 -20.53 2.78
C TYR A 64 -0.06 -21.87 2.32
N GLU A 65 -0.51 -22.68 3.23
CA GLU A 65 -1.14 -23.99 2.85
C GLU A 65 -2.35 -23.76 1.93
N LYS A 66 -2.96 -22.60 2.01
CA LYS A 66 -4.14 -22.30 1.15
C LYS A 66 -3.71 -21.81 -0.24
N ILE A 67 -2.43 -21.83 -0.55
CA ILE A 67 -1.97 -21.36 -1.88
C ILE A 67 -2.53 -22.29 -2.98
N LYS A 68 -2.74 -23.53 -2.65
CA LYS A 68 -3.29 -24.50 -3.66
C LYS A 68 -4.79 -24.30 -3.85
N GLU A 69 -5.46 -23.70 -2.88
CA GLU A 69 -6.93 -23.47 -3.01
C GLU A 69 -7.22 -22.06 -3.54
N GLY A 70 -6.25 -21.43 -4.16
CA GLY A 70 -6.48 -20.05 -4.70
C GLY A 70 -7.53 -20.09 -5.80
N PHE A 71 -7.62 -21.19 -6.51
CA PHE A 71 -8.64 -21.32 -7.60
C PHE A 71 -9.82 -22.19 -7.15
N LYS A 72 -10.04 -22.31 -5.85
CA LYS A 72 -11.19 -23.12 -5.35
C LYS A 72 -12.49 -22.62 -6.00
N ASN A 73 -12.52 -21.37 -6.39
CA ASN A 73 -13.72 -20.81 -7.05
C ASN A 73 -13.80 -21.31 -8.51
N LYS A 74 -14.18 -20.47 -9.45
CA LYS A 74 -14.28 -20.92 -10.87
C LYS A 74 -13.95 -19.77 -11.86
N ASN A 75 -13.46 -18.66 -11.38
CA ASN A 75 -13.14 -17.53 -12.30
C ASN A 75 -12.09 -17.96 -13.33
N ALA A 76 -11.28 -18.93 -13.00
CA ALA A 76 -10.23 -19.40 -13.96
C ALA A 76 -10.87 -19.90 -15.26
N SER A 77 -12.10 -20.33 -15.20
CA SER A 77 -12.78 -20.83 -16.44
C SER A 77 -13.72 -19.76 -17.00
N MET A 78 -14.25 -18.92 -16.15
CA MET A 78 -15.19 -17.85 -16.63
C MET A 78 -14.41 -16.59 -17.06
N ILE A 79 -13.11 -16.66 -17.15
CA ILE A 79 -12.27 -15.47 -17.57
C ILE A 79 -12.90 -14.66 -18.71
N LYS A 80 -13.13 -15.29 -19.84
CA LYS A 80 -13.73 -14.56 -21.02
C LYS A 80 -14.93 -13.69 -20.61
N SER A 81 -15.62 -14.06 -19.56
CA SER A 81 -16.79 -13.25 -19.10
C SER A 81 -16.98 -13.39 -17.60
N ALA A 82 -15.91 -13.24 -16.85
CA ALA A 82 -16.00 -13.37 -15.36
C ALA A 82 -16.47 -12.05 -14.73
N PHE A 83 -17.72 -11.98 -14.35
CA PHE A 83 -18.23 -10.73 -13.70
C PHE A 83 -17.51 -10.52 -12.37
N LEU A 84 -16.38 -9.85 -12.40
CA LEU A 84 -15.57 -9.61 -11.15
C LEU A 84 -16.46 -9.25 -9.94
N PRO A 85 -16.71 -10.22 -9.09
CA PRO A 85 -17.56 -9.99 -7.90
C PRO A 85 -16.68 -9.50 -6.74
N THR A 86 -16.03 -8.39 -6.90
CA THR A 86 -15.15 -7.86 -5.82
C THR A 86 -15.99 -7.17 -4.74
N GLY A 87 -16.89 -7.90 -4.14
CA GLY A 87 -17.75 -7.32 -3.07
C GLY A 87 -18.35 -8.45 -2.24
N ALA A 88 -19.11 -9.31 -2.86
CA ALA A 88 -19.72 -10.45 -2.10
C ALA A 88 -18.63 -11.39 -1.59
N PHE A 89 -18.06 -12.18 -2.46
CA PHE A 89 -16.97 -13.12 -2.03
C PHE A 89 -15.60 -12.46 -2.19
N LYS A 90 -15.48 -11.20 -1.82
CA LYS A 90 -14.16 -10.50 -1.95
C LYS A 90 -13.14 -11.10 -0.98
N ALA A 91 -13.59 -11.66 0.11
CA ALA A 91 -12.65 -12.27 1.09
C ALA A 91 -12.12 -13.61 0.57
N ASP A 92 -12.63 -14.08 -0.54
CA ASP A 92 -12.17 -15.40 -1.09
C ASP A 92 -10.79 -15.27 -1.75
N ARG A 93 -10.47 -14.12 -2.27
CA ARG A 93 -9.14 -13.94 -2.95
C ARG A 93 -8.00 -13.90 -1.91
N TYR A 94 -7.82 -14.97 -1.18
CA TYR A 94 -6.72 -15.00 -0.16
C TYR A 94 -5.41 -15.45 -0.82
N LYS A 95 -4.85 -14.60 -1.64
CA LYS A 95 -3.56 -14.97 -2.33
C LYS A 95 -2.43 -15.09 -1.31
N SER A 96 -1.20 -15.06 -1.77
CA SER A 96 -0.05 -15.17 -0.83
C SER A 96 0.26 -13.80 -0.21
N HIS A 97 -0.71 -13.25 0.49
CA HIS A 97 -0.51 -11.90 1.14
C HIS A 97 0.80 -11.87 1.95
N GLY A 98 1.24 -13.00 2.42
CA GLY A 98 2.50 -13.05 3.22
C GLY A 98 3.67 -12.60 2.34
N LYS A 99 3.59 -12.86 1.06
CA LYS A 99 4.69 -12.44 0.14
C LYS A 99 4.18 -11.38 -0.85
N GLY A 100 3.59 -10.34 -0.34
CA GLY A 100 3.06 -9.26 -1.23
C GLY A 100 3.52 -7.90 -0.71
N TYR A 101 4.74 -7.53 -0.99
CA TYR A 101 5.28 -6.22 -0.51
C TYR A 101 4.39 -5.06 -1.01
N ASN A 102 3.63 -5.27 -2.07
CA ASN A 102 2.76 -4.19 -2.59
C ASN A 102 1.37 -4.26 -1.93
N TRP A 103 0.89 -3.16 -1.44
CA TRP A 103 -0.46 -3.15 -0.78
C TRP A 103 -1.25 -1.92 -1.25
N GLY A 104 -1.48 -1.81 -2.54
CA GLY A 104 -2.21 -0.63 -3.05
C GLY A 104 -3.14 -1.03 -4.20
N ASN A 105 -4.02 -0.14 -4.58
CA ASN A 105 -4.96 -0.42 -5.70
C ASN A 105 -4.71 0.54 -6.85
N TYR A 106 -5.11 0.19 -8.05
CA TYR A 106 -4.88 1.09 -9.21
C TYR A 106 -6.22 1.53 -9.81
N ASN A 107 -6.36 2.81 -10.06
CA ASN A 107 -7.62 3.34 -10.66
C ASN A 107 -7.37 3.81 -12.09
N THR A 108 -8.13 3.33 -13.04
CA THR A 108 -7.91 3.76 -14.46
C THR A 108 -8.85 4.92 -14.81
N GLU A 109 -8.45 6.11 -14.48
CA GLU A 109 -9.29 7.31 -14.81
C GLU A 109 -8.46 8.28 -15.66
N THR A 110 -7.44 8.84 -15.10
CA THR A 110 -6.56 9.78 -15.86
C THR A 110 -5.12 9.25 -15.86
N GLN A 111 -4.44 9.36 -14.74
CA GLN A 111 -3.03 8.85 -14.66
C GLN A 111 -2.53 8.96 -13.22
N LYS A 112 -3.01 8.11 -12.34
CA LYS A 112 -2.55 8.17 -10.92
C LYS A 112 -2.61 6.78 -10.27
N CYS A 113 -1.93 6.61 -9.16
CA CYS A 113 -1.94 5.28 -8.47
C CYS A 113 -2.30 5.46 -6.99
N GLU A 114 -2.80 4.43 -6.36
CA GLU A 114 -3.17 4.54 -4.92
C GLU A 114 -2.50 3.41 -4.11
N ILE A 115 -2.02 3.72 -2.93
CA ILE A 115 -1.36 2.67 -2.10
C ILE A 115 -1.50 3.01 -0.61
N PHE A 116 -1.98 2.07 0.18
CA PHE A 116 -2.13 2.31 1.64
C PHE A 116 -2.49 1.00 2.36
N ASN A 117 -3.63 0.44 2.04
CA ASN A 117 -4.05 -0.84 2.68
C ASN A 117 -5.28 -1.42 1.97
N VAL A 118 -5.92 -2.40 2.57
CA VAL A 118 -7.12 -3.01 1.94
C VAL A 118 -8.39 -2.49 2.62
N LYS A 119 -9.46 -2.32 1.89
CA LYS A 119 -10.73 -1.82 2.50
C LYS A 119 -11.46 -2.96 3.22
N PRO A 120 -12.17 -2.62 4.28
CA PRO A 120 -12.92 -3.65 5.04
C PRO A 120 -14.22 -4.01 4.32
N THR A 121 -15.05 -3.03 4.05
CA THR A 121 -16.33 -3.30 3.35
C THR A 121 -16.88 -1.99 2.75
N CYS A 122 -16.25 -1.50 1.70
CA CYS A 122 -16.72 -0.24 1.06
C CYS A 122 -16.69 -0.37 -0.46
N LEU A 123 -16.85 0.72 -1.16
CA LEU A 123 -16.85 0.66 -2.66
C LEU A 123 -16.05 1.83 -3.28
N ILE A 124 -14.80 1.95 -2.92
CA ILE A 124 -13.96 3.05 -3.49
C ILE A 124 -12.63 2.47 -3.99
N ASN A 125 -12.64 1.23 -4.41
CA ASN A 125 -11.39 0.58 -4.90
C ASN A 125 -11.66 -0.13 -6.23
N ASN A 126 -10.63 -0.62 -6.88
CA ASN A 126 -10.81 -1.32 -8.19
C ASN A 126 -9.72 -2.36 -8.40
N SER A 127 -8.56 -1.95 -8.87
CA SER A 127 -7.46 -2.94 -9.09
C SER A 127 -6.63 -3.11 -7.81
N SER A 128 -5.88 -4.17 -7.70
CA SER A 128 -5.06 -4.38 -6.47
C SER A 128 -3.88 -5.31 -6.76
N TYR A 129 -2.68 -4.76 -6.81
CA TYR A 129 -1.48 -5.60 -7.09
C TYR A 129 -0.77 -5.96 -5.78
N ILE A 130 -0.89 -7.18 -5.34
CA ILE A 130 -0.24 -7.60 -4.07
C ILE A 130 0.98 -8.47 -4.37
N ALA A 131 0.96 -9.20 -5.45
CA ALA A 131 2.12 -10.09 -5.80
C ALA A 131 3.39 -9.25 -5.95
N THR A 132 4.49 -9.75 -5.44
CA THR A 132 5.77 -9.01 -5.55
C THR A 132 6.93 -10.00 -5.43
N THR A 133 8.07 -9.65 -5.97
CA THR A 133 9.25 -10.58 -5.89
C THR A 133 9.62 -10.84 -4.43
N ALA A 134 9.03 -11.84 -3.84
CA ALA A 134 9.34 -12.16 -2.40
C ALA A 134 10.83 -12.45 -2.23
N LEU A 135 11.47 -12.94 -3.26
CA LEU A 135 12.93 -13.25 -3.16
C LEU A 135 13.59 -13.19 -4.55
N SER A 136 13.26 -14.13 -5.41
CA SER A 136 13.86 -14.15 -6.77
C SER A 136 13.09 -13.21 -7.70
N HIS A 137 13.78 -12.50 -8.56
CA HIS A 137 13.11 -11.56 -9.50
C HIS A 137 13.66 -11.74 -10.92
N PRO A 138 13.48 -12.92 -11.48
CA PRO A 138 13.99 -13.18 -12.85
C PRO A 138 13.13 -12.46 -13.89
N ILE A 139 13.32 -12.76 -15.15
CA ILE A 139 12.52 -12.09 -16.21
C ILE A 139 11.11 -12.68 -16.27
N GLU A 140 10.96 -13.93 -15.89
CA GLU A 140 9.61 -14.58 -15.92
C GLU A 140 8.63 -13.80 -15.06
N MET A 1 10.34 -17.16 -2.44
CA MET A 1 10.00 -17.55 -1.04
C MET A 1 11.16 -17.18 -0.10
N ARG A 2 12.33 -17.72 -0.34
CA ARG A 2 13.49 -17.40 0.53
C ARG A 2 14.19 -16.12 0.05
N GLY A 3 13.75 -14.99 0.54
CA GLY A 3 14.37 -13.70 0.12
C GLY A 3 15.62 -13.43 0.96
N SER A 4 16.75 -13.21 0.31
CA SER A 4 18.01 -12.95 1.06
C SER A 4 18.23 -11.44 1.20
N HIS A 5 17.86 -10.68 0.19
CA HIS A 5 18.04 -9.20 0.26
C HIS A 5 16.72 -8.51 0.60
N HIS A 6 15.62 -9.04 0.10
CA HIS A 6 14.29 -8.43 0.39
C HIS A 6 13.28 -9.52 0.79
N HIS A 7 12.37 -9.20 1.67
CA HIS A 7 11.36 -10.22 2.10
C HIS A 7 9.95 -9.72 1.78
N HIS A 8 9.04 -10.61 1.48
CA HIS A 8 7.64 -10.20 1.17
C HIS A 8 6.65 -11.11 1.89
N HIS A 9 6.05 -10.63 2.94
CA HIS A 9 5.06 -11.46 3.70
C HIS A 9 3.82 -10.62 4.04
N HIS A 10 3.25 -9.98 3.06
CA HIS A 10 2.03 -9.14 3.32
C HIS A 10 0.80 -10.03 3.47
N GLY A 11 -0.22 -9.54 4.12
CA GLY A 11 -1.47 -10.35 4.31
C GLY A 11 -2.68 -9.42 4.39
N SER A 12 -3.85 -9.97 4.53
CA SER A 12 -5.08 -9.14 4.62
C SER A 12 -5.84 -9.44 5.92
N ASN A 13 -6.90 -8.72 6.18
CA ASN A 13 -7.69 -8.96 7.41
C ASN A 13 -9.19 -8.83 7.13
N ALA A 14 -9.65 -7.63 6.86
CA ALA A 14 -11.10 -7.43 6.57
C ALA A 14 -11.28 -6.26 5.59
N LYS A 15 -12.46 -5.72 5.51
CA LYS A 15 -12.71 -4.57 4.58
C LYS A 15 -13.47 -3.45 5.30
N PHE A 16 -12.75 -2.58 5.97
CA PHE A 16 -13.41 -1.46 6.69
C PHE A 16 -13.19 -0.14 5.93
N GLY A 17 -13.35 -0.16 4.64
CA GLY A 17 -13.16 1.07 3.83
C GLY A 17 -14.05 1.03 2.59
N LEU A 18 -15.16 0.33 2.67
CA LEU A 18 -16.07 0.24 1.49
C LEU A 18 -17.52 0.21 1.95
N TRP A 19 -18.44 0.53 1.08
CA TRP A 19 -19.88 0.52 1.45
C TRP A 19 -20.76 0.74 0.21
N VAL A 20 -21.94 0.17 0.19
CA VAL A 20 -22.84 0.35 -0.98
C VAL A 20 -23.83 1.49 -0.71
N ASP A 21 -23.45 2.69 -1.06
CA ASP A 21 -24.36 3.87 -0.82
C ASP A 21 -23.84 5.11 -1.53
N GLY A 22 -22.69 5.58 -1.14
CA GLY A 22 -22.11 6.80 -1.77
C GLY A 22 -20.95 6.42 -2.68
N ASN A 23 -19.75 6.62 -2.21
CA ASN A 23 -18.55 6.27 -3.04
C ASN A 23 -17.37 5.93 -2.12
N CYS A 24 -17.16 6.73 -1.11
CA CYS A 24 -16.03 6.48 -0.18
C CYS A 24 -16.35 7.01 1.23
N GLU A 25 -15.67 6.49 2.22
CA GLU A 25 -15.89 6.94 3.62
C GLU A 25 -14.67 7.73 4.10
N ASP A 26 -14.78 8.37 5.24
CA ASP A 26 -13.62 9.16 5.76
C ASP A 26 -13.03 8.49 7.01
N ILE A 27 -13.01 7.19 7.05
CA ILE A 27 -12.44 6.48 8.25
C ILE A 27 -10.93 6.22 8.06
N PRO A 28 -10.54 5.70 6.91
CA PRO A 28 -9.12 5.41 6.65
C PRO A 28 -8.43 6.54 5.90
N HIS A 29 -7.19 6.37 5.56
CA HIS A 29 -6.44 7.42 4.81
C HIS A 29 -5.45 6.75 3.85
N VAL A 30 -5.41 7.18 2.60
CA VAL A 30 -4.46 6.56 1.63
C VAL A 30 -3.58 7.62 0.97
N ASN A 31 -2.47 7.21 0.41
CA ASN A 31 -1.57 8.19 -0.26
C ASN A 31 -1.81 8.19 -1.77
N GLU A 32 -1.93 9.35 -2.36
CA GLU A 32 -2.18 9.44 -3.83
C GLU A 32 -0.84 9.41 -4.58
N PHE A 33 -0.70 8.52 -5.53
CA PHE A 33 0.57 8.44 -6.31
C PHE A 33 0.36 8.98 -7.73
N PRO A 34 0.80 10.20 -7.97
CA PRO A 34 0.64 10.79 -9.32
C PRO A 34 1.75 10.30 -10.26
N ALA A 35 2.98 10.68 -10.01
CA ALA A 35 4.11 10.23 -10.89
C ALA A 35 5.45 10.65 -10.28
N ILE A 36 5.54 10.66 -8.97
CA ILE A 36 6.82 11.05 -8.31
C ILE A 36 7.47 9.84 -7.66
N ASP A 37 7.78 8.85 -8.45
CA ASP A 37 8.42 7.61 -7.92
C ASP A 37 9.62 7.22 -8.77
N LEU A 38 10.38 6.25 -8.34
CA LEU A 38 11.57 5.81 -9.12
C LEU A 38 11.16 4.82 -10.21
N PHE A 39 10.11 4.07 -9.97
CA PHE A 39 9.64 3.08 -10.99
C PHE A 39 8.12 2.91 -10.90
N GLU A 40 7.62 2.67 -9.71
CA GLU A 40 6.13 2.48 -9.55
C GLU A 40 5.71 2.91 -8.14
N CYS A 41 4.54 2.52 -7.72
CA CYS A 41 4.05 2.89 -6.36
C CYS A 41 4.59 1.91 -5.32
N ASN A 42 5.88 1.73 -5.26
CA ASN A 42 6.47 0.78 -4.27
C ASN A 42 7.77 1.37 -3.69
N LYS A 43 7.79 2.64 -3.43
CA LYS A 43 9.02 3.28 -2.87
C LYS A 43 8.68 4.03 -1.57
N LEU A 44 7.80 3.48 -0.78
CA LEU A 44 7.41 4.15 0.50
C LEU A 44 7.65 3.22 1.69
N VAL A 45 8.86 3.12 2.15
CA VAL A 45 9.17 2.22 3.31
C VAL A 45 9.34 3.05 4.59
N PHE A 46 8.37 3.87 4.90
CA PHE A 46 8.48 4.71 6.13
C PHE A 46 7.09 4.86 6.78
N GLU A 47 6.24 3.88 6.62
CA GLU A 47 4.87 3.96 7.21
C GLU A 47 4.26 2.56 7.31
N LEU A 48 4.42 1.76 6.28
CA LEU A 48 3.84 0.38 6.31
C LEU A 48 4.65 -0.52 7.25
N SER A 49 5.88 -0.17 7.52
CA SER A 49 6.73 -1.01 8.44
C SER A 49 6.06 -1.16 9.81
N ALA A 50 5.25 -0.21 10.19
CA ALA A 50 4.55 -0.29 11.50
C ALA A 50 3.27 -1.13 11.40
N SER A 51 2.95 -1.65 10.23
CA SER A 51 1.71 -2.47 10.08
C SER A 51 2.02 -3.96 10.24
N ASP A 52 3.20 -4.32 10.68
CA ASP A 52 3.56 -5.76 10.84
C ASP A 52 2.60 -6.43 11.83
N GLN A 53 2.00 -5.68 12.72
CA GLN A 53 1.06 -6.28 13.72
C GLN A 53 -0.03 -7.12 13.02
N PRO A 54 0.06 -8.44 13.17
CA PRO A 54 -0.94 -9.32 12.51
C PRO A 54 -2.25 -9.33 13.31
N LYS A 55 -2.17 -9.62 14.59
CA LYS A 55 -3.41 -9.65 15.43
C LYS A 55 -4.09 -8.28 15.44
N GLN A 56 -3.56 -7.35 16.18
CA GLN A 56 -4.17 -5.98 16.23
C GLN A 56 -3.97 -5.27 14.90
N TYR A 57 -4.94 -5.35 14.02
CA TYR A 57 -4.81 -4.69 12.68
C TYR A 57 -5.44 -3.29 12.74
N GLU A 58 -6.38 -3.08 13.62
CA GLU A 58 -7.03 -1.74 13.72
C GLU A 58 -7.01 -1.24 15.17
N GLN A 59 -7.91 -1.74 16.00
CA GLN A 59 -7.96 -1.30 17.43
C GLN A 59 -9.02 -2.10 18.19
N HIS A 60 -9.52 -1.57 19.27
CA HIS A 60 -10.57 -2.29 20.07
C HIS A 60 -11.97 -1.90 19.59
N LEU A 61 -12.10 -1.36 18.40
CA LEU A 61 -13.44 -0.94 17.87
C LEU A 61 -14.47 -2.09 17.98
N THR A 62 -14.01 -3.32 18.07
CA THR A 62 -14.96 -4.48 18.16
C THR A 62 -16.04 -4.23 19.23
N ASP A 63 -15.64 -4.13 20.47
CA ASP A 63 -16.62 -3.89 21.58
C ASP A 63 -16.46 -2.49 22.19
N TYR A 64 -15.36 -1.83 21.93
CA TYR A 64 -15.14 -0.47 22.54
C TYR A 64 -15.45 0.67 21.55
N GLU A 65 -15.90 0.36 20.35
CA GLU A 65 -16.20 1.45 19.36
C GLU A 65 -17.13 2.52 19.96
N LYS A 66 -17.99 2.14 20.88
CA LYS A 66 -18.90 3.14 21.50
C LYS A 66 -18.08 4.20 22.25
N ILE A 67 -16.96 3.81 22.79
CA ILE A 67 -16.09 4.77 23.53
C ILE A 67 -14.93 5.24 22.63
N LYS A 68 -14.63 4.50 21.59
CA LYS A 68 -13.50 4.89 20.69
C LYS A 68 -14.05 5.76 19.53
N GLU A 69 -15.31 5.62 19.20
CA GLU A 69 -15.90 6.43 18.09
C GLU A 69 -15.71 7.92 18.36
N GLY A 70 -15.67 8.29 19.62
CA GLY A 70 -15.49 9.73 19.98
C GLY A 70 -14.11 10.20 19.49
N PHE A 71 -14.03 10.62 18.25
CA PHE A 71 -12.71 11.09 17.69
C PHE A 71 -12.20 12.29 18.51
N LYS A 72 -11.34 12.04 19.46
CA LYS A 72 -10.79 13.16 20.29
C LYS A 72 -9.35 12.86 20.70
N ASN A 73 -8.61 12.23 19.84
CA ASN A 73 -7.18 11.89 20.17
C ASN A 73 -6.23 12.66 19.26
N LYS A 74 -6.28 12.41 17.98
CA LYS A 74 -5.38 13.12 17.03
C LYS A 74 -6.21 13.90 15.99
N ASN A 75 -6.03 15.20 15.94
CA ASN A 75 -6.80 16.03 14.96
C ASN A 75 -5.92 16.36 13.76
N ALA A 76 -4.63 16.43 13.95
CA ALA A 76 -3.72 16.76 12.82
C ALA A 76 -3.86 15.72 11.69
N SER A 77 -4.24 14.52 12.02
CA SER A 77 -4.41 13.46 10.99
C SER A 77 -5.89 13.25 10.65
N MET A 78 -6.77 14.10 11.11
CA MET A 78 -8.22 13.93 10.81
C MET A 78 -8.68 14.95 9.76
N ILE A 79 -7.99 16.07 9.64
CA ILE A 79 -8.39 17.10 8.64
C ILE A 79 -7.17 17.83 8.07
N LYS A 80 -6.42 18.47 8.91
CA LYS A 80 -5.20 19.22 8.42
C LYS A 80 -4.31 18.33 7.56
N SER A 81 -4.38 17.03 7.74
CA SER A 81 -3.53 16.10 6.93
C SER A 81 -3.81 16.29 5.44
N ALA A 82 -4.98 16.74 5.09
CA ALA A 82 -5.33 16.95 3.65
C ALA A 82 -6.50 17.93 3.52
N PHE A 83 -6.38 19.07 4.13
CA PHE A 83 -7.48 20.09 4.04
C PHE A 83 -7.18 21.10 2.93
N LEU A 84 -6.65 20.64 1.82
CA LEU A 84 -6.33 21.56 0.69
C LEU A 84 -7.30 21.33 -0.48
N PRO A 85 -8.53 21.77 -0.33
CA PRO A 85 -9.53 21.59 -1.41
C PRO A 85 -9.20 22.53 -2.59
N THR A 86 -8.11 22.30 -3.26
CA THR A 86 -7.73 23.17 -4.41
C THR A 86 -7.90 22.40 -5.74
N GLY A 87 -6.91 21.62 -6.13
CA GLY A 87 -7.04 20.86 -7.41
C GLY A 87 -5.76 20.05 -7.64
N ALA A 88 -5.34 19.28 -6.66
CA ALA A 88 -4.10 18.47 -6.83
C ALA A 88 -4.43 17.08 -7.39
N PHE A 89 -5.64 16.86 -7.85
CA PHE A 89 -6.01 15.52 -8.40
C PHE A 89 -5.75 15.48 -9.91
N LYS A 90 -5.87 16.61 -10.57
CA LYS A 90 -5.63 16.64 -12.04
C LYS A 90 -4.16 16.94 -12.35
N ALA A 91 -3.42 17.48 -11.40
CA ALA A 91 -1.98 17.78 -11.66
C ALA A 91 -1.19 16.50 -11.97
N ASP A 92 -1.74 15.34 -11.68
CA ASP A 92 -1.02 14.07 -11.95
C ASP A 92 -0.60 13.98 -13.43
N ARG A 93 0.57 13.46 -13.68
CA ARG A 93 1.05 13.34 -15.10
C ARG A 93 1.36 11.87 -15.43
N TYR A 94 1.25 11.50 -16.67
CA TYR A 94 1.54 10.08 -17.06
C TYR A 94 3.02 9.76 -16.89
N LYS A 95 3.34 8.68 -16.21
CA LYS A 95 4.77 8.32 -15.99
C LYS A 95 4.93 6.79 -15.93
N SER A 96 4.06 6.13 -15.21
CA SER A 96 4.14 4.64 -15.10
C SER A 96 3.48 3.97 -16.31
N HIS A 97 3.93 4.29 -17.49
CA HIS A 97 3.33 3.68 -18.71
C HIS A 97 3.64 2.18 -18.76
N GLY A 98 4.77 1.78 -18.22
CA GLY A 98 5.14 0.33 -18.23
C GLY A 98 5.40 -0.14 -16.80
N LYS A 99 4.46 0.06 -15.91
CA LYS A 99 4.65 -0.37 -14.50
C LYS A 99 4.76 -1.90 -14.41
N GLY A 100 5.39 -2.40 -13.39
CA GLY A 100 5.53 -3.88 -13.25
C GLY A 100 5.45 -4.28 -11.77
N TYR A 101 4.83 -3.46 -10.95
CA TYR A 101 4.69 -3.79 -9.50
C TYR A 101 3.32 -3.40 -9.00
N ASN A 102 2.38 -4.32 -9.01
CA ASN A 102 0.99 -3.99 -8.55
C ASN A 102 0.70 -4.64 -7.20
N TRP A 103 0.57 -3.84 -6.17
CA TRP A 103 0.26 -4.40 -4.82
C TRP A 103 -0.69 -3.45 -4.07
N GLY A 104 -1.55 -2.79 -4.82
CA GLY A 104 -2.53 -1.84 -4.19
C GLY A 104 -3.73 -1.70 -5.12
N ASN A 105 -4.22 -0.51 -5.30
CA ASN A 105 -5.39 -0.31 -6.21
C ASN A 105 -5.09 0.78 -7.25
N TYR A 106 -5.21 0.45 -8.50
CA TYR A 106 -4.93 1.46 -9.58
C TYR A 106 -6.20 1.62 -10.42
N ASN A 107 -6.62 2.85 -10.65
CA ASN A 107 -7.83 3.09 -11.49
C ASN A 107 -7.40 3.29 -12.94
N THR A 108 -8.08 2.66 -13.88
CA THR A 108 -7.68 2.83 -15.31
C THR A 108 -8.40 4.02 -15.95
N GLU A 109 -7.89 5.20 -15.74
CA GLU A 109 -8.51 6.42 -16.36
C GLU A 109 -7.44 7.13 -17.18
N THR A 110 -6.45 7.66 -16.52
CA THR A 110 -5.33 8.36 -17.22
C THR A 110 -4.01 7.69 -16.84
N GLN A 111 -3.58 7.87 -15.62
CA GLN A 111 -2.32 7.24 -15.14
C GLN A 111 -2.13 7.54 -13.64
N LYS A 112 -3.19 7.43 -12.87
CA LYS A 112 -3.09 7.72 -11.41
C LYS A 112 -2.82 6.43 -10.62
N CYS A 113 -2.45 6.56 -9.37
CA CYS A 113 -2.16 5.36 -8.53
C CYS A 113 -2.52 5.65 -7.06
N GLU A 114 -3.13 4.70 -6.38
CA GLU A 114 -3.51 4.93 -4.96
C GLU A 114 -3.13 3.71 -4.10
N ILE A 115 -2.51 3.95 -2.96
CA ILE A 115 -2.13 2.80 -2.07
C ILE A 115 -1.66 3.28 -0.70
N PHE A 116 -1.75 2.41 0.27
CA PHE A 116 -1.33 2.74 1.67
C PHE A 116 -1.37 1.45 2.50
N ASN A 117 -1.71 1.53 3.76
CA ASN A 117 -1.77 0.28 4.60
C ASN A 117 -2.73 -0.73 3.96
N VAL A 118 -2.51 -2.01 4.16
CA VAL A 118 -3.40 -3.05 3.55
C VAL A 118 -4.85 -2.84 4.01
N LYS A 119 -5.63 -2.10 3.25
CA LYS A 119 -7.06 -1.86 3.62
C LYS A 119 -7.75 -1.02 2.53
N PRO A 120 -9.06 -1.11 2.45
CA PRO A 120 -9.81 -0.34 1.44
C PRO A 120 -10.11 1.06 1.99
N THR A 121 -10.90 1.84 1.28
CA THR A 121 -11.23 3.22 1.77
C THR A 121 -12.35 3.84 0.92
N CYS A 122 -12.29 3.68 -0.37
CA CYS A 122 -13.34 4.25 -1.28
C CYS A 122 -13.84 3.13 -2.19
N LEU A 123 -14.58 3.46 -3.22
CA LEU A 123 -15.06 2.40 -4.15
C LEU A 123 -13.88 1.99 -5.04
N ILE A 124 -12.89 1.39 -4.44
CA ILE A 124 -11.66 0.98 -5.18
C ILE A 124 -11.89 -0.31 -5.99
N ASN A 125 -12.75 -0.25 -6.98
CA ASN A 125 -13.01 -1.45 -7.81
C ASN A 125 -12.41 -1.26 -9.21
N ASN A 126 -11.17 -1.65 -9.39
CA ASN A 126 -10.51 -1.50 -10.72
C ASN A 126 -9.29 -2.43 -10.80
N SER A 127 -8.14 -2.00 -10.33
CA SER A 127 -6.94 -2.87 -10.37
C SER A 127 -6.44 -3.15 -8.95
N SER A 128 -7.25 -3.78 -8.15
CA SER A 128 -6.84 -4.08 -6.74
C SER A 128 -6.04 -5.39 -6.68
N TYR A 129 -4.92 -5.37 -6.00
CA TYR A 129 -4.09 -6.60 -5.90
C TYR A 129 -2.99 -6.39 -4.85
N ILE A 130 -2.39 -7.47 -4.38
CA ILE A 130 -1.30 -7.33 -3.36
C ILE A 130 -0.13 -8.26 -3.72
N ALA A 131 0.52 -8.00 -4.83
CA ALA A 131 1.68 -8.85 -5.24
C ALA A 131 2.45 -8.18 -6.38
N THR A 132 3.42 -7.37 -6.06
CA THR A 132 4.21 -6.68 -7.11
C THR A 132 4.89 -7.71 -8.03
N THR A 133 5.97 -8.31 -7.59
CA THR A 133 6.68 -9.31 -8.43
C THR A 133 7.57 -10.19 -7.55
N ALA A 134 7.27 -11.47 -7.48
CA ALA A 134 8.10 -12.39 -6.64
C ALA A 134 9.45 -12.63 -7.31
N LEU A 135 10.47 -12.91 -6.53
CA LEU A 135 11.82 -13.16 -7.12
C LEU A 135 11.88 -14.58 -7.70
N SER A 136 11.99 -14.70 -9.00
CA SER A 136 12.05 -16.04 -9.64
C SER A 136 13.39 -16.22 -10.37
N HIS A 137 14.26 -17.01 -9.82
CA HIS A 137 15.60 -17.23 -10.46
C HIS A 137 16.17 -18.61 -10.06
N PRO A 138 15.55 -19.67 -10.55
CA PRO A 138 16.03 -21.03 -10.23
C PRO A 138 17.34 -21.34 -10.95
N ILE A 139 17.86 -22.52 -10.77
CA ILE A 139 19.15 -22.89 -11.45
C ILE A 139 18.85 -23.56 -12.79
N GLU A 140 18.00 -22.96 -13.58
CA GLU A 140 17.66 -23.55 -14.92
C GLU A 140 16.83 -22.55 -15.73
N MET A 1 3.07 -16.84 -5.69
CA MET A 1 4.48 -17.27 -5.45
C MET A 1 4.57 -18.79 -5.28
N ARG A 2 3.50 -19.41 -4.85
CA ARG A 2 3.52 -20.90 -4.66
C ARG A 2 2.09 -21.43 -4.49
N GLY A 3 1.42 -21.01 -3.46
CA GLY A 3 0.02 -21.48 -3.23
C GLY A 3 -0.88 -20.29 -2.91
N SER A 4 -2.08 -20.28 -3.43
CA SER A 4 -3.02 -19.15 -3.16
C SER A 4 -4.29 -19.66 -2.48
N HIS A 5 -4.96 -18.81 -1.74
CA HIS A 5 -6.20 -19.24 -1.04
C HIS A 5 -7.43 -18.98 -1.92
N HIS A 6 -8.61 -19.19 -1.39
CA HIS A 6 -9.85 -18.95 -2.19
C HIS A 6 -10.19 -17.47 -2.22
N HIS A 7 -10.85 -17.02 -3.26
CA HIS A 7 -11.22 -15.57 -3.36
C HIS A 7 -12.71 -15.42 -3.68
N HIS A 8 -13.20 -16.14 -4.67
CA HIS A 8 -14.64 -16.04 -5.03
C HIS A 8 -15.50 -16.64 -3.90
N HIS A 9 -14.96 -17.57 -3.15
CA HIS A 9 -15.75 -18.19 -2.05
C HIS A 9 -15.86 -17.23 -0.87
N HIS A 10 -14.87 -16.39 -0.68
CA HIS A 10 -14.92 -15.42 0.45
C HIS A 10 -14.79 -13.98 -0.08
N GLY A 11 -15.89 -13.40 -0.49
CA GLY A 11 -15.85 -12.01 -1.02
C GLY A 11 -17.17 -11.31 -0.72
N SER A 12 -17.66 -11.44 0.49
CA SER A 12 -18.94 -10.78 0.87
C SER A 12 -18.75 -9.90 2.11
N ASN A 13 -18.01 -8.83 1.98
CA ASN A 13 -17.77 -7.93 3.15
C ASN A 13 -19.04 -7.16 3.49
N ALA A 14 -19.12 -6.63 4.67
CA ALA A 14 -20.33 -5.85 5.08
C ALA A 14 -20.07 -5.12 6.42
N LYS A 15 -18.88 -4.61 6.60
CA LYS A 15 -18.56 -3.89 7.86
C LYS A 15 -17.58 -2.75 7.59
N PHE A 16 -17.61 -2.19 6.40
CA PHE A 16 -16.68 -1.06 6.07
C PHE A 16 -17.48 0.19 5.72
N GLY A 17 -18.22 0.16 4.64
CA GLY A 17 -19.03 1.35 4.24
C GLY A 17 -20.27 0.89 3.48
N LEU A 18 -21.30 1.69 3.45
CA LEU A 18 -22.54 1.31 2.73
C LEU A 18 -23.19 2.51 2.04
N TRP A 19 -23.28 2.49 0.74
CA TRP A 19 -23.92 3.64 0.01
C TRP A 19 -24.57 3.12 -1.28
N VAL A 20 -25.44 3.91 -1.86
CA VAL A 20 -26.14 3.48 -3.11
C VAL A 20 -25.12 3.14 -4.21
N ASP A 21 -24.67 1.91 -4.27
CA ASP A 21 -23.68 1.50 -5.32
C ASP A 21 -23.38 0.00 -5.17
N GLY A 22 -23.17 -0.44 -3.96
CA GLY A 22 -22.88 -1.89 -3.73
C GLY A 22 -22.89 -2.17 -2.22
N ASN A 23 -21.73 -2.25 -1.62
CA ASN A 23 -21.66 -2.52 -0.15
C ASN A 23 -20.43 -1.85 0.48
N CYS A 24 -19.86 -0.88 -0.19
CA CYS A 24 -18.65 -0.19 0.35
C CYS A 24 -18.60 1.26 -0.15
N GLU A 25 -18.24 2.19 0.71
CA GLU A 25 -18.19 3.62 0.28
C GLU A 25 -16.86 4.27 0.67
N ASP A 26 -16.60 5.46 0.17
CA ASP A 26 -15.31 6.15 0.52
C ASP A 26 -15.28 6.51 2.01
N ILE A 27 -14.23 6.15 2.69
CA ILE A 27 -14.13 6.46 4.15
C ILE A 27 -12.68 6.85 4.53
N PRO A 28 -11.74 5.92 4.47
CA PRO A 28 -10.34 6.25 4.83
C PRO A 28 -9.70 7.14 3.75
N HIS A 29 -8.40 7.27 3.77
CA HIS A 29 -7.70 8.12 2.76
C HIS A 29 -6.46 7.38 2.23
N VAL A 30 -6.49 6.99 0.98
CA VAL A 30 -5.32 6.28 0.39
C VAL A 30 -4.23 7.28 -0.01
N ASN A 31 -3.01 6.82 -0.16
CA ASN A 31 -1.91 7.75 -0.55
C ASN A 31 -1.77 7.81 -2.08
N GLU A 32 -1.83 8.98 -2.65
CA GLU A 32 -1.70 9.12 -4.14
C GLU A 32 -0.24 8.92 -4.56
N PHE A 33 -0.02 8.57 -5.79
CA PHE A 33 1.38 8.35 -6.27
C PHE A 33 1.50 8.72 -7.77
N PRO A 34 2.52 9.50 -8.10
CA PRO A 34 2.72 9.90 -9.52
C PRO A 34 3.29 8.72 -10.32
N ALA A 35 2.53 7.67 -10.46
CA ALA A 35 3.01 6.46 -11.23
C ALA A 35 3.62 6.86 -12.58
N ILE A 36 2.81 7.12 -13.57
CA ILE A 36 3.35 7.51 -14.91
C ILE A 36 3.74 8.99 -14.92
N ASP A 37 4.70 9.34 -14.13
CA ASP A 37 5.16 10.77 -14.07
C ASP A 37 6.60 10.84 -13.58
N LEU A 38 6.89 10.26 -12.45
CA LEU A 38 8.29 10.29 -11.92
C LEU A 38 8.64 8.97 -11.23
N PHE A 39 7.79 8.51 -10.34
CA PHE A 39 8.09 7.24 -9.62
C PHE A 39 6.93 6.24 -9.81
N GLU A 40 7.19 4.98 -9.63
CA GLU A 40 6.11 3.95 -9.79
C GLU A 40 5.37 3.77 -8.47
N CYS A 41 4.54 2.76 -8.36
CA CYS A 41 3.78 2.55 -7.10
C CYS A 41 4.50 1.52 -6.21
N ASN A 42 5.80 1.42 -6.36
CA ASN A 42 6.57 0.44 -5.54
C ASN A 42 7.79 1.13 -4.92
N LYS A 43 7.62 2.32 -4.40
CA LYS A 43 8.76 3.04 -3.78
C LYS A 43 8.26 4.11 -2.80
N LEU A 44 8.11 3.75 -1.55
CA LEU A 44 7.62 4.73 -0.54
C LEU A 44 8.81 5.48 0.08
N VAL A 45 8.60 6.17 1.17
CA VAL A 45 9.72 6.93 1.81
C VAL A 45 9.77 6.59 3.32
N PHE A 46 8.70 6.82 4.04
CA PHE A 46 8.70 6.52 5.49
C PHE A 46 7.26 6.45 6.04
N GLU A 47 6.40 5.71 5.38
CA GLU A 47 4.98 5.60 5.85
C GLU A 47 4.48 4.16 5.73
N LEU A 48 4.80 3.49 4.65
CA LEU A 48 4.34 2.08 4.48
C LEU A 48 5.49 1.10 4.74
N SER A 49 6.71 1.54 4.59
CA SER A 49 7.88 0.64 4.82
C SER A 49 7.85 0.08 6.25
N ALA A 50 7.51 0.90 7.20
CA ALA A 50 7.46 0.41 8.62
C ALA A 50 5.99 0.21 9.08
N SER A 51 5.07 0.13 8.15
CA SER A 51 3.63 -0.07 8.54
C SER A 51 3.25 -1.54 8.43
N ASP A 52 3.81 -2.24 7.47
CA ASP A 52 3.48 -3.68 7.30
C ASP A 52 4.39 -4.56 8.17
N GLN A 53 5.66 -4.22 8.24
CA GLN A 53 6.61 -5.02 9.07
C GLN A 53 7.75 -4.13 9.58
N PRO A 54 8.24 -4.43 10.77
CA PRO A 54 9.35 -3.63 11.34
C PRO A 54 10.66 -3.93 10.62
N LYS A 55 11.59 -3.01 10.64
CA LYS A 55 12.90 -3.24 9.95
C LYS A 55 14.01 -3.44 10.98
N GLN A 56 14.33 -2.41 11.72
CA GLN A 56 15.41 -2.54 12.76
C GLN A 56 14.83 -3.09 14.06
N TYR A 57 14.83 -4.40 14.20
CA TYR A 57 14.28 -5.01 15.46
C TYR A 57 15.19 -6.13 15.94
N GLU A 58 16.48 -5.98 15.75
CA GLU A 58 17.44 -7.04 16.21
C GLU A 58 18.69 -6.39 16.83
N GLN A 59 19.58 -5.88 16.01
CA GLN A 59 20.81 -5.24 16.54
C GLN A 59 21.55 -4.49 15.43
N HIS A 60 20.82 -3.95 14.48
CA HIS A 60 21.45 -3.19 13.36
C HIS A 60 21.69 -1.73 13.77
N LEU A 61 20.92 -1.23 14.70
CA LEU A 61 21.08 0.19 15.14
C LEU A 61 22.52 0.46 15.60
N THR A 62 23.26 -0.57 15.96
CA THR A 62 24.66 -0.37 16.43
C THR A 62 25.46 0.48 15.43
N ASP A 63 25.42 0.13 14.17
CA ASP A 63 26.19 0.90 13.15
C ASP A 63 25.25 1.69 12.23
N TYR A 64 23.98 1.36 12.19
CA TYR A 64 23.03 2.09 11.30
C TYR A 64 22.37 3.27 12.01
N GLU A 65 22.71 3.52 13.26
CA GLU A 65 22.08 4.68 13.99
C GLU A 65 22.49 6.01 13.32
N LYS A 66 23.54 6.02 12.55
CA LYS A 66 23.98 7.29 11.90
C LYS A 66 22.94 7.77 10.87
N ILE A 67 21.99 6.93 10.50
CA ILE A 67 20.96 7.35 9.50
C ILE A 67 20.26 8.64 9.95
N LYS A 68 20.09 8.81 11.23
CA LYS A 68 19.40 10.04 11.75
C LYS A 68 20.13 11.30 11.28
N GLU A 69 21.40 11.19 10.99
CA GLU A 69 22.18 12.39 10.52
C GLU A 69 22.02 12.57 9.01
N GLY A 70 21.67 11.53 8.29
CA GLY A 70 21.50 11.66 6.82
C GLY A 70 20.24 10.93 6.38
N PHE A 71 19.12 11.21 7.01
CA PHE A 71 17.85 10.54 6.63
C PHE A 71 17.04 11.44 5.68
N LYS A 72 17.71 12.28 4.94
CA LYS A 72 16.99 13.19 4.00
C LYS A 72 16.90 12.54 2.62
N ASN A 73 17.83 11.67 2.29
CA ASN A 73 17.79 10.98 0.96
C ASN A 73 18.82 9.86 0.91
N LYS A 74 19.10 9.23 2.02
CA LYS A 74 20.10 8.12 2.04
C LYS A 74 19.38 6.79 2.30
N ASN A 75 18.30 6.83 3.02
CA ASN A 75 17.54 5.57 3.32
C ASN A 75 17.02 4.95 2.03
N ALA A 76 16.91 5.71 0.97
CA ALA A 76 16.39 5.15 -0.32
C ALA A 76 17.42 4.22 -0.98
N SER A 77 18.64 4.18 -0.48
CA SER A 77 19.68 3.29 -1.10
C SER A 77 19.93 2.05 -0.23
N MET A 78 20.06 2.23 1.06
CA MET A 78 20.33 1.07 1.97
C MET A 78 19.28 -0.03 1.79
N ILE A 79 18.10 0.32 1.34
CA ILE A 79 17.02 -0.70 1.15
C ILE A 79 17.48 -1.74 0.12
N LYS A 80 18.31 -1.34 -0.81
CA LYS A 80 18.80 -2.31 -1.85
C LYS A 80 20.27 -2.65 -1.62
N SER A 81 21.00 -1.82 -0.90
CA SER A 81 22.45 -2.11 -0.65
C SER A 81 22.63 -2.75 0.73
N ALA A 82 21.75 -2.46 1.65
CA ALA A 82 21.87 -3.05 3.02
C ALA A 82 20.96 -4.28 3.14
N PHE A 83 20.81 -5.02 2.08
CA PHE A 83 19.95 -6.25 2.13
C PHE A 83 20.81 -7.50 2.19
N LEU A 84 21.68 -7.68 1.23
CA LEU A 84 22.57 -8.88 1.21
C LEU A 84 24.05 -8.46 1.07
N PRO A 85 24.94 -9.29 1.55
CA PRO A 85 26.39 -8.97 1.46
C PRO A 85 26.88 -9.14 0.02
N THR A 86 26.24 -10.00 -0.74
CA THR A 86 26.66 -10.21 -2.16
C THR A 86 25.46 -10.04 -3.09
N GLY A 87 25.06 -8.81 -3.34
CA GLY A 87 23.91 -8.56 -4.24
C GLY A 87 24.36 -7.73 -5.44
N ALA A 88 25.52 -8.03 -5.97
CA ALA A 88 26.03 -7.27 -7.15
C ALA A 88 25.06 -7.38 -8.33
N PHE A 89 24.30 -8.46 -8.37
CA PHE A 89 23.32 -8.64 -9.50
C PHE A 89 22.30 -7.50 -9.49
N LYS A 90 22.03 -6.94 -8.34
CA LYS A 90 21.04 -5.82 -8.26
C LYS A 90 21.66 -4.50 -8.76
N ALA A 91 22.96 -4.40 -8.75
CA ALA A 91 23.62 -3.15 -9.22
C ALA A 91 23.37 -2.94 -10.72
N ASP A 92 22.88 -3.94 -11.42
CA ASP A 92 22.61 -3.78 -12.89
C ASP A 92 21.69 -2.60 -13.14
N ARG A 93 21.30 -2.39 -14.38
CA ARG A 93 20.39 -1.25 -14.70
C ARG A 93 18.99 -1.50 -14.12
N TYR A 94 18.23 -2.36 -14.74
CA TYR A 94 16.85 -2.66 -14.23
C TYR A 94 16.93 -3.66 -13.08
N LYS A 95 15.98 -3.61 -12.17
CA LYS A 95 15.97 -4.56 -11.02
C LYS A 95 14.80 -5.54 -11.14
N SER A 96 14.31 -6.05 -10.03
CA SER A 96 13.16 -7.00 -10.08
C SER A 96 11.84 -6.22 -10.16
N HIS A 97 11.70 -5.39 -11.16
CA HIS A 97 10.43 -4.60 -11.31
C HIS A 97 9.25 -5.53 -11.60
N GLY A 98 9.44 -6.49 -12.47
CA GLY A 98 8.33 -7.42 -12.82
C GLY A 98 7.91 -8.21 -11.58
N LYS A 99 8.85 -8.54 -10.72
CA LYS A 99 8.50 -9.31 -9.49
C LYS A 99 8.42 -8.38 -8.28
N GLY A 100 7.87 -7.21 -8.47
CA GLY A 100 7.74 -6.25 -7.33
C GLY A 100 7.08 -4.96 -7.82
N TYR A 101 5.92 -5.08 -8.43
CA TYR A 101 5.22 -3.87 -8.94
C TYR A 101 3.75 -3.85 -8.48
N ASN A 102 3.11 -4.99 -8.47
CA ASN A 102 1.67 -5.04 -8.04
C ASN A 102 1.55 -5.44 -6.57
N TRP A 103 1.20 -4.51 -5.73
CA TRP A 103 1.04 -4.81 -4.27
C TRP A 103 0.26 -3.70 -3.56
N GLY A 104 -0.62 -3.03 -4.27
CA GLY A 104 -1.41 -1.93 -3.66
C GLY A 104 -2.71 -1.73 -4.43
N ASN A 105 -2.99 -0.51 -4.82
CA ASN A 105 -4.24 -0.23 -5.59
C ASN A 105 -3.94 0.62 -6.83
N TYR A 106 -4.41 0.19 -7.98
CA TYR A 106 -4.15 0.96 -9.23
C TYR A 106 -5.47 1.28 -9.93
N ASN A 107 -5.75 2.55 -10.12
CA ASN A 107 -7.01 2.95 -10.80
C ASN A 107 -6.70 3.55 -12.17
N THR A 108 -7.13 2.91 -13.23
CA THR A 108 -6.84 3.45 -14.59
C THR A 108 -7.97 4.39 -15.03
N GLU A 109 -7.89 5.63 -14.65
CA GLU A 109 -8.93 6.62 -15.04
C GLU A 109 -8.28 7.77 -15.82
N THR A 110 -7.44 8.52 -15.16
CA THR A 110 -6.74 9.66 -15.84
C THR A 110 -5.23 9.45 -15.76
N GLN A 111 -4.66 9.63 -14.58
CA GLN A 111 -3.18 9.44 -14.42
C GLN A 111 -2.80 9.53 -12.94
N LYS A 112 -3.21 8.58 -12.14
CA LYS A 112 -2.88 8.62 -10.69
C LYS A 112 -2.79 7.21 -10.10
N CYS A 113 -2.05 7.06 -9.03
CA CYS A 113 -1.91 5.73 -8.37
C CYS A 113 -2.28 5.86 -6.89
N GLU A 114 -2.73 4.79 -6.27
CA GLU A 114 -3.11 4.87 -4.83
C GLU A 114 -2.60 3.64 -4.06
N ILE A 115 -2.27 3.82 -2.81
CA ILE A 115 -1.75 2.68 -1.99
C ILE A 115 -2.50 2.62 -0.65
N PHE A 116 -3.08 1.49 -0.34
CA PHE A 116 -3.82 1.35 0.95
C PHE A 116 -4.18 -0.13 1.18
N ASN A 117 -5.14 -0.39 2.04
CA ASN A 117 -5.55 -1.80 2.32
C ASN A 117 -7.08 -1.92 2.31
N VAL A 118 -7.64 -2.35 1.22
CA VAL A 118 -9.13 -2.51 1.14
C VAL A 118 -9.49 -3.69 0.23
N LYS A 119 -10.73 -4.11 0.26
CA LYS A 119 -11.15 -5.27 -0.59
C LYS A 119 -11.43 -4.79 -2.03
N PRO A 120 -11.34 -5.70 -2.98
CA PRO A 120 -11.58 -5.33 -4.39
C PRO A 120 -13.08 -5.01 -4.61
N THR A 121 -13.95 -5.82 -4.06
CA THR A 121 -15.41 -5.57 -4.22
C THR A 121 -15.83 -4.36 -3.40
N CYS A 122 -15.33 -3.19 -3.74
CA CYS A 122 -15.70 -1.96 -2.99
C CYS A 122 -15.61 -0.74 -3.93
N LEU A 123 -16.19 0.36 -3.53
CA LEU A 123 -16.16 1.58 -4.39
C LEU A 123 -15.02 2.51 -3.96
N ILE A 124 -13.97 1.96 -3.40
CA ILE A 124 -12.82 2.80 -2.96
C ILE A 124 -11.58 2.49 -3.80
N ASN A 125 -11.49 1.28 -4.31
CA ASN A 125 -10.30 0.91 -5.15
C ASN A 125 -10.76 0.17 -6.41
N ASN A 126 -9.96 0.19 -7.45
CA ASN A 126 -10.34 -0.51 -8.70
C ASN A 126 -9.50 -1.78 -8.89
N SER A 127 -8.20 -1.63 -9.04
CA SER A 127 -7.32 -2.82 -9.21
C SER A 127 -6.67 -3.20 -7.88
N SER A 128 -7.15 -4.27 -7.27
CA SER A 128 -6.56 -4.70 -5.97
C SER A 128 -5.63 -5.89 -6.18
N TYR A 129 -4.46 -5.86 -5.58
CA TYR A 129 -3.49 -6.99 -5.75
C TYR A 129 -2.43 -6.94 -4.65
N ILE A 130 -2.40 -7.94 -3.80
CA ILE A 130 -1.38 -7.95 -2.70
C ILE A 130 -0.54 -9.22 -2.79
N ALA A 131 0.19 -9.40 -3.86
CA ALA A 131 1.04 -10.62 -4.02
C ALA A 131 2.11 -10.38 -5.07
N THR A 132 3.33 -10.13 -4.64
CA THR A 132 4.44 -9.90 -5.60
C THR A 132 5.19 -11.22 -5.86
N THR A 133 5.51 -11.50 -7.10
CA THR A 133 6.23 -12.77 -7.42
C THR A 133 7.58 -12.81 -6.69
N ALA A 134 7.59 -13.34 -5.49
CA ALA A 134 8.87 -13.43 -4.72
C ALA A 134 9.91 -14.26 -5.47
N LEU A 135 9.47 -15.16 -6.30
CA LEU A 135 10.42 -16.02 -7.07
C LEU A 135 9.78 -16.50 -8.38
N SER A 136 10.54 -17.18 -9.21
CA SER A 136 9.99 -17.67 -10.51
C SER A 136 9.25 -19.00 -10.31
N HIS A 137 9.99 -20.06 -10.13
CA HIS A 137 9.34 -21.40 -9.93
C HIS A 137 10.33 -22.39 -9.29
N PRO A 138 9.81 -23.47 -8.75
CA PRO A 138 10.70 -24.48 -8.12
C PRO A 138 11.47 -25.27 -9.19
N ILE A 139 10.90 -25.40 -10.36
CA ILE A 139 11.59 -26.16 -11.45
C ILE A 139 11.43 -25.41 -12.78
N GLU A 140 11.54 -24.11 -12.76
CA GLU A 140 11.40 -23.29 -14.02
C GLU A 140 10.08 -23.63 -14.73
N MET A 1 -12.66 -14.98 -22.54
CA MET A 1 -12.01 -15.42 -23.81
C MET A 1 -12.26 -16.91 -24.05
N ARG A 2 -13.40 -17.24 -24.59
CA ARG A 2 -13.71 -18.68 -24.85
C ARG A 2 -14.92 -18.80 -25.80
N GLY A 3 -16.05 -18.25 -25.42
CA GLY A 3 -17.25 -18.32 -26.28
C GLY A 3 -17.96 -16.98 -26.30
N SER A 4 -17.43 -16.01 -27.02
CA SER A 4 -18.06 -14.67 -27.08
C SER A 4 -18.57 -14.38 -28.49
N HIS A 5 -19.36 -13.35 -28.65
CA HIS A 5 -19.89 -13.01 -30.00
C HIS A 5 -19.30 -11.68 -30.49
N HIS A 6 -18.06 -11.42 -30.15
CA HIS A 6 -17.43 -10.13 -30.58
C HIS A 6 -15.91 -10.32 -30.73
N HIS A 7 -15.27 -9.47 -31.49
CA HIS A 7 -13.79 -9.60 -31.68
C HIS A 7 -13.06 -9.49 -30.34
N HIS A 8 -11.75 -9.47 -30.37
CA HIS A 8 -10.96 -9.37 -29.10
C HIS A 8 -11.23 -8.04 -28.39
N HIS A 9 -12.31 -7.95 -27.65
CA HIS A 9 -12.62 -6.69 -26.92
C HIS A 9 -12.57 -6.91 -25.41
N HIS A 10 -12.63 -5.85 -24.65
CA HIS A 10 -12.58 -5.99 -23.16
C HIS A 10 -13.46 -4.91 -22.50
N GLY A 11 -14.19 -5.27 -21.49
CA GLY A 11 -15.07 -4.28 -20.80
C GLY A 11 -14.20 -3.17 -20.19
N SER A 12 -14.74 -2.45 -19.24
CA SER A 12 -13.96 -1.35 -18.59
C SER A 12 -13.01 -1.93 -17.54
N ASN A 13 -12.00 -1.18 -17.17
CA ASN A 13 -11.03 -1.67 -16.14
C ASN A 13 -11.56 -1.39 -14.73
N ALA A 14 -11.59 -0.14 -14.34
CA ALA A 14 -12.09 0.22 -12.98
C ALA A 14 -12.32 1.72 -12.88
N LYS A 15 -12.94 2.17 -11.81
CA LYS A 15 -13.20 3.63 -11.65
C LYS A 15 -13.37 3.97 -10.17
N PHE A 16 -14.23 3.26 -9.48
CA PHE A 16 -14.45 3.54 -8.03
C PHE A 16 -14.46 2.23 -7.24
N GLY A 17 -13.53 2.05 -6.33
CA GLY A 17 -13.47 0.80 -5.53
C GLY A 17 -14.28 0.97 -4.24
N LEU A 18 -15.52 0.57 -4.24
CA LEU A 18 -16.36 0.72 -3.01
C LEU A 18 -17.42 -0.40 -2.96
N TRP A 19 -17.60 -1.01 -1.81
CA TRP A 19 -18.62 -2.09 -1.69
C TRP A 19 -19.80 -1.59 -0.85
N VAL A 20 -20.88 -2.34 -0.80
CA VAL A 20 -22.06 -1.91 0.01
C VAL A 20 -21.64 -1.67 1.47
N ASP A 21 -21.97 -0.53 2.02
CA ASP A 21 -21.60 -0.21 3.43
C ASP A 21 -22.10 -1.31 4.38
N GLY A 22 -21.24 -2.23 4.74
CA GLY A 22 -21.64 -3.33 5.65
C GLY A 22 -20.88 -3.23 6.97
N ASN A 23 -19.68 -2.70 6.94
CA ASN A 23 -18.88 -2.58 8.19
C ASN A 23 -17.96 -1.36 8.13
N CYS A 24 -17.30 -1.15 7.02
CA CYS A 24 -16.39 0.02 6.90
C CYS A 24 -17.08 1.18 6.19
N GLU A 25 -16.57 2.36 6.38
CA GLU A 25 -17.17 3.57 5.73
C GLU A 25 -16.86 3.57 4.23
N ASP A 26 -17.45 4.47 3.49
CA ASP A 26 -17.19 4.53 2.01
C ASP A 26 -15.70 4.71 1.73
N ILE A 27 -15.36 5.12 0.52
CA ILE A 27 -13.91 5.30 0.15
C ILE A 27 -13.14 6.08 1.23
N PRO A 28 -12.25 5.40 1.94
CA PRO A 28 -11.46 6.06 3.01
C PRO A 28 -10.41 6.99 2.39
N HIS A 29 -9.44 7.41 3.15
CA HIS A 29 -8.39 8.31 2.60
C HIS A 29 -7.06 7.56 2.45
N VAL A 30 -6.84 6.95 1.31
CA VAL A 30 -5.55 6.21 1.10
C VAL A 30 -4.51 7.17 0.49
N ASN A 31 -3.25 6.82 0.59
CA ASN A 31 -2.20 7.72 0.03
C ASN A 31 -1.93 7.38 -1.44
N GLU A 32 -2.44 8.19 -2.33
CA GLU A 32 -2.24 7.94 -3.79
C GLU A 32 -0.83 8.34 -4.23
N PHE A 33 -0.37 7.84 -5.33
CA PHE A 33 0.98 8.19 -5.83
C PHE A 33 0.88 9.06 -7.08
N PRO A 34 1.07 10.36 -6.92
CA PRO A 34 0.98 11.28 -8.08
C PRO A 34 2.20 11.10 -9.00
N ALA A 35 2.29 9.96 -9.65
CA ALA A 35 3.44 9.71 -10.56
C ALA A 35 3.54 10.79 -11.64
N ILE A 36 4.28 11.83 -11.38
CA ILE A 36 4.43 12.94 -12.38
C ILE A 36 5.85 12.95 -12.95
N ASP A 37 6.81 12.46 -12.19
CA ASP A 37 8.22 12.43 -12.68
C ASP A 37 9.00 11.31 -11.97
N LEU A 38 8.31 10.27 -11.56
CA LEU A 38 9.00 9.14 -10.87
C LEU A 38 9.10 7.93 -11.80
N PHE A 39 9.38 6.77 -11.26
CA PHE A 39 9.50 5.55 -12.11
C PHE A 39 8.17 4.77 -12.12
N GLU A 40 7.76 4.28 -10.98
CA GLU A 40 6.48 3.50 -10.91
C GLU A 40 5.74 3.83 -9.62
N CYS A 41 4.61 3.19 -9.39
CA CYS A 41 3.82 3.47 -8.16
C CYS A 41 4.19 2.46 -7.06
N ASN A 42 4.35 1.21 -7.43
CA ASN A 42 4.71 0.17 -6.40
C ASN A 42 6.02 0.55 -5.69
N LYS A 43 6.85 1.33 -6.32
CA LYS A 43 8.14 1.74 -5.70
C LYS A 43 7.99 3.08 -4.96
N LEU A 44 8.19 3.09 -3.67
CA LEU A 44 8.06 4.35 -2.89
C LEU A 44 8.81 4.23 -1.57
N VAL A 45 9.31 5.33 -1.05
CA VAL A 45 10.06 5.29 0.24
C VAL A 45 10.18 6.70 0.83
N PHE A 46 9.23 7.55 0.55
CA PHE A 46 9.26 8.95 1.08
C PHE A 46 7.87 9.40 1.50
N GLU A 47 7.02 8.47 1.89
CA GLU A 47 5.64 8.85 2.31
C GLU A 47 5.30 8.18 3.65
N LEU A 48 5.39 6.88 3.71
CA LEU A 48 5.09 6.17 4.99
C LEU A 48 6.39 5.78 5.70
N SER A 49 7.32 5.21 4.98
CA SER A 49 8.61 4.80 5.61
C SER A 49 9.41 6.04 6.03
N ALA A 50 9.17 7.16 5.39
CA ALA A 50 9.92 8.40 5.75
C ALA A 50 9.19 9.19 6.85
N SER A 51 8.24 8.58 7.51
CA SER A 51 7.50 9.30 8.59
C SER A 51 8.13 8.99 9.96
N ASP A 52 8.73 7.84 10.09
CA ASP A 52 9.38 7.47 11.39
C ASP A 52 10.89 7.73 11.32
N GLN A 53 11.46 7.70 10.14
CA GLN A 53 12.92 7.96 10.00
C GLN A 53 13.16 9.34 9.38
N PRO A 54 13.32 10.34 10.23
CA PRO A 54 13.56 11.72 9.73
C PRO A 54 14.96 11.86 9.14
N LYS A 55 15.87 10.98 9.51
CA LYS A 55 17.26 11.08 8.97
C LYS A 55 17.27 11.02 7.44
N GLN A 56 16.76 9.95 6.88
CA GLN A 56 16.73 9.81 5.40
C GLN A 56 15.91 10.94 4.77
N TYR A 57 14.98 11.49 5.50
CA TYR A 57 14.14 12.59 4.94
C TYR A 57 15.01 13.78 4.54
N GLU A 58 16.13 13.96 5.21
CA GLU A 58 17.03 15.11 4.88
C GLU A 58 18.21 14.62 4.03
N GLN A 59 17.94 13.99 2.92
CA GLN A 59 19.04 13.48 2.04
C GLN A 59 18.65 13.59 0.56
N HIS A 60 17.63 14.35 0.25
CA HIS A 60 17.21 14.50 -1.18
C HIS A 60 17.51 15.92 -1.68
N LEU A 61 17.48 16.87 -0.79
CA LEU A 61 17.76 18.29 -1.20
C LEU A 61 19.28 18.55 -1.28
N THR A 62 20.08 17.69 -0.69
CA THR A 62 21.55 17.90 -0.73
C THR A 62 22.20 16.98 -1.78
N ASP A 63 21.56 15.89 -2.12
CA ASP A 63 22.15 14.96 -3.13
C ASP A 63 21.35 14.99 -4.44
N TYR A 64 20.05 14.91 -4.35
CA TYR A 64 19.20 14.92 -5.58
C TYR A 64 19.00 16.35 -6.11
N GLU A 65 19.59 17.34 -5.47
CA GLU A 65 19.41 18.75 -5.95
C GLU A 65 20.38 19.07 -7.10
N LYS A 66 21.12 18.11 -7.59
CA LYS A 66 22.08 18.38 -8.70
C LYS A 66 21.48 17.94 -10.05
N ILE A 67 20.55 17.02 -10.03
CA ILE A 67 19.93 16.55 -11.31
C ILE A 67 18.71 17.41 -11.66
N LYS A 68 18.07 18.00 -10.68
CA LYS A 68 16.87 18.85 -10.96
C LYS A 68 17.27 20.13 -11.72
N GLU A 69 18.47 20.59 -11.52
CA GLU A 69 18.93 21.83 -12.23
C GLU A 69 19.26 21.53 -13.69
N GLY A 70 19.57 20.29 -14.00
CA GLY A 70 19.89 19.94 -15.41
C GLY A 70 18.74 19.14 -16.02
N PHE A 71 17.67 19.80 -16.38
CA PHE A 71 16.50 19.09 -16.97
C PHE A 71 16.66 18.97 -18.49
N LYS A 72 17.77 18.46 -18.94
CA LYS A 72 18.00 18.31 -20.41
C LYS A 72 17.96 16.83 -20.80
N ASN A 73 18.24 15.95 -19.87
CA ASN A 73 18.22 14.49 -20.18
C ASN A 73 18.14 13.69 -18.88
N LYS A 74 16.98 13.14 -18.57
CA LYS A 74 16.83 12.34 -17.31
C LYS A 74 17.84 11.18 -17.28
N ASN A 75 18.18 10.72 -16.11
CA ASN A 75 19.16 9.60 -16.00
C ASN A 75 18.44 8.26 -15.90
N ALA A 76 17.20 8.26 -15.46
CA ALA A 76 16.43 6.97 -15.34
C ALA A 76 16.49 6.17 -16.65
N SER A 77 16.69 6.83 -17.75
CA SER A 77 16.76 6.12 -19.06
C SER A 77 18.15 5.48 -19.26
N MET A 78 19.15 6.01 -18.59
CA MET A 78 20.53 5.44 -18.74
C MET A 78 20.78 4.36 -17.69
N ILE A 79 20.15 4.47 -16.54
CA ILE A 79 20.35 3.45 -15.47
C ILE A 79 19.86 2.08 -15.95
N LYS A 80 18.72 2.04 -16.58
CA LYS A 80 18.17 0.75 -17.08
C LYS A 80 19.16 0.05 -18.01
N SER A 81 20.02 0.81 -18.66
CA SER A 81 21.02 0.21 -19.58
C SER A 81 22.31 -0.10 -18.83
N ALA A 82 22.59 0.62 -17.77
CA ALA A 82 23.84 0.36 -17.00
C ALA A 82 23.52 0.23 -15.51
N PHE A 83 22.96 -0.88 -15.10
CA PHE A 83 22.61 -1.08 -13.66
C PHE A 83 23.40 -2.26 -13.09
N LEU A 84 24.58 -2.51 -13.59
CA LEU A 84 25.40 -3.65 -13.08
C LEU A 84 25.64 -3.52 -11.57
N PRO A 85 26.19 -2.40 -11.15
CA PRO A 85 26.45 -2.19 -9.71
C PRO A 85 25.13 -1.86 -8.96
N THR A 86 24.18 -2.75 -8.99
CA THR A 86 22.88 -2.50 -8.30
C THR A 86 22.14 -3.82 -8.08
N GLY A 87 22.34 -4.44 -6.93
CA GLY A 87 21.66 -5.73 -6.63
C GLY A 87 20.13 -5.55 -6.70
N ALA A 88 19.65 -4.34 -6.58
CA ALA A 88 18.17 -4.11 -6.65
C ALA A 88 17.60 -4.49 -8.02
N PHE A 89 18.44 -4.70 -9.02
CA PHE A 89 17.91 -5.06 -10.37
C PHE A 89 16.99 -6.29 -10.29
N LYS A 90 17.25 -7.17 -9.36
CA LYS A 90 16.39 -8.40 -9.22
C LYS A 90 14.94 -8.01 -8.96
N ALA A 91 14.71 -6.85 -8.39
CA ALA A 91 13.31 -6.39 -8.13
C ALA A 91 12.57 -6.14 -9.45
N ASP A 92 13.27 -6.10 -10.56
CA ASP A 92 12.58 -5.85 -11.87
C ASP A 92 11.50 -6.89 -12.12
N ARG A 93 10.56 -6.59 -12.98
CA ARG A 93 9.45 -7.55 -13.27
C ARG A 93 9.62 -8.14 -14.68
N TYR A 94 10.64 -8.92 -14.88
CA TYR A 94 10.86 -9.52 -16.24
C TYR A 94 9.72 -10.48 -16.59
N LYS A 95 9.69 -11.63 -15.97
CA LYS A 95 8.60 -12.61 -16.27
C LYS A 95 7.70 -12.78 -15.03
N SER A 96 6.59 -13.44 -15.19
CA SER A 96 5.67 -13.65 -14.03
C SER A 96 6.10 -14.87 -13.22
N HIS A 97 7.32 -14.89 -12.77
CA HIS A 97 7.82 -16.04 -11.95
C HIS A 97 8.71 -15.55 -10.81
N GLY A 98 8.59 -14.30 -10.42
CA GLY A 98 9.42 -13.77 -9.31
C GLY A 98 8.83 -12.46 -8.79
N LYS A 99 7.53 -12.29 -8.90
CA LYS A 99 6.90 -11.04 -8.40
C LYS A 99 6.77 -11.09 -6.88
N GLY A 100 7.15 -10.03 -6.21
CA GLY A 100 7.06 -10.00 -4.72
C GLY A 100 7.40 -8.61 -4.21
N TYR A 101 6.65 -7.61 -4.60
CA TYR A 101 6.92 -6.22 -4.14
C TYR A 101 5.70 -5.33 -4.35
N ASN A 102 4.53 -5.90 -4.30
CA ASN A 102 3.28 -5.10 -4.49
C ASN A 102 2.36 -5.28 -3.28
N TRP A 103 1.72 -4.22 -2.85
CA TRP A 103 0.81 -4.33 -1.66
C TRP A 103 -0.23 -3.20 -1.67
N GLY A 104 -0.53 -2.66 -2.83
CA GLY A 104 -1.53 -1.56 -2.90
C GLY A 104 -2.44 -1.79 -4.12
N ASN A 105 -3.11 -0.76 -4.58
CA ASN A 105 -4.02 -0.91 -5.76
C ASN A 105 -3.77 0.20 -6.77
N TYR A 106 -4.29 0.07 -7.96
CA TYR A 106 -4.08 1.11 -9.00
C TYR A 106 -5.40 1.43 -9.71
N ASN A 107 -5.61 2.69 -10.03
CA ASN A 107 -6.87 3.08 -10.74
C ASN A 107 -6.53 3.71 -12.09
N THR A 108 -7.05 3.18 -13.16
CA THR A 108 -6.74 3.74 -14.51
C THR A 108 -7.76 4.82 -14.89
N GLU A 109 -7.51 6.04 -14.47
CA GLU A 109 -8.43 7.16 -14.80
C GLU A 109 -7.66 8.24 -15.57
N THR A 110 -6.73 8.88 -14.91
CA THR A 110 -5.92 9.94 -15.60
C THR A 110 -4.44 9.56 -15.55
N GLN A 111 -3.83 9.61 -14.39
CA GLN A 111 -2.39 9.25 -14.26
C GLN A 111 -1.98 9.25 -12.78
N LYS A 112 -2.65 8.45 -11.98
CA LYS A 112 -2.32 8.40 -10.53
C LYS A 112 -2.54 6.98 -9.97
N CYS A 113 -1.92 6.67 -8.86
CA CYS A 113 -2.08 5.32 -8.26
C CYS A 113 -2.64 5.44 -6.83
N GLU A 114 -3.07 4.33 -6.26
CA GLU A 114 -3.63 4.38 -4.87
C GLU A 114 -2.87 3.41 -3.96
N ILE A 115 -2.50 3.86 -2.78
CA ILE A 115 -1.75 2.96 -1.85
C ILE A 115 -1.96 3.42 -0.39
N PHE A 116 -1.95 2.50 0.54
CA PHE A 116 -2.14 2.86 1.97
C PHE A 116 -1.73 1.69 2.86
N ASN A 117 -2.02 1.76 4.13
CA ASN A 117 -1.65 0.65 5.06
C ASN A 117 -2.31 -0.67 4.61
N VAL A 118 -1.91 -1.78 5.19
CA VAL A 118 -2.51 -3.09 4.79
C VAL A 118 -4.03 -3.07 5.00
N LYS A 119 -4.76 -3.83 4.22
CA LYS A 119 -6.25 -3.86 4.36
C LYS A 119 -6.66 -4.22 5.80
N PRO A 120 -7.18 -3.25 6.53
CA PRO A 120 -7.60 -3.53 7.92
C PRO A 120 -8.96 -4.23 7.96
N THR A 121 -10.04 -3.51 7.74
CA THR A 121 -11.39 -4.13 7.76
C THR A 121 -12.30 -3.44 6.74
N CYS A 122 -11.78 -3.14 5.57
CA CYS A 122 -12.60 -2.47 4.53
C CYS A 122 -12.44 -3.19 3.19
N LEU A 123 -13.18 -2.77 2.19
CA LEU A 123 -13.08 -3.43 0.85
C LEU A 123 -13.05 -2.38 -0.27
N ILE A 124 -12.12 -2.47 -1.16
CA ILE A 124 -12.05 -1.48 -2.29
C ILE A 124 -11.89 -2.22 -3.63
N ASN A 125 -12.81 -2.01 -4.54
CA ASN A 125 -12.74 -2.68 -5.86
C ASN A 125 -11.81 -1.91 -6.81
N ASN A 126 -10.59 -2.36 -6.94
CA ASN A 126 -9.63 -1.67 -7.85
C ASN A 126 -8.54 -2.64 -8.29
N SER A 127 -7.51 -2.14 -8.95
CA SER A 127 -6.41 -3.05 -9.41
C SER A 127 -5.50 -3.38 -8.23
N SER A 128 -6.00 -4.11 -7.27
CA SER A 128 -5.17 -4.48 -6.08
C SER A 128 -4.10 -5.49 -6.48
N TYR A 129 -3.08 -5.63 -5.68
CA TYR A 129 -1.99 -6.60 -5.98
C TYR A 129 -1.29 -7.05 -4.70
N ILE A 130 -2.06 -7.27 -3.66
CA ILE A 130 -1.45 -7.71 -2.35
C ILE A 130 -0.72 -9.05 -2.55
N ALA A 131 -1.20 -9.87 -3.45
CA ALA A 131 -0.54 -11.20 -3.69
C ALA A 131 0.17 -11.20 -5.04
N THR A 132 1.45 -10.90 -5.04
CA THR A 132 2.21 -10.89 -6.33
C THR A 132 2.15 -12.27 -7.01
N THR A 133 2.68 -13.28 -6.37
CA THR A 133 2.65 -14.65 -6.96
C THR A 133 2.88 -15.70 -5.88
N ALA A 134 1.86 -16.46 -5.56
CA ALA A 134 2.00 -17.52 -4.52
C ALA A 134 0.80 -18.48 -4.56
N LEU A 135 -0.30 -18.11 -3.97
CA LEU A 135 -1.50 -19.00 -3.98
C LEU A 135 -2.79 -18.17 -3.97
N SER A 136 -3.84 -18.69 -4.54
CA SER A 136 -5.14 -17.93 -4.57
C SER A 136 -6.28 -18.87 -4.97
N HIS A 137 -6.65 -19.77 -4.11
CA HIS A 137 -7.76 -20.73 -4.43
C HIS A 137 -9.13 -20.01 -4.30
N PRO A 138 -9.43 -19.48 -3.13
CA PRO A 138 -10.73 -18.78 -2.95
C PRO A 138 -10.76 -17.48 -3.75
N ILE A 139 -11.80 -17.26 -4.51
CA ILE A 139 -11.89 -16.01 -5.33
C ILE A 139 -12.97 -15.08 -4.75
N GLU A 140 -14.20 -15.54 -4.70
CA GLU A 140 -15.30 -14.70 -4.15
C GLU A 140 -15.00 -14.31 -2.70
N MET A 1 -17.50 30.16 27.62
CA MET A 1 -16.78 30.74 26.45
C MET A 1 -15.28 30.81 26.74
N ARG A 2 -14.58 29.72 26.57
CA ARG A 2 -13.11 29.71 26.84
C ARG A 2 -12.34 29.63 25.52
N GLY A 3 -12.78 28.79 24.62
CA GLY A 3 -12.08 28.65 23.30
C GLY A 3 -13.03 28.03 22.27
N SER A 4 -13.41 28.79 21.29
CA SER A 4 -14.34 28.26 20.25
C SER A 4 -13.59 28.05 18.92
N HIS A 5 -12.96 29.08 18.42
CA HIS A 5 -12.22 28.95 17.13
C HIS A 5 -11.24 30.12 16.96
N HIS A 6 -10.01 29.84 16.59
CA HIS A 6 -9.01 30.93 16.42
C HIS A 6 -8.04 30.57 15.29
N HIS A 7 -8.53 29.93 14.26
CA HIS A 7 -7.64 29.55 13.11
C HIS A 7 -8.44 29.55 11.80
N HIS A 8 -8.25 30.54 10.98
CA HIS A 8 -9.00 30.60 9.68
C HIS A 8 -8.09 31.15 8.57
N HIS A 9 -8.54 31.09 7.35
CA HIS A 9 -7.71 31.60 6.22
C HIS A 9 -8.61 32.00 5.04
N HIS A 10 -9.35 31.06 4.52
CA HIS A 10 -10.26 31.37 3.37
C HIS A 10 -11.67 30.88 3.65
N GLY A 11 -12.53 30.91 2.67
CA GLY A 11 -13.93 30.44 2.87
C GLY A 11 -14.06 28.99 2.40
N SER A 12 -13.07 28.18 2.67
CA SER A 12 -13.12 26.75 2.25
C SER A 12 -12.27 25.90 3.19
N ASN A 13 -12.75 24.73 3.55
CA ASN A 13 -11.97 23.85 4.47
C ASN A 13 -11.39 22.65 3.69
N ALA A 14 -10.08 22.55 3.65
CA ALA A 14 -9.43 21.43 2.92
C ALA A 14 -8.75 20.49 3.93
N LYS A 15 -8.93 19.20 3.76
CA LYS A 15 -8.29 18.24 4.70
C LYS A 15 -8.19 16.86 4.04
N PHE A 16 -9.25 16.43 3.40
CA PHE A 16 -9.24 15.10 2.73
C PHE A 16 -9.87 15.19 1.34
N GLY A 17 -9.49 14.31 0.45
CA GLY A 17 -10.06 14.32 -0.92
C GLY A 17 -10.86 13.05 -1.16
N LEU A 18 -12.09 13.03 -0.72
CA LEU A 18 -12.94 11.81 -0.91
C LEU A 18 -13.97 12.05 -2.03
N TRP A 19 -14.50 10.99 -2.59
CA TRP A 19 -15.51 11.14 -3.68
C TRP A 19 -16.64 12.10 -3.25
N VAL A 20 -17.49 12.48 -4.16
CA VAL A 20 -18.61 13.40 -3.82
C VAL A 20 -19.58 12.71 -2.85
N ASP A 21 -20.46 13.47 -2.25
CA ASP A 21 -21.43 12.87 -1.28
C ASP A 21 -22.36 11.89 -2.01
N GLY A 22 -22.05 10.61 -1.94
CA GLY A 22 -22.91 9.59 -2.62
C GLY A 22 -23.81 8.92 -1.58
N ASN A 23 -23.32 7.89 -0.95
CA ASN A 23 -24.15 7.18 0.08
C ASN A 23 -23.24 6.57 1.15
N CYS A 24 -22.12 7.18 1.40
CA CYS A 24 -21.17 6.64 2.43
C CYS A 24 -20.56 7.78 3.25
N GLU A 25 -19.89 7.45 4.31
CA GLU A 25 -19.23 8.50 5.16
C GLU A 25 -17.81 8.75 4.66
N ASP A 26 -17.15 9.77 5.15
CA ASP A 26 -15.75 10.07 4.69
C ASP A 26 -14.88 8.81 4.75
N ILE A 27 -14.23 8.49 3.67
CA ILE A 27 -13.36 7.27 3.63
C ILE A 27 -12.18 7.41 4.60
N PRO A 28 -11.57 6.29 4.95
CA PRO A 28 -10.42 6.33 5.88
C PRO A 28 -9.21 7.02 5.23
N HIS A 29 -8.04 6.85 5.78
CA HIS A 29 -6.84 7.51 5.19
C HIS A 29 -6.03 6.55 4.32
N VAL A 30 -5.82 6.90 3.07
CA VAL A 30 -5.04 6.02 2.16
C VAL A 30 -3.95 6.85 1.46
N ASN A 31 -2.94 6.21 0.94
CA ASN A 31 -1.86 6.97 0.25
C ASN A 31 -2.20 7.14 -1.24
N GLU A 32 -2.01 8.32 -1.76
CA GLU A 32 -2.34 8.57 -3.20
C GLU A 32 -1.07 8.96 -3.97
N PHE A 33 -0.89 8.39 -5.13
CA PHE A 33 0.32 8.72 -5.94
C PHE A 33 -0.11 9.31 -7.30
N PRO A 34 -0.09 10.63 -7.39
CA PRO A 34 -0.50 11.29 -8.66
C PRO A 34 0.58 11.11 -9.73
N ALA A 35 1.82 11.31 -9.38
CA ALA A 35 2.92 11.16 -10.37
C ALA A 35 3.38 9.70 -10.45
N ILE A 36 3.21 9.07 -11.58
CA ILE A 36 3.63 7.65 -11.74
C ILE A 36 4.20 7.41 -13.14
N ASP A 37 4.77 8.43 -13.73
CA ASP A 37 5.35 8.28 -15.10
C ASP A 37 6.85 7.92 -15.01
N LEU A 38 7.55 8.53 -14.08
CA LEU A 38 9.01 8.22 -13.94
C LEU A 38 9.23 7.20 -12.82
N PHE A 39 8.44 7.28 -11.78
CA PHE A 39 8.60 6.32 -10.64
C PHE A 39 7.43 5.32 -10.63
N GLU A 40 7.34 4.52 -9.60
CA GLU A 40 6.23 3.52 -9.52
C GLU A 40 5.58 3.57 -8.13
N CYS A 41 4.35 3.14 -8.04
CA CYS A 41 3.65 3.13 -6.72
C CYS A 41 4.27 2.09 -5.79
N ASN A 42 4.84 1.04 -6.35
CA ASN A 42 5.47 -0.02 -5.51
C ASN A 42 6.96 0.24 -5.37
N LYS A 43 7.35 1.46 -5.12
CA LYS A 43 8.80 1.79 -4.97
C LYS A 43 9.02 2.69 -3.75
N LEU A 44 8.69 2.21 -2.58
CA LEU A 44 8.88 3.05 -1.35
C LEU A 44 9.27 2.16 -0.17
N VAL A 45 10.00 2.69 0.77
CA VAL A 45 10.42 1.90 1.96
C VAL A 45 9.44 2.14 3.13
N PHE A 46 9.91 2.07 4.36
CA PHE A 46 9.00 2.31 5.52
C PHE A 46 8.57 3.78 5.56
N GLU A 47 7.70 4.17 4.68
CA GLU A 47 7.23 5.59 4.64
C GLU A 47 5.70 5.66 4.78
N LEU A 48 5.01 4.74 4.16
CA LEU A 48 3.51 4.75 4.24
C LEU A 48 3.06 4.45 5.67
N SER A 49 3.86 3.75 6.43
CA SER A 49 3.48 3.42 7.83
C SER A 49 3.71 4.63 8.75
N ALA A 50 4.75 5.39 8.50
CA ALA A 50 5.04 6.58 9.35
C ALA A 50 4.38 7.83 8.75
N SER A 51 4.36 7.93 7.45
CA SER A 51 3.74 9.12 6.79
C SER A 51 2.24 8.89 6.54
N ASP A 52 1.67 7.83 7.09
CA ASP A 52 0.22 7.56 6.87
C ASP A 52 -0.63 8.75 7.35
N GLN A 53 -0.14 9.48 8.31
CA GLN A 53 -0.90 10.66 8.83
C GLN A 53 -0.58 11.90 7.98
N PRO A 54 -1.61 12.57 7.48
CA PRO A 54 -1.37 13.78 6.66
C PRO A 54 -0.95 14.97 7.54
N LYS A 55 -1.73 15.28 8.55
CA LYS A 55 -1.38 16.42 9.45
C LYS A 55 -1.49 15.99 10.91
N GLN A 56 -1.14 16.86 11.82
CA GLN A 56 -1.22 16.51 13.28
C GLN A 56 -1.59 17.75 14.10
N TYR A 57 -2.08 17.56 15.30
CA TYR A 57 -2.45 18.73 16.15
C TYR A 57 -1.19 19.46 16.64
N GLU A 58 -0.09 18.75 16.75
CA GLU A 58 1.16 19.40 17.22
C GLU A 58 2.20 19.44 16.09
N GLN A 59 1.75 19.49 14.86
CA GLN A 59 2.69 19.54 13.71
C GLN A 59 1.96 19.94 12.43
N HIS A 60 1.09 20.93 12.52
CA HIS A 60 0.34 21.38 11.32
C HIS A 60 0.82 22.77 10.87
N LEU A 61 1.31 23.56 11.81
CA LEU A 61 1.79 24.93 11.45
C LEU A 61 3.04 24.82 10.56
N THR A 62 3.76 23.74 10.65
CA THR A 62 4.99 23.58 9.80
C THR A 62 4.73 22.60 8.66
N ASP A 63 3.52 22.15 8.47
CA ASP A 63 3.23 21.19 7.36
C ASP A 63 2.64 21.88 6.13
N TYR A 64 1.96 23.00 6.31
CA TYR A 64 1.36 23.70 5.14
C TYR A 64 2.42 24.55 4.42
N GLU A 65 3.47 24.92 5.11
CA GLU A 65 4.53 25.76 4.46
C GLU A 65 5.46 24.89 3.60
N LYS A 66 5.55 23.62 3.89
CA LYS A 66 6.44 22.71 3.09
C LYS A 66 5.63 21.89 2.07
N ILE A 67 4.32 21.91 2.15
CA ILE A 67 3.50 21.12 1.17
C ILE A 67 3.79 21.57 -0.27
N LYS A 68 4.26 22.78 -0.45
CA LYS A 68 4.55 23.28 -1.83
C LYS A 68 6.02 23.02 -2.18
N GLU A 69 6.88 23.02 -1.20
CA GLU A 69 8.33 22.78 -1.46
C GLU A 69 8.77 21.43 -0.89
N GLY A 70 7.83 20.53 -0.67
CA GLY A 70 8.19 19.18 -0.11
C GLY A 70 8.84 18.33 -1.20
N PHE A 71 8.52 18.58 -2.44
CA PHE A 71 9.11 17.77 -3.56
C PHE A 71 10.30 18.50 -4.18
N LYS A 72 10.90 19.44 -3.49
CA LYS A 72 12.07 20.18 -4.06
C LYS A 72 13.19 19.21 -4.39
N ASN A 73 13.37 18.19 -3.57
CA ASN A 73 14.45 17.20 -3.82
C ASN A 73 13.83 15.82 -4.16
N LYS A 74 13.95 14.83 -3.30
CA LYS A 74 13.35 13.49 -3.61
C LYS A 74 13.43 12.59 -2.38
N ASN A 75 14.59 12.07 -2.09
CA ASN A 75 14.75 11.17 -0.91
C ASN A 75 14.76 11.99 0.39
N ALA A 76 15.30 13.18 0.33
CA ALA A 76 15.36 14.04 1.55
C ALA A 76 13.94 14.34 2.05
N SER A 77 12.97 14.35 1.17
CA SER A 77 11.57 14.65 1.58
C SER A 77 10.75 13.34 1.67
N MET A 78 11.21 12.29 1.02
CA MET A 78 10.45 11.00 1.07
C MET A 78 10.27 10.53 2.52
N ILE A 79 11.26 10.71 3.35
CA ILE A 79 11.16 10.28 4.77
C ILE A 79 11.59 11.44 5.70
N LYS A 80 12.68 11.31 6.42
CA LYS A 80 13.13 12.41 7.32
C LYS A 80 14.62 12.67 7.15
N SER A 81 15.03 13.02 5.96
CA SER A 81 16.48 13.28 5.71
C SER A 81 16.71 14.76 5.35
N ALA A 82 15.70 15.43 4.83
CA ALA A 82 15.86 16.86 4.47
C ALA A 82 16.24 17.70 5.70
N PHE A 83 15.78 17.29 6.86
CA PHE A 83 16.13 18.05 8.10
C PHE A 83 17.55 17.73 8.54
N LEU A 84 17.87 16.47 8.69
CA LEU A 84 19.25 16.08 9.11
C LEU A 84 20.09 15.69 7.88
N PRO A 85 21.24 16.31 7.72
CA PRO A 85 22.11 15.98 6.55
C PRO A 85 22.78 14.62 6.75
N THR A 86 22.00 13.57 6.82
CA THR A 86 22.58 12.21 7.00
C THR A 86 21.50 11.14 6.79
N GLY A 87 21.07 10.94 5.57
CA GLY A 87 20.03 9.92 5.29
C GLY A 87 20.69 8.58 4.97
N ALA A 88 21.84 8.61 4.34
CA ALA A 88 22.54 7.34 3.99
C ALA A 88 22.89 6.56 5.26
N PHE A 89 23.07 7.24 6.36
CA PHE A 89 23.41 6.56 7.64
C PHE A 89 22.30 5.57 8.02
N LYS A 90 21.09 5.82 7.59
CA LYS A 90 19.96 4.90 7.93
C LYS A 90 19.99 3.67 7.01
N ALA A 91 20.55 3.80 5.84
CA ALA A 91 20.62 2.63 4.91
C ALA A 91 21.55 1.54 5.47
N ASP A 92 22.32 1.85 6.48
CA ASP A 92 23.26 0.83 7.06
C ASP A 92 22.50 -0.42 7.50
N ARG A 93 21.62 -0.30 8.47
CA ARG A 93 20.85 -1.47 8.96
C ARG A 93 20.10 -2.15 7.82
N TYR A 94 19.33 -3.17 8.13
CA TYR A 94 18.56 -3.88 7.08
C TYR A 94 17.17 -3.26 6.91
N LYS A 95 16.91 -2.68 5.78
CA LYS A 95 15.57 -2.05 5.54
C LYS A 95 14.95 -2.58 4.24
N SER A 96 15.75 -2.73 3.22
CA SER A 96 15.21 -3.24 1.91
C SER A 96 14.78 -4.70 2.07
N HIS A 97 15.38 -5.42 2.97
CA HIS A 97 15.01 -6.86 3.18
C HIS A 97 13.62 -6.96 3.80
N GLY A 98 12.58 -6.89 3.00
CA GLY A 98 11.20 -6.98 3.54
C GLY A 98 10.19 -6.88 2.40
N LYS A 99 10.36 -5.92 1.53
CA LYS A 99 9.42 -5.76 0.38
C LYS A 99 10.15 -6.05 -0.94
N GLY A 100 9.56 -6.83 -1.80
CA GLY A 100 10.21 -7.15 -3.10
C GLY A 100 9.15 -7.53 -4.14
N TYR A 101 7.96 -7.01 -3.99
CA TYR A 101 6.87 -7.33 -4.97
C TYR A 101 5.89 -6.17 -5.06
N ASN A 102 4.96 -6.23 -5.99
CA ASN A 102 3.97 -5.13 -6.14
C ASN A 102 2.79 -5.33 -5.19
N TRP A 103 2.29 -4.26 -4.62
CA TRP A 103 1.13 -4.38 -3.68
C TRP A 103 0.37 -3.05 -3.61
N GLY A 104 0.01 -2.51 -4.74
CA GLY A 104 -0.73 -1.21 -4.75
C GLY A 104 -1.98 -1.33 -5.62
N ASN A 105 -2.79 -0.30 -5.67
CA ASN A 105 -4.02 -0.35 -6.51
C ASN A 105 -3.91 0.62 -7.70
N TYR A 106 -4.39 0.21 -8.85
CA TYR A 106 -4.30 1.09 -10.06
C TYR A 106 -5.65 1.14 -10.80
N ASN A 107 -6.25 2.30 -10.89
CA ASN A 107 -7.55 2.42 -11.63
C ASN A 107 -7.71 3.84 -12.17
N THR A 108 -7.25 4.08 -13.37
CA THR A 108 -7.37 5.46 -13.94
C THR A 108 -7.44 5.42 -15.47
N GLU A 109 -8.07 6.40 -16.06
CA GLU A 109 -8.16 6.45 -17.54
C GLU A 109 -7.00 7.30 -18.11
N THR A 110 -6.36 8.09 -17.27
CA THR A 110 -5.21 8.93 -17.74
C THR A 110 -3.92 8.50 -17.03
N GLN A 111 -3.61 9.07 -15.88
CA GLN A 111 -2.35 8.67 -15.17
C GLN A 111 -2.47 8.93 -13.67
N LYS A 112 -3.11 8.04 -12.94
CA LYS A 112 -3.25 8.22 -11.47
C LYS A 112 -3.00 6.88 -10.76
N CYS A 113 -2.58 6.91 -9.52
CA CYS A 113 -2.30 5.65 -8.78
C CYS A 113 -2.48 5.86 -7.27
N GLU A 114 -2.86 4.84 -6.56
CA GLU A 114 -3.04 4.96 -5.09
C GLU A 114 -2.69 3.63 -4.42
N ILE A 115 -2.58 3.60 -3.12
CA ILE A 115 -2.23 2.32 -2.41
C ILE A 115 -2.77 2.33 -0.98
N PHE A 116 -3.25 1.19 -0.51
CA PHE A 116 -3.77 1.10 0.89
C PHE A 116 -4.10 -0.36 1.21
N ASN A 117 -4.74 -0.59 2.34
CA ASN A 117 -5.10 -2.00 2.72
C ASN A 117 -6.62 -2.17 2.77
N VAL A 118 -7.26 -1.69 3.81
CA VAL A 118 -8.74 -1.84 3.93
C VAL A 118 -9.46 -0.78 3.10
N LYS A 119 -10.73 -0.98 2.84
CA LYS A 119 -11.51 0.01 2.02
C LYS A 119 -12.77 0.44 2.79
N PRO A 120 -13.29 1.62 2.46
CA PRO A 120 -14.49 2.12 3.15
C PRO A 120 -15.75 1.37 2.67
N THR A 121 -16.50 1.90 1.71
CA THR A 121 -17.73 1.20 1.22
C THR A 121 -18.38 1.99 0.07
N CYS A 122 -17.59 2.62 -0.75
CA CYS A 122 -18.16 3.42 -1.88
C CYS A 122 -17.15 3.52 -3.03
N LEU A 123 -17.43 4.36 -4.01
CA LEU A 123 -16.51 4.50 -5.17
C LEU A 123 -15.31 5.40 -4.84
N ILE A 124 -14.25 4.82 -4.33
CA ILE A 124 -13.04 5.63 -4.00
C ILE A 124 -11.81 4.69 -3.91
N ASN A 125 -11.83 3.62 -4.64
CA ASN A 125 -10.67 2.65 -4.61
C ASN A 125 -10.25 2.31 -6.04
N ASN A 126 -9.16 1.59 -6.19
CA ASN A 126 -8.68 1.22 -7.56
C ASN A 126 -8.46 -0.30 -7.65
N SER A 127 -7.68 -0.74 -8.60
CA SER A 127 -7.43 -2.22 -8.74
C SER A 127 -6.32 -2.66 -7.79
N SER A 128 -6.63 -2.83 -6.53
CA SER A 128 -5.59 -3.26 -5.54
C SER A 128 -4.92 -4.56 -5.99
N TYR A 129 -3.74 -4.82 -5.46
CA TYR A 129 -3.01 -6.07 -5.84
C TYR A 129 -1.97 -6.41 -4.76
N ILE A 130 -2.36 -6.33 -3.51
CA ILE A 130 -1.41 -6.65 -2.40
C ILE A 130 -0.90 -8.09 -2.53
N ALA A 131 0.32 -8.25 -2.96
CA ALA A 131 0.89 -9.63 -3.12
C ALA A 131 2.01 -9.86 -2.09
N THR A 132 2.68 -8.80 -1.69
CA THR A 132 3.79 -8.96 -0.70
C THR A 132 3.25 -9.55 0.62
N THR A 133 2.50 -8.77 1.36
CA THR A 133 1.95 -9.27 2.65
C THR A 133 0.59 -8.62 2.93
N ALA A 134 -0.45 -9.42 2.96
CA ALA A 134 -1.81 -8.86 3.23
C ALA A 134 -2.26 -9.21 4.65
N LEU A 135 -3.18 -8.45 5.19
CA LEU A 135 -3.67 -8.74 6.58
C LEU A 135 -5.11 -9.25 6.54
N SER A 136 -5.28 -10.52 6.32
CA SER A 136 -6.66 -11.10 6.26
C SER A 136 -6.62 -12.59 6.61
N HIS A 137 -7.75 -13.15 6.97
CA HIS A 137 -7.79 -14.60 7.32
C HIS A 137 -7.90 -15.46 6.06
N PRO A 138 -7.40 -16.67 6.12
CA PRO A 138 -7.46 -17.57 4.95
C PRO A 138 -8.89 -18.07 4.73
N ILE A 139 -9.46 -17.80 3.59
CA ILE A 139 -10.85 -18.26 3.31
C ILE A 139 -10.84 -19.70 2.78
N GLU A 140 -9.85 -20.03 1.97
CA GLU A 140 -9.78 -21.41 1.41
C GLU A 140 -9.64 -22.43 2.54
N MET A 1 7.58 2.25 -27.42
CA MET A 1 9.02 2.67 -27.42
C MET A 1 9.16 4.03 -28.10
N ARG A 2 8.25 4.94 -27.83
CA ARG A 2 8.33 6.30 -28.46
C ARG A 2 7.43 7.27 -27.70
N GLY A 3 7.31 7.11 -26.41
CA GLY A 3 6.44 8.03 -25.61
C GLY A 3 6.96 8.10 -24.17
N SER A 4 8.09 8.74 -23.97
CA SER A 4 8.65 8.85 -22.59
C SER A 4 8.42 10.26 -22.03
N HIS A 5 8.48 11.26 -22.88
CA HIS A 5 8.25 12.65 -22.40
C HIS A 5 7.38 13.42 -23.41
N HIS A 6 6.44 12.75 -24.02
CA HIS A 6 5.56 13.44 -25.02
C HIS A 6 4.16 13.65 -24.42
N HIS A 7 3.51 12.58 -24.03
CA HIS A 7 2.14 12.70 -23.44
C HIS A 7 1.82 11.48 -22.58
N HIS A 8 1.58 11.67 -21.32
CA HIS A 8 1.26 10.52 -20.42
C HIS A 8 0.23 10.94 -19.36
N HIS A 9 -0.74 11.74 -19.75
CA HIS A 9 -1.78 12.19 -18.78
C HIS A 9 -2.96 12.83 -19.52
N HIS A 10 -4.16 12.66 -19.02
CA HIS A 10 -5.35 13.26 -19.69
C HIS A 10 -5.66 14.63 -19.09
N GLY A 11 -5.58 14.75 -17.79
CA GLY A 11 -5.87 16.07 -17.13
C GLY A 11 -5.39 16.03 -15.68
N SER A 12 -6.31 16.17 -14.75
CA SER A 12 -5.93 16.15 -13.31
C SER A 12 -6.61 14.98 -12.60
N ASN A 13 -6.74 15.05 -11.30
CA ASN A 13 -7.41 13.95 -10.54
C ASN A 13 -8.93 14.06 -10.68
N ALA A 14 -9.62 12.94 -10.70
CA ALA A 14 -11.10 12.96 -10.83
C ALA A 14 -11.70 11.69 -10.22
N LYS A 15 -11.31 11.35 -9.02
CA LYS A 15 -11.85 10.13 -8.35
C LYS A 15 -11.95 10.35 -6.85
N PHE A 16 -12.64 11.38 -6.43
CA PHE A 16 -12.78 11.65 -4.97
C PHE A 16 -14.23 11.44 -4.52
N GLY A 17 -14.65 10.20 -4.46
CA GLY A 17 -16.05 9.91 -4.02
C GLY A 17 -16.12 8.54 -3.34
N LEU A 18 -16.93 8.43 -2.32
CA LEU A 18 -17.06 7.12 -1.60
C LEU A 18 -18.51 6.93 -1.11
N TRP A 19 -18.89 5.71 -0.83
CA TRP A 19 -20.29 5.45 -0.36
C TRP A 19 -20.49 5.99 1.06
N VAL A 20 -21.59 6.65 1.30
CA VAL A 20 -21.85 7.20 2.67
C VAL A 20 -23.13 6.57 3.25
N ASP A 21 -22.98 5.46 3.91
CA ASP A 21 -24.17 4.77 4.52
C ASP A 21 -23.70 3.54 5.31
N GLY A 22 -22.56 3.62 5.94
CA GLY A 22 -22.04 2.46 6.73
C GLY A 22 -21.05 2.95 7.78
N ASN A 23 -19.81 2.56 7.67
CA ASN A 23 -18.80 3.00 8.68
C ASN A 23 -17.62 3.71 8.00
N CYS A 24 -17.83 4.22 6.80
CA CYS A 24 -16.72 4.93 6.09
C CYS A 24 -16.72 6.42 6.45
N GLU A 25 -15.59 6.92 6.87
CA GLU A 25 -15.50 8.36 7.24
C GLU A 25 -15.64 9.25 6.00
N ASP A 26 -15.76 10.54 6.18
CA ASP A 26 -15.90 11.48 5.02
C ASP A 26 -14.81 11.23 3.97
N ILE A 27 -13.69 10.69 4.38
CA ILE A 27 -12.59 10.41 3.41
C ILE A 27 -11.51 9.51 4.07
N PRO A 28 -11.20 8.40 3.44
CA PRO A 28 -10.18 7.49 4.02
C PRO A 28 -8.78 8.11 3.92
N HIS A 29 -7.78 7.43 4.40
CA HIS A 29 -6.39 7.97 4.33
C HIS A 29 -5.45 7.00 3.60
N VAL A 30 -5.35 7.13 2.31
CA VAL A 30 -4.44 6.23 1.53
C VAL A 30 -3.30 7.06 0.94
N ASN A 31 -2.23 6.40 0.54
CA ASN A 31 -1.06 7.14 -0.03
C ASN A 31 -1.26 7.33 -1.54
N GLU A 32 -1.70 8.50 -1.95
CA GLU A 32 -1.91 8.75 -3.41
C GLU A 32 -0.58 8.98 -4.11
N PHE A 33 -0.57 8.82 -5.41
CA PHE A 33 0.68 9.02 -6.20
C PHE A 33 0.34 9.62 -7.58
N PRO A 34 0.56 10.90 -7.75
CA PRO A 34 0.25 11.55 -9.04
C PRO A 34 1.28 11.16 -10.11
N ALA A 35 2.54 11.31 -9.81
CA ALA A 35 3.60 10.95 -10.80
C ALA A 35 3.73 9.43 -10.91
N ILE A 36 4.13 8.95 -12.06
CA ILE A 36 4.29 7.47 -12.25
C ILE A 36 5.46 7.16 -13.19
N ASP A 37 6.41 8.05 -13.28
CA ASP A 37 7.59 7.82 -14.18
C ASP A 37 8.71 7.15 -13.39
N LEU A 38 9.28 7.86 -12.43
CA LEU A 38 10.39 7.28 -11.62
C LEU A 38 9.82 6.56 -10.40
N PHE A 39 8.87 7.17 -9.75
CA PHE A 39 8.25 6.53 -8.54
C PHE A 39 6.93 5.84 -8.93
N GLU A 40 6.65 4.71 -8.36
CA GLU A 40 5.39 3.99 -8.70
C GLU A 40 4.60 3.65 -7.42
N CYS A 41 3.56 2.85 -7.56
CA CYS A 41 2.74 2.48 -6.36
C CYS A 41 3.51 1.51 -5.46
N ASN A 42 4.64 1.00 -5.91
CA ASN A 42 5.42 0.05 -5.07
C ASN A 42 6.70 0.75 -4.56
N LYS A 43 6.57 1.55 -3.55
CA LYS A 43 7.76 2.27 -2.98
C LYS A 43 7.84 2.08 -1.47
N LEU A 44 6.71 2.20 -0.80
CA LEU A 44 6.69 2.04 0.68
C LEU A 44 6.82 0.55 1.03
N VAL A 45 7.51 0.22 2.10
CA VAL A 45 7.67 -1.22 2.46
C VAL A 45 7.63 -1.42 3.98
N PHE A 46 8.25 -0.54 4.74
CA PHE A 46 8.26 -0.70 6.23
C PHE A 46 6.84 -0.88 6.78
N GLU A 47 5.91 -0.06 6.34
CA GLU A 47 4.50 -0.18 6.86
C GLU A 47 3.67 -1.07 5.92
N LEU A 48 4.30 -1.91 5.14
CA LEU A 48 3.55 -2.80 4.21
C LEU A 48 3.49 -4.24 4.75
N SER A 49 3.98 -4.49 5.94
CA SER A 49 3.95 -5.89 6.50
C SER A 49 2.54 -6.48 6.41
N ALA A 50 1.53 -5.64 6.39
CA ALA A 50 0.13 -6.15 6.31
C ALA A 50 -0.21 -6.59 4.87
N SER A 51 0.61 -6.24 3.91
CA SER A 51 0.33 -6.63 2.49
C SER A 51 0.89 -8.02 2.18
N ASP A 52 1.32 -8.76 3.18
CA ASP A 52 1.87 -10.13 2.92
C ASP A 52 0.83 -11.02 2.22
N GLN A 53 -0.43 -10.70 2.36
CA GLN A 53 -1.50 -11.52 1.70
C GLN A 53 -1.25 -11.61 0.19
N PRO A 54 -0.88 -12.79 -0.28
CA PRO A 54 -0.62 -12.96 -1.74
C PRO A 54 -1.94 -12.95 -2.52
N LYS A 55 -1.87 -12.69 -3.80
CA LYS A 55 -3.12 -12.67 -4.64
C LYS A 55 -2.97 -13.61 -5.83
N GLN A 56 -2.21 -13.22 -6.82
CA GLN A 56 -2.03 -14.09 -8.02
C GLN A 56 -0.80 -14.98 -7.85
N TYR A 57 0.16 -14.54 -7.10
CA TYR A 57 1.40 -15.35 -6.88
C TYR A 57 1.05 -16.73 -6.31
N GLU A 58 -0.07 -16.82 -5.62
CA GLU A 58 -0.47 -18.14 -5.03
C GLU A 58 -1.86 -18.52 -5.54
N GLN A 59 -1.94 -19.09 -6.71
CA GLN A 59 -3.26 -19.50 -7.28
C GLN A 59 -3.92 -20.53 -6.36
N HIS A 60 -4.93 -21.22 -6.85
CA HIS A 60 -5.64 -22.24 -6.01
C HIS A 60 -4.65 -23.33 -5.56
N LEU A 61 -3.57 -23.53 -6.27
CA LEU A 61 -2.58 -24.57 -5.88
C LEU A 61 -2.03 -24.28 -4.47
N THR A 62 -1.84 -23.02 -4.16
CA THR A 62 -1.31 -22.67 -2.81
C THR A 62 -2.43 -22.12 -1.93
N ASP A 63 -3.45 -21.56 -2.52
CA ASP A 63 -4.59 -21.01 -1.71
C ASP A 63 -5.24 -22.12 -0.89
N TYR A 64 -5.16 -23.35 -1.35
CA TYR A 64 -5.77 -24.47 -0.59
C TYR A 64 -4.88 -24.88 0.61
N GLU A 65 -3.72 -24.28 0.74
CA GLU A 65 -2.82 -24.63 1.89
C GLU A 65 -3.11 -23.72 3.08
N LYS A 66 -3.58 -22.53 2.84
CA LYS A 66 -3.89 -21.59 3.95
C LYS A 66 -5.01 -22.14 4.83
N ILE A 67 -5.86 -22.96 4.29
CA ILE A 67 -7.00 -23.53 5.09
C ILE A 67 -6.46 -24.28 6.32
N LYS A 68 -5.39 -25.01 6.15
CA LYS A 68 -4.82 -25.76 7.31
C LYS A 68 -3.61 -25.02 7.90
N GLU A 69 -3.03 -24.12 7.15
CA GLU A 69 -1.85 -23.35 7.66
C GLU A 69 -2.26 -21.93 8.10
N GLY A 70 -3.52 -21.73 8.37
CA GLY A 70 -3.99 -20.38 8.79
C GLY A 70 -3.57 -20.13 10.25
N PHE A 71 -3.52 -21.17 11.04
CA PHE A 71 -3.12 -21.01 12.47
C PHE A 71 -1.62 -20.76 12.60
N LYS A 72 -0.87 -21.02 11.56
CA LYS A 72 0.61 -20.79 11.62
C LYS A 72 0.91 -19.29 11.69
N ASN A 73 0.00 -18.47 11.24
CA ASN A 73 0.22 -16.99 11.26
C ASN A 73 -1.10 -16.26 11.57
N LYS A 74 -1.41 -16.09 12.83
CA LYS A 74 -2.68 -15.39 13.21
C LYS A 74 -2.36 -14.07 13.92
N ASN A 75 -1.26 -14.01 14.62
CA ASN A 75 -0.90 -12.76 15.34
C ASN A 75 -0.51 -11.66 14.34
N ALA A 76 0.16 -12.04 13.29
CA ALA A 76 0.58 -11.02 12.27
C ALA A 76 -0.64 -10.33 11.66
N SER A 77 -1.78 -10.99 11.68
CA SER A 77 -3.01 -10.36 11.10
C SER A 77 -3.97 -9.91 12.22
N MET A 78 -3.76 -10.34 13.44
CA MET A 78 -4.67 -9.92 14.55
C MET A 78 -3.99 -8.89 15.45
N ILE A 79 -2.71 -9.04 15.69
CA ILE A 79 -1.99 -8.06 16.58
C ILE A 79 -1.30 -6.99 15.73
N LYS A 80 -0.41 -7.38 14.87
CA LYS A 80 0.33 -6.39 14.01
C LYS A 80 -0.66 -5.59 13.17
N SER A 81 -1.77 -6.18 12.80
CA SER A 81 -2.78 -5.47 11.97
C SER A 81 -3.71 -4.64 12.86
N ALA A 82 -3.89 -5.04 14.09
CA ALA A 82 -4.78 -4.29 15.00
C ALA A 82 -4.02 -3.11 15.65
N PHE A 83 -3.04 -3.41 16.44
CA PHE A 83 -2.24 -2.32 17.10
C PHE A 83 -1.38 -1.58 16.07
N LEU A 84 -1.87 -0.48 15.56
CA LEU A 84 -1.10 0.30 14.56
C LEU A 84 0.04 1.07 15.26
N PRO A 85 -0.30 1.94 16.20
CA PRO A 85 0.74 2.71 16.91
C PRO A 85 1.56 1.80 17.84
N THR A 86 2.28 0.86 17.29
CA THR A 86 3.09 -0.07 18.13
C THR A 86 4.46 0.54 18.41
N GLY A 87 4.97 1.34 17.51
CA GLY A 87 6.29 1.97 17.71
C GLY A 87 6.52 3.07 16.66
N ALA A 88 6.07 4.27 16.94
CA ALA A 88 6.25 5.39 15.97
C ALA A 88 7.74 5.61 15.66
N PHE A 89 8.62 5.15 16.51
CA PHE A 89 10.08 5.33 16.27
C PHE A 89 10.48 4.73 14.92
N LYS A 90 9.73 3.76 14.44
CA LYS A 90 10.07 3.13 13.13
C LYS A 90 9.61 4.01 11.95
N ALA A 91 9.01 5.14 12.23
CA ALA A 91 8.55 6.03 11.11
C ALA A 91 9.74 6.65 10.37
N ASP A 92 10.94 6.54 10.91
CA ASP A 92 12.14 7.13 10.24
C ASP A 92 12.27 6.61 8.81
N ARG A 93 13.33 6.98 8.13
CA ARG A 93 13.53 6.51 6.72
C ARG A 93 13.60 4.98 6.66
N TYR A 94 12.81 4.38 5.81
CA TYR A 94 12.83 2.89 5.70
C TYR A 94 13.84 2.44 4.64
N LYS A 95 13.86 1.17 4.33
CA LYS A 95 14.83 0.66 3.31
C LYS A 95 14.08 0.05 2.12
N SER A 96 14.61 0.18 0.94
CA SER A 96 13.94 -0.40 -0.26
C SER A 96 14.43 -1.82 -0.52
N HIS A 97 14.26 -2.69 0.44
CA HIS A 97 14.70 -4.11 0.26
C HIS A 97 13.73 -4.85 -0.66
N GLY A 98 12.51 -5.02 -0.21
CA GLY A 98 11.50 -5.74 -1.05
C GLY A 98 10.51 -4.71 -1.63
N LYS A 99 11.00 -3.80 -2.43
CA LYS A 99 10.11 -2.77 -3.02
C LYS A 99 10.00 -2.96 -4.55
N GLY A 100 10.59 -4.00 -5.09
CA GLY A 100 10.51 -4.23 -6.56
C GLY A 100 9.38 -5.21 -6.88
N TYR A 101 8.20 -4.96 -6.38
CA TYR A 101 7.06 -5.88 -6.66
C TYR A 101 5.78 -5.06 -6.92
N ASN A 102 4.64 -5.72 -6.99
CA ASN A 102 3.37 -4.99 -7.23
C ASN A 102 2.40 -5.21 -6.07
N TRP A 103 1.78 -4.16 -5.60
CA TRP A 103 0.82 -4.29 -4.46
C TRP A 103 0.06 -2.97 -4.24
N GLY A 104 -0.16 -2.22 -5.28
CA GLY A 104 -0.88 -0.92 -5.13
C GLY A 104 -2.25 -0.97 -5.81
N ASN A 105 -2.96 0.13 -5.82
CA ASN A 105 -4.30 0.16 -6.48
C ASN A 105 -4.25 1.03 -7.73
N TYR A 106 -4.72 0.53 -8.85
CA TYR A 106 -4.72 1.34 -10.10
C TYR A 106 -6.12 1.37 -10.72
N ASN A 107 -6.86 2.42 -10.47
CA ASN A 107 -8.23 2.53 -11.04
C ASN A 107 -8.61 4.00 -11.23
N THR A 108 -8.29 4.56 -12.36
CA THR A 108 -8.64 6.00 -12.61
C THR A 108 -8.83 6.25 -14.11
N GLU A 109 -9.38 7.39 -14.46
CA GLU A 109 -9.58 7.71 -15.90
C GLU A 109 -8.23 8.11 -16.51
N THR A 110 -7.41 8.77 -15.74
CA THR A 110 -6.07 9.18 -16.23
C THR A 110 -4.98 8.44 -15.45
N GLN A 111 -4.64 7.25 -15.91
CA GLN A 111 -3.59 6.35 -15.26
C GLN A 111 -2.97 6.92 -13.97
N LYS A 112 -3.66 6.81 -12.87
CA LYS A 112 -3.13 7.33 -11.58
C LYS A 112 -2.56 6.20 -10.73
N CYS A 113 -1.86 6.54 -9.67
CA CYS A 113 -1.26 5.48 -8.79
C CYS A 113 -1.66 5.76 -7.33
N GLU A 114 -2.25 4.79 -6.67
CA GLU A 114 -2.65 5.00 -5.24
C GLU A 114 -2.43 3.71 -4.44
N ILE A 115 -1.88 3.82 -3.25
CA ILE A 115 -1.64 2.61 -2.41
C ILE A 115 -1.87 2.93 -0.93
N PHE A 116 -2.06 1.92 -0.12
CA PHE A 116 -2.28 2.15 1.35
C PHE A 116 -2.17 0.81 2.11
N ASN A 117 -3.26 0.08 2.24
CA ASN A 117 -3.21 -1.23 2.98
C ASN A 117 -4.57 -1.94 2.87
N VAL A 118 -4.79 -2.93 3.68
CA VAL A 118 -6.08 -3.68 3.64
C VAL A 118 -7.23 -2.75 4.06
N LYS A 119 -8.40 -2.94 3.52
CA LYS A 119 -9.57 -2.08 3.89
C LYS A 119 -9.82 -2.11 5.40
N PRO A 120 -9.54 -1.00 6.08
CA PRO A 120 -9.76 -0.95 7.54
C PRO A 120 -11.23 -0.72 7.85
N THR A 121 -11.82 0.29 7.25
CA THR A 121 -13.26 0.58 7.50
C THR A 121 -14.01 0.79 6.17
N CYS A 122 -13.40 1.46 5.24
CA CYS A 122 -14.06 1.69 3.91
C CYS A 122 -13.50 0.71 2.89
N LEU A 123 -13.98 0.76 1.67
CA LEU A 123 -13.48 -0.17 0.62
C LEU A 123 -13.55 0.47 -0.77
N ILE A 124 -12.51 0.31 -1.55
CA ILE A 124 -12.51 0.92 -2.92
C ILE A 124 -12.18 -0.17 -3.96
N ASN A 125 -12.94 -0.25 -5.02
CA ASN A 125 -12.68 -1.28 -6.06
C ASN A 125 -11.65 -0.77 -7.08
N ASN A 126 -10.40 -1.11 -6.90
CA ASN A 126 -9.35 -0.66 -7.85
C ASN A 126 -8.46 -1.84 -8.25
N SER A 127 -7.61 -1.66 -9.24
CA SER A 127 -6.71 -2.77 -9.67
C SER A 127 -5.77 -3.14 -8.52
N SER A 128 -6.19 -4.03 -7.66
CA SER A 128 -5.33 -4.43 -6.51
C SER A 128 -4.40 -5.59 -6.90
N TYR A 129 -3.22 -5.63 -6.36
CA TYR A 129 -2.26 -6.71 -6.69
C TYR A 129 -1.30 -6.94 -5.51
N ILE A 130 -1.82 -6.87 -4.30
CA ILE A 130 -0.95 -7.06 -3.09
C ILE A 130 -0.24 -8.42 -3.15
N ALA A 131 1.05 -8.40 -3.38
CA ALA A 131 1.83 -9.68 -3.45
C ALA A 131 3.33 -9.38 -3.48
N THR A 132 3.79 -8.47 -2.66
CA THR A 132 5.24 -8.13 -2.64
C THR A 132 6.04 -9.26 -1.98
N THR A 133 5.83 -9.48 -0.71
CA THR A 133 6.57 -10.56 0.01
C THR A 133 5.80 -11.00 1.25
N ALA A 134 5.72 -12.27 1.49
CA ALA A 134 4.98 -12.78 2.70
C ALA A 134 5.84 -12.60 3.95
N LEU A 135 5.42 -13.17 5.05
CA LEU A 135 6.21 -13.04 6.32
C LEU A 135 6.95 -14.36 6.61
N SER A 136 8.24 -14.38 6.40
CA SER A 136 9.03 -15.62 6.66
C SER A 136 10.00 -15.40 7.82
N HIS A 137 10.44 -14.18 8.00
CA HIS A 137 11.39 -13.88 9.11
C HIS A 137 10.81 -12.80 10.04
N PRO A 138 11.34 -12.72 11.25
CA PRO A 138 10.83 -11.71 12.22
C PRO A 138 11.31 -10.31 11.81
N ILE A 139 11.10 -9.34 12.66
CA ILE A 139 11.53 -7.95 12.34
C ILE A 139 13.02 -7.78 12.67
N GLU A 140 13.52 -8.51 13.64
CA GLU A 140 14.95 -8.39 14.00
C GLU A 140 15.34 -9.52 14.98
N MET A 1 -39.55 -4.81 17.89
CA MET A 1 -40.30 -6.09 17.76
C MET A 1 -39.38 -7.19 17.21
N ARG A 2 -39.80 -8.43 17.30
CA ARG A 2 -38.96 -9.55 16.79
C ARG A 2 -39.21 -9.75 15.29
N GLY A 3 -38.26 -10.34 14.60
CA GLY A 3 -38.43 -10.58 13.13
C GLY A 3 -37.83 -11.93 12.76
N SER A 4 -36.55 -11.95 12.44
CA SER A 4 -35.90 -13.24 12.06
C SER A 4 -34.48 -13.30 12.64
N HIS A 5 -33.70 -12.28 12.42
CA HIS A 5 -32.30 -12.26 12.95
C HIS A 5 -31.69 -10.86 12.81
N HIS A 6 -32.44 -9.85 13.18
CA HIS A 6 -31.91 -8.45 13.06
C HIS A 6 -31.09 -8.09 14.31
N HIS A 7 -29.81 -8.34 14.28
CA HIS A 7 -28.94 -8.03 15.45
C HIS A 7 -27.88 -7.01 15.06
N HIS A 8 -27.05 -7.33 14.09
CA HIS A 8 -25.98 -6.38 13.65
C HIS A 8 -25.65 -6.59 12.17
N HIS A 9 -24.67 -5.89 11.68
CA HIS A 9 -24.29 -6.04 10.23
C HIS A 9 -23.72 -7.45 9.99
N HIS A 10 -23.89 -7.96 8.79
CA HIS A 10 -23.36 -9.32 8.47
C HIS A 10 -21.87 -9.24 8.11
N GLY A 11 -21.44 -8.13 7.56
CA GLY A 11 -20.01 -7.98 7.18
C GLY A 11 -19.13 -8.06 8.44
N SER A 12 -18.37 -9.12 8.57
CA SER A 12 -17.49 -9.27 9.76
C SER A 12 -16.11 -8.69 9.46
N ASN A 13 -15.54 -9.04 8.33
CA ASN A 13 -14.19 -8.52 7.97
C ASN A 13 -14.30 -7.12 7.35
N ALA A 14 -15.44 -6.77 6.81
CA ALA A 14 -15.61 -5.43 6.17
C ALA A 14 -15.25 -4.31 7.16
N LYS A 15 -14.13 -3.67 6.97
CA LYS A 15 -13.72 -2.57 7.89
C LYS A 15 -13.93 -1.21 7.22
N PHE A 16 -13.23 -0.21 7.67
CA PHE A 16 -13.39 1.16 7.06
C PHE A 16 -12.40 1.33 5.90
N GLY A 17 -12.44 0.45 4.94
CA GLY A 17 -11.50 0.55 3.77
C GLY A 17 -12.16 -0.06 2.53
N LEU A 18 -13.23 0.52 2.06
CA LEU A 18 -13.92 -0.03 0.85
C LEU A 18 -14.62 1.08 0.08
N TRP A 19 -14.70 0.96 -1.23
CA TRP A 19 -15.36 2.02 -2.06
C TRP A 19 -16.80 2.26 -1.60
N VAL A 20 -17.42 3.30 -2.11
CA VAL A 20 -18.83 3.61 -1.71
C VAL A 20 -19.76 3.44 -2.92
N ASP A 21 -20.29 2.25 -3.13
CA ASP A 21 -21.20 2.03 -4.29
C ASP A 21 -21.89 0.67 -4.17
N GLY A 22 -21.12 -0.40 -4.18
CA GLY A 22 -21.71 -1.76 -4.08
C GLY A 22 -22.41 -1.92 -2.72
N ASN A 23 -21.88 -2.74 -1.86
CA ASN A 23 -22.50 -2.94 -0.52
C ASN A 23 -21.51 -2.53 0.57
N CYS A 24 -20.82 -1.44 0.36
CA CYS A 24 -19.82 -0.98 1.36
C CYS A 24 -19.73 0.55 1.33
N GLU A 25 -19.87 1.21 2.47
CA GLU A 25 -19.80 2.70 2.48
C GLU A 25 -18.85 3.18 3.59
N ASP A 26 -17.58 3.32 3.28
CA ASP A 26 -16.58 3.80 4.29
C ASP A 26 -15.23 4.03 3.61
N ILE A 27 -14.58 5.15 3.84
CA ILE A 27 -13.27 5.42 3.16
C ILE A 27 -12.29 6.17 4.09
N PRO A 28 -11.14 5.57 4.35
CA PRO A 28 -10.12 6.23 5.22
C PRO A 28 -9.23 7.14 4.36
N HIS A 29 -8.11 7.55 4.90
CA HIS A 29 -7.18 8.43 4.13
C HIS A 29 -6.07 7.58 3.50
N VAL A 30 -6.29 7.09 2.31
CA VAL A 30 -5.25 6.25 1.64
C VAL A 30 -4.16 7.13 1.02
N ASN A 31 -3.02 6.57 0.74
CA ASN A 31 -1.91 7.37 0.14
C ASN A 31 -2.01 7.32 -1.39
N GLU A 32 -1.98 8.46 -2.03
CA GLU A 32 -2.08 8.49 -3.53
C GLU A 32 -0.73 8.83 -4.15
N PHE A 33 -0.46 8.28 -5.31
CA PHE A 33 0.83 8.57 -5.99
C PHE A 33 0.58 9.11 -7.41
N PRO A 34 0.50 10.42 -7.52
CA PRO A 34 0.24 11.06 -8.83
C PRO A 34 1.55 11.32 -9.58
N ALA A 35 2.64 10.70 -9.18
CA ALA A 35 3.94 10.93 -9.89
C ALA A 35 3.82 10.51 -11.35
N ILE A 36 4.86 10.75 -12.13
CA ILE A 36 4.83 10.37 -13.57
C ILE A 36 5.72 9.15 -13.82
N ASP A 37 5.88 8.31 -12.83
CA ASP A 37 6.73 7.09 -12.99
C ASP A 37 5.85 5.87 -13.25
N LEU A 38 5.96 5.28 -14.41
CA LEU A 38 5.13 4.08 -14.73
C LEU A 38 5.94 2.80 -14.48
N PHE A 39 6.03 2.39 -13.24
CA PHE A 39 6.81 1.15 -12.92
C PHE A 39 6.24 0.51 -11.65
N GLU A 40 6.35 1.19 -10.53
CA GLU A 40 5.83 0.63 -9.25
C GLU A 40 5.50 1.76 -8.29
N CYS A 41 4.24 1.98 -8.01
CA CYS A 41 3.84 3.08 -7.08
C CYS A 41 4.47 2.87 -5.70
N ASN A 42 4.79 1.66 -5.36
CA ASN A 42 5.42 1.39 -4.03
C ASN A 42 6.94 1.41 -4.13
N LYS A 43 7.49 2.41 -4.76
CA LYS A 43 8.98 2.49 -4.90
C LYS A 43 9.54 3.43 -3.83
N LEU A 44 9.02 3.36 -2.63
CA LEU A 44 9.51 4.24 -1.53
C LEU A 44 10.33 3.43 -0.53
N VAL A 45 11.22 4.06 0.18
CA VAL A 45 12.06 3.33 1.18
C VAL A 45 11.68 3.77 2.60
N PHE A 46 10.45 4.19 2.80
CA PHE A 46 10.00 4.64 4.15
C PHE A 46 8.48 4.83 4.16
N GLU A 47 7.77 4.01 3.42
CA GLU A 47 6.28 4.14 3.38
C GLU A 47 5.69 3.96 4.78
N LEU A 48 4.37 3.98 4.87
CA LEU A 48 3.72 3.82 6.21
C LEU A 48 4.11 2.48 6.85
N SER A 49 4.57 1.54 6.06
CA SER A 49 4.96 0.21 6.63
C SER A 49 6.15 0.36 7.60
N ALA A 50 7.15 1.09 7.20
CA ALA A 50 8.35 1.27 8.08
C ALA A 50 8.36 2.68 8.70
N SER A 51 7.24 3.36 8.69
CA SER A 51 7.20 4.73 9.28
C SER A 51 6.83 4.67 10.77
N ASP A 52 5.96 3.76 11.13
CA ASP A 52 5.56 3.65 12.56
C ASP A 52 6.29 2.49 13.24
N GLN A 53 6.37 1.36 12.58
CA GLN A 53 7.07 0.18 13.18
C GLN A 53 8.08 -0.42 12.18
N PRO A 54 9.03 -1.17 12.69
CA PRO A 54 10.05 -1.79 11.81
C PRO A 54 9.42 -2.93 10.99
N LYS A 55 9.86 -3.11 9.77
CA LYS A 55 9.29 -4.19 8.92
C LYS A 55 10.39 -5.17 8.50
N GLN A 56 10.00 -6.35 8.09
CA GLN A 56 11.01 -7.38 7.65
C GLN A 56 11.55 -7.03 6.26
N TYR A 57 10.83 -6.22 5.51
CA TYR A 57 11.30 -5.84 4.13
C TYR A 57 12.73 -5.30 4.17
N GLU A 58 13.17 -4.79 5.30
CA GLU A 58 14.56 -4.25 5.41
C GLU A 58 15.51 -5.37 5.84
N GLN A 59 15.47 -6.49 5.18
CA GLN A 59 16.38 -7.62 5.55
C GLN A 59 17.76 -7.41 4.91
N HIS A 60 18.73 -7.05 5.71
CA HIS A 60 20.11 -6.82 5.16
C HIS A 60 21.06 -7.93 5.63
N LEU A 61 20.77 -8.54 6.76
CA LEU A 61 21.66 -9.63 7.27
C LEU A 61 21.77 -10.76 6.24
N THR A 62 20.78 -10.92 5.41
CA THR A 62 20.83 -12.00 4.38
C THR A 62 21.99 -11.75 3.41
N ASP A 63 22.39 -10.52 3.25
CA ASP A 63 23.52 -10.20 2.31
C ASP A 63 24.78 -10.95 2.73
N TYR A 64 24.93 -11.23 4.00
CA TYR A 64 26.14 -11.97 4.48
C TYR A 64 26.17 -13.40 3.93
N GLU A 65 25.07 -13.87 3.40
CA GLU A 65 25.04 -15.27 2.84
C GLU A 65 25.83 -15.35 1.54
N LYS A 66 26.16 -14.23 0.95
CA LYS A 66 26.92 -14.24 -0.34
C LYS A 66 28.42 -14.52 -0.12
N ILE A 67 28.84 -14.73 1.11
CA ILE A 67 30.29 -15.02 1.36
C ILE A 67 30.72 -16.29 0.62
N LYS A 68 29.81 -17.19 0.39
CA LYS A 68 30.16 -18.46 -0.33
C LYS A 68 30.36 -18.19 -1.83
N GLU A 69 29.79 -17.13 -2.34
CA GLU A 69 29.94 -16.80 -3.79
C GLU A 69 30.95 -15.65 -3.98
N GLY A 70 31.81 -15.42 -3.01
CA GLY A 70 32.80 -14.32 -3.13
C GLY A 70 34.00 -14.79 -3.95
N PHE A 71 34.31 -16.06 -3.91
CA PHE A 71 35.48 -16.58 -4.68
C PHE A 71 35.02 -17.21 -6.00
N LYS A 72 33.86 -16.86 -6.47
CA LYS A 72 33.38 -17.41 -7.77
C LYS A 72 33.86 -16.55 -8.93
N ASN A 73 34.11 -15.28 -8.68
CA ASN A 73 34.58 -14.37 -9.76
C ASN A 73 36.11 -14.42 -9.88
N LYS A 74 36.64 -15.58 -10.20
CA LYS A 74 38.13 -15.70 -10.34
C LYS A 74 38.59 -15.01 -11.62
N ASN A 75 39.87 -14.72 -11.72
CA ASN A 75 40.39 -14.05 -12.95
C ASN A 75 40.61 -15.05 -14.08
N ALA A 76 40.74 -16.31 -13.74
CA ALA A 76 40.96 -17.36 -14.80
C ALA A 76 39.82 -17.30 -15.83
N SER A 77 38.64 -16.96 -15.40
CA SER A 77 37.48 -16.88 -16.33
C SER A 77 37.12 -15.41 -16.63
N MET A 78 37.89 -14.47 -16.15
CA MET A 78 37.58 -13.03 -16.39
C MET A 78 38.52 -12.43 -17.46
N ILE A 79 39.43 -13.20 -18.00
CA ILE A 79 40.36 -12.63 -19.04
C ILE A 79 40.56 -13.64 -20.19
N LYS A 80 41.35 -14.66 -19.99
CA LYS A 80 41.60 -15.67 -21.07
C LYS A 80 40.26 -16.24 -21.57
N SER A 81 39.26 -16.25 -20.73
CA SER A 81 37.92 -16.77 -21.13
C SER A 81 36.89 -15.61 -21.14
N ALA A 82 35.78 -15.73 -20.42
CA ALA A 82 34.78 -14.63 -20.41
C ALA A 82 33.80 -14.82 -19.25
N PHE A 83 33.87 -13.98 -18.25
CA PHE A 83 32.96 -14.10 -17.09
C PHE A 83 31.71 -13.23 -17.29
N LEU A 84 31.81 -12.20 -18.09
CA LEU A 84 30.64 -11.32 -18.32
C LEU A 84 30.72 -10.65 -19.72
N PRO A 85 29.58 -10.23 -20.23
CA PRO A 85 29.55 -9.61 -21.57
C PRO A 85 30.10 -8.18 -21.51
N THR A 86 29.65 -7.41 -20.56
CA THR A 86 30.13 -6.01 -20.42
C THR A 86 29.98 -5.52 -18.98
N GLY A 87 28.87 -5.80 -18.35
CA GLY A 87 28.67 -5.36 -16.94
C GLY A 87 27.68 -6.28 -16.23
N ALA A 88 28.06 -7.52 -16.02
CA ALA A 88 27.14 -8.48 -15.32
C ALA A 88 27.23 -8.30 -13.80
N PHE A 89 28.24 -7.62 -13.31
CA PHE A 89 28.38 -7.41 -11.83
C PHE A 89 27.13 -6.75 -11.26
N LYS A 90 26.47 -5.93 -12.05
CA LYS A 90 25.23 -5.25 -11.56
C LYS A 90 24.03 -6.17 -11.74
N ALA A 91 24.10 -7.10 -12.66
CA ALA A 91 22.96 -8.04 -12.86
C ALA A 91 22.79 -8.97 -11.65
N ASP A 92 23.75 -8.99 -10.75
CA ASP A 92 23.64 -9.87 -9.55
C ASP A 92 22.43 -9.45 -8.69
N ARG A 93 22.47 -9.72 -7.41
CA ARG A 93 21.31 -9.35 -6.52
C ARG A 93 20.91 -7.89 -6.71
N TYR A 94 19.93 -7.64 -7.54
CA TYR A 94 19.47 -6.24 -7.79
C TYR A 94 18.69 -5.72 -6.57
N LYS A 95 18.75 -4.43 -6.32
CA LYS A 95 18.02 -3.84 -5.15
C LYS A 95 16.53 -4.19 -5.19
N SER A 96 15.84 -4.02 -4.09
CA SER A 96 14.38 -4.34 -4.06
C SER A 96 13.57 -3.22 -4.71
N HIS A 97 13.84 -2.93 -5.95
CA HIS A 97 13.09 -1.84 -6.66
C HIS A 97 11.77 -2.41 -7.21
N GLY A 98 11.80 -3.61 -7.73
CA GLY A 98 10.56 -4.22 -8.28
C GLY A 98 10.35 -5.60 -7.64
N LYS A 99 10.35 -5.66 -6.33
CA LYS A 99 10.16 -6.98 -5.64
C LYS A 99 8.87 -7.66 -6.10
N GLY A 100 8.64 -8.87 -5.66
CA GLY A 100 7.41 -9.60 -6.06
C GLY A 100 6.36 -9.50 -4.95
N TYR A 101 6.37 -8.42 -4.21
CA TYR A 101 5.38 -8.26 -3.11
C TYR A 101 4.58 -6.96 -3.31
N ASN A 102 3.67 -6.97 -4.26
CA ASN A 102 2.85 -5.75 -4.53
C ASN A 102 1.71 -5.65 -3.51
N TRP A 103 1.20 -4.46 -3.30
CA TRP A 103 0.09 -4.28 -2.32
C TRP A 103 -0.52 -2.88 -2.47
N GLY A 104 -0.71 -2.43 -3.69
CA GLY A 104 -1.28 -1.08 -3.91
C GLY A 104 -2.48 -1.18 -4.85
N ASN A 105 -2.94 -0.08 -5.37
CA ASN A 105 -4.11 -0.09 -6.30
C ASN A 105 -3.80 0.70 -7.57
N TYR A 106 -4.27 0.24 -8.70
CA TYR A 106 -4.00 0.97 -9.97
C TYR A 106 -5.30 1.18 -10.75
N ASN A 107 -5.72 2.41 -10.87
CA ASN A 107 -6.98 2.71 -11.64
C ASN A 107 -6.64 3.34 -12.98
N THR A 108 -7.04 2.72 -14.07
CA THR A 108 -6.72 3.29 -15.40
C THR A 108 -7.82 4.26 -15.86
N GLU A 109 -7.73 5.49 -15.44
CA GLU A 109 -8.74 6.51 -15.87
C GLU A 109 -8.04 7.66 -16.58
N THR A 110 -7.23 8.40 -15.86
CA THR A 110 -6.49 9.53 -16.47
C THR A 110 -4.98 9.32 -16.27
N GLN A 111 -4.49 9.52 -15.07
CA GLN A 111 -3.03 9.33 -14.80
C GLN A 111 -2.78 9.46 -13.28
N LYS A 112 -3.24 8.50 -12.51
CA LYS A 112 -3.03 8.58 -11.03
C LYS A 112 -2.95 7.18 -10.42
N CYS A 113 -2.22 7.04 -9.34
CA CYS A 113 -2.10 5.71 -8.67
C CYS A 113 -2.37 5.87 -7.17
N GLU A 114 -2.75 4.81 -6.49
CA GLU A 114 -3.02 4.92 -5.03
C GLU A 114 -2.75 3.60 -4.31
N ILE A 115 -2.49 3.66 -3.03
CA ILE A 115 -2.21 2.42 -2.24
C ILE A 115 -2.74 2.58 -0.80
N PHE A 116 -2.91 1.48 -0.10
CA PHE A 116 -3.43 1.57 1.30
C PHE A 116 -3.21 0.24 2.03
N ASN A 117 -3.93 -0.79 1.65
CA ASN A 117 -3.77 -2.12 2.33
C ASN A 117 -4.48 -3.21 1.53
N VAL A 118 -4.83 -4.30 2.17
CA VAL A 118 -5.53 -5.41 1.45
C VAL A 118 -7.05 -5.22 1.51
N LYS A 119 -7.76 -5.76 0.55
CA LYS A 119 -9.25 -5.62 0.54
C LYS A 119 -9.91 -6.98 0.25
N PRO A 120 -10.15 -7.75 1.29
CA PRO A 120 -10.77 -9.08 1.11
C PRO A 120 -12.29 -8.97 0.95
N THR A 121 -12.92 -8.08 1.67
CA THR A 121 -14.41 -7.93 1.58
C THR A 121 -14.80 -7.12 0.32
N CYS A 122 -14.73 -5.82 0.39
CA CYS A 122 -15.11 -4.98 -0.79
C CYS A 122 -13.85 -4.46 -1.48
N LEU A 123 -14.01 -3.55 -2.41
CA LEU A 123 -12.81 -3.00 -3.12
C LEU A 123 -12.83 -1.46 -3.07
N ILE A 124 -11.68 -0.85 -3.18
CA ILE A 124 -11.62 0.64 -3.13
C ILE A 124 -11.23 1.19 -4.51
N ASN A 125 -10.45 0.45 -5.25
CA ASN A 125 -10.01 0.92 -6.59
C ASN A 125 -10.23 -0.17 -7.65
N ASN A 126 -10.01 0.15 -8.90
CA ASN A 126 -10.20 -0.85 -9.98
C ASN A 126 -9.24 -2.02 -9.81
N SER A 127 -7.97 -1.80 -10.02
CA SER A 127 -6.97 -2.89 -9.86
C SER A 127 -6.48 -2.98 -8.41
N SER A 128 -6.23 -4.17 -7.94
CA SER A 128 -5.75 -4.34 -6.54
C SER A 128 -4.64 -5.40 -6.49
N TYR A 129 -3.53 -5.11 -7.12
CA TYR A 129 -2.39 -6.10 -7.11
C TYR A 129 -1.85 -6.26 -5.69
N ILE A 130 -2.27 -7.30 -5.01
CA ILE A 130 -1.78 -7.52 -3.61
C ILE A 130 -1.23 -8.94 -3.47
N ALA A 131 0.02 -9.06 -3.09
CA ALA A 131 0.64 -10.40 -2.93
C ALA A 131 1.91 -10.31 -2.08
N THR A 132 1.88 -9.51 -1.04
CA THR A 132 3.07 -9.36 -0.17
C THR A 132 3.21 -10.59 0.74
N THR A 133 2.19 -10.87 1.52
CA THR A 133 2.25 -12.05 2.44
C THR A 133 1.03 -12.95 2.23
N ALA A 134 1.25 -14.19 1.89
CA ALA A 134 0.11 -15.13 1.67
C ALA A 134 -0.04 -16.07 2.87
N LEU A 135 1.03 -16.64 3.33
CA LEU A 135 0.97 -17.57 4.50
C LEU A 135 0.52 -16.80 5.74
N SER A 136 -0.21 -17.46 6.61
CA SER A 136 -0.71 -16.78 7.85
C SER A 136 -0.91 -17.81 8.96
N HIS A 137 -1.52 -18.92 8.64
CA HIS A 137 -1.77 -19.98 9.65
C HIS A 137 -1.23 -21.34 9.14
N PRO A 138 -0.11 -21.76 9.67
CA PRO A 138 0.48 -23.05 9.24
C PRO A 138 -0.35 -24.22 9.77
N ILE A 139 -0.05 -25.42 9.34
CA ILE A 139 -0.81 -26.61 9.82
C ILE A 139 -0.02 -27.34 10.91
N GLU A 140 0.52 -26.62 11.86
CA GLU A 140 1.32 -27.25 12.96
C GLU A 140 2.42 -28.16 12.38
N MET A 1 -28.22 9.71 20.64
CA MET A 1 -28.46 10.98 19.89
C MET A 1 -29.93 11.40 20.02
N ARG A 2 -30.84 10.47 19.81
CA ARG A 2 -32.29 10.80 19.91
C ARG A 2 -33.00 9.77 20.79
N GLY A 3 -32.89 8.52 20.46
CA GLY A 3 -33.57 7.46 21.26
C GLY A 3 -32.80 6.14 21.13
N SER A 4 -32.44 5.78 19.92
CA SER A 4 -31.68 4.50 19.71
C SER A 4 -30.23 4.67 20.16
N HIS A 5 -29.67 3.64 20.74
CA HIS A 5 -28.25 3.72 21.21
C HIS A 5 -27.30 3.20 20.12
N HIS A 6 -26.04 3.08 20.44
CA HIS A 6 -25.05 2.58 19.43
C HIS A 6 -24.24 1.43 20.02
N HIS A 7 -24.90 0.49 20.66
CA HIS A 7 -24.17 -0.67 21.25
C HIS A 7 -25.09 -1.89 21.33
N HIS A 8 -25.76 -2.20 20.24
CA HIS A 8 -26.67 -3.38 20.22
C HIS A 8 -25.90 -4.64 19.80
N HIS A 9 -25.16 -4.55 18.74
CA HIS A 9 -24.38 -5.73 18.26
C HIS A 9 -23.02 -5.29 17.73
N HIS A 10 -23.01 -4.57 16.63
CA HIS A 10 -21.72 -4.10 16.04
C HIS A 10 -21.97 -2.93 15.09
N GLY A 11 -20.95 -2.48 14.41
CA GLY A 11 -21.10 -1.34 13.46
C GLY A 11 -20.75 -1.80 12.04
N SER A 12 -21.51 -2.71 11.50
CA SER A 12 -21.21 -3.21 10.13
C SER A 12 -22.51 -3.33 9.32
N ASN A 13 -22.54 -2.74 8.15
CA ASN A 13 -23.77 -2.81 7.31
C ASN A 13 -23.41 -2.68 5.82
N ALA A 14 -24.39 -2.71 4.95
CA ALA A 14 -24.11 -2.60 3.50
C ALA A 14 -24.48 -1.20 3.00
N LYS A 15 -23.52 -0.46 2.50
CA LYS A 15 -23.79 0.91 1.99
C LYS A 15 -22.59 1.44 1.21
N PHE A 16 -21.40 1.20 1.72
CA PHE A 16 -20.17 1.68 1.03
C PHE A 16 -19.68 0.61 0.05
N GLY A 17 -18.40 0.59 -0.26
CA GLY A 17 -17.87 -0.43 -1.21
C GLY A 17 -16.90 -1.34 -0.46
N LEU A 18 -17.35 -1.97 0.58
CA LEU A 18 -16.46 -2.88 1.36
C LEU A 18 -16.91 -4.34 1.19
N TRP A 19 -15.97 -5.24 1.01
CA TRP A 19 -16.33 -6.68 0.85
C TRP A 19 -16.94 -7.23 2.15
N VAL A 20 -17.48 -8.42 2.09
CA VAL A 20 -18.09 -9.04 3.32
C VAL A 20 -17.49 -10.43 3.56
N ASP A 21 -16.42 -10.49 4.30
CA ASP A 21 -15.79 -11.82 4.58
C ASP A 21 -15.18 -11.84 5.99
N GLY A 22 -14.15 -11.06 6.20
CA GLY A 22 -13.51 -11.01 7.54
C GLY A 22 -14.17 -9.91 8.38
N ASN A 23 -13.50 -8.81 8.54
CA ASN A 23 -14.06 -7.68 9.34
C ASN A 23 -13.51 -6.35 8.83
N CYS A 24 -14.24 -5.69 7.96
CA CYS A 24 -13.76 -4.38 7.43
C CYS A 24 -14.26 -3.23 8.31
N GLU A 25 -13.59 -2.12 8.22
CA GLU A 25 -13.98 -0.93 9.04
C GLU A 25 -14.06 0.31 8.13
N ASP A 26 -14.58 1.40 8.63
CA ASP A 26 -14.69 2.64 7.78
C ASP A 26 -13.32 3.05 7.23
N ILE A 27 -13.18 3.04 5.93
CA ILE A 27 -11.87 3.42 5.31
C ILE A 27 -11.62 4.93 5.50
N PRO A 28 -10.53 5.27 6.17
CA PRO A 28 -10.23 6.71 6.41
C PRO A 28 -9.78 7.39 5.10
N HIS A 29 -8.50 7.34 4.77
CA HIS A 29 -8.02 7.98 3.52
C HIS A 29 -6.88 7.17 2.90
N VAL A 30 -7.03 6.76 1.67
CA VAL A 30 -5.94 5.98 1.00
C VAL A 30 -4.85 6.92 0.50
N ASN A 31 -3.66 6.41 0.26
CA ASN A 31 -2.55 7.27 -0.22
C ASN A 31 -2.54 7.33 -1.74
N GLU A 32 -2.46 8.52 -2.30
CA GLU A 32 -2.45 8.67 -3.79
C GLU A 32 -1.02 8.82 -4.30
N PHE A 33 -0.72 8.21 -5.42
CA PHE A 33 0.67 8.31 -5.99
C PHE A 33 0.62 9.02 -7.35
N PRO A 34 0.81 10.33 -7.33
CA PRO A 34 0.78 11.10 -8.61
C PRO A 34 2.09 10.89 -9.38
N ALA A 35 2.35 9.69 -9.81
CA ALA A 35 3.61 9.42 -10.57
C ALA A 35 3.41 8.27 -11.55
N ILE A 36 3.58 8.51 -12.82
CA ILE A 36 3.40 7.43 -13.84
C ILE A 36 4.56 7.47 -14.85
N ASP A 37 5.77 7.26 -14.40
CA ASP A 37 6.94 7.28 -15.31
C ASP A 37 7.45 5.86 -15.57
N LEU A 38 7.91 5.19 -14.54
CA LEU A 38 8.42 3.80 -14.71
C LEU A 38 8.30 3.03 -13.39
N PHE A 39 9.02 3.45 -12.37
CA PHE A 39 8.96 2.76 -11.05
C PHE A 39 7.50 2.60 -10.58
N GLU A 40 7.15 1.44 -10.09
CA GLU A 40 5.75 1.20 -9.63
C GLU A 40 5.41 2.12 -8.45
N CYS A 41 4.25 1.96 -7.87
CA CYS A 41 3.85 2.82 -6.72
C CYS A 41 4.19 2.13 -5.39
N ASN A 42 5.17 1.26 -5.38
CA ASN A 42 5.55 0.56 -4.13
C ASN A 42 7.06 0.69 -3.89
N LYS A 43 7.66 1.75 -4.37
CA LYS A 43 9.12 1.95 -4.17
C LYS A 43 9.37 2.99 -3.07
N LEU A 44 8.65 2.92 -1.99
CA LEU A 44 8.84 3.91 -0.89
C LEU A 44 9.92 3.41 0.09
N VAL A 45 10.78 4.30 0.52
CA VAL A 45 11.86 3.89 1.47
C VAL A 45 12.03 4.97 2.55
N PHE A 46 10.96 5.38 3.18
CA PHE A 46 11.05 6.43 4.24
C PHE A 46 10.35 5.95 5.52
N GLU A 47 9.07 5.73 5.45
CA GLU A 47 8.31 5.27 6.65
C GLU A 47 7.34 4.13 6.30
N LEU A 48 7.44 3.58 5.10
CA LEU A 48 6.52 2.48 4.70
C LEU A 48 7.25 1.14 4.77
N SER A 49 8.52 1.13 4.50
CA SER A 49 9.30 -0.15 4.56
C SER A 49 9.39 -0.66 6.00
N ALA A 50 9.49 0.24 6.95
CA ALA A 50 9.58 -0.19 8.37
C ALA A 50 8.20 -0.17 9.03
N SER A 51 7.14 -0.16 8.25
CA SER A 51 5.77 -0.14 8.84
C SER A 51 5.50 -1.45 9.59
N ASP A 52 5.68 -2.56 8.94
CA ASP A 52 5.44 -3.88 9.60
C ASP A 52 6.77 -4.56 9.95
N GLN A 53 7.74 -4.46 9.09
CA GLN A 53 9.07 -5.09 9.36
C GLN A 53 10.11 -4.61 8.34
N PRO A 54 11.35 -4.53 8.76
CA PRO A 54 12.43 -4.07 7.84
C PRO A 54 12.76 -5.17 6.82
N LYS A 55 13.88 -5.04 6.15
CA LYS A 55 14.28 -6.07 5.14
C LYS A 55 14.84 -7.31 5.84
N GLN A 56 15.35 -8.24 5.09
CA GLN A 56 15.92 -9.49 5.70
C GLN A 56 17.13 -9.97 4.90
N TYR A 57 16.89 -10.57 3.74
CA TYR A 57 17.97 -11.13 2.83
C TYR A 57 19.39 -11.02 3.41
N GLU A 58 19.61 -11.71 4.52
CA GLU A 58 20.93 -11.73 5.27
C GLU A 58 22.02 -10.83 4.66
N GLN A 59 21.85 -9.54 4.74
CA GLN A 59 22.86 -8.60 4.18
C GLN A 59 23.52 -7.78 5.29
N HIS A 60 22.76 -7.39 6.28
CA HIS A 60 23.34 -6.59 7.40
C HIS A 60 23.37 -7.42 8.68
N LEU A 61 22.23 -7.85 9.17
CA LEU A 61 22.19 -8.66 10.44
C LEU A 61 23.15 -9.85 10.37
N THR A 62 23.11 -10.62 9.32
CA THR A 62 24.03 -11.79 9.19
C THR A 62 25.50 -11.34 9.23
N ASP A 63 25.76 -10.08 8.99
CA ASP A 63 27.18 -9.58 9.01
C ASP A 63 27.80 -9.77 10.39
N TYR A 64 27.01 -10.00 11.42
CA TYR A 64 27.59 -10.16 12.79
C TYR A 64 28.62 -11.31 12.82
N GLU A 65 28.42 -12.31 12.00
CA GLU A 65 29.38 -13.45 11.96
C GLU A 65 30.43 -13.26 10.86
N LYS A 66 30.44 -12.13 10.19
CA LYS A 66 31.44 -11.89 9.11
C LYS A 66 32.71 -11.27 9.69
N ILE A 67 32.59 -10.54 10.76
CA ILE A 67 33.79 -9.89 11.38
C ILE A 67 34.82 -10.97 11.79
N LYS A 68 34.35 -12.16 12.07
CA LYS A 68 35.29 -13.25 12.47
C LYS A 68 35.62 -14.13 11.26
N GLU A 69 34.80 -14.11 10.23
CA GLU A 69 35.06 -14.94 9.03
C GLU A 69 36.29 -14.43 8.28
N GLY A 70 36.46 -13.12 8.26
CA GLY A 70 37.61 -12.41 7.56
C GLY A 70 38.57 -13.35 6.81
N PHE A 71 38.06 -14.03 5.81
CA PHE A 71 38.92 -14.96 5.03
C PHE A 71 39.68 -14.24 3.92
N LYS A 72 39.66 -12.92 3.90
CA LYS A 72 40.40 -12.16 2.84
C LYS A 72 41.89 -12.46 2.93
N ASN A 73 42.39 -12.65 4.13
CA ASN A 73 43.84 -12.96 4.30
C ASN A 73 44.03 -14.46 4.56
N LYS A 74 43.15 -15.27 4.05
CA LYS A 74 43.27 -16.74 4.25
C LYS A 74 43.53 -17.45 2.91
N ASN A 75 44.32 -18.49 2.92
CA ASN A 75 44.61 -19.23 1.65
C ASN A 75 43.75 -20.49 1.56
N ALA A 76 43.37 -21.06 2.68
CA ALA A 76 42.52 -22.30 2.67
C ALA A 76 41.30 -22.12 1.77
N SER A 77 40.85 -20.91 1.58
CA SER A 77 39.67 -20.66 0.71
C SER A 77 40.10 -20.09 -0.66
N MET A 78 41.25 -19.47 -0.71
CA MET A 78 41.72 -18.88 -2.00
C MET A 78 42.46 -19.93 -2.85
N ILE A 79 42.41 -21.19 -2.46
CA ILE A 79 43.11 -22.24 -3.26
C ILE A 79 42.10 -23.17 -3.92
N LYS A 80 41.43 -23.98 -3.13
CA LYS A 80 40.42 -24.93 -3.71
C LYS A 80 39.03 -24.29 -3.76
N SER A 81 38.32 -24.26 -2.66
CA SER A 81 36.94 -23.64 -2.65
C SER A 81 36.34 -23.70 -1.24
N ALA A 82 37.10 -23.37 -0.23
CA ALA A 82 36.54 -23.41 1.17
C ALA A 82 35.37 -22.44 1.29
N PHE A 83 35.57 -21.19 0.94
CA PHE A 83 34.47 -20.19 1.03
C PHE A 83 34.00 -19.81 -0.38
N LEU A 84 33.08 -20.58 -0.92
CA LEU A 84 32.57 -20.30 -2.31
C LEU A 84 32.14 -18.82 -2.45
N PRO A 85 32.93 -18.03 -3.17
CA PRO A 85 32.59 -16.61 -3.36
C PRO A 85 31.58 -16.44 -4.50
N THR A 86 30.45 -17.10 -4.41
CA THR A 86 29.42 -16.99 -5.50
C THR A 86 28.24 -16.14 -5.02
N GLY A 87 28.50 -15.10 -4.29
CA GLY A 87 27.41 -14.23 -3.78
C GLY A 87 27.74 -12.76 -4.05
N ALA A 88 28.47 -12.50 -5.11
CA ALA A 88 28.85 -11.10 -5.45
C ALA A 88 27.73 -10.41 -6.23
N PHE A 89 26.95 -11.18 -6.97
CA PHE A 89 25.83 -10.57 -7.76
C PHE A 89 24.83 -9.88 -6.83
N LYS A 90 24.66 -10.41 -5.64
CA LYS A 90 23.71 -9.79 -4.67
C LYS A 90 24.13 -8.35 -4.35
N ALA A 91 25.36 -8.00 -4.60
CA ALA A 91 25.83 -6.61 -4.32
C ALA A 91 25.16 -5.61 -5.27
N ASP A 92 24.48 -6.07 -6.30
CA ASP A 92 23.82 -5.14 -7.27
C ASP A 92 22.98 -4.08 -6.54
N ARG A 93 22.80 -2.93 -7.17
CA ARG A 93 22.01 -1.84 -6.54
C ARG A 93 20.50 -2.13 -6.67
N TYR A 94 20.12 -3.03 -7.54
CA TYR A 94 18.67 -3.35 -7.73
C TYR A 94 17.98 -3.62 -6.39
N LYS A 95 17.19 -2.69 -5.92
CA LYS A 95 16.48 -2.87 -4.61
C LYS A 95 15.21 -3.71 -4.80
N SER A 96 14.69 -3.76 -6.00
CA SER A 96 13.44 -4.56 -6.24
C SER A 96 13.78 -6.03 -6.46
N HIS A 97 14.46 -6.63 -5.52
CA HIS A 97 14.84 -8.08 -5.66
C HIS A 97 14.10 -8.91 -4.61
N GLY A 98 13.88 -8.34 -3.44
CA GLY A 98 13.17 -9.10 -2.36
C GLY A 98 11.67 -8.89 -2.50
N LYS A 99 11.25 -7.75 -3.01
CA LYS A 99 9.80 -7.47 -3.18
C LYS A 99 9.26 -8.20 -4.42
N GLY A 100 8.88 -9.44 -4.27
CA GLY A 100 8.34 -10.21 -5.43
C GLY A 100 6.82 -10.02 -5.53
N TYR A 101 6.18 -9.77 -4.41
CA TYR A 101 4.69 -9.58 -4.44
C TYR A 101 4.36 -8.10 -4.55
N ASN A 102 3.23 -7.79 -5.14
CA ASN A 102 2.81 -6.37 -5.30
C ASN A 102 1.77 -6.00 -4.22
N TRP A 103 1.66 -4.75 -3.91
CA TRP A 103 0.66 -4.31 -2.88
C TRP A 103 0.20 -2.88 -3.16
N GLY A 104 0.05 -2.53 -4.40
CA GLY A 104 -0.40 -1.15 -4.76
C GLY A 104 -1.63 -1.24 -5.66
N ASN A 105 -2.50 -0.25 -5.60
CA ASN A 105 -3.73 -0.28 -6.47
C ASN A 105 -3.62 0.76 -7.58
N TYR A 106 -4.31 0.54 -8.67
CA TYR A 106 -4.25 1.49 -9.81
C TYR A 106 -5.67 1.86 -10.26
N ASN A 107 -5.86 3.07 -10.72
CA ASN A 107 -7.21 3.50 -11.19
C ASN A 107 -7.10 4.00 -12.64
N THR A 108 -7.78 3.37 -13.56
CA THR A 108 -7.68 3.81 -14.98
C THR A 108 -8.74 4.86 -15.31
N GLU A 109 -8.45 6.10 -15.02
CA GLU A 109 -9.42 7.19 -15.34
C GLU A 109 -8.73 8.21 -16.24
N THR A 110 -7.75 8.89 -15.73
CA THR A 110 -7.00 9.89 -16.54
C THR A 110 -5.51 9.53 -16.53
N GLN A 111 -4.87 9.64 -15.40
CA GLN A 111 -3.42 9.30 -15.28
C GLN A 111 -2.98 9.47 -13.83
N LYS A 112 -3.38 8.56 -12.97
CA LYS A 112 -3.00 8.67 -11.53
C LYS A 112 -2.90 7.28 -10.87
N CYS A 113 -2.03 7.15 -9.90
CA CYS A 113 -1.87 5.83 -9.21
C CYS A 113 -2.21 6.02 -7.72
N GLU A 114 -2.48 4.93 -7.02
CA GLU A 114 -2.82 5.05 -5.57
C GLU A 114 -2.34 3.82 -4.79
N ILE A 115 -2.22 3.94 -3.49
CA ILE A 115 -1.77 2.78 -2.66
C ILE A 115 -2.50 2.77 -1.31
N PHE A 116 -2.31 1.74 -0.54
CA PHE A 116 -2.99 1.64 0.79
C PHE A 116 -2.37 0.50 1.60
N ASN A 117 -1.28 0.78 2.29
CA ASN A 117 -0.60 -0.30 3.09
C ASN A 117 -1.09 -0.28 4.54
N VAL A 118 -2.31 0.14 4.78
CA VAL A 118 -2.83 0.16 6.18
C VAL A 118 -2.86 -1.27 6.74
N LYS A 119 -3.10 -1.43 8.03
CA LYS A 119 -3.13 -2.80 8.64
C LYS A 119 -4.02 -3.75 7.82
N PRO A 120 -3.67 -5.02 7.84
CA PRO A 120 -4.45 -6.02 7.06
C PRO A 120 -5.81 -6.26 7.74
N THR A 121 -6.88 -5.93 7.06
CA THR A 121 -8.25 -6.15 7.65
C THR A 121 -9.32 -5.95 6.57
N CYS A 122 -9.16 -4.98 5.70
CA CYS A 122 -10.16 -4.74 4.64
C CYS A 122 -9.48 -4.45 3.30
N LEU A 123 -10.19 -4.58 2.21
CA LEU A 123 -9.60 -4.30 0.87
C LEU A 123 -10.61 -3.54 0.00
N ILE A 124 -10.23 -2.40 -0.51
CA ILE A 124 -11.16 -1.61 -1.37
C ILE A 124 -11.20 -2.17 -2.80
N ASN A 125 -12.18 -1.78 -3.56
CA ASN A 125 -12.29 -2.28 -4.97
C ASN A 125 -11.43 -1.44 -5.91
N ASN A 126 -10.20 -1.84 -6.11
CA ASN A 126 -9.29 -1.08 -7.02
C ASN A 126 -8.41 -2.04 -7.81
N SER A 127 -7.69 -1.55 -8.79
CA SER A 127 -6.81 -2.45 -9.60
C SER A 127 -5.49 -2.68 -8.86
N SER A 128 -5.48 -3.58 -7.91
CA SER A 128 -4.22 -3.84 -7.14
C SER A 128 -3.89 -5.34 -7.16
N TYR A 129 -3.02 -5.77 -6.28
CA TYR A 129 -2.63 -7.21 -6.23
C TYR A 129 -1.85 -7.48 -4.95
N ILE A 130 -2.42 -7.17 -3.81
CA ILE A 130 -1.70 -7.40 -2.52
C ILE A 130 -1.42 -8.90 -2.34
N ALA A 131 -0.25 -9.32 -2.76
CA ALA A 131 0.11 -10.77 -2.61
C ALA A 131 1.27 -10.93 -1.63
N THR A 132 1.44 -10.00 -0.73
CA THR A 132 2.54 -10.08 0.27
C THR A 132 2.11 -10.91 1.48
N THR A 133 0.99 -10.56 2.08
CA THR A 133 0.51 -11.33 3.26
C THR A 133 -0.93 -10.91 3.60
N ALA A 134 -1.90 -11.58 3.02
CA ALA A 134 -3.33 -11.24 3.31
C ALA A 134 -4.26 -12.29 2.68
N LEU A 135 -5.52 -11.99 2.59
CA LEU A 135 -6.49 -12.96 1.98
C LEU A 135 -6.75 -12.61 0.52
N SER A 136 -6.56 -13.55 -0.37
CA SER A 136 -6.79 -13.28 -1.82
C SER A 136 -7.89 -14.18 -2.37
N HIS A 137 -8.42 -13.86 -3.51
CA HIS A 137 -9.51 -14.70 -4.11
C HIS A 137 -8.93 -15.57 -5.24
N PRO A 138 -8.73 -16.84 -4.96
CA PRO A 138 -8.18 -17.77 -5.99
C PRO A 138 -9.22 -18.07 -7.07
N ILE A 139 -10.47 -17.73 -6.84
CA ILE A 139 -11.54 -18.01 -7.86
C ILE A 139 -11.20 -17.32 -9.19
N GLU A 140 -10.93 -16.04 -9.15
CA GLU A 140 -10.60 -15.30 -10.41
C GLU A 140 -9.36 -15.91 -11.07
N MET A 1 -22.62 -31.89 18.52
CA MET A 1 -23.86 -32.64 18.17
C MET A 1 -24.14 -32.54 16.68
N ARG A 2 -25.21 -33.13 16.22
CA ARG A 2 -25.55 -33.08 14.77
C ARG A 2 -26.88 -32.34 14.57
N GLY A 3 -27.81 -32.54 15.44
CA GLY A 3 -29.14 -31.86 15.32
C GLY A 3 -28.95 -30.36 15.55
N SER A 4 -28.08 -29.99 16.46
CA SER A 4 -27.85 -28.54 16.74
C SER A 4 -26.41 -28.16 16.38
N HIS A 5 -26.02 -26.95 16.71
CA HIS A 5 -24.63 -26.50 16.39
C HIS A 5 -24.05 -25.72 17.57
N HIS A 6 -22.93 -25.06 17.36
CA HIS A 6 -22.30 -24.27 18.46
C HIS A 6 -22.36 -22.77 18.14
N HIS A 7 -21.68 -21.96 18.92
CA HIS A 7 -21.70 -20.49 18.67
C HIS A 7 -21.13 -20.18 17.28
N HIS A 8 -21.82 -19.37 16.52
CA HIS A 8 -21.34 -19.02 15.15
C HIS A 8 -20.00 -18.29 15.24
N HIS A 9 -19.44 -17.92 14.12
CA HIS A 9 -18.13 -17.19 14.12
C HIS A 9 -18.37 -15.68 14.18
N HIS A 10 -17.35 -14.93 14.54
CA HIS A 10 -17.50 -13.45 14.62
C HIS A 10 -16.76 -12.77 13.46
N GLY A 11 -16.79 -11.47 13.42
CA GLY A 11 -16.09 -10.74 12.31
C GLY A 11 -16.23 -9.23 12.53
N SER A 12 -15.56 -8.45 11.72
CA SER A 12 -15.65 -6.96 11.86
C SER A 12 -15.90 -6.31 10.51
N ASN A 13 -16.86 -5.42 10.44
CA ASN A 13 -17.18 -4.74 9.14
C ASN A 13 -16.84 -3.25 9.23
N ALA A 14 -16.90 -2.69 10.42
CA ALA A 14 -16.58 -1.23 10.58
C ALA A 14 -15.06 -1.03 10.63
N LYS A 15 -14.51 -0.36 9.65
CA LYS A 15 -13.03 -0.12 9.64
C LYS A 15 -12.74 1.37 9.47
N PHE A 16 -11.50 1.73 9.28
CA PHE A 16 -11.14 3.17 9.11
C PHE A 16 -10.61 3.42 7.69
N GLY A 17 -11.00 2.59 6.74
CA GLY A 17 -10.51 2.78 5.34
C GLY A 17 -11.57 2.27 4.36
N LEU A 18 -12.44 3.14 3.89
CA LEU A 18 -13.49 2.71 2.93
C LEU A 18 -13.89 3.87 2.01
N TRP A 19 -14.48 3.57 0.88
CA TRP A 19 -14.90 4.64 -0.06
C TRP A 19 -16.32 5.13 0.26
N VAL A 20 -16.75 6.20 -0.34
CA VAL A 20 -18.13 6.73 -0.06
C VAL A 20 -18.94 6.80 -1.36
N ASP A 21 -19.70 5.77 -1.64
CA ASP A 21 -20.52 5.75 -2.89
C ASP A 21 -21.52 4.59 -2.86
N GLY A 22 -21.08 3.45 -2.40
CA GLY A 22 -22.00 2.26 -2.34
C GLY A 22 -22.69 2.24 -0.98
N ASN A 23 -22.10 1.58 -0.01
CA ASN A 23 -22.72 1.50 1.34
C ASN A 23 -21.65 1.65 2.43
N CYS A 24 -20.67 2.47 2.20
CA CYS A 24 -19.59 2.67 3.22
C CYS A 24 -19.38 4.16 3.49
N GLU A 25 -19.72 4.60 4.67
CA GLU A 25 -19.55 6.05 5.01
C GLU A 25 -18.81 6.20 6.34
N ASP A 26 -17.58 6.64 6.30
CA ASP A 26 -16.79 6.81 7.57
C ASP A 26 -15.63 7.79 7.34
N ILE A 27 -14.51 7.33 6.83
CA ILE A 27 -13.36 8.25 6.58
C ILE A 27 -12.49 7.74 5.42
N PRO A 28 -12.87 8.09 4.20
CA PRO A 28 -12.09 7.65 3.02
C PRO A 28 -10.76 8.41 2.93
N HIS A 29 -9.66 7.76 3.21
CA HIS A 29 -8.34 8.45 3.15
C HIS A 29 -7.26 7.48 2.67
N VAL A 30 -6.80 7.64 1.45
CA VAL A 30 -5.73 6.74 0.91
C VAL A 30 -4.55 7.56 0.37
N ASN A 31 -3.41 6.95 0.23
CA ASN A 31 -2.22 7.68 -0.30
C ASN A 31 -2.14 7.54 -1.82
N GLU A 32 -1.94 8.63 -2.51
CA GLU A 32 -1.86 8.58 -4.00
C GLU A 32 -0.40 8.37 -4.44
N PHE A 33 -0.20 7.91 -5.66
CA PHE A 33 1.19 7.69 -6.16
C PHE A 33 1.29 8.09 -7.63
N PRO A 34 1.94 9.21 -7.90
CA PRO A 34 2.08 9.68 -9.30
C PRO A 34 3.07 8.77 -10.05
N ALA A 35 2.68 7.55 -10.29
CA ALA A 35 3.58 6.60 -11.01
C ALA A 35 3.83 7.07 -12.44
N ILE A 36 4.77 7.98 -12.63
CA ILE A 36 5.08 8.47 -14.00
C ILE A 36 6.27 7.71 -14.57
N ASP A 37 7.17 7.29 -13.71
CA ASP A 37 8.36 6.52 -14.19
C ASP A 37 8.03 5.02 -14.22
N LEU A 38 9.00 4.16 -13.96
CA LEU A 38 8.73 2.69 -13.98
C LEU A 38 7.56 2.34 -13.06
N PHE A 39 6.78 1.35 -13.41
CA PHE A 39 5.62 0.95 -12.57
C PHE A 39 6.10 0.28 -11.28
N GLU A 40 5.83 0.87 -10.15
CA GLU A 40 6.27 0.27 -8.85
C GLU A 40 5.62 1.01 -7.68
N CYS A 41 4.31 1.04 -7.62
CA CYS A 41 3.62 1.75 -6.51
C CYS A 41 3.98 1.10 -5.17
N ASN A 42 4.27 -0.16 -5.18
CA ASN A 42 4.65 -0.87 -3.90
C ASN A 42 5.89 -0.23 -3.28
N LYS A 43 6.72 0.40 -4.08
CA LYS A 43 7.95 1.04 -3.55
C LYS A 43 7.61 2.38 -2.91
N LEU A 44 7.98 2.57 -1.66
CA LEU A 44 7.67 3.86 -0.97
C LEU A 44 8.97 4.59 -0.62
N VAL A 45 8.96 5.89 -0.65
CA VAL A 45 10.18 6.68 -0.33
C VAL A 45 10.69 6.35 1.07
N PHE A 46 9.79 6.15 2.01
CA PHE A 46 10.21 5.82 3.40
C PHE A 46 9.17 4.92 4.08
N GLU A 47 7.98 5.43 4.28
CA GLU A 47 6.91 4.61 4.93
C GLU A 47 5.55 5.31 4.77
N LEU A 48 4.56 4.85 5.50
CA LEU A 48 3.21 5.47 5.42
C LEU A 48 3.06 6.61 6.44
N SER A 49 4.11 6.94 7.16
CA SER A 49 4.01 8.04 8.17
C SER A 49 3.43 9.31 7.54
N ALA A 50 3.64 9.49 6.26
CA ALA A 50 3.09 10.69 5.57
C ALA A 50 1.55 10.62 5.56
N SER A 51 1.01 9.43 5.57
CA SER A 51 -0.48 9.28 5.56
C SER A 51 -1.05 9.31 7.00
N ASP A 52 -0.24 9.66 7.97
CA ASP A 52 -0.74 9.71 9.37
C ASP A 52 -1.15 11.14 9.77
N GLN A 53 -1.19 12.05 8.83
CA GLN A 53 -1.59 13.46 9.16
C GLN A 53 -2.98 13.48 9.81
N PRO A 54 -3.20 14.46 10.68
CA PRO A 54 -4.52 14.56 11.37
C PRO A 54 -5.59 15.05 10.39
N LYS A 55 -6.61 14.25 10.18
CA LYS A 55 -7.70 14.65 9.24
C LYS A 55 -9.04 14.59 9.95
N GLN A 56 -9.46 13.41 10.34
CA GLN A 56 -10.77 13.26 11.04
C GLN A 56 -10.69 12.16 12.10
N TYR A 57 -10.35 12.53 13.31
CA TYR A 57 -10.24 11.50 14.41
C TYR A 57 -10.80 12.06 15.72
N GLU A 58 -11.70 13.01 15.64
CA GLU A 58 -12.30 13.59 16.88
C GLU A 58 -13.48 14.49 16.53
N GLN A 59 -14.21 14.16 15.49
CA GLN A 59 -15.38 15.00 15.08
C GLN A 59 -16.43 15.00 16.20
N HIS A 60 -17.62 15.47 15.90
CA HIS A 60 -18.69 15.50 16.93
C HIS A 60 -19.13 14.09 17.31
N LEU A 61 -19.22 13.21 16.33
CA LEU A 61 -19.64 11.81 16.62
C LEU A 61 -18.66 11.14 17.59
N THR A 62 -17.42 11.57 17.57
CA THR A 62 -16.40 10.98 18.47
C THR A 62 -16.19 11.85 19.71
N ASP A 63 -16.44 13.14 19.58
CA ASP A 63 -16.26 14.06 20.75
C ASP A 63 -17.43 13.92 21.72
N TYR A 64 -18.57 13.49 21.24
CA TYR A 64 -19.76 13.33 22.14
C TYR A 64 -19.68 12.00 22.90
N GLU A 65 -18.91 11.05 22.42
CA GLU A 65 -18.79 9.74 23.12
C GLU A 65 -17.48 9.65 23.92
N LYS A 66 -16.72 10.72 24.00
CA LYS A 66 -15.42 10.66 24.74
C LYS A 66 -15.60 10.99 26.23
N ILE A 67 -16.63 11.71 26.59
CA ILE A 67 -16.84 12.08 28.04
C ILE A 67 -16.76 10.83 28.94
N LYS A 68 -17.02 9.67 28.41
CA LYS A 68 -16.97 8.43 29.24
C LYS A 68 -15.55 7.83 29.22
N GLU A 69 -14.78 8.11 28.20
CA GLU A 69 -13.40 7.56 28.13
C GLU A 69 -12.37 8.57 28.69
N GLY A 70 -12.82 9.51 29.48
CA GLY A 70 -11.87 10.51 30.06
C GLY A 70 -11.36 10.01 31.40
N PHE A 71 -12.26 9.61 32.27
CA PHE A 71 -11.83 9.11 33.62
C PHE A 71 -13.01 8.45 34.33
N LYS A 72 -13.90 7.84 33.59
CA LYS A 72 -15.08 7.17 34.22
C LYS A 72 -14.72 5.75 34.63
N ASN A 73 -13.81 5.13 33.93
CA ASN A 73 -13.41 3.73 34.27
C ASN A 73 -11.96 3.48 33.81
N LYS A 74 -11.04 3.44 34.74
CA LYS A 74 -9.61 3.20 34.37
C LYS A 74 -9.20 1.78 34.76
N ASN A 75 -9.80 1.24 35.79
CA ASN A 75 -9.45 -0.15 36.24
C ASN A 75 -10.39 -1.16 35.59
N ALA A 76 -11.65 -0.82 35.49
CA ALA A 76 -12.64 -1.76 34.88
C ALA A 76 -12.26 -2.07 33.43
N SER A 77 -11.54 -1.18 32.79
CA SER A 77 -11.13 -1.41 31.37
C SER A 77 -9.86 -2.26 31.31
N MET A 78 -9.08 -2.26 32.36
CA MET A 78 -7.82 -3.07 32.37
C MET A 78 -8.01 -4.40 33.11
N ILE A 79 -9.00 -4.48 33.97
CA ILE A 79 -9.23 -5.76 34.72
C ILE A 79 -10.58 -6.37 34.35
N LYS A 80 -11.66 -5.72 34.69
CA LYS A 80 -13.02 -6.27 34.38
C LYS A 80 -13.17 -6.48 32.87
N SER A 81 -12.70 -5.57 32.08
CA SER A 81 -12.82 -5.71 30.59
C SER A 81 -12.08 -6.96 30.12
N ALA A 82 -10.78 -6.91 30.06
CA ALA A 82 -10.01 -8.11 29.61
C ALA A 82 -8.62 -8.12 30.27
N PHE A 83 -7.70 -8.85 29.71
CA PHE A 83 -6.33 -8.92 30.30
C PHE A 83 -5.31 -9.24 29.19
N LEU A 84 -5.61 -10.19 28.35
CA LEU A 84 -4.66 -10.57 27.25
C LEU A 84 -5.25 -10.19 25.87
N PRO A 85 -5.04 -8.95 25.47
CA PRO A 85 -5.55 -8.52 24.15
C PRO A 85 -4.75 -9.17 23.03
N THR A 86 -4.94 -10.45 22.84
CA THR A 86 -4.21 -11.18 21.76
C THR A 86 -5.18 -11.68 20.70
N GLY A 87 -5.69 -10.80 19.89
CA GLY A 87 -6.63 -11.19 18.82
C GLY A 87 -5.85 -11.52 17.55
N ALA A 88 -4.87 -12.38 17.67
CA ALA A 88 -4.06 -12.78 16.47
C ALA A 88 -4.93 -13.55 15.47
N PHE A 89 -6.11 -13.96 15.87
CA PHE A 89 -7.00 -14.73 14.93
C PHE A 89 -7.19 -13.95 13.63
N LYS A 90 -7.13 -12.64 13.69
CA LYS A 90 -7.30 -11.82 12.46
C LYS A 90 -6.13 -12.06 11.49
N ALA A 91 -5.03 -12.55 11.98
CA ALA A 91 -3.85 -12.82 11.09
C ALA A 91 -4.17 -13.94 10.07
N ASP A 92 -5.26 -14.65 10.26
CA ASP A 92 -5.61 -15.76 9.32
C ASP A 92 -5.75 -15.22 7.88
N ARG A 93 -6.34 -15.99 7.01
CA ARG A 93 -6.51 -15.55 5.59
C ARG A 93 -7.32 -14.24 5.53
N TYR A 94 -8.13 -13.99 6.53
CA TYR A 94 -8.96 -12.74 6.54
C TYR A 94 -8.08 -11.50 6.33
N LYS A 95 -6.82 -11.59 6.65
CA LYS A 95 -5.91 -10.42 6.47
C LYS A 95 -4.58 -10.87 5.85
N SER A 96 -4.03 -11.96 6.32
CA SER A 96 -2.73 -12.45 5.77
C SER A 96 -2.98 -13.28 4.51
N HIS A 97 -3.61 -12.70 3.52
CA HIS A 97 -3.89 -13.45 2.26
C HIS A 97 -2.76 -13.24 1.25
N GLY A 98 -1.53 -13.35 1.69
CA GLY A 98 -0.37 -13.17 0.77
C GLY A 98 0.33 -11.84 1.07
N LYS A 99 0.10 -11.27 2.23
CA LYS A 99 0.78 -9.97 2.57
C LYS A 99 2.29 -10.18 2.72
N GLY A 100 3.06 -9.17 2.41
CA GLY A 100 4.55 -9.31 2.54
C GLY A 100 5.23 -8.01 2.13
N TYR A 101 4.73 -7.35 1.12
CA TYR A 101 5.35 -6.06 0.67
C TYR A 101 4.45 -5.37 -0.37
N ASN A 102 3.81 -6.12 -1.23
CA ASN A 102 2.92 -5.51 -2.28
C ASN A 102 1.98 -4.44 -1.69
N TRP A 103 2.39 -3.20 -1.74
CA TRP A 103 1.54 -2.09 -1.21
C TRP A 103 1.29 -1.05 -2.29
N GLY A 104 0.50 -1.37 -3.29
CA GLY A 104 0.22 -0.40 -4.38
C GLY A 104 -1.04 -0.83 -5.14
N ASN A 105 -1.75 0.11 -5.72
CA ASN A 105 -2.98 -0.23 -6.49
C ASN A 105 -3.33 0.92 -7.44
N TYR A 106 -3.81 0.61 -8.62
CA TYR A 106 -4.16 1.68 -9.59
C TYR A 106 -5.66 1.94 -9.60
N ASN A 107 -6.07 3.08 -9.10
CA ASN A 107 -7.53 3.41 -9.07
C ASN A 107 -7.74 4.91 -9.33
N THR A 108 -7.90 5.27 -10.58
CA THR A 108 -8.12 6.72 -10.92
C THR A 108 -8.99 6.86 -12.17
N GLU A 109 -9.60 8.00 -12.35
CA GLU A 109 -10.47 8.20 -13.54
C GLU A 109 -9.62 8.56 -14.77
N THR A 110 -8.46 9.12 -14.55
CA THR A 110 -7.58 9.50 -15.71
C THR A 110 -6.39 8.53 -15.82
N GLN A 111 -5.39 8.70 -14.99
CA GLN A 111 -4.20 7.80 -15.05
C GLN A 111 -3.29 8.04 -13.85
N LYS A 112 -3.63 7.47 -12.71
CA LYS A 112 -2.79 7.67 -11.50
C LYS A 112 -2.81 6.41 -10.63
N CYS A 113 -1.84 6.25 -9.76
CA CYS A 113 -1.80 5.05 -8.88
C CYS A 113 -2.06 5.45 -7.43
N GLU A 114 -2.44 4.51 -6.60
CA GLU A 114 -2.72 4.83 -5.17
C GLU A 114 -2.34 3.64 -4.28
N ILE A 115 -2.28 3.86 -2.99
CA ILE A 115 -1.93 2.76 -2.05
C ILE A 115 -2.79 2.85 -0.79
N PHE A 116 -3.16 1.71 -0.22
CA PHE A 116 -4.00 1.72 1.01
C PHE A 116 -4.10 0.31 1.58
N ASN A 117 -4.69 0.15 2.74
CA ASN A 117 -4.83 -1.20 3.36
C ASN A 117 -5.64 -2.12 2.44
N VAL A 118 -5.60 -3.40 2.71
CA VAL A 118 -6.37 -4.36 1.85
C VAL A 118 -7.87 -4.04 1.90
N LYS A 119 -8.61 -4.47 0.91
CA LYS A 119 -10.08 -4.20 0.88
C LYS A 119 -10.77 -4.82 2.12
N PRO A 120 -11.26 -3.99 3.02
CA PRO A 120 -11.93 -4.53 4.23
C PRO A 120 -13.34 -5.05 3.88
N THR A 121 -14.31 -4.18 3.78
CA THR A 121 -15.70 -4.63 3.45
C THR A 121 -16.30 -3.73 2.37
N CYS A 122 -15.47 -3.13 1.55
CA CYS A 122 -15.98 -2.25 0.46
C CYS A 122 -14.91 -2.08 -0.62
N LEU A 123 -15.32 -1.79 -1.83
CA LEU A 123 -14.33 -1.62 -2.94
C LEU A 123 -13.70 -0.22 -2.88
N ILE A 124 -12.41 -0.16 -2.73
CA ILE A 124 -11.72 1.17 -2.66
C ILE A 124 -10.79 1.34 -3.85
N ASN A 125 -10.14 0.27 -4.27
CA ASN A 125 -9.21 0.36 -5.43
C ASN A 125 -9.72 -0.50 -6.59
N ASN A 126 -9.09 -0.39 -7.74
CA ASN A 126 -9.53 -1.21 -8.91
C ASN A 126 -8.47 -2.25 -9.26
N SER A 127 -7.27 -1.82 -9.56
CA SER A 127 -6.18 -2.79 -9.91
C SER A 127 -5.11 -2.77 -8.81
N SER A 128 -5.23 -3.65 -7.85
CA SER A 128 -4.23 -3.70 -6.74
C SER A 128 -2.99 -4.49 -7.18
N TYR A 129 -1.86 -4.21 -6.59
CA TYR A 129 -0.61 -4.93 -6.96
C TYR A 129 -0.35 -6.09 -5.98
N ILE A 130 -1.40 -6.70 -5.49
CA ILE A 130 -1.22 -7.84 -4.53
C ILE A 130 -0.51 -9.01 -5.23
N ALA A 131 0.79 -8.98 -5.27
CA ALA A 131 1.55 -10.08 -5.94
C ALA A 131 3.04 -9.99 -5.56
N THR A 132 3.40 -10.48 -4.40
CA THR A 132 4.83 -10.42 -3.97
C THR A 132 5.71 -11.19 -4.96
N THR A 133 5.22 -12.26 -5.51
CA THR A 133 6.02 -13.05 -6.49
C THR A 133 5.60 -12.72 -7.92
N ALA A 134 6.25 -11.76 -8.52
CA ALA A 134 5.90 -11.37 -9.93
C ALA A 134 7.01 -10.52 -10.54
N LEU A 135 7.54 -9.59 -9.77
CA LEU A 135 8.64 -8.72 -10.30
C LEU A 135 9.98 -9.44 -10.22
N SER A 136 10.14 -10.31 -9.25
CA SER A 136 11.44 -11.06 -9.12
C SER A 136 11.47 -12.24 -10.09
N HIS A 137 10.33 -12.77 -10.42
CA HIS A 137 10.28 -13.93 -11.37
C HIS A 137 8.91 -14.00 -12.06
N PRO A 138 8.84 -14.73 -13.15
CA PRO A 138 7.56 -14.86 -13.90
C PRO A 138 6.59 -15.76 -13.11
N ILE A 139 5.32 -15.44 -13.15
CA ILE A 139 4.31 -16.26 -12.41
C ILE A 139 4.15 -17.62 -13.11
N GLU A 140 4.29 -17.65 -14.41
CA GLU A 140 4.14 -18.93 -15.18
C GLU A 140 2.80 -19.62 -14.84
N MET A 1 -17.72 -13.23 20.39
CA MET A 1 -17.38 -14.13 19.25
C MET A 1 -16.66 -15.38 19.75
N ARG A 2 -16.96 -16.53 19.20
CA ARG A 2 -16.29 -17.79 19.63
C ARG A 2 -15.21 -18.19 18.63
N GLY A 3 -15.60 -18.50 17.42
CA GLY A 3 -14.60 -18.90 16.39
C GLY A 3 -15.10 -18.47 15.01
N SER A 4 -14.20 -18.12 14.13
CA SER A 4 -14.61 -17.68 12.75
C SER A 4 -13.59 -18.16 11.72
N HIS A 5 -12.37 -17.69 11.81
CA HIS A 5 -11.32 -18.11 10.84
C HIS A 5 -10.70 -19.44 11.26
N HIS A 6 -10.46 -20.31 10.32
CA HIS A 6 -9.86 -21.64 10.67
C HIS A 6 -8.48 -21.79 10.03
N HIS A 7 -8.43 -21.95 8.73
CA HIS A 7 -7.12 -22.10 8.04
C HIS A 7 -7.17 -21.45 6.66
N HIS A 8 -8.23 -21.68 5.92
CA HIS A 8 -8.35 -21.08 4.56
C HIS A 8 -8.79 -19.61 4.66
N HIS A 9 -8.36 -18.80 3.74
CA HIS A 9 -8.74 -17.35 3.78
C HIS A 9 -9.22 -16.88 2.40
N HIS A 10 -9.65 -15.66 2.30
CA HIS A 10 -10.13 -15.12 0.98
C HIS A 10 -9.40 -13.83 0.64
N GLY A 11 -9.45 -13.42 -0.61
CA GLY A 11 -8.76 -12.16 -1.02
C GLY A 11 -9.64 -10.96 -0.65
N SER A 12 -10.56 -10.61 -1.50
CA SER A 12 -11.45 -9.45 -1.22
C SER A 12 -12.93 -9.86 -1.37
N ASN A 13 -13.81 -9.16 -0.71
CA ASN A 13 -15.27 -9.50 -0.81
C ASN A 13 -16.11 -8.23 -0.97
N ALA A 14 -15.50 -7.11 -1.29
CA ALA A 14 -16.27 -5.85 -1.46
C ALA A 14 -16.47 -5.56 -2.95
N LYS A 15 -17.12 -4.47 -3.26
CA LYS A 15 -17.36 -4.11 -4.70
C LYS A 15 -17.48 -2.59 -4.85
N PHE A 16 -16.85 -1.85 -3.99
CA PHE A 16 -16.92 -0.36 -4.07
C PHE A 16 -15.57 0.26 -3.67
N GLY A 17 -15.29 0.32 -2.39
CA GLY A 17 -13.99 0.91 -1.93
C GLY A 17 -13.57 0.23 -0.63
N LEU A 18 -14.29 0.48 0.44
CA LEU A 18 -13.93 -0.15 1.75
C LEU A 18 -15.00 -1.17 2.15
N TRP A 19 -14.62 -2.14 2.94
CA TRP A 19 -15.61 -3.18 3.38
C TRP A 19 -16.57 -2.59 4.42
N VAL A 20 -17.63 -3.29 4.72
CA VAL A 20 -18.60 -2.79 5.74
C VAL A 20 -18.90 -3.89 6.77
N ASP A 21 -18.12 -3.95 7.80
CA ASP A 21 -18.32 -4.98 8.87
C ASP A 21 -17.33 -4.77 10.02
N GLY A 22 -17.01 -3.53 10.31
CA GLY A 22 -16.05 -3.25 11.41
C GLY A 22 -16.41 -1.92 12.08
N ASN A 23 -15.52 -0.94 12.01
CA ASN A 23 -15.81 0.37 12.63
C ASN A 23 -15.11 1.50 11.88
N CYS A 24 -14.75 1.29 10.64
CA CYS A 24 -14.07 2.35 9.85
C CYS A 24 -15.09 3.16 9.05
N GLU A 25 -14.67 4.25 8.49
CA GLU A 25 -15.61 5.10 7.68
C GLU A 25 -15.96 4.39 6.36
N ASP A 26 -16.93 4.91 5.65
CA ASP A 26 -17.32 4.28 4.35
C ASP A 26 -16.22 4.48 3.30
N ILE A 27 -15.54 5.60 3.36
CA ILE A 27 -14.45 5.86 2.38
C ILE A 27 -13.30 6.64 3.06
N PRO A 28 -12.28 5.92 3.47
CA PRO A 28 -11.13 6.58 4.14
C PRO A 28 -10.30 7.37 3.13
N HIS A 29 -9.10 7.76 3.50
CA HIS A 29 -8.24 8.53 2.56
C HIS A 29 -6.94 7.76 2.26
N VAL A 30 -6.62 7.57 1.01
CA VAL A 30 -5.37 6.83 0.64
C VAL A 30 -4.35 7.80 0.03
N ASN A 31 -3.10 7.42 0.01
CA ASN A 31 -2.06 8.32 -0.57
C ASN A 31 -1.91 8.07 -2.07
N GLU A 32 -2.08 9.09 -2.86
CA GLU A 32 -1.97 8.91 -4.35
C GLU A 32 -0.49 8.87 -4.76
N PHE A 33 -0.21 8.33 -5.92
CA PHE A 33 1.20 8.25 -6.39
C PHE A 33 1.29 8.69 -7.86
N PRO A 34 1.78 9.90 -8.09
CA PRO A 34 1.91 10.41 -9.48
C PRO A 34 3.06 9.70 -10.20
N ALA A 35 2.94 8.41 -10.40
CA ALA A 35 4.02 7.65 -11.09
C ALA A 35 3.40 6.60 -12.03
N ILE A 36 3.91 6.49 -13.23
CA ILE A 36 3.35 5.49 -14.19
C ILE A 36 4.30 5.35 -15.39
N ASP A 37 4.85 6.43 -15.88
CA ASP A 37 5.79 6.36 -17.04
C ASP A 37 6.99 5.47 -16.69
N LEU A 38 7.82 5.91 -15.78
CA LEU A 38 9.02 5.09 -15.41
C LEU A 38 9.03 4.83 -13.90
N PHE A 39 7.87 4.64 -13.31
CA PHE A 39 7.80 4.38 -11.84
C PHE A 39 6.51 3.62 -11.50
N GLU A 40 6.37 3.21 -10.26
CA GLU A 40 5.14 2.48 -9.84
C GLU A 40 4.86 2.70 -8.36
N CYS A 41 3.84 2.09 -7.84
CA CYS A 41 3.50 2.26 -6.39
C CYS A 41 4.24 1.21 -5.55
N ASN A 42 5.54 1.13 -5.73
CA ASN A 42 6.33 0.14 -4.94
C ASN A 42 7.39 0.85 -4.08
N LYS A 43 7.22 2.12 -3.83
CA LYS A 43 8.21 2.87 -2.99
C LYS A 43 8.24 2.29 -1.57
N LEU A 44 7.14 1.74 -1.13
CA LEU A 44 7.09 1.17 0.25
C LEU A 44 7.45 -0.32 0.22
N VAL A 45 7.24 -1.01 1.32
CA VAL A 45 7.56 -2.47 1.38
C VAL A 45 6.41 -3.24 2.02
N PHE A 46 5.83 -2.71 3.07
CA PHE A 46 4.70 -3.42 3.76
C PHE A 46 3.91 -2.44 4.62
N GLU A 47 4.60 -1.63 5.38
CA GLU A 47 3.90 -0.63 6.25
C GLU A 47 4.43 0.78 5.97
N LEU A 48 3.93 1.76 6.68
CA LEU A 48 4.40 3.17 6.44
C LEU A 48 5.38 3.62 7.53
N SER A 49 5.65 2.81 8.52
CA SER A 49 6.60 3.23 9.60
C SER A 49 7.98 2.64 9.34
N ALA A 50 8.02 1.44 8.81
CA ALA A 50 9.33 0.79 8.52
C ALA A 50 9.62 0.81 7.01
N SER A 51 8.94 1.64 6.26
CA SER A 51 9.16 1.69 4.78
C SER A 51 10.35 2.60 4.43
N ASP A 52 11.12 3.03 5.40
CA ASP A 52 12.29 3.93 5.10
C ASP A 52 13.20 3.29 4.04
N GLN A 53 13.93 2.26 4.39
CA GLN A 53 14.83 1.60 3.40
C GLN A 53 15.37 0.27 3.97
N PRO A 54 14.46 -0.59 4.38
CA PRO A 54 14.89 -1.91 4.92
C PRO A 54 15.31 -2.85 3.80
N LYS A 55 16.57 -3.16 3.71
CA LYS A 55 17.06 -4.07 2.63
C LYS A 55 18.23 -4.91 3.15
N GLN A 56 19.39 -4.30 3.26
CA GLN A 56 20.59 -5.04 3.75
C GLN A 56 21.67 -4.06 4.20
N TYR A 57 22.66 -4.54 4.91
CA TYR A 57 23.75 -3.64 5.39
C TYR A 57 25.03 -4.45 5.65
N GLU A 58 24.90 -5.59 6.27
CA GLU A 58 26.10 -6.43 6.54
C GLU A 58 26.06 -7.71 5.70
N GLN A 59 25.49 -7.62 4.51
CA GLN A 59 25.41 -8.82 3.63
C GLN A 59 26.82 -9.32 3.27
N HIS A 60 26.91 -10.47 2.67
CA HIS A 60 28.26 -11.01 2.29
C HIS A 60 28.72 -10.39 0.97
N LEU A 61 27.80 -10.07 0.10
CA LEU A 61 28.17 -9.44 -1.21
C LEU A 61 28.91 -8.12 -0.99
N THR A 62 28.69 -7.49 0.14
CA THR A 62 29.36 -6.19 0.42
C THR A 62 30.55 -6.38 1.39
N ASP A 63 30.87 -7.59 1.73
CA ASP A 63 32.01 -7.83 2.69
C ASP A 63 33.34 -8.00 1.94
N TYR A 64 33.30 -8.36 0.68
CA TYR A 64 34.58 -8.55 -0.08
C TYR A 64 34.90 -7.32 -0.94
N GLU A 65 33.91 -6.55 -1.31
CA GLU A 65 34.15 -5.34 -2.15
C GLU A 65 35.02 -4.32 -1.40
N LYS A 66 35.15 -4.45 -0.11
CA LYS A 66 35.99 -3.48 0.68
C LYS A 66 37.42 -3.43 0.11
N ILE A 67 37.87 -4.50 -0.49
CA ILE A 67 39.25 -4.52 -1.07
C ILE A 67 39.19 -4.28 -2.59
N LYS A 68 38.06 -4.55 -3.20
CA LYS A 68 37.94 -4.34 -4.68
C LYS A 68 37.46 -2.92 -4.97
N GLU A 69 36.73 -2.33 -4.06
CA GLU A 69 36.22 -0.94 -4.28
C GLU A 69 37.19 0.09 -3.68
N GLY A 70 38.42 -0.28 -3.46
CA GLY A 70 39.41 0.68 -2.88
C GLY A 70 39.55 1.91 -3.79
N PHE A 71 39.31 1.73 -5.07
CA PHE A 71 39.43 2.88 -6.03
C PHE A 71 38.54 4.04 -5.58
N LYS A 72 39.09 5.00 -4.89
CA LYS A 72 38.28 6.16 -4.43
C LYS A 72 38.43 7.34 -5.40
N ASN A 73 38.74 7.06 -6.64
CA ASN A 73 38.90 8.16 -7.65
C ASN A 73 37.79 8.08 -8.71
N LYS A 74 36.72 7.38 -8.42
CA LYS A 74 35.61 7.27 -9.41
C LYS A 74 34.45 8.18 -9.00
N ASN A 75 34.25 8.36 -7.73
CA ASN A 75 33.14 9.24 -7.25
C ASN A 75 33.69 10.61 -6.86
N ALA A 76 34.93 10.67 -6.43
CA ALA A 76 35.54 11.98 -6.02
C ALA A 76 35.41 13.01 -7.15
N SER A 77 35.38 12.56 -8.38
CA SER A 77 35.25 13.51 -9.52
C SER A 77 33.78 13.89 -9.74
N MET A 78 32.86 13.05 -9.30
CA MET A 78 31.42 13.36 -9.47
C MET A 78 30.95 14.36 -8.42
N ILE A 79 31.60 14.38 -7.27
CA ILE A 79 31.19 15.34 -6.19
C ILE A 79 31.28 16.78 -6.70
N LYS A 80 32.37 17.15 -7.29
CA LYS A 80 32.53 18.54 -7.82
C LYS A 80 31.46 18.83 -8.89
N SER A 81 30.95 17.81 -9.52
CA SER A 81 29.91 18.01 -10.57
C SER A 81 28.59 17.34 -10.15
N ALA A 82 28.40 17.14 -8.88
CA ALA A 82 27.14 16.48 -8.41
C ALA A 82 26.03 17.53 -8.25
N PHE A 83 24.87 17.26 -8.78
CA PHE A 83 23.73 18.24 -8.67
C PHE A 83 23.32 18.39 -7.20
N LEU A 84 24.02 19.19 -6.45
CA LEU A 84 23.68 19.38 -5.01
C LEU A 84 22.47 20.31 -4.85
N PRO A 85 22.56 21.52 -5.39
CA PRO A 85 21.44 22.48 -5.27
C PRO A 85 20.28 22.08 -6.20
N THR A 86 20.59 21.40 -7.27
CA THR A 86 19.51 20.97 -8.21
C THR A 86 19.04 19.55 -7.90
N GLY A 87 19.94 18.69 -7.48
CA GLY A 87 19.55 17.29 -7.15
C GLY A 87 19.37 17.14 -5.64
N ALA A 88 18.98 18.21 -4.97
CA ALA A 88 18.78 18.13 -3.50
C ALA A 88 17.32 17.75 -3.17
N PHE A 89 16.41 18.02 -4.07
CA PHE A 89 14.97 17.68 -3.81
C PHE A 89 14.71 16.19 -4.01
N LYS A 90 15.56 15.51 -4.74
CA LYS A 90 15.36 14.04 -4.96
C LYS A 90 16.06 13.23 -3.86
N ALA A 91 17.09 13.78 -3.27
CA ALA A 91 17.81 13.04 -2.20
C ALA A 91 16.94 12.92 -0.94
N ASP A 92 15.81 13.60 -0.89
CA ASP A 92 14.92 13.52 0.32
C ASP A 92 14.59 12.06 0.68
N ARG A 93 14.08 11.30 -0.24
CA ARG A 93 13.73 9.88 0.07
C ARG A 93 14.46 8.92 -0.86
N TYR A 94 15.38 8.16 -0.33
CA TYR A 94 16.14 7.18 -1.14
C TYR A 94 15.43 5.82 -1.14
N LYS A 95 14.14 5.80 -1.34
CA LYS A 95 13.38 4.52 -1.33
C LYS A 95 13.28 3.93 -2.74
N SER A 96 13.41 4.76 -3.75
CA SER A 96 13.32 4.25 -5.15
C SER A 96 14.37 3.16 -5.42
N HIS A 97 15.40 3.10 -4.61
CA HIS A 97 16.46 2.07 -4.83
C HIS A 97 16.18 0.82 -3.98
N GLY A 98 14.92 0.55 -3.70
CA GLY A 98 14.58 -0.66 -2.88
C GLY A 98 13.30 -1.33 -3.42
N LYS A 99 12.88 -0.99 -4.61
CA LYS A 99 11.65 -1.62 -5.18
C LYS A 99 11.89 -3.11 -5.45
N GLY A 100 10.83 -3.86 -5.68
CA GLY A 100 10.99 -5.31 -5.95
C GLY A 100 9.76 -5.83 -6.72
N TYR A 101 8.60 -5.72 -6.13
CA TYR A 101 7.37 -6.19 -6.82
C TYR A 101 6.30 -5.10 -6.81
N ASN A 102 5.05 -5.46 -6.90
CA ASN A 102 3.96 -4.45 -6.90
C ASN A 102 2.81 -4.89 -5.99
N TRP A 103 2.51 -4.13 -4.97
CA TRP A 103 1.40 -4.50 -4.03
C TRP A 103 0.64 -3.25 -3.59
N GLY A 104 0.42 -2.34 -4.50
CA GLY A 104 -0.32 -1.09 -4.14
C GLY A 104 -1.73 -1.14 -4.72
N ASN A 105 -2.31 -0.01 -5.02
CA ASN A 105 -3.69 0.01 -5.59
C ASN A 105 -3.75 0.93 -6.81
N TYR A 106 -4.54 0.60 -7.80
CA TYR A 106 -4.64 1.48 -9.00
C TYR A 106 -6.11 1.76 -9.32
N ASN A 107 -6.39 2.95 -9.80
CA ASN A 107 -7.79 3.31 -10.15
C ASN A 107 -7.83 3.77 -11.61
N THR A 108 -8.79 3.31 -12.38
CA THR A 108 -8.85 3.73 -13.81
C THR A 108 -9.70 4.99 -13.98
N GLU A 109 -9.10 6.14 -13.77
CA GLU A 109 -9.84 7.42 -13.95
C GLU A 109 -9.10 8.28 -14.98
N THR A 110 -7.93 8.73 -14.65
CA THR A 110 -7.12 9.55 -15.59
C THR A 110 -5.77 8.87 -15.84
N GLN A 111 -4.87 8.95 -14.88
CA GLN A 111 -3.53 8.31 -15.02
C GLN A 111 -2.74 8.46 -13.71
N LYS A 112 -3.26 7.90 -12.64
CA LYS A 112 -2.56 8.02 -11.33
C LYS A 112 -2.65 6.72 -10.54
N CYS A 113 -1.87 6.59 -9.49
CA CYS A 113 -1.89 5.36 -8.66
C CYS A 113 -2.24 5.71 -7.22
N GLU A 114 -2.65 4.74 -6.44
CA GLU A 114 -3.00 5.00 -5.01
C GLU A 114 -2.57 3.84 -4.13
N ILE A 115 -2.36 4.08 -2.86
CA ILE A 115 -1.94 2.99 -1.93
C ILE A 115 -1.99 3.49 -0.48
N PHE A 116 -2.36 2.62 0.43
CA PHE A 116 -2.45 3.02 1.87
C PHE A 116 -2.16 1.82 2.77
N ASN A 117 -2.00 2.04 4.05
CA ASN A 117 -1.73 0.92 4.99
C ASN A 117 -2.88 -0.10 4.96
N VAL A 118 -2.57 -1.37 4.82
CA VAL A 118 -3.64 -2.41 4.78
C VAL A 118 -3.92 -2.92 6.20
N LYS A 119 -4.89 -2.34 6.87
CA LYS A 119 -5.21 -2.78 8.25
C LYS A 119 -6.46 -3.69 8.23
N PRO A 120 -6.60 -4.53 9.24
CA PRO A 120 -7.76 -5.44 9.30
C PRO A 120 -9.04 -4.66 9.61
N THR A 121 -8.98 -3.73 10.53
CA THR A 121 -10.20 -2.93 10.88
C THR A 121 -10.62 -2.08 9.67
N CYS A 122 -9.68 -1.72 8.83
CA CYS A 122 -10.02 -0.89 7.64
C CYS A 122 -9.15 -1.33 6.44
N LEU A 123 -9.78 -1.67 5.34
CA LEU A 123 -8.99 -2.11 4.15
C LEU A 123 -9.70 -1.70 2.86
N ILE A 124 -8.97 -1.14 1.93
CA ILE A 124 -9.56 -0.71 0.62
C ILE A 124 -8.83 -1.41 -0.52
N ASN A 125 -9.54 -1.81 -1.55
CA ASN A 125 -8.88 -2.49 -2.70
C ASN A 125 -9.58 -2.18 -4.02
N ASN A 126 -9.09 -1.20 -4.74
CA ASN A 126 -9.73 -0.83 -6.04
C ASN A 126 -9.26 -1.82 -7.13
N SER A 127 -8.13 -1.55 -7.77
CA SER A 127 -7.64 -2.48 -8.82
C SER A 127 -6.13 -2.65 -8.66
N SER A 128 -5.66 -3.84 -8.35
CA SER A 128 -4.18 -4.03 -8.16
C SER A 128 -3.82 -5.50 -7.92
N TYR A 129 -2.68 -5.74 -7.33
CA TYR A 129 -2.24 -7.12 -7.04
C TYR A 129 -1.32 -7.13 -5.81
N ILE A 130 -1.88 -7.34 -4.64
CA ILE A 130 -1.06 -7.35 -3.39
C ILE A 130 -0.44 -8.74 -3.18
N ALA A 131 0.71 -8.98 -3.77
CA ALA A 131 1.37 -10.31 -3.61
C ALA A 131 2.81 -10.26 -4.14
N THR A 132 3.69 -9.58 -3.46
CA THR A 132 5.11 -9.50 -3.92
C THR A 132 5.73 -10.89 -4.00
N THR A 133 5.64 -11.65 -2.94
CA THR A 133 6.22 -13.02 -2.94
C THR A 133 5.26 -14.00 -2.26
N ALA A 134 4.53 -14.77 -3.05
CA ALA A 134 3.57 -15.75 -2.45
C ALA A 134 3.28 -16.87 -3.46
N LEU A 135 2.54 -16.57 -4.48
CA LEU A 135 2.20 -17.60 -5.50
C LEU A 135 2.77 -17.21 -6.87
N SER A 136 3.39 -18.15 -7.55
CA SER A 136 3.97 -17.83 -8.89
C SER A 136 3.25 -18.63 -9.98
N HIS A 137 2.00 -18.96 -9.76
CA HIS A 137 1.23 -19.74 -10.78
C HIS A 137 -0.27 -19.76 -10.41
N PRO A 138 -0.94 -18.67 -10.65
CA PRO A 138 -2.39 -18.59 -10.33
C PRO A 138 -3.20 -19.45 -11.32
N ILE A 139 -2.99 -20.73 -11.32
CA ILE A 139 -3.75 -21.62 -12.26
C ILE A 139 -5.19 -21.83 -11.76
N GLU A 140 -5.40 -21.71 -10.46
CA GLU A 140 -6.77 -21.90 -9.90
C GLU A 140 -6.80 -21.46 -8.44
N MET A 1 -15.56 22.37 -9.12
CA MET A 1 -16.25 21.10 -9.46
C MET A 1 -15.78 19.98 -8.53
N ARG A 2 -16.45 19.79 -7.43
CA ARG A 2 -16.06 18.71 -6.47
C ARG A 2 -16.82 17.42 -6.78
N GLY A 3 -18.12 17.43 -6.59
CA GLY A 3 -18.92 16.20 -6.87
C GLY A 3 -20.31 16.62 -7.37
N SER A 4 -20.78 15.98 -8.41
CA SER A 4 -22.13 16.33 -8.95
C SER A 4 -22.98 15.06 -9.12
N HIS A 5 -24.20 15.09 -8.65
CA HIS A 5 -25.09 13.89 -8.78
C HIS A 5 -26.55 14.33 -8.91
N HIS A 6 -26.82 15.28 -9.76
CA HIS A 6 -28.22 15.75 -9.95
C HIS A 6 -28.94 14.88 -10.97
N HIS A 7 -28.25 14.45 -12.00
CA HIS A 7 -28.90 13.59 -13.04
C HIS A 7 -28.10 12.30 -13.23
N HIS A 8 -28.35 11.59 -14.30
CA HIS A 8 -27.61 10.31 -14.55
C HIS A 8 -26.17 10.61 -14.94
N HIS A 9 -25.23 9.99 -14.27
CA HIS A 9 -23.79 10.24 -14.59
C HIS A 9 -23.34 9.29 -15.71
N HIS A 10 -22.61 9.81 -16.67
CA HIS A 10 -22.12 8.95 -17.79
C HIS A 10 -20.78 8.30 -17.42
N GLY A 11 -20.73 7.64 -16.29
CA GLY A 11 -19.46 6.98 -15.87
C GLY A 11 -19.78 5.74 -15.03
N SER A 12 -19.55 4.57 -15.56
CA SER A 12 -19.84 3.32 -14.80
C SER A 12 -18.54 2.72 -14.24
N ASN A 13 -17.60 3.56 -13.89
CA ASN A 13 -16.31 3.06 -13.34
C ASN A 13 -16.08 3.64 -11.93
N ALA A 14 -15.78 4.91 -11.85
CA ALA A 14 -15.54 5.55 -10.52
C ALA A 14 -15.51 7.07 -10.65
N LYS A 15 -15.24 7.76 -9.58
CA LYS A 15 -15.18 9.26 -9.62
C LYS A 15 -14.66 9.79 -8.28
N PHE A 16 -15.09 9.19 -7.21
CA PHE A 16 -14.61 9.64 -5.86
C PHE A 16 -14.24 8.41 -5.03
N GLY A 17 -13.62 8.62 -3.90
CA GLY A 17 -13.22 7.48 -3.03
C GLY A 17 -14.29 7.21 -1.96
N LEU A 18 -15.53 7.47 -2.27
CA LEU A 18 -16.62 7.23 -1.28
C LEU A 18 -17.92 6.88 -2.00
N TRP A 19 -18.73 6.04 -1.40
CA TRP A 19 -20.02 5.64 -2.03
C TRP A 19 -21.10 5.48 -0.94
N VAL A 20 -22.33 5.31 -1.33
CA VAL A 20 -23.45 5.15 -0.32
C VAL A 20 -23.08 4.06 0.72
N ASP A 21 -23.29 4.34 1.97
CA ASP A 21 -22.95 3.35 3.05
C ASP A 21 -23.64 2.00 2.77
N GLY A 22 -22.87 0.94 2.76
CA GLY A 22 -23.44 -0.41 2.51
C GLY A 22 -22.52 -1.47 3.10
N ASN A 23 -21.24 -1.35 2.92
CA ASN A 23 -20.29 -2.36 3.47
C ASN A 23 -18.93 -1.72 3.79
N CYS A 24 -18.45 -0.84 2.95
CA CYS A 24 -17.14 -0.18 3.20
C CYS A 24 -17.32 1.09 4.03
N GLU A 25 -16.24 1.66 4.49
CA GLU A 25 -16.32 2.90 5.30
C GLU A 25 -15.96 4.11 4.44
N ASP A 26 -16.16 5.30 4.96
CA ASP A 26 -15.82 6.54 4.17
C ASP A 26 -14.39 6.48 3.64
N ILE A 27 -14.03 7.43 2.81
CA ILE A 27 -12.64 7.46 2.24
C ILE A 27 -11.59 7.49 3.37
N PRO A 28 -10.86 6.40 3.54
CA PRO A 28 -9.82 6.35 4.59
C PRO A 28 -8.61 7.17 4.17
N HIS A 29 -7.50 7.00 4.85
CA HIS A 29 -6.26 7.77 4.49
C HIS A 29 -5.33 6.90 3.65
N VAL A 30 -5.41 7.02 2.35
CA VAL A 30 -4.53 6.20 1.45
C VAL A 30 -3.55 7.11 0.71
N ASN A 31 -2.47 6.55 0.22
CA ASN A 31 -1.45 7.36 -0.52
C ASN A 31 -1.77 7.34 -2.03
N GLU A 32 -1.78 8.49 -2.66
CA GLU A 32 -2.07 8.54 -4.11
C GLU A 32 -0.79 8.87 -4.90
N PHE A 33 -0.55 8.16 -5.97
CA PHE A 33 0.67 8.42 -6.79
C PHE A 33 0.27 9.07 -8.13
N PRO A 34 0.24 10.38 -8.15
CA PRO A 34 -0.13 11.10 -9.40
C PRO A 34 1.01 11.02 -10.43
N ALA A 35 2.23 11.04 -9.97
CA ALA A 35 3.39 10.96 -10.91
C ALA A 35 3.79 9.51 -11.15
N ILE A 36 4.63 9.27 -12.12
CA ILE A 36 5.07 7.87 -12.43
C ILE A 36 6.26 7.90 -13.39
N ASP A 37 7.16 8.82 -13.18
CA ASP A 37 8.36 8.92 -14.08
C ASP A 37 9.16 7.63 -14.06
N LEU A 38 9.75 7.29 -12.94
CA LEU A 38 10.55 6.03 -12.85
C LEU A 38 10.18 5.26 -11.58
N PHE A 39 8.92 5.15 -11.28
CA PHE A 39 8.50 4.41 -10.05
C PHE A 39 6.99 4.17 -10.06
N GLU A 40 6.56 3.00 -9.65
CA GLU A 40 5.10 2.68 -9.63
C GLU A 40 4.52 2.99 -8.24
N CYS A 41 3.44 2.35 -7.87
CA CYS A 41 2.84 2.59 -6.53
C CYS A 41 3.56 1.75 -5.47
N ASN A 42 4.85 1.92 -5.35
CA ASN A 42 5.63 1.14 -4.34
C ASN A 42 6.93 1.87 -4.01
N LYS A 43 6.92 3.16 -4.04
CA LYS A 43 8.14 3.95 -3.73
C LYS A 43 8.27 4.20 -2.22
N LEU A 44 7.17 4.14 -1.50
CA LEU A 44 7.22 4.38 -0.02
C LEU A 44 8.18 3.39 0.64
N VAL A 45 8.44 3.57 1.92
CA VAL A 45 9.37 2.64 2.64
C VAL A 45 8.72 1.25 2.79
N PHE A 46 7.88 1.07 3.78
CA PHE A 46 7.23 -0.26 3.96
C PHE A 46 5.97 -0.12 4.83
N GLU A 47 5.36 1.04 4.83
CA GLU A 47 4.12 1.22 5.65
C GLU A 47 3.48 2.58 5.34
N LEU A 48 2.51 2.99 6.13
CA LEU A 48 1.84 4.29 5.90
C LEU A 48 2.34 5.35 6.91
N SER A 49 3.30 5.02 7.73
CA SER A 49 3.82 6.01 8.74
C SER A 49 4.23 7.31 8.05
N ALA A 50 4.65 7.22 6.81
CA ALA A 50 5.07 8.46 6.07
C ALA A 50 3.86 9.37 5.89
N SER A 51 2.69 8.80 5.76
CA SER A 51 1.46 9.63 5.58
C SER A 51 0.72 9.82 6.91
N ASP A 52 1.33 9.44 8.01
CA ASP A 52 0.66 9.60 9.34
C ASP A 52 1.06 10.92 10.02
N GLN A 53 1.76 11.79 9.31
CA GLN A 53 2.18 13.09 9.93
C GLN A 53 1.27 14.22 9.43
N PRO A 54 0.29 14.59 10.24
CA PRO A 54 -0.64 15.68 9.85
C PRO A 54 0.07 17.04 9.93
N LYS A 55 1.16 17.13 10.66
CA LYS A 55 1.89 18.44 10.78
C LYS A 55 2.26 18.98 9.39
N GLN A 56 3.17 18.34 8.72
CA GLN A 56 3.59 18.82 7.36
C GLN A 56 2.39 18.87 6.42
N TYR A 57 1.87 20.05 6.17
CA TYR A 57 0.68 20.18 5.26
C TYR A 57 0.98 21.19 4.16
N GLU A 58 1.46 22.36 4.52
CA GLU A 58 1.77 23.40 3.49
C GLU A 58 2.92 24.29 3.96
N GLN A 59 4.13 23.79 3.86
CA GLN A 59 5.32 24.60 4.30
C GLN A 59 6.61 23.99 3.76
N HIS A 60 6.73 22.68 3.81
CA HIS A 60 7.97 22.02 3.30
C HIS A 60 7.74 21.45 1.89
N LEU A 61 6.73 21.91 1.20
CA LEU A 61 6.46 21.39 -0.18
C LEU A 61 7.62 21.75 -1.11
N THR A 62 8.14 22.96 -0.98
CA THR A 62 9.28 23.38 -1.86
C THR A 62 10.49 22.45 -1.65
N ASP A 63 10.58 21.82 -0.51
CA ASP A 63 11.72 20.90 -0.25
C ASP A 63 11.36 19.46 -0.63
N TYR A 64 10.10 19.13 -0.61
CA TYR A 64 9.66 17.75 -0.97
C TYR A 64 9.60 17.59 -2.49
N GLU A 65 9.34 18.65 -3.20
CA GLU A 65 9.26 18.56 -4.70
C GLU A 65 10.60 18.08 -5.29
N LYS A 66 11.68 18.21 -4.55
CA LYS A 66 13.00 17.75 -5.07
C LYS A 66 13.35 16.36 -4.53
N ILE A 67 12.41 15.68 -3.92
CA ILE A 67 12.70 14.31 -3.38
C ILE A 67 12.22 13.24 -4.36
N LYS A 68 11.23 13.56 -5.17
CA LYS A 68 10.71 12.55 -6.15
C LYS A 68 11.82 12.14 -7.12
N GLU A 69 12.72 13.04 -7.43
CA GLU A 69 13.84 12.70 -8.35
C GLU A 69 15.17 12.64 -7.60
N GLY A 70 15.13 12.47 -6.30
CA GLY A 70 16.39 12.42 -5.51
C GLY A 70 16.52 11.04 -4.86
N PHE A 71 16.95 10.05 -5.61
CA PHE A 71 17.09 8.68 -5.03
C PHE A 71 18.41 8.57 -4.26
N LYS A 72 18.45 9.11 -3.08
CA LYS A 72 19.70 9.03 -2.26
C LYS A 72 19.41 8.44 -0.88
N ASN A 73 18.49 7.51 -0.80
CA ASN A 73 18.15 6.89 0.51
C ASN A 73 17.97 5.38 0.35
N LYS A 74 18.66 4.79 -0.59
CA LYS A 74 18.54 3.32 -0.82
C LYS A 74 19.55 2.56 0.06
N ASN A 75 19.88 1.36 -0.32
CA ASN A 75 20.86 0.57 0.48
C ASN A 75 22.30 1.03 0.18
N ALA A 76 22.56 1.40 -1.04
CA ALA A 76 23.93 1.87 -1.42
C ALA A 76 24.31 3.11 -0.61
N SER A 77 23.33 3.89 -0.21
CA SER A 77 23.62 5.12 0.58
C SER A 77 23.50 4.83 2.08
N MET A 78 22.65 3.88 2.44
CA MET A 78 22.49 3.54 3.88
C MET A 78 23.82 3.07 4.48
N ILE A 79 24.68 2.52 3.67
CA ILE A 79 26.00 2.04 4.19
C ILE A 79 26.89 3.23 4.53
N LYS A 80 26.70 4.34 3.86
CA LYS A 80 27.53 5.55 4.13
C LYS A 80 27.00 6.29 5.35
N SER A 81 25.72 6.18 5.62
CA SER A 81 25.13 6.88 6.79
C SER A 81 25.00 5.92 7.98
N ALA A 82 24.56 4.72 7.72
CA ALA A 82 24.40 3.71 8.82
C ALA A 82 25.63 2.81 8.90
N PHE A 83 26.44 2.98 9.92
CA PHE A 83 27.66 2.13 10.07
C PHE A 83 27.30 0.80 10.73
N LEU A 84 26.71 -0.10 9.99
CA LEU A 84 26.33 -1.43 10.57
C LEU A 84 25.98 -2.43 9.45
N PRO A 85 26.97 -3.18 9.01
CA PRO A 85 26.73 -4.17 7.93
C PRO A 85 25.91 -5.35 8.47
N THR A 86 24.69 -5.11 8.87
CA THR A 86 23.84 -6.21 9.40
C THR A 86 23.23 -7.01 8.25
N GLY A 87 22.96 -6.36 7.14
CA GLY A 87 22.36 -7.08 5.98
C GLY A 87 23.01 -6.57 4.69
N ALA A 88 24.32 -6.58 4.63
CA ALA A 88 25.02 -6.10 3.41
C ALA A 88 25.02 -7.19 2.33
N PHE A 89 24.98 -8.44 2.74
CA PHE A 89 24.98 -9.56 1.75
C PHE A 89 23.71 -9.51 0.90
N LYS A 90 22.65 -8.93 1.41
CA LYS A 90 21.38 -8.85 0.63
C LYS A 90 21.59 -8.10 -0.69
N ALA A 91 22.64 -7.31 -0.78
CA ALA A 91 22.92 -6.56 -2.04
C ALA A 91 23.06 -7.52 -3.23
N ASP A 92 23.33 -8.78 -2.97
CA ASP A 92 23.48 -9.77 -4.09
C ASP A 92 22.23 -9.80 -4.97
N ARG A 93 21.10 -9.35 -4.46
CA ARG A 93 19.84 -9.36 -5.27
C ARG A 93 20.05 -8.61 -6.60
N TYR A 94 19.56 -9.15 -7.68
CA TYR A 94 19.73 -8.48 -9.00
C TYR A 94 18.72 -7.33 -9.14
N LYS A 95 18.85 -6.55 -10.19
CA LYS A 95 17.90 -5.40 -10.40
C LYS A 95 16.44 -5.86 -10.31
N SER A 96 16.10 -6.92 -10.98
CA SER A 96 14.69 -7.41 -10.95
C SER A 96 14.31 -7.83 -9.52
N HIS A 97 15.27 -8.22 -8.73
CA HIS A 97 14.98 -8.65 -7.33
C HIS A 97 15.24 -7.50 -6.36
N GLY A 98 15.08 -6.28 -6.81
CA GLY A 98 15.31 -5.10 -5.92
C GLY A 98 13.99 -4.36 -5.69
N LYS A 99 13.16 -4.27 -6.70
CA LYS A 99 11.86 -3.57 -6.55
C LYS A 99 10.76 -4.57 -6.22
N GLY A 100 10.39 -5.38 -7.20
CA GLY A 100 9.30 -6.44 -7.08
C GLY A 100 8.58 -6.45 -5.73
N TYR A 101 7.87 -5.41 -5.44
CA TYR A 101 7.13 -5.33 -4.14
C TYR A 101 5.84 -4.54 -4.32
N ASN A 102 4.95 -5.03 -5.16
CA ASN A 102 3.66 -4.31 -5.39
C ASN A 102 2.57 -4.90 -4.49
N TRP A 103 1.81 -4.06 -3.83
CA TRP A 103 0.72 -4.56 -2.94
C TRP A 103 -0.32 -3.46 -2.71
N GLY A 104 -0.53 -2.61 -3.69
CA GLY A 104 -1.54 -1.52 -3.53
C GLY A 104 -2.63 -1.68 -4.59
N ASN A 105 -3.06 -0.59 -5.17
CA ASN A 105 -4.12 -0.66 -6.22
C ASN A 105 -3.88 0.40 -7.29
N TYR A 106 -4.48 0.24 -8.44
CA TYR A 106 -4.28 1.25 -9.53
C TYR A 106 -5.63 1.71 -10.09
N ASN A 107 -5.89 2.99 -10.05
CA ASN A 107 -7.18 3.52 -10.58
C ASN A 107 -7.02 3.93 -12.05
N THR A 108 -7.87 3.46 -12.92
CA THR A 108 -7.74 3.82 -14.36
C THR A 108 -8.53 5.10 -14.67
N GLU A 109 -7.94 6.24 -14.45
CA GLU A 109 -8.63 7.52 -14.75
C GLU A 109 -7.79 8.32 -15.74
N THR A 110 -6.62 8.74 -15.33
CA THR A 110 -5.72 9.50 -16.23
C THR A 110 -4.39 8.76 -16.38
N GLN A 111 -3.62 8.71 -15.33
CA GLN A 111 -2.31 7.98 -15.37
C GLN A 111 -1.69 7.94 -13.97
N LYS A 112 -2.41 7.39 -13.01
CA LYS A 112 -1.87 7.32 -11.62
C LYS A 112 -2.40 6.07 -10.89
N CYS A 113 -2.01 5.90 -9.66
CA CYS A 113 -2.49 4.72 -8.87
C CYS A 113 -2.50 5.07 -7.38
N GLU A 114 -3.05 4.20 -6.56
CA GLU A 114 -3.09 4.49 -5.09
C GLU A 114 -2.63 3.27 -4.30
N ILE A 115 -2.23 3.48 -3.06
CA ILE A 115 -1.76 2.35 -2.22
C ILE A 115 -2.15 2.59 -0.75
N PHE A 116 -2.54 1.56 -0.05
CA PHE A 116 -2.93 1.72 1.38
C PHE A 116 -3.11 0.34 2.04
N ASN A 117 -3.74 0.29 3.18
CA ASN A 117 -3.93 -1.02 3.88
C ASN A 117 -4.74 -1.96 2.99
N VAL A 118 -5.21 -3.06 3.55
CA VAL A 118 -6.01 -4.03 2.76
C VAL A 118 -7.47 -4.03 3.22
N LYS A 119 -8.39 -4.27 2.31
CA LYS A 119 -9.83 -4.29 2.70
C LYS A 119 -10.49 -5.58 2.19
N PRO A 120 -11.48 -6.07 2.92
CA PRO A 120 -12.18 -7.30 2.51
C PRO A 120 -13.14 -7.03 1.34
N THR A 121 -14.31 -6.51 1.61
CA THR A 121 -15.28 -6.22 0.50
C THR A 121 -15.50 -4.71 0.37
N CYS A 122 -15.09 -4.14 -0.73
CA CYS A 122 -15.26 -2.67 -0.94
C CYS A 122 -15.28 -2.34 -2.43
N LEU A 123 -15.77 -1.18 -2.78
CA LEU A 123 -15.83 -0.79 -4.23
C LEU A 123 -15.34 0.65 -4.41
N ILE A 124 -14.08 0.89 -4.17
CA ILE A 124 -13.53 2.28 -4.33
C ILE A 124 -12.38 2.28 -5.34
N ASN A 125 -11.55 1.27 -5.30
CA ASN A 125 -10.40 1.21 -6.26
C ASN A 125 -10.76 0.32 -7.46
N ASN A 126 -10.03 0.45 -8.54
CA ASN A 126 -10.32 -0.38 -9.74
C ASN A 126 -9.54 -1.70 -9.68
N SER A 127 -8.23 -1.63 -9.69
CA SER A 127 -7.41 -2.87 -9.62
C SER A 127 -6.59 -2.90 -8.33
N SER A 128 -6.68 -3.97 -7.58
CA SER A 128 -5.91 -4.06 -6.31
C SER A 128 -4.95 -5.25 -6.35
N TYR A 129 -3.73 -5.03 -6.78
CA TYR A 129 -2.73 -6.14 -6.85
C TYR A 129 -2.05 -6.33 -5.50
N ILE A 130 -2.41 -7.35 -4.78
CA ILE A 130 -1.79 -7.60 -3.44
C ILE A 130 -0.86 -8.82 -3.52
N ALA A 131 0.18 -8.74 -4.30
CA ALA A 131 1.13 -9.88 -4.43
C ALA A 131 2.55 -9.36 -4.66
N THR A 132 3.38 -9.42 -3.65
CA THR A 132 4.79 -8.94 -3.80
C THR A 132 5.65 -10.00 -4.49
N THR A 133 5.87 -11.11 -3.84
CA THR A 133 6.70 -12.20 -4.45
C THR A 133 6.37 -13.54 -3.79
N ALA A 134 5.41 -14.26 -4.33
CA ALA A 134 5.05 -15.58 -3.75
C ALA A 134 4.41 -16.48 -4.82
N LEU A 135 3.17 -16.21 -5.17
CA LEU A 135 2.49 -17.02 -6.21
C LEU A 135 1.59 -16.15 -7.08
N SER A 136 1.59 -16.38 -8.37
CA SER A 136 0.73 -15.56 -9.28
C SER A 136 -0.38 -16.43 -9.89
N HIS A 137 -1.28 -16.91 -9.06
CA HIS A 137 -2.39 -17.76 -9.58
C HIS A 137 -3.44 -16.87 -10.30
N PRO A 138 -4.00 -15.91 -9.60
CA PRO A 138 -5.01 -15.03 -10.24
C PRO A 138 -4.35 -14.11 -11.27
N ILE A 139 -5.05 -13.10 -11.72
CA ILE A 139 -4.47 -12.16 -12.73
C ILE A 139 -5.27 -10.85 -12.77
N GLU A 140 -6.57 -10.93 -12.69
CA GLU A 140 -7.43 -9.69 -12.72
C GLU A 140 -7.09 -8.83 -13.95
N MET A 1 12.86 -17.36 14.31
CA MET A 1 13.96 -16.84 13.46
C MET A 1 14.74 -15.75 14.21
N ARG A 2 15.96 -15.50 13.80
CA ARG A 2 16.77 -14.44 14.48
C ARG A 2 17.05 -13.28 13.53
N GLY A 3 17.05 -13.53 12.25
CA GLY A 3 17.31 -12.45 11.26
C GLY A 3 16.44 -12.67 10.02
N SER A 4 16.15 -11.61 9.29
CA SER A 4 15.30 -11.75 8.06
C SER A 4 15.73 -10.73 7.01
N HIS A 5 15.51 -9.46 7.27
CA HIS A 5 15.90 -8.41 6.29
C HIS A 5 16.62 -7.26 6.99
N HIS A 6 17.27 -6.40 6.25
CA HIS A 6 17.99 -5.25 6.86
C HIS A 6 16.97 -4.24 7.43
N HIS A 7 17.42 -3.04 7.70
CA HIS A 7 16.48 -2.00 8.25
C HIS A 7 15.34 -1.75 7.27
N HIS A 8 14.31 -1.06 7.70
CA HIS A 8 13.14 -0.78 6.80
C HIS A 8 13.35 0.55 6.09
N HIS A 9 12.72 0.72 4.95
CA HIS A 9 12.87 2.00 4.19
C HIS A 9 11.76 2.98 4.59
N HIS A 10 11.91 4.23 4.24
CA HIS A 10 10.87 5.25 4.60
C HIS A 10 10.61 6.18 3.42
N GLY A 11 9.75 7.15 3.61
CA GLY A 11 9.44 8.11 2.50
C GLY A 11 8.72 9.34 3.07
N SER A 12 8.02 10.06 2.24
CA SER A 12 7.29 11.27 2.73
C SER A 12 6.33 11.79 1.65
N ASN A 13 5.10 11.35 1.67
CA ASN A 13 4.12 11.81 0.65
C ASN A 13 2.70 11.39 1.04
N ALA A 14 1.72 12.19 0.69
CA ALA A 14 0.30 11.85 1.05
C ALA A 14 -0.66 12.61 0.15
N LYS A 15 -1.93 12.33 0.23
CA LYS A 15 -2.93 13.04 -0.61
C LYS A 15 -4.31 13.06 0.08
N PHE A 16 -5.35 13.29 -0.67
CA PHE A 16 -6.72 13.33 -0.07
C PHE A 16 -7.76 12.90 -1.10
N GLY A 17 -8.12 11.64 -1.11
CA GLY A 17 -9.13 11.15 -2.10
C GLY A 17 -10.46 10.89 -1.37
N LEU A 18 -11.55 11.36 -1.94
CA LEU A 18 -12.88 11.14 -1.30
C LEU A 18 -13.79 10.33 -2.23
N TRP A 19 -15.06 10.31 -1.96
CA TRP A 19 -16.00 9.53 -2.83
C TRP A 19 -17.45 9.99 -2.58
N VAL A 20 -18.38 9.54 -3.40
CA VAL A 20 -19.81 9.94 -3.20
C VAL A 20 -20.35 9.30 -1.92
N ASP A 21 -21.53 9.70 -1.50
CA ASP A 21 -22.13 9.12 -0.25
C ASP A 21 -22.26 7.60 -0.38
N GLY A 22 -21.58 6.87 0.47
CA GLY A 22 -21.66 5.38 0.42
C GLY A 22 -21.59 4.81 1.85
N ASN A 23 -20.66 3.93 2.10
CA ASN A 23 -20.54 3.34 3.47
C ASN A 23 -19.11 3.49 3.99
N CYS A 24 -18.38 4.47 3.50
CA CYS A 24 -16.98 4.68 3.96
C CYS A 24 -16.95 5.66 5.14
N GLU A 25 -15.83 5.80 5.76
CA GLU A 25 -15.72 6.75 6.92
C GLU A 25 -15.83 8.19 6.44
N ASP A 26 -15.94 9.13 7.34
CA ASP A 26 -16.05 10.58 6.94
C ASP A 26 -14.95 10.96 5.94
N ILE A 27 -13.84 10.27 5.99
CA ILE A 27 -12.72 10.58 5.04
C ILE A 27 -11.68 9.44 5.07
N PRO A 28 -11.50 8.77 3.95
CA PRO A 28 -10.51 7.67 3.89
C PRO A 28 -9.08 8.24 3.93
N HIS A 29 -8.10 7.39 4.07
CA HIS A 29 -6.69 7.89 4.12
C HIS A 29 -5.73 6.92 3.43
N VAL A 30 -5.49 7.10 2.16
CA VAL A 30 -4.55 6.20 1.43
C VAL A 30 -3.52 7.06 0.67
N ASN A 31 -2.41 6.47 0.28
CA ASN A 31 -1.37 7.27 -0.45
C ASN A 31 -1.64 7.24 -1.96
N GLU A 32 -2.03 8.35 -2.51
CA GLU A 32 -2.31 8.42 -3.97
C GLU A 32 -1.03 8.80 -4.73
N PHE A 33 -0.76 8.13 -5.82
CA PHE A 33 0.47 8.45 -6.61
C PHE A 33 0.10 8.65 -8.09
N PRO A 34 -0.14 9.88 -8.48
CA PRO A 34 -0.50 10.16 -9.90
C PRO A 34 0.73 10.02 -10.80
N ALA A 35 1.86 10.51 -10.35
CA ALA A 35 3.10 10.42 -11.17
C ALA A 35 3.59 8.98 -11.22
N ILE A 36 3.40 8.31 -12.33
CA ILE A 36 3.85 6.89 -12.45
C ILE A 36 4.33 6.62 -13.89
N ASP A 37 4.78 7.64 -14.57
CA ASP A 37 5.27 7.44 -15.98
C ASP A 37 6.70 6.90 -15.98
N LEU A 38 7.57 7.52 -15.23
CA LEU A 38 9.00 7.06 -15.19
C LEU A 38 9.21 6.14 -13.98
N PHE A 39 8.48 6.35 -12.92
CA PHE A 39 8.63 5.48 -11.71
C PHE A 39 7.29 4.88 -11.30
N GLU A 40 7.27 4.09 -10.28
CA GLU A 40 5.99 3.45 -9.82
C GLU A 40 5.81 3.65 -8.31
N CYS A 41 4.59 3.74 -7.86
CA CYS A 41 4.35 3.92 -6.39
C CYS A 41 4.90 2.73 -5.59
N ASN A 42 5.14 1.61 -6.24
CA ASN A 42 5.69 0.42 -5.52
C ASN A 42 6.99 0.77 -4.79
N LYS A 43 7.70 1.76 -5.28
CA LYS A 43 8.99 2.16 -4.62
C LYS A 43 8.73 2.61 -3.18
N LEU A 44 7.58 3.17 -2.93
CA LEU A 44 7.26 3.64 -1.55
C LEU A 44 6.30 2.66 -0.87
N VAL A 45 6.83 1.77 -0.07
CA VAL A 45 5.97 0.77 0.64
C VAL A 45 5.85 1.11 2.13
N PHE A 46 6.83 1.81 2.66
CA PHE A 46 6.77 2.19 4.10
C PHE A 46 6.61 3.71 4.26
N GLU A 47 5.53 4.25 3.75
CA GLU A 47 5.31 5.73 3.84
C GLU A 47 4.29 6.06 4.94
N LEU A 48 3.87 5.08 5.71
CA LEU A 48 2.88 5.35 6.81
C LEU A 48 3.59 5.38 8.16
N SER A 49 4.50 4.46 8.38
CA SER A 49 5.24 4.43 9.67
C SER A 49 6.52 5.27 9.59
N ALA A 50 6.82 5.85 8.45
CA ALA A 50 8.05 6.69 8.31
C ALA A 50 7.78 8.14 8.74
N SER A 51 6.62 8.42 9.31
CA SER A 51 6.32 9.81 9.74
C SER A 51 7.33 10.29 10.77
N ASP A 52 7.88 9.38 11.54
CA ASP A 52 8.88 9.75 12.59
C ASP A 52 10.32 9.60 12.05
N GLN A 53 10.47 9.34 10.77
CA GLN A 53 11.85 9.18 10.20
C GLN A 53 12.66 10.47 10.41
N PRO A 54 13.68 10.41 11.25
CA PRO A 54 14.51 11.61 11.50
C PRO A 54 15.37 11.94 10.28
N LYS A 55 16.31 12.84 10.42
CA LYS A 55 17.19 13.21 9.27
C LYS A 55 18.36 12.22 9.16
N GLN A 56 19.05 12.23 8.04
CA GLN A 56 20.20 11.31 7.85
C GLN A 56 21.45 11.89 8.53
N TYR A 57 21.79 11.39 9.69
CA TYR A 57 23.00 11.91 10.41
C TYR A 57 24.27 11.55 9.63
N GLU A 58 24.25 10.44 8.92
CA GLU A 58 25.46 10.03 8.14
C GLU A 58 25.04 9.50 6.77
N GLN A 59 24.44 8.33 6.74
CA GLN A 59 24.00 7.74 5.44
C GLN A 59 23.08 6.54 5.68
N HIS A 60 22.73 5.83 4.64
CA HIS A 60 21.82 4.65 4.80
C HIS A 60 22.59 3.35 4.54
N LEU A 61 23.90 3.38 4.61
CA LEU A 61 24.70 2.14 4.38
C LEU A 61 25.27 1.63 5.71
N THR A 62 25.52 2.51 6.64
CA THR A 62 26.07 2.09 7.96
C THR A 62 24.96 1.61 8.90
N ASP A 63 23.74 1.55 8.44
CA ASP A 63 22.61 1.10 9.32
C ASP A 63 22.85 -0.32 9.85
N TYR A 64 23.74 -1.08 9.25
CA TYR A 64 24.00 -2.47 9.72
C TYR A 64 24.38 -2.48 11.22
N GLU A 65 24.86 -1.37 11.72
CA GLU A 65 25.24 -1.31 13.18
C GLU A 65 24.03 -1.58 14.07
N LYS A 66 22.83 -1.45 13.54
CA LYS A 66 21.62 -1.69 14.38
C LYS A 66 21.40 -3.19 14.66
N ILE A 67 22.22 -4.06 14.09
CA ILE A 67 22.05 -5.53 14.35
C ILE A 67 22.10 -5.82 15.86
N LYS A 68 22.76 -4.98 16.61
CA LYS A 68 22.84 -5.20 18.09
C LYS A 68 21.73 -4.42 18.81
N GLU A 69 21.15 -3.45 18.16
CA GLU A 69 20.05 -2.66 18.81
C GLU A 69 18.68 -3.26 18.50
N GLY A 70 18.63 -4.51 18.12
CA GLY A 70 17.32 -5.15 17.80
C GLY A 70 16.40 -5.10 19.01
N PHE A 71 16.96 -5.08 20.20
CA PHE A 71 16.12 -5.03 21.44
C PHE A 71 15.20 -3.79 21.41
N LYS A 72 14.01 -3.95 20.90
CA LYS A 72 13.07 -2.79 20.84
C LYS A 72 11.84 -3.06 21.72
N ASN A 73 12.04 -3.61 22.89
CA ASN A 73 10.90 -3.91 23.80
C ASN A 73 10.87 -2.90 24.96
N LYS A 74 12.02 -2.41 25.35
CA LYS A 74 12.07 -1.42 26.46
C LYS A 74 12.33 -0.01 25.92
N ASN A 75 13.00 0.08 24.80
CA ASN A 75 13.29 1.42 24.20
C ASN A 75 12.14 1.87 23.32
N ALA A 76 11.47 0.94 22.68
CA ALA A 76 10.32 1.30 21.80
C ALA A 76 9.23 2.02 22.59
N SER A 77 9.12 1.74 23.86
CA SER A 77 8.07 2.40 24.71
C SER A 77 8.70 3.46 25.62
N MET A 78 9.98 3.72 25.49
CA MET A 78 10.63 4.75 26.36
C MET A 78 10.89 6.03 25.56
N ILE A 79 11.05 5.92 24.26
CA ILE A 79 11.31 7.12 23.42
C ILE A 79 10.43 7.09 22.18
N LYS A 80 10.59 6.09 21.37
CA LYS A 80 9.76 5.97 20.12
C LYS A 80 8.27 6.00 20.45
N SER A 81 7.91 5.61 21.65
CA SER A 81 6.46 5.62 22.04
C SER A 81 6.32 5.69 23.56
N ALA A 82 6.50 6.84 24.13
CA ALA A 82 6.38 6.98 25.61
C ALA A 82 5.01 7.55 25.98
N PHE A 83 4.60 8.61 25.31
CA PHE A 83 3.28 9.22 25.60
C PHE A 83 2.28 8.82 24.51
N LEU A 84 1.57 7.74 24.71
CA LEU A 84 0.57 7.31 23.69
C LEU A 84 -0.81 7.07 24.31
N PRO A 85 -1.30 8.04 25.05
CA PRO A 85 -2.63 7.90 25.69
C PRO A 85 -3.75 7.97 24.63
N THR A 86 -3.78 7.02 23.75
CA THR A 86 -4.83 7.02 22.68
C THR A 86 -4.89 5.64 22.00
N GLY A 87 -5.38 4.65 22.69
CA GLY A 87 -5.46 3.28 22.10
C GLY A 87 -6.33 3.30 20.84
N ALA A 88 -7.27 4.22 20.77
CA ALA A 88 -8.17 4.29 19.58
C ALA A 88 -7.34 4.49 18.30
N PHE A 89 -6.56 5.54 18.23
CA PHE A 89 -5.73 5.79 17.02
C PHE A 89 -4.35 5.12 17.16
N LYS A 90 -4.31 3.90 17.63
CA LYS A 90 -3.00 3.20 17.80
C LYS A 90 -2.65 2.42 16.52
N ALA A 91 -3.63 2.07 15.73
CA ALA A 91 -3.34 1.31 14.47
C ALA A 91 -2.40 2.11 13.56
N ASP A 92 -2.29 3.40 13.77
CA ASP A 92 -1.40 4.23 12.92
C ASP A 92 0.03 4.22 13.46
N ARG A 93 0.17 4.49 14.73
CA ARG A 93 1.53 4.51 15.35
C ARG A 93 2.10 3.09 15.44
N TYR A 94 1.24 2.09 15.45
CA TYR A 94 1.72 0.67 15.53
C TYR A 94 2.81 0.39 14.48
N LYS A 95 3.65 -0.58 14.73
CA LYS A 95 4.73 -0.92 13.75
C LYS A 95 4.12 -1.36 12.43
N SER A 96 4.95 -1.60 11.43
CA SER A 96 4.43 -2.05 10.11
C SER A 96 4.35 -3.57 10.05
N HIS A 97 3.72 -4.17 11.02
CA HIS A 97 3.59 -5.67 11.03
C HIS A 97 2.87 -6.16 9.76
N GLY A 98 2.12 -5.31 9.12
CA GLY A 98 1.39 -5.73 7.87
C GLY A 98 2.35 -5.76 6.68
N LYS A 99 3.60 -5.42 6.86
CA LYS A 99 4.57 -5.44 5.71
C LYS A 99 4.60 -6.82 5.05
N GLY A 100 4.75 -6.87 3.75
CA GLY A 100 4.81 -8.19 3.04
C GLY A 100 4.99 -7.95 1.54
N TYR A 101 4.04 -7.31 0.90
CA TYR A 101 4.16 -7.05 -0.56
C TYR A 101 3.72 -5.61 -0.87
N ASN A 102 3.39 -5.33 -2.10
CA ASN A 102 2.94 -3.96 -2.47
C ASN A 102 1.47 -3.99 -2.88
N TRP A 103 0.61 -4.46 -2.01
CA TRP A 103 -0.84 -4.53 -2.34
C TRP A 103 -1.46 -3.13 -2.50
N GLY A 104 -1.15 -2.48 -3.59
CA GLY A 104 -1.72 -1.12 -3.84
C GLY A 104 -2.88 -1.25 -4.81
N ASN A 105 -3.34 -0.16 -5.38
CA ASN A 105 -4.49 -0.24 -6.35
C ASN A 105 -4.32 0.81 -7.46
N TYR A 106 -4.81 0.53 -8.64
CA TYR A 106 -4.67 1.51 -9.76
C TYR A 106 -5.98 1.62 -10.57
N ASN A 107 -6.68 2.72 -10.45
CA ASN A 107 -7.96 2.87 -11.22
C ASN A 107 -8.23 4.37 -11.48
N THR A 108 -7.73 4.89 -12.57
CA THR A 108 -7.97 6.33 -12.89
C THR A 108 -7.97 6.55 -14.40
N GLU A 109 -8.41 7.70 -14.84
CA GLU A 109 -8.43 8.00 -16.31
C GLU A 109 -7.01 8.04 -16.87
N THR A 110 -6.04 8.38 -16.04
CA THR A 110 -4.64 8.45 -16.52
C THR A 110 -3.81 7.31 -15.91
N GLN A 111 -3.28 7.50 -14.72
CA GLN A 111 -2.45 6.41 -14.08
C GLN A 111 -2.10 6.80 -12.64
N LYS A 112 -3.01 6.60 -11.71
CA LYS A 112 -2.73 6.95 -10.30
C LYS A 112 -2.55 5.67 -9.47
N CYS A 113 -2.06 5.79 -8.26
CA CYS A 113 -1.86 4.58 -7.40
C CYS A 113 -2.29 4.86 -5.96
N GLU A 114 -3.26 4.13 -5.47
CA GLU A 114 -3.73 4.31 -4.07
C GLU A 114 -3.30 3.11 -3.22
N ILE A 115 -2.65 3.36 -2.11
CA ILE A 115 -2.21 2.21 -1.24
C ILE A 115 -2.44 2.53 0.24
N PHE A 116 -2.86 1.53 0.99
CA PHE A 116 -3.12 1.72 2.44
C PHE A 116 -3.33 0.36 3.12
N ASN A 117 -4.06 -0.52 2.48
CA ASN A 117 -4.33 -1.88 3.06
C ASN A 117 -5.14 -2.72 2.06
N VAL A 118 -5.55 -3.90 2.45
CA VAL A 118 -6.36 -4.76 1.54
C VAL A 118 -7.64 -4.03 1.13
N LYS A 119 -8.20 -4.37 -0.02
CA LYS A 119 -9.45 -3.70 -0.48
C LYS A 119 -10.58 -3.86 0.56
N PRO A 120 -10.95 -2.77 1.22
CA PRO A 120 -12.02 -2.84 2.23
C PRO A 120 -13.40 -2.78 1.55
N THR A 121 -14.43 -2.52 2.31
CA THR A 121 -15.80 -2.45 1.71
C THR A 121 -16.20 -0.98 1.51
N CYS A 122 -15.46 -0.26 0.71
CA CYS A 122 -15.78 1.17 0.46
C CYS A 122 -16.06 1.39 -1.03
N LEU A 123 -16.71 2.49 -1.36
CA LEU A 123 -17.02 2.78 -2.78
C LEU A 123 -15.84 3.49 -3.46
N ILE A 124 -14.66 2.92 -3.37
CA ILE A 124 -13.47 3.56 -4.00
C ILE A 124 -12.36 2.51 -4.20
N ASN A 125 -12.75 1.30 -4.49
CA ASN A 125 -11.75 0.21 -4.69
C ASN A 125 -11.14 0.30 -6.09
N ASN A 126 -9.83 0.46 -6.15
CA ASN A 126 -9.15 0.54 -7.48
C ASN A 126 -8.65 -0.85 -7.90
N SER A 127 -7.83 -0.93 -8.92
CA SER A 127 -7.34 -2.27 -9.38
C SER A 127 -6.36 -2.86 -8.35
N SER A 128 -6.86 -3.68 -7.44
CA SER A 128 -5.97 -4.29 -6.41
C SER A 128 -4.79 -5.04 -7.06
N TYR A 129 -3.64 -4.98 -6.43
CA TYR A 129 -2.44 -5.68 -7.00
C TYR A 129 -1.52 -6.12 -5.85
N ILE A 130 -1.70 -7.32 -5.36
CA ILE A 130 -0.83 -7.81 -4.25
C ILE A 130 0.44 -8.46 -4.81
N ALA A 131 1.54 -7.74 -4.77
CA ALA A 131 2.82 -8.28 -5.29
C ALA A 131 3.97 -7.40 -4.78
N THR A 132 5.02 -8.00 -4.29
CA THR A 132 6.17 -7.19 -3.76
C THR A 132 6.74 -6.29 -4.87
N THR A 133 7.58 -6.82 -5.72
CA THR A 133 8.16 -5.99 -6.83
C THR A 133 8.70 -6.89 -7.94
N ALA A 134 7.93 -7.11 -8.98
CA ALA A 134 8.39 -7.97 -10.10
C ALA A 134 9.62 -7.35 -10.78
N LEU A 135 9.71 -6.04 -10.76
CA LEU A 135 10.87 -5.36 -11.40
C LEU A 135 11.06 -3.96 -10.79
N SER A 136 12.23 -3.68 -10.28
CA SER A 136 12.48 -2.34 -9.67
C SER A 136 13.73 -1.72 -10.27
N HIS A 137 14.10 -0.54 -9.82
CA HIS A 137 15.32 0.14 -10.36
C HIS A 137 16.56 -0.33 -9.58
N PRO A 138 17.68 -0.39 -10.27
CA PRO A 138 18.94 -0.84 -9.61
C PRO A 138 19.48 0.26 -8.69
N ILE A 139 19.52 1.48 -9.18
CA ILE A 139 20.04 2.60 -8.34
C ILE A 139 18.99 3.02 -7.31
N GLU A 140 17.73 2.90 -7.65
CA GLU A 140 16.64 3.28 -6.71
C GLU A 140 16.08 2.04 -6.03
N MET A 1 -23.64 -2.77 2.36
CA MET A 1 -24.60 -1.69 1.97
C MET A 1 -25.96 -1.94 2.63
N ARG A 2 -25.98 -2.26 3.90
CA ARG A 2 -27.27 -2.51 4.60
C ARG A 2 -27.35 -1.65 5.87
N GLY A 3 -28.54 -1.37 6.33
CA GLY A 3 -28.70 -0.55 7.56
C GLY A 3 -29.26 -1.42 8.69
N SER A 4 -28.75 -2.62 8.83
CA SER A 4 -29.24 -3.53 9.91
C SER A 4 -28.48 -3.25 11.22
N HIS A 5 -29.10 -3.52 12.34
CA HIS A 5 -28.44 -3.27 13.65
C HIS A 5 -27.32 -4.29 13.88
N HIS A 6 -26.15 -3.83 14.23
CA HIS A 6 -25.00 -4.77 14.47
C HIS A 6 -23.96 -4.11 15.37
N HIS A 7 -23.21 -3.16 14.84
CA HIS A 7 -22.17 -2.48 15.66
C HIS A 7 -21.63 -1.25 14.92
N HIS A 8 -21.39 -0.17 15.61
CA HIS A 8 -20.86 1.06 14.95
C HIS A 8 -19.38 0.87 14.58
N HIS A 9 -18.75 1.92 14.14
CA HIS A 9 -17.30 1.82 13.76
C HIS A 9 -16.60 3.16 13.96
N HIS A 10 -17.08 4.19 13.31
CA HIS A 10 -16.45 5.54 13.45
C HIS A 10 -17.53 6.60 13.69
N GLY A 11 -17.12 7.81 13.98
CA GLY A 11 -18.11 8.90 14.24
C GLY A 11 -17.40 10.26 14.21
N SER A 12 -16.94 10.67 13.05
CA SER A 12 -16.23 11.98 12.95
C SER A 12 -16.92 12.88 11.92
N ASN A 13 -16.22 13.85 11.40
CA ASN A 13 -16.83 14.76 10.38
C ASN A 13 -16.71 14.14 8.98
N ALA A 14 -15.66 13.40 8.74
CA ALA A 14 -15.47 12.76 7.40
C ALA A 14 -14.85 11.37 7.58
N LYS A 15 -14.64 10.68 6.48
CA LYS A 15 -14.03 9.32 6.57
C LYS A 15 -13.03 9.13 5.42
N PHE A 16 -13.42 9.49 4.24
CA PHE A 16 -12.51 9.36 3.06
C PHE A 16 -12.16 10.76 2.54
N GLY A 17 -11.95 10.89 1.26
CA GLY A 17 -11.64 12.22 0.67
C GLY A 17 -12.49 12.41 -0.58
N LEU A 18 -13.71 11.91 -0.53
CA LEU A 18 -14.63 12.01 -1.70
C LEU A 18 -16.07 12.29 -1.23
N TRP A 19 -17.04 12.10 -2.10
CA TRP A 19 -18.47 12.36 -1.71
C TRP A 19 -18.84 11.63 -0.40
N VAL A 20 -19.68 12.22 0.40
CA VAL A 20 -20.09 11.57 1.68
C VAL A 20 -21.61 11.35 1.70
N ASP A 21 -22.06 10.20 1.26
CA ASP A 21 -23.52 9.91 1.25
C ASP A 21 -23.78 8.43 0.95
N GLY A 22 -23.02 7.87 0.06
CA GLY A 22 -23.21 6.43 -0.29
C GLY A 22 -22.95 5.56 0.93
N ASN A 23 -21.86 4.84 0.94
CA ASN A 23 -21.55 3.96 2.11
C ASN A 23 -20.04 3.82 2.33
N CYS A 24 -19.25 4.70 1.77
CA CYS A 24 -17.77 4.59 1.96
C CYS A 24 -17.35 5.36 3.22
N GLU A 25 -17.42 4.73 4.37
CA GLU A 25 -17.03 5.41 5.63
C GLU A 25 -16.13 4.50 6.48
N ASP A 26 -14.84 4.55 6.29
CA ASP A 26 -13.92 3.67 7.10
C ASP A 26 -12.45 4.03 6.81
N ILE A 27 -12.02 3.82 5.60
CA ILE A 27 -10.58 4.12 5.22
C ILE A 27 -10.09 5.47 5.78
N PRO A 28 -8.84 5.50 6.20
CA PRO A 28 -8.28 6.76 6.76
C PRO A 28 -7.75 7.64 5.62
N HIS A 29 -6.54 7.40 5.15
CA HIS A 29 -5.97 8.23 4.05
C HIS A 29 -5.10 7.36 3.14
N VAL A 30 -5.56 7.07 1.95
CA VAL A 30 -4.75 6.22 1.01
C VAL A 30 -3.67 7.08 0.33
N ASN A 31 -2.63 6.45 -0.16
CA ASN A 31 -1.54 7.22 -0.83
C ASN A 31 -1.84 7.36 -2.33
N GLU A 32 -1.81 8.58 -2.82
CA GLU A 32 -2.09 8.81 -4.27
C GLU A 32 -0.80 9.15 -5.02
N PHE A 33 -0.45 8.35 -6.00
CA PHE A 33 0.80 8.62 -6.78
C PHE A 33 0.45 9.14 -8.19
N PRO A 34 0.95 10.33 -8.54
CA PRO A 34 0.66 10.89 -9.87
C PRO A 34 1.48 10.18 -10.97
N ALA A 35 2.35 9.27 -10.60
CA ALA A 35 3.18 8.56 -11.63
C ALA A 35 2.28 7.84 -12.63
N ILE A 36 2.68 7.82 -13.90
CA ILE A 36 1.85 7.15 -14.94
C ILE A 36 2.75 6.41 -15.94
N ASP A 37 3.89 5.92 -15.48
CA ASP A 37 4.81 5.19 -16.39
C ASP A 37 5.79 4.33 -15.59
N LEU A 38 6.74 4.96 -14.93
CA LEU A 38 7.73 4.19 -14.12
C LEU A 38 7.05 3.58 -12.89
N PHE A 39 7.72 2.66 -12.25
CA PHE A 39 7.12 2.01 -11.03
C PHE A 39 7.42 2.84 -9.79
N GLU A 40 6.53 3.74 -9.44
CA GLU A 40 6.75 4.60 -8.23
C GLU A 40 5.69 4.28 -7.16
N CYS A 41 4.55 3.79 -7.56
CA CYS A 41 3.48 3.47 -6.56
C CYS A 41 3.99 2.45 -5.54
N ASN A 42 4.93 1.63 -5.93
CA ASN A 42 5.47 0.61 -4.98
C ASN A 42 6.74 1.12 -4.30
N LYS A 43 6.89 2.42 -4.20
CA LYS A 43 8.11 2.99 -3.54
C LYS A 43 7.72 3.87 -2.36
N LEU A 44 7.73 3.32 -1.17
CA LEU A 44 7.35 4.12 0.03
C LEU A 44 8.61 4.61 0.75
N VAL A 45 8.47 5.62 1.58
CA VAL A 45 9.66 6.15 2.32
C VAL A 45 10.24 5.07 3.23
N PHE A 46 9.42 4.41 4.00
CA PHE A 46 9.92 3.34 4.91
C PHE A 46 8.76 2.43 5.33
N GLU A 47 7.63 3.01 5.66
CA GLU A 47 6.46 2.19 6.07
C GLU A 47 5.19 3.05 6.01
N LEU A 48 4.07 2.45 5.65
CA LEU A 48 2.80 3.21 5.57
C LEU A 48 2.14 3.34 6.96
N SER A 49 2.80 2.86 8.00
CA SER A 49 2.20 2.96 9.37
C SER A 49 2.49 4.34 9.97
N ALA A 50 3.60 4.93 9.62
CA ALA A 50 3.95 6.29 10.17
C ALA A 50 3.08 7.35 9.51
N SER A 51 2.68 7.14 8.29
CA SER A 51 1.82 8.14 7.57
C SER A 51 0.34 7.74 7.64
N ASP A 52 0.00 6.76 8.44
CA ASP A 52 -1.43 6.33 8.54
C ASP A 52 -2.06 6.90 9.81
N GLN A 53 -1.28 7.17 10.82
CA GLN A 53 -1.84 7.71 12.09
C GLN A 53 -1.40 9.17 12.28
N PRO A 54 -2.01 10.08 11.54
CA PRO A 54 -1.65 11.51 11.65
C PRO A 54 -2.19 12.10 12.96
N LYS A 55 -2.20 13.40 13.08
CA LYS A 55 -2.71 14.04 14.33
C LYS A 55 -4.09 14.67 14.09
N GLN A 56 -4.13 15.74 13.34
CA GLN A 56 -5.45 16.41 13.06
C GLN A 56 -5.88 16.14 11.61
N TYR A 57 -7.09 16.47 11.27
CA TYR A 57 -7.58 16.24 9.88
C TYR A 57 -6.99 17.28 8.93
N GLU A 58 -6.59 18.42 9.44
CA GLU A 58 -6.01 19.48 8.56
C GLU A 58 -4.53 19.69 8.88
N GLN A 59 -3.86 18.68 9.38
CA GLN A 59 -2.41 18.81 9.71
C GLN A 59 -1.71 17.46 9.55
N HIS A 60 -0.94 17.29 8.51
CA HIS A 60 -0.21 16.00 8.29
C HIS A 60 1.29 16.20 8.49
N LEU A 61 1.78 17.40 8.28
CA LEU A 61 3.24 17.67 8.45
C LEU A 61 3.69 17.32 9.88
N THR A 62 2.78 17.34 10.82
CA THR A 62 3.14 17.02 12.23
C THR A 62 3.63 15.57 12.36
N ASP A 63 3.39 14.74 11.36
CA ASP A 63 3.84 13.31 11.42
C ASP A 63 5.35 13.23 11.70
N TYR A 64 6.09 14.27 11.40
CA TYR A 64 7.57 14.25 11.64
C TYR A 64 7.87 13.92 13.11
N GLU A 65 6.94 14.16 13.99
CA GLU A 65 7.17 13.86 15.44
C GLU A 65 7.27 12.36 15.69
N LYS A 66 6.94 11.54 14.72
CA LYS A 66 7.02 10.06 14.91
C LYS A 66 8.48 9.57 14.89
N ILE A 67 9.43 10.43 14.64
CA ILE A 67 10.86 9.99 14.62
C ILE A 67 11.25 9.39 15.97
N LYS A 68 10.58 9.79 17.03
CA LYS A 68 10.90 9.23 18.39
C LYS A 68 10.73 7.71 18.40
N GLU A 69 9.87 7.20 17.55
CA GLU A 69 9.64 5.72 17.50
C GLU A 69 10.48 5.10 16.38
N GLY A 70 10.79 5.86 15.36
CA GLY A 70 11.61 5.32 14.23
C GLY A 70 13.10 5.52 14.53
N PHE A 71 13.65 4.72 15.41
CA PHE A 71 15.10 4.87 15.74
C PHE A 71 15.95 4.62 14.50
N LYS A 72 16.37 5.66 13.84
CA LYS A 72 17.21 5.49 12.60
C LYS A 72 18.46 4.64 12.89
N ASN A 73 18.87 4.57 14.14
CA ASN A 73 20.08 3.76 14.48
C ASN A 73 19.69 2.32 14.88
N LYS A 74 18.46 2.13 15.31
CA LYS A 74 18.03 0.75 15.72
C LYS A 74 17.13 0.12 14.64
N ASN A 75 16.47 0.92 13.85
CA ASN A 75 15.57 0.38 12.79
C ASN A 75 16.36 -0.52 11.83
N ALA A 76 17.63 -0.27 11.67
CA ALA A 76 18.47 -1.10 10.76
C ALA A 76 18.45 -2.57 11.18
N SER A 77 18.55 -2.81 12.47
CA SER A 77 18.56 -4.21 12.98
C SER A 77 17.21 -4.56 13.65
N MET A 78 16.20 -3.74 13.46
CA MET A 78 14.87 -4.03 14.08
C MET A 78 13.89 -4.55 13.04
N ILE A 79 14.02 -4.11 11.81
CA ILE A 79 13.09 -4.58 10.74
C ILE A 79 13.87 -5.30 9.63
N LYS A 80 14.89 -4.66 9.12
CA LYS A 80 15.71 -5.30 8.03
C LYS A 80 16.45 -6.53 8.58
N SER A 81 16.76 -6.52 9.85
CA SER A 81 17.48 -7.69 10.45
C SER A 81 16.82 -8.10 11.77
N ALA A 82 15.56 -8.43 11.73
CA ALA A 82 14.85 -8.85 12.98
C ALA A 82 15.08 -10.33 13.25
N PHE A 83 15.98 -10.65 14.15
CA PHE A 83 16.26 -12.08 14.47
C PHE A 83 15.84 -12.41 15.91
N LEU A 84 15.83 -11.42 16.78
CA LEU A 84 15.42 -11.66 18.19
C LEU A 84 13.99 -12.23 18.26
N PRO A 85 13.04 -11.51 17.69
CA PRO A 85 11.64 -11.98 17.71
C PRO A 85 11.46 -13.14 16.73
N THR A 86 12.24 -13.18 15.67
CA THR A 86 12.13 -14.28 14.68
C THR A 86 13.52 -14.68 14.20
N GLY A 87 14.18 -15.53 14.94
CA GLY A 87 15.56 -15.97 14.55
C GLY A 87 15.56 -17.47 14.26
N ALA A 88 14.67 -18.21 14.88
CA ALA A 88 14.62 -19.69 14.66
C ALA A 88 14.41 -20.02 13.17
N PHE A 89 13.93 -19.08 12.39
CA PHE A 89 13.69 -19.36 10.94
C PHE A 89 14.96 -19.05 10.09
N LYS A 90 16.11 -18.96 10.72
CA LYS A 90 17.35 -18.65 9.96
C LYS A 90 17.91 -19.93 9.33
N ALA A 91 17.61 -21.08 9.90
CA ALA A 91 18.12 -22.36 9.33
C ALA A 91 17.63 -22.54 7.88
N ASP A 92 16.60 -21.82 7.49
CA ASP A 92 16.08 -21.96 6.10
C ASP A 92 17.02 -21.28 5.10
N ARG A 93 16.57 -21.07 3.89
CA ARG A 93 17.44 -20.43 2.86
C ARG A 93 17.05 -18.95 2.70
N TYR A 94 17.60 -18.29 1.71
CA TYR A 94 17.26 -16.84 1.51
C TYR A 94 15.77 -16.69 1.21
N LYS A 95 15.25 -15.49 1.34
CA LYS A 95 13.80 -15.26 1.06
C LYS A 95 13.63 -14.11 0.08
N SER A 96 12.47 -13.49 0.06
CA SER A 96 12.22 -12.37 -0.89
C SER A 96 12.61 -11.04 -0.23
N HIS A 97 13.81 -10.95 0.29
CA HIS A 97 14.25 -9.68 0.95
C HIS A 97 14.21 -8.51 -0.04
N GLY A 98 14.36 -8.79 -1.31
CA GLY A 98 14.32 -7.71 -2.33
C GLY A 98 13.11 -7.90 -3.24
N LYS A 99 11.97 -8.21 -2.67
CA LYS A 99 10.74 -8.41 -3.50
C LYS A 99 10.40 -7.13 -4.28
N GLY A 100 9.45 -7.21 -5.16
CA GLY A 100 9.05 -6.00 -5.95
C GLY A 100 7.68 -6.25 -6.60
N TYR A 101 6.80 -6.90 -5.90
CA TYR A 101 5.44 -7.18 -6.45
C TYR A 101 4.52 -5.98 -6.25
N ASN A 102 3.26 -6.14 -6.52
CA ASN A 102 2.29 -5.01 -6.34
C ASN A 102 1.43 -5.24 -5.09
N TRP A 103 0.96 -4.18 -4.48
CA TRP A 103 0.12 -4.34 -3.27
C TRP A 103 -0.69 -3.06 -3.01
N GLY A 104 -1.35 -2.56 -4.02
CA GLY A 104 -2.16 -1.31 -3.85
C GLY A 104 -3.22 -1.24 -4.94
N ASN A 105 -3.81 -0.08 -5.13
CA ASN A 105 -4.87 0.07 -6.17
C ASN A 105 -4.27 0.73 -7.42
N TYR A 106 -4.16 -0.01 -8.50
CA TYR A 106 -3.59 0.55 -9.76
C TYR A 106 -4.69 0.74 -10.80
N ASN A 107 -5.02 1.97 -11.11
CA ASN A 107 -6.10 2.23 -12.13
C ASN A 107 -5.54 3.10 -13.26
N THR A 108 -5.40 2.54 -14.44
CA THR A 108 -4.85 3.32 -15.58
C THR A 108 -5.99 3.98 -16.38
N GLU A 109 -6.41 5.14 -15.94
CA GLU A 109 -7.51 5.86 -16.67
C GLU A 109 -7.00 7.22 -17.13
N THR A 110 -6.69 8.09 -16.20
CA THR A 110 -6.17 9.45 -16.56
C THR A 110 -4.78 9.65 -15.95
N GLN A 111 -4.71 9.74 -14.65
CA GLN A 111 -3.39 9.93 -13.96
C GLN A 111 -3.56 9.86 -12.44
N LYS A 112 -3.88 8.70 -11.92
CA LYS A 112 -4.07 8.55 -10.45
C LYS A 112 -3.69 7.14 -9.98
N CYS A 113 -2.84 7.05 -9.00
CA CYS A 113 -2.42 5.71 -8.48
C CYS A 113 -2.69 5.61 -6.98
N GLU A 114 -3.59 4.74 -6.58
CA GLU A 114 -3.91 4.60 -5.13
C GLU A 114 -3.15 3.41 -4.53
N ILE A 115 -2.66 3.55 -3.32
CA ILE A 115 -1.92 2.43 -2.67
C ILE A 115 -2.30 2.33 -1.19
N PHE A 116 -2.86 1.21 -0.80
CA PHE A 116 -3.26 1.04 0.63
C PHE A 116 -3.34 -0.46 0.98
N ASN A 117 -4.46 -1.11 0.72
CA ASN A 117 -4.58 -2.57 1.03
C ASN A 117 -5.91 -3.11 0.51
N VAL A 118 -7.01 -2.62 1.02
CA VAL A 118 -8.36 -3.11 0.55
C VAL A 118 -9.39 -1.99 0.69
N LYS A 119 -10.58 -2.22 0.19
CA LYS A 119 -11.65 -1.17 0.29
C LYS A 119 -13.04 -1.82 0.25
N PRO A 120 -13.93 -1.41 1.14
CA PRO A 120 -15.30 -2.00 1.16
C PRO A 120 -16.12 -1.45 -0.02
N THR A 121 -17.42 -1.63 0.03
CA THR A 121 -18.30 -1.13 -1.08
C THR A 121 -18.06 0.37 -1.31
N CYS A 122 -17.57 0.73 -2.46
CA CYS A 122 -17.32 2.18 -2.75
C CYS A 122 -17.24 2.41 -4.26
N LEU A 123 -17.22 3.65 -4.69
CA LEU A 123 -17.16 3.93 -6.16
C LEU A 123 -15.70 4.14 -6.62
N ILE A 124 -14.77 3.40 -6.06
CA ILE A 124 -13.34 3.53 -6.46
C ILE A 124 -12.71 2.14 -6.60
N ASN A 125 -13.24 1.32 -7.48
CA ASN A 125 -12.69 -0.05 -7.67
C ASN A 125 -11.44 0.01 -8.56
N ASN A 126 -10.31 -0.39 -8.04
CA ASN A 126 -9.05 -0.35 -8.84
C ASN A 126 -8.41 -1.75 -8.87
N SER A 127 -7.29 -1.88 -9.53
CA SER A 127 -6.61 -3.21 -9.60
C SER A 127 -5.89 -3.49 -8.28
N SER A 128 -6.58 -4.08 -7.33
CA SER A 128 -5.94 -4.39 -6.01
C SER A 128 -5.25 -5.75 -6.07
N TYR A 129 -4.06 -5.80 -6.62
CA TYR A 129 -3.32 -7.09 -6.72
C TYR A 129 -2.39 -7.25 -5.51
N ILE A 130 -2.89 -7.80 -4.43
CA ILE A 130 -2.03 -7.99 -3.22
C ILE A 130 -1.35 -9.36 -3.26
N ALA A 131 -0.06 -9.38 -3.46
CA ALA A 131 0.67 -10.68 -3.51
C ALA A 131 2.18 -10.45 -3.38
N THR A 132 2.61 -9.99 -2.23
CA THR A 132 4.07 -9.74 -2.01
C THR A 132 4.71 -10.90 -1.24
N THR A 133 4.13 -11.27 -0.13
CA THR A 133 4.70 -12.40 0.67
C THR A 133 3.57 -13.34 1.12
N ALA A 134 3.53 -14.52 0.56
CA ALA A 134 2.47 -15.50 0.94
C ALA A 134 2.88 -16.91 0.53
N LEU A 135 2.30 -17.92 1.15
CA LEU A 135 2.65 -19.33 0.80
C LEU A 135 1.52 -19.97 0.01
N SER A 136 0.90 -19.24 -0.87
CA SER A 136 -0.23 -19.81 -1.68
C SER A 136 -0.53 -18.90 -2.87
N HIS A 137 -1.61 -19.16 -3.57
CA HIS A 137 -1.98 -18.32 -4.75
C HIS A 137 -3.00 -17.25 -4.33
N PRO A 138 -2.99 -16.13 -5.03
CA PRO A 138 -3.93 -15.03 -4.70
C PRO A 138 -5.36 -15.42 -5.14
N ILE A 139 -6.30 -15.33 -4.23
CA ILE A 139 -7.71 -15.67 -4.58
C ILE A 139 -8.68 -14.87 -3.71
N GLU A 140 -8.64 -13.56 -3.82
CA GLU A 140 -9.56 -12.71 -3.02
C GLU A 140 -9.50 -11.26 -3.50
N MET A 1 -11.93 15.77 20.07
CA MET A 1 -10.61 15.49 19.45
C MET A 1 -10.77 14.51 18.27
N ARG A 2 -11.13 15.03 17.12
CA ARG A 2 -11.30 14.14 15.93
C ARG A 2 -11.44 14.98 14.65
N GLY A 3 -10.55 15.93 14.47
CA GLY A 3 -10.61 16.79 13.25
C GLY A 3 -9.22 17.32 12.93
N SER A 4 -8.71 17.01 11.76
CA SER A 4 -7.35 17.49 11.38
C SER A 4 -7.32 17.87 9.90
N HIS A 5 -8.40 18.45 9.40
CA HIS A 5 -8.45 18.85 7.96
C HIS A 5 -8.49 20.37 7.84
N HIS A 6 -7.35 21.01 7.86
CA HIS A 6 -7.31 22.50 7.75
C HIS A 6 -5.89 22.97 7.42
N HIS A 7 -5.41 22.66 6.24
CA HIS A 7 -4.03 23.09 5.86
C HIS A 7 -4.03 24.57 5.48
N HIS A 8 -4.60 24.91 4.34
CA HIS A 8 -4.63 26.34 3.91
C HIS A 8 -5.63 26.51 2.76
N HIS A 9 -5.45 25.77 1.70
CA HIS A 9 -6.38 25.88 0.54
C HIS A 9 -7.62 25.02 0.77
N HIS A 10 -8.66 25.23 -0.01
CA HIS A 10 -9.90 24.43 0.15
C HIS A 10 -10.80 24.59 -1.08
N GLY A 11 -12.03 24.16 -0.98
CA GLY A 11 -12.96 24.27 -2.15
C GLY A 11 -14.41 24.20 -1.64
N SER A 12 -15.36 24.45 -2.52
CA SER A 12 -16.79 24.40 -2.11
C SER A 12 -17.54 23.33 -2.91
N ASN A 13 -17.01 22.12 -2.95
CA ASN A 13 -17.68 21.02 -3.71
C ASN A 13 -17.04 19.68 -3.35
N ALA A 14 -17.10 18.72 -4.25
CA ALA A 14 -16.49 17.39 -3.96
C ALA A 14 -14.97 17.53 -3.76
N LYS A 15 -14.47 16.99 -2.68
CA LYS A 15 -12.99 17.09 -2.42
C LYS A 15 -12.63 16.17 -1.26
N PHE A 16 -13.30 15.05 -1.14
CA PHE A 16 -13.03 14.10 -0.04
C PHE A 16 -12.83 12.69 -0.61
N GLY A 17 -13.23 11.66 0.11
CA GLY A 17 -13.07 10.27 -0.40
C GLY A 17 -14.25 9.41 0.09
N LEU A 18 -15.38 10.02 0.31
CA LEU A 18 -16.57 9.25 0.77
C LEU A 18 -17.40 8.77 -0.42
N TRP A 19 -18.62 8.37 -0.18
CA TRP A 19 -19.48 7.89 -1.30
C TRP A 19 -20.95 7.81 -0.84
N VAL A 20 -21.88 7.79 -1.76
CA VAL A 20 -23.32 7.72 -1.37
C VAL A 20 -23.87 6.31 -1.61
N ASP A 21 -23.72 5.45 -0.64
CA ASP A 21 -24.23 4.04 -0.75
C ASP A 21 -23.93 3.30 0.57
N GLY A 22 -23.70 2.01 0.52
CA GLY A 22 -23.40 1.26 1.78
C GLY A 22 -22.50 0.07 1.48
N ASN A 23 -21.28 0.32 1.05
CA ASN A 23 -20.34 -0.80 0.73
C ASN A 23 -18.89 -0.37 0.95
N CYS A 24 -18.65 0.63 1.76
CA CYS A 24 -17.25 1.08 2.00
C CYS A 24 -17.02 1.35 3.49
N GLU A 25 -15.79 1.56 3.86
CA GLU A 25 -15.46 1.84 5.30
C GLU A 25 -15.74 3.30 5.64
N ASP A 26 -15.67 3.65 6.90
CA ASP A 26 -15.93 5.07 7.30
C ASP A 26 -14.86 5.98 6.68
N ILE A 27 -14.52 7.08 7.32
CA ILE A 27 -13.48 8.01 6.77
C ILE A 27 -12.21 7.24 6.34
N PRO A 28 -12.04 7.05 5.04
CA PRO A 28 -10.86 6.31 4.54
C PRO A 28 -9.68 7.26 4.33
N HIS A 29 -8.49 6.71 4.22
CA HIS A 29 -7.29 7.56 3.99
C HIS A 29 -6.29 6.82 3.10
N VAL A 30 -6.39 7.00 1.80
CA VAL A 30 -5.46 6.31 0.86
C VAL A 30 -4.43 7.30 0.30
N ASN A 31 -3.29 6.82 -0.10
CA ASN A 31 -2.25 7.72 -0.67
C ASN A 31 -2.23 7.62 -2.19
N GLU A 32 -2.25 8.75 -2.87
CA GLU A 32 -2.23 8.72 -4.36
C GLU A 32 -0.80 8.84 -4.88
N PHE A 33 -0.45 8.04 -5.86
CA PHE A 33 0.92 8.09 -6.43
C PHE A 33 0.91 8.73 -7.83
N PRO A 34 1.28 10.00 -7.89
CA PRO A 34 1.29 10.70 -9.21
C PRO A 34 2.42 10.18 -10.09
N ALA A 35 2.32 8.95 -10.53
CA ALA A 35 3.39 8.36 -11.40
C ALA A 35 3.57 9.20 -12.66
N ILE A 36 4.45 10.17 -12.61
CA ILE A 36 4.68 11.04 -13.81
C ILE A 36 6.11 10.90 -14.32
N ASP A 37 7.03 10.49 -13.47
CA ASP A 37 8.45 10.34 -13.93
C ASP A 37 9.19 9.33 -13.04
N LEU A 38 8.97 8.06 -13.28
CA LEU A 38 9.67 7.00 -12.47
C LEU A 38 9.38 5.62 -13.05
N PHE A 39 9.69 4.58 -12.32
CA PHE A 39 9.43 3.20 -12.83
C PHE A 39 7.96 2.82 -12.64
N GLU A 40 7.51 2.72 -11.42
CA GLU A 40 6.09 2.35 -11.17
C GLU A 40 5.65 2.83 -9.78
N CYS A 41 4.52 2.35 -9.30
CA CYS A 41 4.03 2.78 -7.96
C CYS A 41 4.42 1.74 -6.90
N ASN A 42 5.55 1.10 -7.07
CA ASN A 42 5.99 0.07 -6.08
C ASN A 42 6.79 0.74 -4.95
N LYS A 43 7.45 1.83 -5.23
CA LYS A 43 8.25 2.52 -4.19
C LYS A 43 7.34 3.38 -3.32
N LEU A 44 7.88 3.98 -2.28
CA LEU A 44 7.05 4.84 -1.38
C LEU A 44 7.67 6.25 -1.28
N VAL A 45 6.85 7.26 -1.39
CA VAL A 45 7.38 8.66 -1.30
C VAL A 45 7.26 9.17 0.14
N PHE A 46 7.89 10.27 0.44
CA PHE A 46 7.81 10.83 1.83
C PHE A 46 6.42 11.41 2.08
N GLU A 47 5.41 10.57 2.10
CA GLU A 47 4.02 11.06 2.34
C GLU A 47 3.21 10.01 3.12
N LEU A 48 3.33 8.76 2.73
CA LEU A 48 2.58 7.69 3.44
C LEU A 48 3.26 7.27 4.75
N SER A 49 4.35 7.91 5.11
CA SER A 49 5.06 7.55 6.38
C SER A 49 4.13 7.73 7.57
N ALA A 50 3.27 8.72 7.53
CA ALA A 50 2.33 8.97 8.65
C ALA A 50 1.04 8.19 8.43
N SER A 51 0.68 7.93 7.20
CA SER A 51 -0.57 7.17 6.91
C SER A 51 -0.29 5.66 6.84
N ASP A 52 0.89 5.23 7.25
CA ASP A 52 1.21 3.77 7.21
C ASP A 52 0.21 2.98 8.06
N GLN A 53 -0.28 3.56 9.12
CA GLN A 53 -1.25 2.85 9.99
C GLN A 53 -2.30 3.83 10.55
N PRO A 54 -3.55 3.45 10.52
CA PRO A 54 -4.62 4.35 11.03
C PRO A 54 -4.60 4.40 12.56
N LYS A 55 -5.47 5.17 13.15
CA LYS A 55 -5.51 5.26 14.65
C LYS A 55 -6.75 4.53 15.19
N GLN A 56 -6.72 4.14 16.43
CA GLN A 56 -7.89 3.44 17.03
C GLN A 56 -8.12 3.90 18.47
N TYR A 57 -9.35 4.09 18.85
CA TYR A 57 -9.64 4.54 20.25
C TYR A 57 -9.17 3.48 21.26
N GLU A 58 -9.44 2.23 20.98
CA GLU A 58 -9.01 1.15 21.92
C GLU A 58 -9.24 -0.23 21.27
N GLN A 59 -8.53 -0.52 20.21
CA GLN A 59 -8.70 -1.84 19.54
C GLN A 59 -7.34 -2.36 19.05
N HIS A 60 -6.81 -1.78 18.00
CA HIS A 60 -5.49 -2.23 17.46
C HIS A 60 -4.36 -1.31 17.95
N LEU A 61 -4.60 -0.54 18.98
CA LEU A 61 -3.54 0.38 19.50
C LEU A 61 -2.68 -0.35 20.53
N THR A 62 -3.29 -1.15 21.37
CA THR A 62 -2.52 -1.89 22.40
C THR A 62 -2.03 -3.23 21.84
N ASP A 63 -2.74 -3.78 20.89
CA ASP A 63 -2.33 -5.10 20.30
C ASP A 63 -0.93 -4.98 19.69
N TYR A 64 -0.57 -3.82 19.21
CA TYR A 64 0.78 -3.63 18.61
C TYR A 64 1.83 -3.33 19.68
N GLU A 65 1.41 -2.96 20.87
CA GLU A 65 2.39 -2.65 21.95
C GLU A 65 2.60 -3.88 22.84
N LYS A 66 1.59 -4.70 22.98
CA LYS A 66 1.72 -5.93 23.83
C LYS A 66 2.74 -6.91 23.23
N ILE A 67 3.10 -6.74 21.97
CA ILE A 67 4.09 -7.66 21.34
C ILE A 67 5.40 -7.70 22.15
N LYS A 68 5.72 -6.62 22.81
CA LYS A 68 6.98 -6.58 23.62
C LYS A 68 6.67 -6.81 25.11
N GLU A 69 5.43 -6.69 25.51
CA GLU A 69 5.07 -6.90 26.96
C GLU A 69 5.55 -8.27 27.44
N GLY A 70 5.74 -9.22 26.54
CA GLY A 70 6.21 -10.58 26.95
C GLY A 70 7.57 -10.47 27.63
N PHE A 71 8.34 -9.46 27.30
CA PHE A 71 9.70 -9.30 27.93
C PHE A 71 9.57 -9.24 29.45
N LYS A 72 9.86 -10.33 30.12
CA LYS A 72 9.78 -10.34 31.62
C LYS A 72 10.52 -9.14 32.22
N ASN A 73 11.51 -8.66 31.53
CA ASN A 73 12.27 -7.46 32.03
C ASN A 73 11.69 -6.20 31.39
N LYS A 74 10.40 -6.01 31.51
CA LYS A 74 9.72 -4.81 30.91
C LYS A 74 10.50 -3.51 31.21
N ASN A 75 10.91 -2.82 30.18
CA ASN A 75 11.66 -1.55 30.38
C ASN A 75 10.74 -0.33 30.22
N ALA A 76 9.52 -0.53 29.77
CA ALA A 76 8.58 0.62 29.61
C ALA A 76 8.42 1.39 30.93
N SER A 77 8.62 0.71 32.04
CA SER A 77 8.49 1.39 33.36
C SER A 77 9.49 2.55 33.46
N MET A 78 10.64 2.40 32.84
CA MET A 78 11.67 3.48 32.89
C MET A 78 11.60 4.32 31.62
N ILE A 79 11.25 3.71 30.51
CA ILE A 79 11.16 4.48 29.22
C ILE A 79 9.93 5.39 29.24
N LYS A 80 8.91 5.02 29.97
CA LYS A 80 7.67 5.86 30.04
C LYS A 80 8.02 7.29 30.50
N SER A 81 9.07 7.43 31.26
CA SER A 81 9.48 8.78 31.75
C SER A 81 10.34 9.48 30.70
N ALA A 82 11.08 8.71 29.93
CA ALA A 82 11.94 9.32 28.87
C ALA A 82 11.57 8.77 27.51
N PHE A 83 10.67 9.42 26.82
CA PHE A 83 10.24 8.94 25.47
C PHE A 83 11.45 8.86 24.52
N LEU A 84 12.46 9.64 24.77
CA LEU A 84 13.67 9.62 23.89
C LEU A 84 14.93 9.34 24.72
N PRO A 85 15.33 8.09 24.77
CA PRO A 85 16.54 7.71 25.56
C PRO A 85 17.80 8.20 24.84
N THR A 86 17.91 7.91 23.58
CA THR A 86 19.12 8.34 22.81
C THR A 86 18.82 8.37 21.31
N GLY A 87 18.53 7.22 20.73
CA GLY A 87 18.23 7.17 19.27
C GLY A 87 17.17 6.09 19.01
N ALA A 88 15.94 6.36 19.35
CA ALA A 88 14.86 5.36 19.11
C ALA A 88 14.23 5.57 17.72
N PHE A 89 14.87 6.31 16.85
CA PHE A 89 14.31 6.54 15.49
C PHE A 89 14.81 5.47 14.52
N LYS A 90 16.00 4.95 14.77
CA LYS A 90 16.56 3.90 13.87
C LYS A 90 15.97 2.53 14.21
N ALA A 91 15.49 2.36 15.41
CA ALA A 91 14.90 1.04 15.79
C ALA A 91 13.70 0.71 14.88
N ASP A 92 13.15 1.70 14.22
CA ASP A 92 11.98 1.44 13.33
C ASP A 92 12.43 0.71 12.06
N ARG A 93 11.57 0.61 11.08
CA ARG A 93 11.93 -0.09 9.82
C ARG A 93 11.69 0.83 8.60
N TYR A 94 11.68 2.11 8.80
CA TYR A 94 11.45 3.06 7.67
C TYR A 94 12.45 2.82 6.54
N LYS A 95 13.59 2.23 6.85
CA LYS A 95 14.62 1.97 5.79
C LYS A 95 14.02 1.11 4.66
N SER A 96 14.76 0.93 3.60
CA SER A 96 14.25 0.11 2.46
C SER A 96 14.57 -1.38 2.69
N HIS A 97 14.15 -1.91 3.80
CA HIS A 97 14.42 -3.35 4.11
C HIS A 97 13.16 -4.19 3.90
N GLY A 98 12.81 -4.46 2.66
CA GLY A 98 11.59 -5.27 2.37
C GLY A 98 10.71 -4.53 1.37
N LYS A 99 10.76 -3.22 1.37
CA LYS A 99 9.92 -2.43 0.41
C LYS A 99 10.27 -2.79 -1.03
N GLY A 100 9.35 -3.39 -1.74
CA GLY A 100 9.63 -3.77 -3.17
C GLY A 100 8.32 -4.20 -3.84
N TYR A 101 7.61 -5.12 -3.24
CA TYR A 101 6.33 -5.60 -3.85
C TYR A 101 5.28 -4.48 -3.80
N ASN A 102 4.09 -4.76 -4.24
CA ASN A 102 3.01 -3.72 -4.24
C ASN A 102 1.84 -4.17 -3.36
N TRP A 103 1.28 -3.28 -2.60
CA TRP A 103 0.12 -3.64 -1.71
C TRP A 103 -0.87 -2.48 -1.61
N GLY A 104 -1.34 -2.00 -2.73
CA GLY A 104 -2.32 -0.87 -2.70
C GLY A 104 -3.31 -1.01 -3.84
N ASN A 105 -4.10 0.00 -4.09
CA ASN A 105 -5.10 -0.07 -5.19
C ASN A 105 -4.59 0.71 -6.40
N TYR A 106 -5.13 0.46 -7.57
CA TYR A 106 -4.69 1.18 -8.79
C TYR A 106 -5.91 1.59 -9.62
N ASN A 107 -6.09 2.86 -9.86
CA ASN A 107 -7.27 3.31 -10.67
C ASN A 107 -6.81 3.77 -12.05
N THR A 108 -7.39 3.23 -13.09
CA THR A 108 -6.98 3.62 -14.47
C THR A 108 -7.80 4.82 -14.95
N GLU A 109 -7.38 6.02 -14.62
CA GLU A 109 -8.11 7.23 -15.06
C GLU A 109 -7.18 8.12 -15.87
N THR A 110 -6.16 8.64 -15.24
CA THR A 110 -5.18 9.52 -15.96
C THR A 110 -3.78 8.90 -15.86
N GLN A 111 -3.19 8.92 -14.69
CA GLN A 111 -1.82 8.33 -14.52
C GLN A 111 -1.42 8.36 -13.04
N LYS A 112 -2.10 7.61 -12.21
CA LYS A 112 -1.76 7.59 -10.75
C LYS A 112 -2.08 6.23 -10.13
N CYS A 113 -1.74 6.07 -8.86
CA CYS A 113 -2.02 4.78 -8.17
C CYS A 113 -2.64 5.04 -6.80
N GLU A 114 -2.94 4.01 -6.05
CA GLU A 114 -3.55 4.21 -4.70
C GLU A 114 -2.93 3.22 -3.70
N ILE A 115 -2.76 3.64 -2.47
CA ILE A 115 -2.16 2.74 -1.44
C ILE A 115 -2.90 2.92 -0.10
N PHE A 116 -3.23 1.84 0.56
CA PHE A 116 -3.94 1.94 1.87
C PHE A 116 -3.98 0.58 2.58
N ASN A 117 -4.76 -0.34 2.08
CA ASN A 117 -4.85 -1.69 2.72
C ASN A 117 -5.60 -2.67 1.81
N VAL A 118 -6.29 -3.63 2.37
CA VAL A 118 -7.05 -4.62 1.54
C VAL A 118 -7.97 -3.89 0.53
N LYS A 119 -8.50 -4.61 -0.43
CA LYS A 119 -9.38 -3.98 -1.44
C LYS A 119 -10.85 -4.40 -1.23
N PRO A 120 -11.51 -3.74 -0.31
CA PRO A 120 -12.94 -4.09 -0.03
C PRO A 120 -13.82 -3.59 -1.19
N THR A 121 -14.89 -4.30 -1.46
CA THR A 121 -15.80 -3.88 -2.58
C THR A 121 -16.35 -2.46 -2.31
N CYS A 122 -15.71 -1.47 -2.87
CA CYS A 122 -16.18 -0.07 -2.66
C CYS A 122 -16.32 0.66 -4.01
N LEU A 123 -17.07 1.74 -4.03
CA LEU A 123 -17.25 2.48 -5.31
C LEU A 123 -16.05 3.40 -5.59
N ILE A 124 -15.05 3.40 -4.74
CA ILE A 124 -13.85 4.26 -4.98
C ILE A 124 -12.66 3.39 -5.40
N ASN A 125 -12.64 2.15 -4.98
CA ASN A 125 -11.51 1.25 -5.35
C ASN A 125 -11.71 0.71 -6.77
N ASN A 126 -10.65 0.63 -7.54
CA ASN A 126 -10.76 0.12 -8.93
C ASN A 126 -9.98 -1.19 -9.08
N SER A 127 -8.68 -1.15 -8.91
CA SER A 127 -7.85 -2.39 -9.05
C SER A 127 -7.02 -2.60 -7.78
N SER A 128 -6.56 -3.81 -7.56
CA SER A 128 -5.74 -4.10 -6.34
C SER A 128 -5.10 -5.48 -6.45
N TYR A 129 -3.86 -5.60 -6.03
CA TYR A 129 -3.17 -6.92 -6.10
C TYR A 129 -1.86 -6.88 -5.32
N ILE A 130 -1.38 -8.02 -4.87
CA ILE A 130 -0.10 -8.05 -4.10
C ILE A 130 0.73 -9.26 -4.53
N ALA A 131 1.78 -9.04 -5.28
CA ALA A 131 2.63 -10.17 -5.74
C ALA A 131 3.95 -9.63 -6.32
N THR A 132 5.04 -9.84 -5.63
CA THR A 132 6.36 -9.35 -6.13
C THR A 132 6.70 -10.02 -7.46
N THR A 133 6.39 -11.29 -7.59
CA THR A 133 6.71 -12.02 -8.84
C THR A 133 5.59 -13.03 -9.17
N ALA A 134 4.85 -12.77 -10.21
CA ALA A 134 3.74 -13.71 -10.59
C ALA A 134 3.99 -14.27 -12.00
N LEU A 135 2.96 -14.75 -12.65
CA LEU A 135 3.13 -15.31 -14.02
C LEU A 135 2.79 -14.25 -15.07
N SER A 136 3.56 -13.19 -15.12
CA SER A 136 3.28 -12.10 -16.11
C SER A 136 4.59 -11.41 -16.49
N HIS A 137 5.12 -11.73 -17.65
CA HIS A 137 6.40 -11.09 -18.09
C HIS A 137 6.26 -10.52 -19.52
N PRO A 138 5.43 -9.52 -19.67
CA PRO A 138 5.22 -8.90 -21.00
C PRO A 138 6.45 -8.08 -21.41
N ILE A 139 7.17 -7.57 -20.46
CA ILE A 139 8.39 -6.76 -20.79
C ILE A 139 9.41 -7.63 -21.52
N GLU A 140 9.61 -8.84 -21.07
CA GLU A 140 10.59 -9.75 -21.74
C GLU A 140 10.44 -11.17 -21.21
N MET A 1 16.37 16.36 -0.42
CA MET A 1 16.29 17.35 -1.55
C MET A 1 17.45 17.12 -2.52
N ARG A 2 18.66 17.30 -2.07
CA ARG A 2 19.84 17.10 -2.97
C ARG A 2 20.57 15.80 -2.60
N GLY A 3 20.07 14.69 -3.08
CA GLY A 3 20.71 13.38 -2.76
C GLY A 3 20.94 12.61 -4.07
N SER A 4 22.18 12.33 -4.40
CA SER A 4 22.49 11.58 -5.64
C SER A 4 22.41 10.07 -5.39
N HIS A 5 22.95 9.60 -4.29
CA HIS A 5 22.92 8.15 -3.99
C HIS A 5 21.93 7.87 -2.85
N HIS A 6 20.90 8.69 -2.73
CA HIS A 6 19.91 8.49 -1.64
C HIS A 6 18.52 8.19 -2.25
N HIS A 7 17.66 7.57 -1.49
CA HIS A 7 16.29 7.24 -2.00
C HIS A 7 15.25 8.12 -1.32
N HIS A 8 15.52 9.40 -1.19
CA HIS A 8 14.54 10.32 -0.54
C HIS A 8 13.81 11.14 -1.61
N HIS A 9 12.51 11.20 -1.53
CA HIS A 9 11.72 11.99 -2.53
C HIS A 9 10.62 12.79 -1.83
N HIS A 10 9.99 13.69 -2.53
CA HIS A 10 8.90 14.51 -1.91
C HIS A 10 7.70 14.61 -2.87
N GLY A 11 7.13 13.50 -3.25
CA GLY A 11 5.97 13.51 -4.18
C GLY A 11 4.74 14.05 -3.44
N SER A 12 3.86 14.72 -4.13
CA SER A 12 2.64 15.26 -3.48
C SER A 12 1.38 14.78 -4.20
N ASN A 13 0.22 15.16 -3.72
CA ASN A 13 -1.04 14.72 -4.37
C ASN A 13 -2.19 15.64 -3.97
N ALA A 14 -3.02 16.02 -4.92
CA ALA A 14 -4.17 16.93 -4.61
C ALA A 14 -5.37 16.59 -5.50
N LYS A 15 -5.87 15.39 -5.38
CA LYS A 15 -7.05 14.98 -6.21
C LYS A 15 -8.29 14.83 -5.33
N PHE A 16 -9.43 14.60 -5.93
CA PHE A 16 -10.68 14.43 -5.13
C PHE A 16 -11.60 13.40 -5.78
N GLY A 17 -11.16 12.16 -5.83
CA GLY A 17 -12.00 11.09 -6.43
C GLY A 17 -12.48 10.14 -5.35
N LEU A 18 -13.62 10.40 -4.77
CA LEU A 18 -14.15 9.53 -3.69
C LEU A 18 -15.36 8.71 -4.20
N TRP A 19 -16.09 8.12 -3.29
CA TRP A 19 -17.28 7.31 -3.70
C TRP A 19 -18.39 7.49 -2.66
N VAL A 20 -19.61 7.70 -3.11
CA VAL A 20 -20.74 7.89 -2.15
C VAL A 20 -22.00 7.22 -2.71
N ASP A 21 -22.21 5.97 -2.40
CA ASP A 21 -23.42 5.26 -2.91
C ASP A 21 -23.62 3.95 -2.14
N GLY A 22 -22.56 3.22 -1.91
CA GLY A 22 -22.67 1.93 -1.17
C GLY A 22 -22.59 2.20 0.34
N ASN A 23 -21.41 2.18 0.90
CA ASN A 23 -21.26 2.43 2.37
C ASN A 23 -19.90 3.07 2.66
N CYS A 24 -19.34 3.77 1.71
CA CYS A 24 -18.02 4.42 1.93
C CYS A 24 -18.20 5.82 2.50
N GLU A 25 -17.11 6.42 2.92
CA GLU A 25 -17.18 7.80 3.48
C GLU A 25 -16.89 8.85 2.41
N ASP A 26 -17.11 10.10 2.71
CA ASP A 26 -16.85 11.18 1.70
C ASP A 26 -15.39 11.15 1.23
N ILE A 27 -14.47 10.94 2.12
CA ILE A 27 -13.03 10.90 1.73
C ILE A 27 -12.20 10.11 2.76
N PRO A 28 -11.79 8.90 2.40
CA PRO A 28 -10.99 8.07 3.34
C PRO A 28 -9.56 8.62 3.44
N HIS A 29 -8.65 7.85 3.98
CA HIS A 29 -7.25 8.32 4.11
C HIS A 29 -6.29 7.32 3.47
N VAL A 30 -5.90 7.55 2.24
CA VAL A 30 -4.96 6.62 1.55
C VAL A 30 -3.88 7.42 0.82
N ASN A 31 -2.77 6.77 0.52
CA ASN A 31 -1.66 7.48 -0.19
C ASN A 31 -1.84 7.34 -1.70
N GLU A 32 -1.85 8.44 -2.41
CA GLU A 32 -2.03 8.39 -3.89
C GLU A 32 -0.70 8.71 -4.59
N PHE A 33 -0.36 7.97 -5.60
CA PHE A 33 0.92 8.23 -6.35
C PHE A 33 0.61 8.75 -7.76
N PRO A 34 0.48 10.05 -7.89
CA PRO A 34 0.18 10.65 -9.22
C PRO A 34 1.44 10.71 -10.07
N ALA A 35 2.51 11.22 -9.53
CA ALA A 35 3.78 11.33 -10.31
C ALA A 35 4.47 9.97 -10.40
N ILE A 36 5.68 9.94 -10.92
CA ILE A 36 6.41 8.64 -11.05
C ILE A 36 7.82 8.77 -10.44
N ASP A 37 8.00 8.29 -9.23
CA ASP A 37 9.34 8.38 -8.57
C ASP A 37 10.38 7.62 -9.39
N LEU A 38 10.19 6.34 -9.56
CA LEU A 38 11.17 5.53 -10.35
C LEU A 38 10.46 4.82 -11.51
N PHE A 39 9.58 3.91 -11.20
CA PHE A 39 8.85 3.16 -12.27
C PHE A 39 7.43 3.72 -12.42
N GLU A 40 6.62 3.60 -11.41
CA GLU A 40 5.22 4.12 -11.49
C GLU A 40 4.58 4.16 -10.10
N CYS A 41 4.42 3.01 -9.48
CA CYS A 41 3.79 2.97 -8.12
C CYS A 41 4.31 1.76 -7.35
N ASN A 42 5.41 1.92 -6.65
CA ASN A 42 5.97 0.79 -5.86
C ASN A 42 6.90 1.31 -4.74
N LYS A 43 7.70 2.31 -5.03
CA LYS A 43 8.62 2.86 -3.99
C LYS A 43 7.81 3.47 -2.84
N LEU A 44 7.45 2.67 -1.87
CA LEU A 44 6.67 3.20 -0.71
C LEU A 44 7.10 2.50 0.59
N VAL A 45 8.37 2.24 0.73
CA VAL A 45 8.87 1.57 1.97
C VAL A 45 9.22 2.62 3.02
N PHE A 46 8.24 3.09 3.75
CA PHE A 46 8.50 4.13 4.80
C PHE A 46 7.87 3.70 6.13
N GLU A 47 6.59 3.40 6.12
CA GLU A 47 5.91 2.98 7.39
C GLU A 47 4.54 2.38 7.07
N LEU A 48 3.81 2.97 6.14
CA LEU A 48 2.46 2.44 5.79
C LEU A 48 2.56 0.99 5.32
N SER A 49 3.69 0.61 4.77
CA SER A 49 3.86 -0.79 4.28
C SER A 49 4.20 -1.73 5.46
N ALA A 50 4.78 -1.21 6.50
CA ALA A 50 5.14 -2.06 7.68
C ALA A 50 3.88 -2.53 8.40
N SER A 51 2.82 -1.75 8.34
CA SER A 51 1.55 -2.15 9.02
C SER A 51 0.59 -2.84 8.05
N ASP A 52 1.05 -3.19 6.85
CA ASP A 52 0.16 -3.86 5.87
C ASP A 52 0.24 -5.38 6.02
N GLN A 53 1.40 -5.89 6.37
CA GLN A 53 1.56 -7.36 6.54
C GLN A 53 1.97 -7.70 7.98
N PRO A 54 1.02 -7.60 8.89
CA PRO A 54 1.32 -7.91 10.32
C PRO A 54 1.50 -9.42 10.50
N LYS A 55 0.84 -10.21 9.68
CA LYS A 55 0.97 -11.68 9.80
C LYS A 55 2.03 -12.20 8.83
N GLN A 56 2.12 -13.50 8.65
CA GLN A 56 3.14 -14.07 7.71
C GLN A 56 2.61 -13.99 6.27
N TYR A 57 2.60 -12.81 5.70
CA TYR A 57 2.10 -12.65 4.30
C TYR A 57 3.19 -12.01 3.43
N GLU A 58 4.43 -12.20 3.79
CA GLU A 58 5.54 -11.61 2.99
C GLU A 58 6.70 -12.61 2.84
N GLN A 59 6.40 -13.88 2.90
CA GLN A 59 7.47 -14.92 2.76
C GLN A 59 8.05 -14.89 1.34
N HIS A 60 9.29 -15.30 1.21
CA HIS A 60 9.93 -15.31 -0.15
C HIS A 60 10.08 -16.73 -0.68
N LEU A 61 9.35 -17.67 -0.11
CA LEU A 61 9.45 -19.10 -0.60
C LEU A 61 9.09 -19.19 -2.08
N THR A 62 8.27 -18.29 -2.56
CA THR A 62 7.87 -18.32 -4.00
C THR A 62 9.00 -17.76 -4.87
N ASP A 63 9.79 -16.87 -4.33
CA ASP A 63 10.91 -16.28 -5.12
C ASP A 63 12.21 -17.05 -4.88
N TYR A 64 12.33 -17.67 -3.73
CA TYR A 64 13.58 -18.45 -3.42
C TYR A 64 13.54 -19.83 -4.08
N GLU A 65 12.50 -20.15 -4.81
CA GLU A 65 12.43 -21.49 -5.47
C GLU A 65 13.65 -21.72 -6.36
N LYS A 66 14.24 -20.67 -6.86
CA LYS A 66 15.44 -20.82 -7.74
C LYS A 66 16.74 -20.89 -6.91
N ILE A 67 16.63 -21.01 -5.61
CA ILE A 67 17.87 -21.09 -4.77
C ILE A 67 18.66 -22.38 -5.05
N LYS A 68 18.01 -23.38 -5.61
CA LYS A 68 18.71 -24.67 -5.90
C LYS A 68 19.95 -24.43 -6.77
N GLU A 69 19.84 -23.53 -7.71
CA GLU A 69 21.01 -23.22 -8.60
C GLU A 69 21.83 -22.07 -8.02
N GLY A 70 21.22 -21.22 -7.24
CA GLY A 70 21.96 -20.08 -6.63
C GLY A 70 21.97 -20.24 -5.11
N PHE A 71 22.71 -21.19 -4.61
CA PHE A 71 22.77 -21.40 -3.12
C PHE A 71 23.90 -20.58 -2.49
N LYS A 72 24.43 -19.61 -3.20
CA LYS A 72 25.53 -18.77 -2.63
C LYS A 72 25.06 -17.32 -2.47
N ASN A 73 23.79 -17.13 -2.20
CA ASN A 73 23.26 -15.74 -2.02
C ASN A 73 22.80 -15.53 -0.58
N LYS A 74 22.17 -16.52 0.00
CA LYS A 74 21.68 -16.38 1.41
C LYS A 74 22.87 -16.36 2.36
N ASN A 75 23.90 -17.08 2.06
CA ASN A 75 25.10 -17.11 2.95
C ASN A 75 25.78 -15.73 2.96
N ALA A 76 25.66 -15.00 1.89
CA ALA A 76 26.28 -13.65 1.83
C ALA A 76 25.69 -12.74 2.92
N SER A 77 24.44 -12.94 3.23
CA SER A 77 23.79 -12.10 4.29
C SER A 77 23.62 -12.89 5.58
N MET A 78 23.74 -14.20 5.53
CA MET A 78 23.57 -15.03 6.76
C MET A 78 24.89 -15.12 7.55
N ILE A 79 25.89 -14.36 7.19
CA ILE A 79 27.19 -14.42 7.92
C ILE A 79 26.97 -14.04 9.40
N LYS A 80 26.01 -13.20 9.66
CA LYS A 80 25.73 -12.80 11.07
C LYS A 80 25.25 -14.00 11.89
N SER A 81 24.61 -14.94 11.24
CA SER A 81 24.10 -16.14 11.97
C SER A 81 24.44 -17.42 11.18
N ALA A 82 25.55 -17.42 10.50
CA ALA A 82 25.95 -18.63 9.71
C ALA A 82 26.85 -19.53 10.55
N PHE A 83 26.50 -19.76 11.79
CA PHE A 83 27.34 -20.63 12.66
C PHE A 83 26.48 -21.21 13.80
N LEU A 84 25.21 -21.37 13.57
CA LEU A 84 24.32 -21.94 14.62
C LEU A 84 22.98 -22.41 14.00
N PRO A 85 23.08 -23.31 13.03
CA PRO A 85 21.86 -23.82 12.37
C PRO A 85 21.11 -24.77 13.30
N THR A 86 20.62 -24.27 14.41
CA THR A 86 19.87 -25.13 15.37
C THR A 86 18.51 -24.50 15.71
N GLY A 87 18.49 -23.22 15.90
CA GLY A 87 17.20 -22.53 16.23
C GLY A 87 16.97 -21.38 15.25
N ALA A 88 17.05 -21.66 13.98
CA ALA A 88 16.84 -20.58 12.95
C ALA A 88 15.47 -19.92 13.11
N PHE A 89 14.54 -20.60 13.77
CA PHE A 89 13.18 -20.00 13.97
C PHE A 89 13.27 -18.69 14.74
N LYS A 90 13.79 -18.74 15.93
CA LYS A 90 13.92 -17.49 16.75
C LYS A 90 15.22 -16.77 16.43
N ALA A 91 16.21 -17.50 15.98
CA ALA A 91 17.52 -16.85 15.63
C ALA A 91 17.34 -15.90 14.44
N ASP A 92 16.23 -15.98 13.74
CA ASP A 92 16.01 -15.08 12.57
C ASP A 92 16.02 -13.62 13.02
N ARG A 93 16.13 -12.71 12.08
CA ARG A 93 16.13 -11.25 12.43
C ARG A 93 15.19 -10.48 11.52
N TYR A 94 15.14 -9.18 11.67
CA TYR A 94 14.21 -8.35 10.81
C TYR A 94 14.46 -8.63 9.32
N LYS A 95 13.52 -9.22 8.65
CA LYS A 95 13.68 -9.51 7.20
C LYS A 95 13.43 -8.25 6.37
N SER A 96 13.19 -8.42 5.09
CA SER A 96 12.93 -7.24 4.21
C SER A 96 11.46 -6.82 4.31
N HIS A 97 11.00 -6.50 5.49
CA HIS A 97 9.58 -6.09 5.67
C HIS A 97 9.34 -4.74 5.01
N GLY A 98 9.23 -4.73 3.69
CA GLY A 98 8.99 -3.45 2.97
C GLY A 98 9.13 -3.69 1.46
N LYS A 99 10.16 -4.40 1.07
CA LYS A 99 10.39 -4.68 -0.38
C LYS A 99 10.25 -6.19 -0.66
N GLY A 100 9.05 -6.70 -0.63
CA GLY A 100 8.84 -8.15 -0.90
C GLY A 100 7.78 -8.33 -1.99
N TYR A 101 6.61 -7.77 -1.78
CA TYR A 101 5.52 -7.90 -2.80
C TYR A 101 4.75 -6.59 -2.90
N ASN A 102 3.69 -6.57 -3.67
CA ASN A 102 2.87 -5.33 -3.81
C ASN A 102 1.77 -5.29 -2.75
N TRP A 103 1.38 -4.13 -2.33
CA TRP A 103 0.31 -4.01 -1.28
C TRP A 103 -0.50 -2.73 -1.50
N GLY A 104 -0.95 -2.48 -2.69
CA GLY A 104 -1.74 -1.24 -2.96
C GLY A 104 -2.63 -1.46 -4.18
N ASN A 105 -3.57 -0.57 -4.41
CA ASN A 105 -4.47 -0.71 -5.60
C ASN A 105 -4.09 0.30 -6.68
N TYR A 106 -4.47 0.05 -7.90
CA TYR A 106 -4.12 0.99 -9.01
C TYR A 106 -5.39 1.53 -9.67
N ASN A 107 -5.58 2.83 -9.67
CA ASN A 107 -6.79 3.42 -10.30
C ASN A 107 -6.49 3.77 -11.75
N THR A 108 -7.09 3.08 -12.68
CA THR A 108 -6.83 3.38 -14.12
C THR A 108 -7.81 4.43 -14.65
N GLU A 109 -7.49 5.69 -14.45
CA GLU A 109 -8.36 6.78 -14.94
C GLU A 109 -7.55 7.68 -15.88
N THR A 110 -6.58 8.36 -15.34
CA THR A 110 -5.72 9.25 -16.17
C THR A 110 -4.25 8.80 -16.06
N GLN A 111 -3.67 8.96 -14.89
CA GLN A 111 -2.25 8.55 -14.68
C GLN A 111 -1.89 8.68 -13.19
N LYS A 112 -2.44 7.84 -12.35
CA LYS A 112 -2.12 7.93 -10.89
C LYS A 112 -2.21 6.56 -10.21
N CYS A 113 -1.97 6.51 -8.94
CA CYS A 113 -2.03 5.22 -8.19
C CYS A 113 -2.51 5.47 -6.76
N GLU A 114 -2.99 4.44 -6.09
CA GLU A 114 -3.48 4.63 -4.69
C GLU A 114 -2.99 3.48 -3.80
N ILE A 115 -2.67 3.76 -2.56
CA ILE A 115 -2.18 2.69 -1.64
C ILE A 115 -2.75 2.89 -0.23
N PHE A 116 -2.99 1.83 0.48
CA PHE A 116 -3.54 1.95 1.87
C PHE A 116 -3.49 0.59 2.57
N ASN A 117 -4.24 -0.37 2.08
CA ASN A 117 -4.24 -1.73 2.71
C ASN A 117 -4.96 -2.72 1.81
N VAL A 118 -5.15 -3.93 2.28
CA VAL A 118 -5.87 -4.96 1.45
C VAL A 118 -7.29 -4.48 1.12
N LYS A 119 -7.98 -5.18 0.25
CA LYS A 119 -9.37 -4.77 -0.11
C LYS A 119 -10.26 -4.63 1.14
N PRO A 120 -10.59 -3.40 1.49
CA PRO A 120 -11.43 -3.18 2.68
C PRO A 120 -12.91 -3.35 2.34
N THR A 121 -13.79 -2.95 3.22
CA THR A 121 -15.26 -3.09 2.95
C THR A 121 -15.79 -1.77 2.37
N CYS A 122 -15.12 -1.25 1.36
CA CYS A 122 -15.58 0.03 0.75
C CYS A 122 -15.29 0.03 -0.76
N LEU A 123 -16.28 0.30 -1.55
CA LEU A 123 -16.08 0.33 -3.04
C LEU A 123 -15.46 1.67 -3.44
N ILE A 124 -14.16 1.70 -3.66
CA ILE A 124 -13.49 2.97 -4.06
C ILE A 124 -12.15 2.67 -4.74
N ASN A 125 -12.03 1.52 -5.34
CA ASN A 125 -10.74 1.16 -6.03
C ASN A 125 -11.03 0.39 -7.32
N ASN A 126 -10.03 0.17 -8.13
CA ASN A 126 -10.22 -0.58 -9.40
C ASN A 126 -9.37 -1.86 -9.39
N SER A 127 -8.07 -1.73 -9.38
CA SER A 127 -7.20 -2.94 -9.37
C SER A 127 -6.66 -3.19 -7.96
N SER A 128 -6.45 -4.44 -7.61
CA SER A 128 -5.93 -4.76 -6.25
C SER A 128 -5.35 -6.17 -6.22
N TYR A 129 -4.08 -6.30 -5.90
CA TYR A 129 -3.44 -7.65 -5.85
C TYR A 129 -2.19 -7.62 -4.96
N ILE A 130 -1.56 -8.74 -4.75
CA ILE A 130 -0.34 -8.77 -3.91
C ILE A 130 0.78 -9.53 -4.63
N ALA A 131 1.31 -8.94 -5.68
CA ALA A 131 2.41 -9.61 -6.43
C ALA A 131 3.58 -8.64 -6.65
N THR A 132 4.78 -9.08 -6.43
CA THR A 132 5.97 -8.19 -6.62
C THR A 132 6.04 -7.70 -8.08
N THR A 133 5.92 -8.60 -9.02
CA THR A 133 5.98 -8.21 -10.46
C THR A 133 5.22 -9.21 -11.32
N ALA A 134 3.99 -8.90 -11.65
CA ALA A 134 3.17 -9.83 -12.50
C ALA A 134 1.93 -9.12 -13.04
N LEU A 135 1.42 -9.56 -14.15
CA LEU A 135 0.19 -8.92 -14.73
C LEU A 135 -1.07 -9.61 -14.21
N SER A 136 -1.95 -8.86 -13.61
CA SER A 136 -3.21 -9.45 -13.07
C SER A 136 -4.43 -8.89 -13.80
N HIS A 137 -5.06 -9.68 -14.62
CA HIS A 137 -6.25 -9.20 -15.38
C HIS A 137 -7.28 -10.33 -15.54
N PRO A 138 -7.65 -10.94 -14.43
CA PRO A 138 -8.63 -12.05 -14.48
C PRO A 138 -10.04 -11.51 -14.77
N ILE A 139 -10.75 -12.14 -15.66
CA ILE A 139 -12.13 -11.67 -16.01
C ILE A 139 -13.14 -12.80 -15.80
N GLU A 140 -13.22 -13.32 -14.59
CA GLU A 140 -14.18 -14.43 -14.31
C GLU A 140 -14.48 -14.49 -12.81
N MET A 1 -5.03 -15.66 -7.43
CA MET A 1 -6.41 -15.83 -6.87
C MET A 1 -7.40 -16.17 -7.99
N ARG A 2 -8.44 -16.89 -7.67
CA ARG A 2 -9.45 -17.24 -8.70
C ARG A 2 -10.59 -16.23 -8.70
N GLY A 3 -10.67 -15.40 -9.71
CA GLY A 3 -11.76 -14.38 -9.78
C GLY A 3 -12.11 -14.11 -11.24
N SER A 4 -13.36 -14.25 -11.59
CA SER A 4 -13.79 -13.99 -12.99
C SER A 4 -14.08 -12.49 -13.19
N HIS A 5 -14.65 -11.86 -12.20
CA HIS A 5 -14.95 -10.40 -12.33
C HIS A 5 -15.33 -9.83 -10.95
N HIS A 6 -15.40 -8.52 -10.85
CA HIS A 6 -15.76 -7.89 -9.55
C HIS A 6 -16.52 -6.58 -9.78
N HIS A 7 -17.67 -6.67 -10.43
CA HIS A 7 -18.47 -5.44 -10.70
C HIS A 7 -19.53 -5.25 -9.62
N HIS A 8 -19.21 -4.53 -8.58
CA HIS A 8 -20.19 -4.29 -7.48
C HIS A 8 -20.50 -2.80 -7.35
N HIS A 9 -19.51 -2.00 -7.08
CA HIS A 9 -19.74 -0.54 -6.94
C HIS A 9 -19.29 0.20 -8.22
N HIS A 10 -19.70 1.44 -8.38
CA HIS A 10 -19.30 2.21 -9.59
C HIS A 10 -18.01 2.98 -9.32
N GLY A 11 -17.15 3.09 -10.30
CA GLY A 11 -15.88 3.84 -10.12
C GLY A 11 -15.97 5.21 -10.80
N SER A 12 -17.01 5.95 -10.51
CA SER A 12 -17.18 7.29 -11.13
C SER A 12 -18.26 8.08 -10.41
N ASN A 13 -19.35 7.43 -10.06
CA ASN A 13 -20.46 8.14 -9.34
C ASN A 13 -19.95 8.69 -8.00
N ALA A 14 -18.97 8.04 -7.41
CA ALA A 14 -18.44 8.51 -6.10
C ALA A 14 -17.85 9.92 -6.25
N LYS A 15 -18.44 10.89 -5.62
CA LYS A 15 -17.93 12.28 -5.72
C LYS A 15 -17.26 12.71 -4.40
N PHE A 16 -17.68 12.13 -3.30
CA PHE A 16 -17.08 12.50 -1.99
C PHE A 16 -16.13 11.38 -1.51
N GLY A 17 -16.65 10.32 -0.96
CA GLY A 17 -15.76 9.21 -0.49
C GLY A 17 -16.51 7.88 -0.57
N LEU A 18 -17.57 7.73 0.18
CA LEU A 18 -18.34 6.45 0.14
C LEU A 18 -19.81 6.70 0.48
N TRP A 19 -20.65 5.73 0.24
CA TRP A 19 -22.11 5.90 0.54
C TRP A 19 -22.36 5.80 2.06
N VAL A 20 -23.54 6.12 2.50
CA VAL A 20 -23.84 6.01 3.96
C VAL A 20 -25.09 5.15 4.16
N ASP A 21 -24.91 3.85 4.27
CA ASP A 21 -26.07 2.92 4.47
C ASP A 21 -25.57 1.48 4.60
N GLY A 22 -24.43 1.28 5.21
CA GLY A 22 -23.88 -0.10 5.37
C GLY A 22 -22.99 -0.17 6.60
N ASN A 23 -21.73 -0.47 6.42
CA ASN A 23 -20.80 -0.56 7.58
C ASN A 23 -19.40 -0.07 7.20
N CYS A 24 -19.31 0.99 6.42
CA CYS A 24 -17.99 1.52 6.02
C CYS A 24 -17.50 2.55 7.05
N GLU A 25 -16.21 2.78 7.10
CA GLU A 25 -15.67 3.77 8.07
C GLU A 25 -16.05 5.19 7.66
N ASP A 26 -15.80 6.15 8.51
CA ASP A 26 -16.16 7.58 8.19
C ASP A 26 -15.56 8.00 6.85
N ILE A 27 -14.28 7.82 6.68
CA ILE A 27 -13.63 8.22 5.39
C ILE A 27 -12.22 7.60 5.28
N PRO A 28 -12.09 6.57 4.47
CA PRO A 28 -10.77 5.92 4.30
C PRO A 28 -9.83 6.80 3.46
N HIS A 29 -8.89 7.44 4.08
CA HIS A 29 -7.95 8.32 3.32
C HIS A 29 -6.79 7.49 2.76
N VAL A 30 -6.89 7.08 1.52
CA VAL A 30 -5.80 6.27 0.91
C VAL A 30 -4.64 7.17 0.47
N ASN A 31 -3.47 6.61 0.30
CA ASN A 31 -2.30 7.42 -0.13
C ASN A 31 -2.20 7.45 -1.65
N GLU A 32 -2.11 8.63 -2.22
CA GLU A 32 -2.03 8.74 -3.71
C GLU A 32 -0.56 8.81 -4.16
N PHE A 33 -0.30 8.49 -5.40
CA PHE A 33 1.11 8.54 -5.90
C PHE A 33 1.10 8.71 -7.43
N PRO A 34 1.28 9.93 -7.88
CA PRO A 34 1.29 10.19 -9.34
C PRO A 34 2.58 9.64 -9.97
N ALA A 35 2.71 8.34 -10.00
CA ALA A 35 3.95 7.72 -10.59
C ALA A 35 4.02 8.01 -12.09
N ILE A 36 4.63 9.11 -12.46
CA ILE A 36 4.74 9.46 -13.91
C ILE A 36 6.19 9.34 -14.39
N ASP A 37 7.13 9.47 -13.49
CA ASP A 37 8.57 9.36 -13.88
C ASP A 37 9.15 8.02 -13.43
N LEU A 38 8.60 7.44 -12.39
CA LEU A 38 9.11 6.13 -11.90
C LEU A 38 8.43 4.97 -12.64
N PHE A 39 8.42 3.81 -12.05
CA PHE A 39 7.77 2.64 -12.71
C PHE A 39 6.34 2.47 -12.20
N GLU A 40 6.17 2.33 -10.90
CA GLU A 40 4.81 2.17 -10.32
C GLU A 40 4.81 2.53 -8.84
N CYS A 41 3.87 2.03 -8.10
CA CYS A 41 3.81 2.34 -6.64
C CYS A 41 4.73 1.39 -5.85
N ASN A 42 5.99 1.36 -6.19
CA ASN A 42 6.95 0.46 -5.48
C ASN A 42 8.11 1.26 -4.88
N LYS A 43 7.92 2.55 -4.66
CA LYS A 43 9.02 3.37 -4.08
C LYS A 43 8.44 4.47 -3.18
N LEU A 44 8.02 4.11 -1.99
CA LEU A 44 7.45 5.14 -1.05
C LEU A 44 7.28 4.53 0.35
N VAL A 45 8.32 3.99 0.91
CA VAL A 45 8.22 3.38 2.26
C VAL A 45 9.10 4.17 3.25
N PHE A 46 8.50 5.03 4.03
CA PHE A 46 9.28 5.84 5.01
C PHE A 46 8.33 6.54 5.99
N GLU A 47 7.33 7.20 5.48
CA GLU A 47 6.36 7.91 6.37
C GLU A 47 4.92 7.59 5.95
N LEU A 48 4.69 6.39 5.48
CA LEU A 48 3.31 6.00 5.05
C LEU A 48 2.65 5.13 6.12
N SER A 49 3.43 4.40 6.87
CA SER A 49 2.86 3.52 7.94
C SER A 49 2.68 4.31 9.24
N ALA A 50 3.47 5.32 9.45
CA ALA A 50 3.35 6.13 10.70
C ALA A 50 2.04 6.92 10.69
N SER A 51 1.64 7.41 9.55
CA SER A 51 0.36 8.18 9.46
C SER A 51 -0.82 7.27 9.07
N ASP A 52 -0.62 5.98 9.08
CA ASP A 52 -1.73 5.05 8.71
C ASP A 52 -2.49 4.59 9.96
N GLN A 53 -1.82 4.54 11.09
CA GLN A 53 -2.49 4.09 12.34
C GLN A 53 -1.81 4.72 13.57
N PRO A 54 -2.26 5.89 13.97
CA PRO A 54 -1.66 6.56 15.15
C PRO A 54 -2.08 5.86 16.45
N LYS A 55 -3.14 5.09 16.42
CA LYS A 55 -3.61 4.37 17.64
C LYS A 55 -2.48 3.54 18.26
N GLN A 56 -1.88 2.68 17.48
CA GLN A 56 -0.76 1.81 17.99
C GLN A 56 0.29 2.64 18.75
N TYR A 57 0.17 2.71 20.05
CA TYR A 57 1.16 3.48 20.86
C TYR A 57 2.12 2.51 21.55
N GLU A 58 1.65 1.34 21.89
CA GLU A 58 2.53 0.33 22.55
C GLU A 58 2.57 -0.95 21.72
N GLN A 59 3.13 -0.87 20.54
CA GLN A 59 3.21 -2.07 19.64
C GLN A 59 3.77 -3.29 20.39
N HIS A 60 2.92 -4.15 20.87
CA HIS A 60 3.38 -5.37 21.60
C HIS A 60 3.12 -6.62 20.76
N LEU A 61 2.10 -6.58 19.93
CA LEU A 61 1.78 -7.77 19.07
C LEU A 61 2.73 -7.84 17.87
N THR A 62 3.43 -6.77 17.56
CA THR A 62 4.36 -6.78 16.39
C THR A 62 5.32 -7.99 16.45
N ASP A 63 5.56 -8.52 17.62
CA ASP A 63 6.47 -9.69 17.74
C ASP A 63 5.82 -10.95 17.15
N TYR A 64 4.51 -10.95 16.99
CA TYR A 64 3.82 -12.15 16.44
C TYR A 64 3.55 -12.01 14.92
N GLU A 65 3.97 -10.93 14.31
CA GLU A 65 3.72 -10.74 12.85
C GLU A 65 4.54 -11.76 12.03
N LYS A 66 5.47 -12.47 12.64
CA LYS A 66 6.30 -13.47 11.89
C LYS A 66 5.41 -14.43 11.08
N ILE A 67 4.17 -14.61 11.47
CA ILE A 67 3.26 -15.53 10.72
C ILE A 67 3.17 -15.11 9.25
N LYS A 68 3.15 -13.83 8.98
CA LYS A 68 3.09 -13.35 7.57
C LYS A 68 4.49 -12.91 7.12
N GLU A 69 5.35 -12.58 8.05
CA GLU A 69 6.73 -12.15 7.69
C GLU A 69 7.71 -13.32 7.79
N GLY A 70 7.20 -14.53 7.68
CA GLY A 70 8.08 -15.73 7.79
C GLY A 70 9.14 -15.73 6.69
N PHE A 71 10.20 -14.98 6.88
CA PHE A 71 11.28 -14.95 5.86
C PHE A 71 12.12 -16.21 5.98
N LYS A 72 11.97 -17.12 5.04
CA LYS A 72 12.75 -18.42 5.08
C LYS A 72 14.20 -18.21 5.54
N ASN A 73 14.77 -17.07 5.24
CA ASN A 73 16.16 -16.78 5.68
C ASN A 73 16.14 -15.93 6.96
N LYS A 74 15.29 -16.29 7.88
CA LYS A 74 15.18 -15.50 9.15
C LYS A 74 16.31 -15.88 10.12
N ASN A 75 16.44 -17.13 10.43
CA ASN A 75 17.51 -17.58 11.38
C ASN A 75 18.87 -17.73 10.67
N ALA A 76 18.96 -17.35 9.42
CA ALA A 76 20.26 -17.47 8.70
C ALA A 76 21.12 -16.23 8.93
N SER A 77 20.53 -15.07 8.86
CA SER A 77 21.30 -13.81 9.07
C SER A 77 21.00 -13.19 10.44
N MET A 78 19.90 -13.54 11.06
CA MET A 78 19.56 -12.94 12.39
C MET A 78 20.35 -13.61 13.52
N ILE A 79 21.20 -14.56 13.22
CA ILE A 79 22.00 -15.23 14.30
C ILE A 79 22.92 -14.21 14.96
N LYS A 80 23.34 -13.21 14.23
CA LYS A 80 24.24 -12.17 14.80
C LYS A 80 23.45 -10.90 15.15
N SER A 81 22.31 -10.69 14.51
CA SER A 81 21.50 -9.48 14.80
C SER A 81 20.15 -9.87 15.40
N ALA A 82 20.06 -11.00 16.05
CA ALA A 82 18.77 -11.43 16.66
C ALA A 82 18.45 -10.56 17.89
N PHE A 83 18.21 -9.29 17.66
CA PHE A 83 17.88 -8.38 18.80
C PHE A 83 17.20 -7.11 18.28
N LEU A 84 15.90 -7.11 18.20
CA LEU A 84 15.17 -5.90 17.71
C LEU A 84 13.76 -5.83 18.29
N PRO A 85 13.66 -5.93 19.60
CA PRO A 85 12.32 -5.87 20.26
C PRO A 85 11.79 -4.43 20.24
N THR A 86 12.67 -3.46 20.25
CA THR A 86 12.23 -2.04 20.24
C THR A 86 12.17 -1.51 18.80
N GLY A 87 12.93 -2.09 17.91
CA GLY A 87 12.91 -1.62 16.49
C GLY A 87 12.88 -2.84 15.56
N ALA A 88 11.86 -3.66 15.68
CA ALA A 88 11.75 -4.86 14.80
C ALA A 88 11.78 -4.45 13.32
N PHE A 89 11.41 -3.23 13.02
CA PHE A 89 11.40 -2.77 11.59
C PHE A 89 12.84 -2.63 11.08
N LYS A 90 13.78 -2.41 11.97
CA LYS A 90 15.20 -2.27 11.54
C LYS A 90 15.91 -3.64 11.47
N ALA A 91 15.19 -4.72 11.68
CA ALA A 91 15.83 -6.06 11.63
C ALA A 91 16.43 -6.31 10.24
N ASP A 92 15.89 -5.68 9.23
CA ASP A 92 16.41 -5.88 7.85
C ASP A 92 17.74 -5.13 7.67
N ARG A 93 18.65 -5.69 6.92
CA ARG A 93 19.98 -5.02 6.71
C ARG A 93 19.83 -3.87 5.71
N TYR A 94 19.50 -4.20 4.49
CA TYR A 94 19.33 -3.13 3.45
C TYR A 94 17.89 -2.60 3.47
N LYS A 95 17.52 -1.82 2.48
CA LYS A 95 16.15 -1.26 2.44
C LYS A 95 15.43 -1.72 1.16
N SER A 96 16.10 -1.66 0.04
CA SER A 96 15.47 -2.08 -1.24
C SER A 96 15.74 -3.57 -1.49
N HIS A 97 15.47 -4.40 -0.52
CA HIS A 97 15.71 -5.86 -0.69
C HIS A 97 14.39 -6.63 -0.55
N GLY A 98 13.59 -6.65 -1.59
CA GLY A 98 12.29 -7.38 -1.53
C GLY A 98 11.17 -6.46 -2.00
N LYS A 99 11.22 -5.20 -1.62
CA LYS A 99 10.15 -4.24 -2.04
C LYS A 99 10.34 -3.85 -3.51
N GLY A 100 10.16 -4.78 -4.41
CA GLY A 100 10.33 -4.48 -5.86
C GLY A 100 9.13 -5.01 -6.64
N TYR A 101 7.95 -4.85 -6.10
CA TYR A 101 6.72 -5.34 -6.81
C TYR A 101 5.52 -4.46 -6.46
N ASN A 102 4.34 -4.86 -6.86
CA ASN A 102 3.13 -4.06 -6.54
C ASN A 102 2.49 -4.55 -5.24
N TRP A 103 2.03 -3.62 -4.42
CA TRP A 103 1.41 -4.02 -3.13
C TRP A 103 0.33 -3.01 -2.72
N GLY A 104 -0.28 -2.36 -3.68
CA GLY A 104 -1.34 -1.36 -3.36
C GLY A 104 -2.52 -1.55 -4.31
N ASN A 105 -3.02 -0.48 -4.87
CA ASN A 105 -4.17 -0.60 -5.82
C ASN A 105 -4.13 0.52 -6.87
N TYR A 106 -4.82 0.34 -7.97
CA TYR A 106 -4.81 1.38 -9.04
C TYR A 106 -6.24 1.83 -9.35
N ASN A 107 -6.48 3.11 -9.31
CA ASN A 107 -7.84 3.65 -9.61
C ASN A 107 -7.70 5.03 -10.23
N THR A 108 -7.62 5.09 -11.54
CA THR A 108 -7.46 6.42 -12.21
C THR A 108 -8.08 6.41 -13.61
N GLU A 109 -8.24 7.57 -14.20
CA GLU A 109 -8.80 7.68 -15.57
C GLU A 109 -7.69 8.06 -16.56
N THR A 110 -6.65 8.68 -16.09
CA THR A 110 -5.53 9.08 -16.99
C THR A 110 -4.22 8.40 -16.56
N GLN A 111 -3.71 8.73 -15.40
CA GLN A 111 -2.44 8.10 -14.93
C GLN A 111 -2.18 8.43 -13.45
N LYS A 112 -2.81 7.72 -12.55
CA LYS A 112 -2.61 7.98 -11.10
C LYS A 112 -2.58 6.65 -10.33
N CYS A 113 -1.63 6.49 -9.44
CA CYS A 113 -1.53 5.22 -8.65
C CYS A 113 -1.75 5.51 -7.16
N GLU A 114 -2.20 4.54 -6.41
CA GLU A 114 -2.43 4.76 -4.95
C GLU A 114 -2.22 3.47 -4.17
N ILE A 115 -2.04 3.57 -2.88
CA ILE A 115 -1.82 2.33 -2.05
C ILE A 115 -2.41 2.52 -0.65
N PHE A 116 -2.89 1.45 -0.05
CA PHE A 116 -3.47 1.56 1.32
C PHE A 116 -3.71 0.16 1.90
N ASN A 117 -2.95 -0.23 2.89
CA ASN A 117 -3.13 -1.58 3.50
C ASN A 117 -3.94 -1.47 4.81
N VAL A 118 -5.21 -1.75 4.75
CA VAL A 118 -6.06 -1.67 5.97
C VAL A 118 -7.18 -2.71 5.91
N LYS A 119 -7.90 -2.88 6.99
CA LYS A 119 -9.02 -3.88 7.00
C LYS A 119 -10.07 -3.53 5.95
N PRO A 120 -10.30 -4.42 5.01
CA PRO A 120 -11.30 -4.13 3.94
C PRO A 120 -12.73 -4.19 4.50
N THR A 121 -13.22 -3.10 5.02
CA THR A 121 -14.61 -3.08 5.58
C THR A 121 -15.45 -2.02 4.86
N CYS A 122 -15.33 -1.94 3.56
CA CYS A 122 -16.12 -0.93 2.79
C CYS A 122 -16.21 -1.35 1.32
N LEU A 123 -17.07 -0.74 0.55
CA LEU A 123 -17.19 -1.10 -0.89
C LEU A 123 -16.42 -0.11 -1.78
N ILE A 124 -15.24 0.26 -1.36
CA ILE A 124 -14.41 1.22 -2.17
C ILE A 124 -13.11 0.53 -2.57
N ASN A 125 -13.17 -0.73 -2.92
CA ASN A 125 -11.94 -1.48 -3.32
C ASN A 125 -11.58 -1.16 -4.77
N ASN A 126 -10.38 -0.69 -5.01
CA ASN A 126 -9.96 -0.35 -6.40
C ASN A 126 -9.20 -1.54 -7.01
N SER A 127 -8.50 -1.30 -8.09
CA SER A 127 -7.72 -2.42 -8.75
C SER A 127 -6.57 -2.86 -7.84
N SER A 128 -6.86 -3.59 -6.80
CA SER A 128 -5.79 -4.06 -5.87
C SER A 128 -5.18 -5.36 -6.39
N TYR A 129 -3.92 -5.58 -6.11
CA TYR A 129 -3.25 -6.82 -6.58
C TYR A 129 -1.99 -7.09 -5.75
N ILE A 130 -2.15 -7.67 -4.59
CA ILE A 130 -0.97 -7.97 -3.72
C ILE A 130 -0.30 -9.28 -4.15
N ALA A 131 0.85 -9.19 -4.76
CA ALA A 131 1.56 -10.42 -5.22
C ALA A 131 3.08 -10.19 -5.22
N THR A 132 3.60 -9.54 -4.22
CA THR A 132 5.07 -9.28 -4.17
C THR A 132 5.83 -10.60 -4.12
N THR A 133 5.23 -11.64 -3.59
CA THR A 133 5.92 -12.96 -3.52
C THR A 133 4.97 -14.08 -3.95
N ALA A 134 5.45 -15.00 -4.75
CA ALA A 134 4.57 -16.12 -5.21
C ALA A 134 4.12 -16.97 -4.01
N LEU A 135 4.92 -17.01 -2.97
CA LEU A 135 4.54 -17.82 -1.76
C LEU A 135 3.42 -17.11 -0.99
N SER A 136 2.42 -17.86 -0.59
CA SER A 136 1.29 -17.25 0.17
C SER A 136 1.20 -17.86 1.56
N HIS A 137 0.73 -19.08 1.66
CA HIS A 137 0.62 -19.75 2.99
C HIS A 137 0.88 -21.26 2.85
N PRO A 138 2.06 -21.60 2.38
CA PRO A 138 2.41 -23.04 2.22
C PRO A 138 2.66 -23.68 3.60
N ILE A 139 3.09 -22.90 4.55
CA ILE A 139 3.35 -23.45 5.92
C ILE A 139 2.04 -23.57 6.70
N GLU A 140 1.29 -24.61 6.47
CA GLU A 140 0.00 -24.79 7.18
C GLU A 140 -0.57 -26.19 6.92
N MET A 1 -8.22 19.28 -14.56
CA MET A 1 -7.99 20.71 -14.93
C MET A 1 -8.89 21.10 -16.11
N ARG A 2 -10.16 20.80 -16.02
CA ARG A 2 -11.10 21.15 -17.12
C ARG A 2 -12.49 21.46 -16.55
N GLY A 3 -13.37 21.98 -17.36
CA GLY A 3 -14.74 22.31 -16.88
C GLY A 3 -15.53 21.02 -16.65
N SER A 4 -16.59 21.10 -15.90
CA SER A 4 -17.41 19.88 -15.62
C SER A 4 -18.82 20.28 -15.16
N HIS A 5 -19.67 19.32 -14.95
CA HIS A 5 -21.07 19.63 -14.49
C HIS A 5 -21.43 18.78 -13.28
N HIS A 6 -20.85 19.06 -12.15
CA HIS A 6 -21.16 18.27 -10.92
C HIS A 6 -21.75 19.18 -9.83
N HIS A 7 -21.84 18.69 -8.63
CA HIS A 7 -22.41 19.52 -7.51
C HIS A 7 -21.53 20.74 -7.25
N HIS A 8 -20.38 20.53 -6.65
CA HIS A 8 -19.46 21.68 -6.37
C HIS A 8 -18.00 21.24 -6.54
N HIS A 9 -17.08 22.10 -6.19
CA HIS A 9 -15.63 21.76 -6.33
C HIS A 9 -15.29 20.55 -5.44
N HIS A 10 -14.79 19.50 -6.04
CA HIS A 10 -14.42 18.29 -5.24
C HIS A 10 -13.00 17.84 -5.58
N GLY A 11 -12.66 17.82 -6.84
CA GLY A 11 -11.29 17.39 -7.25
C GLY A 11 -10.51 18.60 -7.77
N SER A 12 -10.63 19.72 -7.10
CA SER A 12 -9.90 20.95 -7.55
C SER A 12 -8.86 21.35 -6.51
N ASN A 13 -9.29 21.71 -5.33
CA ASN A 13 -8.33 22.12 -4.27
C ASN A 13 -7.88 20.89 -3.46
N ALA A 14 -8.73 19.91 -3.35
CA ALA A 14 -8.37 18.68 -2.59
C ALA A 14 -8.43 17.44 -3.49
N LYS A 15 -8.40 16.27 -2.92
CA LYS A 15 -8.46 15.03 -3.74
C LYS A 15 -9.15 13.90 -2.95
N PHE A 16 -10.05 14.27 -2.05
CA PHE A 16 -10.76 13.24 -1.25
C PHE A 16 -12.25 13.22 -1.62
N GLY A 17 -12.61 12.49 -2.64
CA GLY A 17 -14.04 12.42 -3.05
C GLY A 17 -14.50 10.97 -3.10
N LEU A 18 -15.57 10.64 -2.41
CA LEU A 18 -16.07 9.23 -2.41
C LEU A 18 -17.56 9.20 -2.74
N TRP A 19 -18.07 8.06 -3.14
CA TRP A 19 -19.52 7.95 -3.47
C TRP A 19 -20.38 8.36 -2.27
N VAL A 20 -21.65 8.52 -2.48
CA VAL A 20 -22.56 8.92 -1.35
C VAL A 20 -22.61 7.80 -0.30
N ASP A 21 -23.08 8.11 0.88
CA ASP A 21 -23.16 7.07 1.95
C ASP A 21 -24.09 5.94 1.52
N GLY A 22 -23.55 4.92 0.91
CA GLY A 22 -24.40 3.78 0.46
C GLY A 22 -24.34 2.66 1.50
N ASN A 23 -23.45 1.71 1.33
CA ASN A 23 -23.34 0.60 2.32
C ASN A 23 -21.93 0.52 2.90
N CYS A 24 -21.22 1.62 2.90
CA CYS A 24 -19.83 1.62 3.45
C CYS A 24 -19.49 3.00 4.04
N GLU A 25 -18.58 3.05 4.98
CA GLU A 25 -18.20 4.35 5.60
C GLU A 25 -17.25 5.11 4.67
N ASP A 26 -16.97 6.35 4.97
CA ASP A 26 -16.05 7.16 4.12
C ASP A 26 -14.70 6.46 3.96
N ILE A 27 -14.12 6.50 2.78
CA ILE A 27 -12.80 5.83 2.56
C ILE A 27 -11.74 6.39 3.52
N PRO A 28 -10.79 5.55 3.88
CA PRO A 28 -9.72 6.00 4.81
C PRO A 28 -8.76 6.96 4.09
N HIS A 29 -7.61 7.21 4.67
CA HIS A 29 -6.64 8.14 4.03
C HIS A 29 -5.57 7.35 3.27
N VAL A 30 -5.78 7.15 1.98
CA VAL A 30 -4.79 6.39 1.17
C VAL A 30 -3.79 7.35 0.51
N ASN A 31 -2.65 6.86 0.11
CA ASN A 31 -1.63 7.74 -0.53
C ASN A 31 -1.84 7.75 -2.05
N GLU A 32 -2.36 8.82 -2.57
CA GLU A 32 -2.60 8.90 -4.04
C GLU A 32 -1.39 9.52 -4.75
N PHE A 33 -1.06 9.04 -5.92
CA PHE A 33 0.11 9.60 -6.67
C PHE A 33 -0.39 10.39 -7.89
N PRO A 34 -0.07 11.68 -7.93
CA PRO A 34 -0.51 12.52 -9.08
C PRO A 34 0.30 12.18 -10.33
N ALA A 35 1.61 12.16 -10.22
CA ALA A 35 2.45 11.84 -11.41
C ALA A 35 3.73 11.11 -10.97
N ILE A 36 4.68 10.97 -11.86
CA ILE A 36 5.95 10.26 -11.51
C ILE A 36 7.10 11.27 -11.44
N ASP A 37 7.88 11.20 -10.39
CA ASP A 37 9.02 12.17 -10.24
C ASP A 37 10.34 11.40 -10.10
N LEU A 38 10.34 10.30 -9.39
CA LEU A 38 11.59 9.50 -9.22
C LEU A 38 11.56 8.26 -10.11
N PHE A 39 10.66 7.35 -9.84
CA PHE A 39 10.57 6.11 -10.67
C PHE A 39 9.13 5.83 -11.06
N GLU A 40 8.32 5.38 -10.14
CA GLU A 40 6.89 5.08 -10.46
C GLU A 40 6.05 5.18 -9.18
N CYS A 41 4.92 4.52 -9.14
CA CYS A 41 4.06 4.56 -7.92
C CYS A 41 4.03 3.19 -7.24
N ASN A 42 5.09 2.43 -7.37
CA ASN A 42 5.14 1.09 -6.74
C ASN A 42 6.28 1.05 -5.71
N LYS A 43 6.44 2.10 -4.95
CA LYS A 43 7.53 2.13 -3.93
C LYS A 43 6.95 2.18 -2.52
N LEU A 44 5.86 2.88 -2.33
CA LEU A 44 5.23 2.96 -0.97
C LEU A 44 4.85 1.57 -0.47
N VAL A 45 4.95 1.34 0.82
CA VAL A 45 4.60 0.00 1.38
C VAL A 45 3.10 -0.29 1.16
N PHE A 46 2.42 -0.90 2.12
CA PHE A 46 0.96 -1.19 1.93
C PHE A 46 0.13 -0.37 2.92
N GLU A 47 0.70 0.70 3.44
CA GLU A 47 -0.03 1.56 4.41
C GLU A 47 0.87 2.73 4.80
N LEU A 48 0.27 3.85 5.13
CA LEU A 48 1.09 5.02 5.54
C LEU A 48 1.26 5.04 7.06
N SER A 49 0.84 3.99 7.74
CA SER A 49 0.99 3.95 9.23
C SER A 49 2.22 3.13 9.60
N ALA A 50 2.51 2.10 8.85
CA ALA A 50 3.71 1.26 9.14
C ALA A 50 4.99 2.12 9.07
N SER A 51 4.95 3.18 8.28
CA SER A 51 6.16 4.05 8.16
C SER A 51 6.48 4.70 9.51
N ASP A 52 5.48 4.89 10.34
CA ASP A 52 5.72 5.52 11.67
C ASP A 52 5.65 4.46 12.78
N GLN A 53 4.49 3.89 12.99
CA GLN A 53 4.34 2.84 14.06
C GLN A 53 3.11 1.96 13.77
N PRO A 54 3.12 0.75 14.28
CA PRO A 54 1.98 -0.18 14.07
C PRO A 54 0.79 0.25 14.92
N LYS A 55 -0.34 0.51 14.29
CA LYS A 55 -1.55 0.92 15.04
C LYS A 55 -2.70 -0.05 14.78
N GLN A 56 -3.17 -0.11 13.56
CA GLN A 56 -4.30 -1.03 13.22
C GLN A 56 -3.73 -2.42 12.90
N TYR A 57 -4.02 -3.40 13.72
CA TYR A 57 -3.50 -4.77 13.46
C TYR A 57 -4.66 -5.72 13.13
N GLU A 58 -5.71 -5.70 13.91
CA GLU A 58 -6.87 -6.60 13.65
C GLU A 58 -8.18 -5.80 13.63
N GLN A 59 -8.33 -4.94 12.65
CA GLN A 59 -9.58 -4.12 12.57
C GLN A 59 -10.79 -5.05 12.37
N HIS A 60 -11.89 -4.52 11.88
CA HIS A 60 -13.11 -5.36 11.68
C HIS A 60 -13.14 -5.97 10.28
N LEU A 61 -12.02 -6.03 9.60
CA LEU A 61 -11.98 -6.62 8.23
C LEU A 61 -11.48 -8.07 8.30
N THR A 62 -10.68 -8.39 9.29
CA THR A 62 -10.16 -9.78 9.42
C THR A 62 -11.11 -10.65 10.24
N ASP A 63 -11.90 -10.04 11.08
CA ASP A 63 -12.85 -10.83 11.93
C ASP A 63 -14.04 -11.31 11.09
N TYR A 64 -14.39 -10.58 10.06
CA TYR A 64 -15.54 -10.98 9.20
C TYR A 64 -15.14 -12.15 8.30
N GLU A 65 -13.93 -12.13 7.79
CA GLU A 65 -13.46 -13.25 6.90
C GLU A 65 -12.91 -14.42 7.73
N LYS A 66 -13.03 -14.37 9.03
CA LYS A 66 -12.49 -15.47 9.87
C LYS A 66 -13.45 -16.68 9.86
N ILE A 67 -14.72 -16.44 9.65
CA ILE A 67 -15.70 -17.56 9.63
C ILE A 67 -16.05 -17.97 8.20
N LYS A 68 -15.96 -17.05 7.27
CA LYS A 68 -16.28 -17.40 5.85
C LYS A 68 -14.99 -17.61 5.05
N GLU A 69 -13.92 -16.99 5.46
CA GLU A 69 -12.63 -17.15 4.73
C GLU A 69 -11.59 -17.91 5.57
N GLY A 70 -11.93 -18.26 6.82
CA GLY A 70 -11.02 -19.01 7.77
C GLY A 70 -9.60 -19.25 7.25
N PHE A 71 -8.91 -18.20 6.88
CA PHE A 71 -7.53 -18.35 6.35
C PHE A 71 -6.62 -18.98 7.42
N LYS A 72 -6.34 -20.24 7.28
CA LYS A 72 -5.46 -20.94 8.28
C LYS A 72 -4.09 -21.24 7.68
N ASN A 73 -4.00 -21.32 6.37
CA ASN A 73 -2.70 -21.61 5.72
C ASN A 73 -2.13 -20.36 5.06
N LYS A 74 -2.24 -19.23 5.71
CA LYS A 74 -1.70 -17.97 5.12
C LYS A 74 -0.40 -17.57 5.83
N ASN A 75 -0.49 -17.03 7.02
CA ASN A 75 0.74 -16.62 7.77
C ASN A 75 1.31 -17.82 8.53
N ALA A 76 0.46 -18.63 9.09
CA ALA A 76 0.93 -19.83 9.86
C ALA A 76 1.75 -20.75 8.95
N SER A 77 1.56 -20.66 7.66
CA SER A 77 2.34 -21.53 6.72
C SER A 77 3.76 -21.00 6.58
N MET A 78 3.91 -19.74 6.26
CA MET A 78 5.28 -19.16 6.10
C MET A 78 5.99 -19.14 7.46
N ILE A 79 5.53 -18.33 8.38
CA ILE A 79 6.17 -18.27 9.73
C ILE A 79 5.12 -17.86 10.79
N LYS A 80 5.20 -16.67 11.34
CA LYS A 80 4.20 -16.25 12.36
C LYS A 80 3.39 -15.06 11.83
N SER A 81 4.02 -14.21 11.06
CA SER A 81 3.30 -13.02 10.49
C SER A 81 3.98 -12.59 9.19
N ALA A 82 3.34 -12.85 8.08
CA ALA A 82 3.93 -12.46 6.76
C ALA A 82 4.17 -10.94 6.68
N PHE A 83 5.29 -10.49 7.17
CA PHE A 83 5.60 -9.03 7.13
C PHE A 83 7.07 -8.84 6.75
N LEU A 84 7.34 -8.65 5.48
CA LEU A 84 8.76 -8.46 5.04
C LEU A 84 9.05 -6.98 4.75
N PRO A 85 9.63 -6.30 5.72
CA PRO A 85 9.97 -4.87 5.53
C PRO A 85 11.15 -4.72 4.57
N THR A 86 11.98 -5.72 4.49
CA THR A 86 13.17 -5.66 3.59
C THR A 86 13.22 -6.92 2.71
N GLY A 87 12.39 -6.98 1.70
CA GLY A 87 12.37 -8.17 0.81
C GLY A 87 13.28 -7.91 -0.39
N ALA A 88 14.48 -7.45 -0.14
CA ALA A 88 15.44 -7.20 -1.26
C ALA A 88 15.71 -8.48 -2.04
N PHE A 89 15.41 -9.62 -1.47
CA PHE A 89 15.65 -10.93 -2.18
C PHE A 89 14.95 -10.93 -3.53
N LYS A 90 13.89 -10.17 -3.67
CA LYS A 90 13.15 -10.12 -4.97
C LYS A 90 14.02 -9.49 -6.07
N ALA A 91 15.11 -8.86 -5.70
CA ALA A 91 16.00 -8.22 -6.73
C ALA A 91 16.47 -9.25 -7.76
N ASP A 92 16.42 -10.51 -7.44
CA ASP A 92 16.85 -11.57 -8.41
C ASP A 92 16.13 -11.41 -9.76
N ARG A 93 14.98 -10.79 -9.77
CA ARG A 93 14.23 -10.60 -11.04
C ARG A 93 15.08 -9.82 -12.06
N TYR A 94 14.84 -10.02 -13.32
CA TYR A 94 15.64 -9.29 -14.36
C TYR A 94 15.10 -7.86 -14.54
N LYS A 95 13.98 -7.72 -15.20
CA LYS A 95 13.40 -6.36 -15.42
C LYS A 95 12.07 -6.22 -14.67
N SER A 96 11.64 -5.01 -14.43
CA SER A 96 10.36 -4.80 -13.70
C SER A 96 9.21 -4.70 -14.71
N HIS A 97 9.11 -5.64 -15.61
CA HIS A 97 8.01 -5.61 -16.62
C HIS A 97 6.77 -6.31 -16.06
N GLY A 98 6.01 -5.61 -15.25
CA GLY A 98 4.78 -6.21 -14.67
C GLY A 98 5.15 -7.09 -13.47
N LYS A 99 5.99 -6.58 -12.60
CA LYS A 99 6.39 -7.38 -11.40
C LYS A 99 6.45 -6.49 -10.15
N GLY A 100 5.86 -5.31 -10.19
CA GLY A 100 5.89 -4.41 -9.00
C GLY A 100 4.52 -3.76 -8.81
N TYR A 101 3.53 -4.53 -8.41
CA TYR A 101 2.17 -3.96 -8.19
C TYR A 101 1.26 -4.99 -7.52
N ASN A 102 1.07 -4.88 -6.22
CA ASN A 102 0.20 -5.85 -5.49
C ASN A 102 -0.07 -5.37 -4.07
N TRP A 103 0.93 -4.82 -3.43
CA TRP A 103 0.75 -4.31 -2.02
C TRP A 103 -0.02 -2.97 -1.98
N GLY A 104 -0.48 -2.48 -3.12
CA GLY A 104 -1.22 -1.19 -3.12
C GLY A 104 -2.35 -1.28 -4.17
N ASN A 105 -3.16 -0.25 -4.28
CA ASN A 105 -4.25 -0.27 -5.29
C ASN A 105 -3.94 0.69 -6.44
N TYR A 106 -4.10 0.24 -7.66
CA TYR A 106 -3.78 1.12 -8.82
C TYR A 106 -5.04 1.39 -9.67
N ASN A 107 -5.05 2.49 -10.37
CA ASN A 107 -6.21 2.83 -11.24
C ASN A 107 -5.71 3.28 -12.62
N THR A 108 -5.93 2.49 -13.63
CA THR A 108 -5.43 2.88 -14.98
C THR A 108 -6.49 3.70 -15.73
N GLU A 109 -6.51 5.00 -15.50
CA GLU A 109 -7.48 5.88 -16.20
C GLU A 109 -6.70 6.95 -16.97
N THR A 110 -6.03 7.82 -16.26
CA THR A 110 -5.23 8.89 -16.91
C THR A 110 -3.77 8.77 -16.49
N GLN A 111 -3.50 9.03 -15.23
CA GLN A 111 -2.10 8.94 -14.70
C GLN A 111 -2.10 9.12 -13.18
N LYS A 112 -2.58 8.13 -12.46
CA LYS A 112 -2.63 8.24 -10.97
C LYS A 112 -2.41 6.87 -10.32
N CYS A 113 -2.04 6.86 -9.06
CA CYS A 113 -1.81 5.57 -8.34
C CYS A 113 -2.25 5.70 -6.87
N GLU A 114 -2.38 4.60 -6.19
CA GLU A 114 -2.80 4.66 -4.75
C GLU A 114 -2.15 3.53 -3.95
N ILE A 115 -1.82 3.78 -2.71
CA ILE A 115 -1.18 2.73 -1.86
C ILE A 115 -1.87 2.65 -0.49
N PHE A 116 -2.23 1.46 -0.08
CA PHE A 116 -2.92 1.28 1.24
C PHE A 116 -3.09 -0.21 1.53
N ASN A 117 -3.95 -0.56 2.45
CA ASN A 117 -4.16 -2.01 2.78
C ASN A 117 -4.98 -2.70 1.69
N VAL A 118 -5.44 -3.89 1.96
CA VAL A 118 -6.25 -4.64 0.93
C VAL A 118 -7.49 -3.84 0.53
N LYS A 119 -8.14 -4.24 -0.54
CA LYS A 119 -9.36 -3.51 -0.99
C LYS A 119 -10.52 -3.73 -0.01
N PRO A 120 -11.10 -2.66 0.49
CA PRO A 120 -12.22 -2.80 1.45
C PRO A 120 -13.50 -3.24 0.72
N THR A 121 -14.60 -3.31 1.42
CA THR A 121 -15.88 -3.72 0.78
C THR A 121 -16.77 -2.50 0.51
N CYS A 122 -16.22 -1.49 -0.11
CA CYS A 122 -17.03 -0.26 -0.41
C CYS A 122 -17.17 -0.08 -1.92
N LEU A 123 -17.65 1.05 -2.34
CA LEU A 123 -17.82 1.31 -3.81
C LEU A 123 -16.47 1.67 -4.44
N ILE A 124 -15.56 2.20 -3.67
CA ILE A 124 -14.22 2.58 -4.24
C ILE A 124 -13.30 1.36 -4.25
N ASN A 125 -13.53 0.45 -5.16
CA ASN A 125 -12.69 -0.78 -5.24
C ASN A 125 -11.67 -0.66 -6.37
N ASN A 126 -10.45 -0.32 -6.04
CA ASN A 126 -9.39 -0.19 -7.09
C ASN A 126 -8.71 -1.54 -7.34
N SER A 127 -7.62 -1.54 -8.06
CA SER A 127 -6.90 -2.83 -8.35
C SER A 127 -6.00 -3.21 -7.17
N SER A 128 -6.53 -3.89 -6.19
CA SER A 128 -5.71 -4.29 -5.01
C SER A 128 -5.56 -5.82 -4.96
N TYR A 129 -4.36 -6.31 -5.11
CA TYR A 129 -4.13 -7.79 -5.06
C TYR A 129 -2.69 -8.09 -4.64
N ILE A 130 -2.51 -8.62 -3.45
CA ILE A 130 -1.13 -8.94 -2.97
C ILE A 130 -0.60 -10.21 -3.63
N ALA A 131 -0.48 -10.21 -4.94
CA ALA A 131 0.02 -11.42 -5.66
C ALA A 131 0.60 -11.03 -7.02
N THR A 132 1.80 -10.48 -7.04
CA THR A 132 2.43 -10.08 -8.34
C THR A 132 2.61 -11.31 -9.23
N THR A 133 2.88 -12.45 -8.65
CA THR A 133 3.06 -13.69 -9.47
C THR A 133 2.57 -14.91 -8.68
N ALA A 134 1.34 -15.29 -8.89
CA ALA A 134 0.78 -16.47 -8.16
C ALA A 134 0.26 -17.52 -9.15
N LEU A 135 -0.51 -18.47 -8.69
CA LEU A 135 -1.06 -19.52 -9.60
C LEU A 135 -1.91 -18.88 -10.70
N SER A 136 -1.35 -18.69 -11.87
CA SER A 136 -2.13 -18.07 -12.98
C SER A 136 -1.62 -18.58 -14.33
N HIS A 137 -2.52 -19.06 -15.17
CA HIS A 137 -2.10 -19.57 -16.51
C HIS A 137 -3.23 -19.39 -17.53
N PRO A 138 -3.52 -18.14 -17.85
CA PRO A 138 -4.60 -17.85 -18.82
C PRO A 138 -4.14 -18.20 -20.25
N ILE A 139 -2.87 -18.11 -20.50
CA ILE A 139 -2.34 -18.43 -21.86
C ILE A 139 -1.66 -19.81 -21.85
N GLU A 140 -2.43 -20.87 -21.80
CA GLU A 140 -1.84 -22.24 -21.78
C GLU A 140 -0.80 -22.38 -20.67
N MET A 1 -19.63 11.88 10.39
CA MET A 1 -20.28 13.21 10.22
C MET A 1 -20.27 13.62 8.74
N ARG A 2 -21.23 14.41 8.34
CA ARG A 2 -21.29 14.86 6.92
C ARG A 2 -20.48 16.14 6.72
N GLY A 3 -20.90 17.21 7.34
CA GLY A 3 -20.14 18.50 7.21
C GLY A 3 -18.86 18.44 8.05
N SER A 4 -17.74 18.24 7.41
CA SER A 4 -16.45 18.16 8.16
C SER A 4 -15.50 19.28 7.70
N HIS A 5 -14.31 19.32 8.23
CA HIS A 5 -13.33 20.36 7.84
C HIS A 5 -12.02 19.72 7.38
N HIS A 6 -10.99 20.51 7.19
CA HIS A 6 -9.68 19.96 6.75
C HIS A 6 -8.53 20.69 7.46
N HIS A 7 -8.11 20.18 8.59
CA HIS A 7 -6.98 20.84 9.32
C HIS A 7 -5.64 20.29 8.84
N HIS A 8 -5.00 20.97 7.92
CA HIS A 8 -3.69 20.49 7.40
C HIS A 8 -2.61 21.55 7.65
N HIS A 9 -2.20 21.71 8.88
CA HIS A 9 -1.14 22.72 9.21
C HIS A 9 0.13 22.02 9.70
N HIS A 10 0.03 21.30 10.78
CA HIS A 10 1.23 20.59 11.33
C HIS A 10 0.79 19.30 12.04
N GLY A 11 -0.23 18.66 11.53
CA GLY A 11 -0.71 17.39 12.16
C GLY A 11 -0.19 16.20 11.36
N SER A 12 -0.27 15.02 11.93
CA SER A 12 0.22 13.80 11.21
C SER A 12 -0.86 13.27 10.26
N ASN A 13 -2.02 12.96 10.80
CA ASN A 13 -3.12 12.43 9.94
C ASN A 13 -3.92 13.60 9.34
N ALA A 14 -4.25 13.52 8.09
CA ALA A 14 -5.03 14.62 7.43
C ALA A 14 -6.52 14.47 7.76
N LYS A 15 -7.17 13.50 7.16
CA LYS A 15 -8.63 13.30 7.43
C LYS A 15 -9.00 11.82 7.24
N PHE A 16 -10.17 11.44 7.69
CA PHE A 16 -10.61 10.02 7.54
C PHE A 16 -11.68 9.91 6.45
N GLY A 17 -11.38 9.25 5.36
CA GLY A 17 -12.38 9.12 4.26
C GLY A 17 -12.62 7.64 3.94
N LEU A 18 -13.87 7.22 3.99
CA LEU A 18 -14.20 5.80 3.68
C LEU A 18 -15.61 5.70 3.07
N TRP A 19 -15.88 4.64 2.37
CA TRP A 19 -17.23 4.46 1.74
C TRP A 19 -18.23 4.07 2.85
N VAL A 20 -19.04 5.01 3.27
CA VAL A 20 -20.04 4.71 4.35
C VAL A 20 -21.33 4.14 3.74
N ASP A 21 -21.67 2.92 4.08
CA ASP A 21 -22.91 2.28 3.55
C ASP A 21 -23.22 1.00 4.32
N GLY A 22 -22.48 -0.05 4.07
CA GLY A 22 -22.72 -1.33 4.79
C GLY A 22 -21.74 -2.39 4.30
N ASN A 23 -20.51 -1.99 4.07
CA ASN A 23 -19.49 -2.98 3.59
C ASN A 23 -18.07 -2.60 4.05
N CYS A 24 -17.77 -1.33 4.13
CA CYS A 24 -16.40 -0.90 4.56
C CYS A 24 -16.32 -0.75 6.08
N GLU A 25 -15.13 -0.59 6.58
CA GLU A 25 -14.91 -0.41 8.03
C GLU A 25 -14.03 0.81 8.27
N ASP A 26 -13.84 1.21 9.50
CA ASP A 26 -13.00 2.42 9.81
C ASP A 26 -11.68 2.40 9.00
N ILE A 27 -11.58 3.25 8.01
CA ILE A 27 -10.35 3.29 7.16
C ILE A 27 -10.05 4.75 6.74
N PRO A 28 -8.84 5.21 7.03
CA PRO A 28 -8.46 6.62 6.68
C PRO A 28 -8.32 6.83 5.17
N HIS A 29 -7.64 7.87 4.76
CA HIS A 29 -7.47 8.14 3.30
C HIS A 29 -6.29 7.34 2.73
N VAL A 30 -6.46 6.80 1.54
CA VAL A 30 -5.37 6.00 0.92
C VAL A 30 -4.33 6.94 0.28
N ASN A 31 -3.15 6.44 0.02
CA ASN A 31 -2.10 7.29 -0.60
C ASN A 31 -2.19 7.22 -2.13
N GLU A 32 -2.20 8.36 -2.78
CA GLU A 32 -2.30 8.37 -4.27
C GLU A 32 -0.98 8.82 -4.90
N PHE A 33 -0.77 8.51 -6.15
CA PHE A 33 0.50 8.90 -6.83
C PHE A 33 0.18 9.68 -8.13
N PRO A 34 0.54 10.96 -8.16
CA PRO A 34 0.27 11.77 -9.38
C PRO A 34 1.21 11.35 -10.51
N ALA A 35 1.07 10.13 -10.98
CA ALA A 35 1.95 9.65 -12.09
C ALA A 35 1.42 8.32 -12.64
N ILE A 36 2.19 7.67 -13.47
CA ILE A 36 1.73 6.36 -14.04
C ILE A 36 2.93 5.54 -14.51
N ASP A 37 4.08 5.74 -13.90
CA ASP A 37 5.29 4.96 -14.29
C ASP A 37 5.09 3.48 -13.99
N LEU A 38 6.05 2.66 -14.34
CA LEU A 38 5.93 1.19 -14.07
C LEU A 38 6.27 0.89 -12.61
N PHE A 39 7.51 1.10 -12.22
CA PHE A 39 7.91 0.83 -10.81
C PHE A 39 7.87 2.13 -9.99
N GLU A 40 6.72 2.51 -9.53
CA GLU A 40 6.60 3.77 -8.73
C GLU A 40 5.50 3.63 -7.67
N CYS A 41 4.37 3.10 -8.06
CA CYS A 41 3.23 2.94 -7.10
C CYS A 41 3.65 2.07 -5.91
N ASN A 42 4.53 1.12 -6.13
CA ASN A 42 4.99 0.24 -5.02
C ASN A 42 6.32 0.75 -4.45
N LYS A 43 6.46 2.04 -4.33
CA LYS A 43 7.73 2.61 -3.77
C LYS A 43 7.40 3.74 -2.79
N LEU A 44 7.05 3.39 -1.57
CA LEU A 44 6.70 4.43 -0.55
C LEU A 44 7.12 3.97 0.84
N VAL A 45 7.47 4.90 1.70
CA VAL A 45 7.89 4.53 3.09
C VAL A 45 6.73 3.80 3.79
N PHE A 46 6.97 3.22 4.94
CA PHE A 46 5.89 2.49 5.66
C PHE A 46 4.86 3.48 6.25
N GLU A 47 4.24 4.28 5.41
CA GLU A 47 3.22 5.24 5.92
C GLU A 47 1.82 4.60 5.98
N LEU A 48 1.75 3.29 5.83
CA LEU A 48 0.42 2.61 5.89
C LEU A 48 0.23 1.91 7.24
N SER A 49 1.17 2.05 8.16
CA SER A 49 1.03 1.38 9.49
C SER A 49 -0.31 1.71 10.14
N ALA A 50 -0.88 2.85 9.81
CA ALA A 50 -2.20 3.23 10.39
C ALA A 50 -3.30 2.31 9.86
N SER A 51 -3.08 1.69 8.73
CA SER A 51 -4.12 0.77 8.15
C SER A 51 -4.00 -0.64 8.73
N ASP A 52 -3.18 -0.83 9.74
CA ASP A 52 -3.02 -2.19 10.34
C ASP A 52 -4.07 -2.44 11.43
N GLN A 53 -5.05 -1.57 11.56
CA GLN A 53 -6.11 -1.75 12.61
C GLN A 53 -6.71 -3.18 12.54
N PRO A 54 -7.45 -3.55 13.55
CA PRO A 54 -8.07 -4.90 13.58
C PRO A 54 -9.22 -4.97 12.58
N LYS A 55 -10.02 -6.01 12.66
CA LYS A 55 -11.17 -6.16 11.72
C LYS A 55 -12.43 -5.54 12.33
N GLN A 56 -13.57 -5.80 11.73
CA GLN A 56 -14.85 -5.23 12.27
C GLN A 56 -15.11 -5.74 13.68
N TYR A 57 -14.59 -6.90 14.01
CA TYR A 57 -14.81 -7.46 15.38
C TYR A 57 -14.32 -6.48 16.46
N GLU A 58 -13.40 -5.62 16.11
CA GLU A 58 -12.87 -4.64 17.11
C GLU A 58 -13.34 -3.22 16.76
N GLN A 59 -14.61 -2.96 16.90
CA GLN A 59 -15.15 -1.60 16.59
C GLN A 59 -15.52 -0.85 17.87
N HIS A 60 -14.63 -0.84 18.83
CA HIS A 60 -14.93 -0.13 20.12
C HIS A 60 -14.09 1.15 20.24
N LEU A 61 -13.57 1.65 19.15
CA LEU A 61 -12.75 2.91 19.21
C LEU A 61 -13.58 4.06 19.78
N THR A 62 -14.83 4.15 19.42
CA THR A 62 -15.70 5.24 19.94
C THR A 62 -15.83 5.15 21.46
N ASP A 63 -15.72 3.96 22.00
CA ASP A 63 -15.83 3.79 23.48
C ASP A 63 -14.44 3.71 24.12
N TYR A 64 -13.41 3.45 23.35
CA TYR A 64 -12.04 3.36 23.91
C TYR A 64 -11.40 4.78 23.95
N GLU A 65 -12.11 5.80 23.54
CA GLU A 65 -11.53 7.19 23.56
C GLU A 65 -11.09 7.56 24.98
N LYS A 66 -11.67 6.94 25.98
CA LYS A 66 -11.30 7.26 27.39
C LYS A 66 -10.13 6.39 27.86
N ILE A 67 -9.89 5.27 27.20
CA ILE A 67 -8.76 4.38 27.60
C ILE A 67 -7.41 4.97 27.18
N LYS A 68 -7.41 5.83 26.20
CA LYS A 68 -6.12 6.45 25.73
C LYS A 68 -5.43 7.19 26.88
N GLU A 69 -6.18 7.67 27.84
CA GLU A 69 -5.57 8.40 28.99
C GLU A 69 -5.25 7.44 30.14
N GLY A 70 -5.88 6.29 30.17
CA GLY A 70 -5.60 5.31 31.26
C GLY A 70 -4.26 4.62 31.00
N PHE A 71 -3.19 5.22 31.42
CA PHE A 71 -1.84 4.61 31.19
C PHE A 71 -1.60 3.41 32.12
N LYS A 72 -2.51 3.15 33.03
CA LYS A 72 -2.32 1.98 33.96
C LYS A 72 -2.32 0.67 33.16
N ASN A 73 -2.97 0.66 32.03
CA ASN A 73 -3.00 -0.60 31.20
C ASN A 73 -3.06 -0.23 29.70
N LYS A 74 -1.91 -0.16 29.07
CA LYS A 74 -1.89 0.19 27.61
C LYS A 74 -2.08 -1.07 26.77
N ASN A 75 -3.00 -1.04 25.85
CA ASN A 75 -3.26 -2.23 24.98
C ASN A 75 -2.59 -2.09 23.62
N ALA A 76 -1.97 -0.96 23.33
CA ALA A 76 -1.31 -0.76 22.01
C ALA A 76 -0.22 -1.82 21.80
N SER A 77 0.45 -2.21 22.85
CA SER A 77 1.53 -3.23 22.72
C SER A 77 1.06 -4.59 23.27
N MET A 78 -0.22 -4.76 23.51
CA MET A 78 -0.72 -6.06 24.05
C MET A 78 -1.44 -6.85 22.96
N ILE A 79 -2.04 -6.16 22.01
CA ILE A 79 -2.77 -6.87 20.91
C ILE A 79 -2.13 -6.54 19.56
N LYS A 80 -2.02 -5.27 19.24
CA LYS A 80 -1.42 -4.86 17.94
C LYS A 80 0.00 -5.43 17.79
N SER A 81 0.66 -5.70 18.89
CA SER A 81 2.04 -6.25 18.82
C SER A 81 2.00 -7.77 18.66
N ALA A 82 0.93 -8.40 19.11
CA ALA A 82 0.83 -9.89 18.99
C ALA A 82 -0.05 -10.26 17.80
N PHE A 83 0.55 -10.57 16.68
CA PHE A 83 -0.24 -10.95 15.47
C PHE A 83 0.61 -11.83 14.55
N LEU A 84 1.52 -11.22 13.81
CA LEU A 84 2.39 -12.01 12.89
C LEU A 84 3.83 -12.10 13.43
N PRO A 85 4.55 -10.99 13.50
CA PRO A 85 5.94 -11.02 14.00
C PRO A 85 5.94 -11.23 15.53
N THR A 86 5.70 -12.44 15.97
CA THR A 86 5.68 -12.71 17.43
C THR A 86 7.10 -12.88 17.97
N GLY A 87 7.94 -11.90 17.78
CA GLY A 87 9.35 -12.00 18.26
C GLY A 87 9.84 -10.60 18.65
N ALA A 88 9.38 -10.09 19.77
CA ALA A 88 9.81 -8.73 20.21
C ALA A 88 11.35 -8.65 20.34
N PHE A 89 11.99 -9.78 20.48
CA PHE A 89 13.49 -9.77 20.62
C PHE A 89 14.13 -9.15 19.37
N LYS A 90 14.06 -9.84 18.26
CA LYS A 90 14.67 -9.31 17.00
C LYS A 90 13.76 -8.26 16.36
N ALA A 91 12.49 -8.28 16.68
CA ALA A 91 11.54 -7.27 16.09
C ALA A 91 11.95 -5.85 16.51
N ASP A 92 12.78 -5.72 17.53
CA ASP A 92 13.20 -4.36 17.98
C ASP A 92 13.90 -3.61 16.85
N ARG A 93 15.12 -3.98 16.54
CA ARG A 93 15.87 -3.30 15.44
C ARG A 93 15.31 -3.74 14.08
N TYR A 94 14.09 -3.39 13.78
CA TYR A 94 13.49 -3.77 12.48
C TYR A 94 13.93 -2.81 11.38
N LYS A 95 14.12 -3.30 10.18
CA LYS A 95 14.56 -2.42 9.05
C LYS A 95 13.52 -2.44 7.92
N SER A 96 13.89 -1.94 6.77
CA SER A 96 12.94 -1.92 5.62
C SER A 96 13.09 -3.21 4.80
N HIS A 97 13.01 -4.35 5.45
CA HIS A 97 13.15 -5.64 4.72
C HIS A 97 11.78 -6.30 4.51
N GLY A 98 10.80 -5.95 5.33
CA GLY A 98 9.44 -6.55 5.19
C GLY A 98 8.89 -6.25 3.79
N LYS A 99 8.93 -5.00 3.38
CA LYS A 99 8.39 -4.63 2.04
C LYS A 99 9.17 -5.38 0.94
N GLY A 100 8.48 -5.93 -0.02
CA GLY A 100 9.16 -6.67 -1.13
C GLY A 100 8.18 -6.90 -2.27
N TYR A 101 6.98 -7.32 -1.96
CA TYR A 101 5.97 -7.57 -3.04
C TYR A 101 5.13 -6.31 -3.27
N ASN A 102 4.23 -6.35 -4.22
CA ASN A 102 3.38 -5.15 -4.50
C ASN A 102 2.32 -4.99 -3.41
N TRP A 103 2.20 -3.81 -2.86
CA TRP A 103 1.19 -3.58 -1.78
C TRP A 103 0.44 -2.26 -2.02
N GLY A 104 0.00 -2.03 -3.23
CA GLY A 104 -0.73 -0.77 -3.53
C GLY A 104 -1.82 -1.05 -4.58
N ASN A 105 -2.73 -0.12 -4.75
CA ASN A 105 -3.82 -0.32 -5.75
C ASN A 105 -3.49 0.46 -7.03
N TYR A 106 -4.11 0.11 -8.13
CA TYR A 106 -3.83 0.82 -9.42
C TYR A 106 -5.14 1.18 -10.12
N ASN A 107 -5.20 2.36 -10.69
CA ASN A 107 -6.44 2.78 -11.41
C ASN A 107 -6.06 3.39 -12.76
N THR A 108 -6.34 2.70 -13.84
CA THR A 108 -5.98 3.24 -15.19
C THR A 108 -7.12 4.07 -15.76
N GLU A 109 -7.17 5.33 -15.39
CA GLU A 109 -8.24 6.23 -15.92
C GLU A 109 -7.59 7.42 -16.64
N THR A 110 -6.88 8.24 -15.92
CA THR A 110 -6.19 9.41 -16.54
C THR A 110 -4.68 9.33 -16.28
N GLN A 111 -4.24 9.60 -15.08
CA GLN A 111 -2.78 9.52 -14.77
C GLN A 111 -2.57 9.58 -13.25
N LYS A 112 -3.02 8.57 -12.54
CA LYS A 112 -2.85 8.56 -11.06
C LYS A 112 -2.73 7.12 -10.54
N CYS A 113 -2.32 6.96 -9.30
CA CYS A 113 -2.18 5.59 -8.72
C CYS A 113 -2.69 5.57 -7.28
N GLU A 114 -2.64 4.44 -6.62
CA GLU A 114 -3.14 4.37 -5.21
C GLU A 114 -2.30 3.36 -4.41
N ILE A 115 -2.14 3.60 -3.13
CA ILE A 115 -1.34 2.66 -2.29
C ILE A 115 -2.01 2.48 -0.91
N PHE A 116 -2.06 1.27 -0.42
CA PHE A 116 -2.70 1.03 0.90
C PHE A 116 -2.38 -0.39 1.40
N ASN A 117 -3.02 -1.39 0.83
CA ASN A 117 -2.74 -2.80 1.26
C ASN A 117 -3.42 -3.79 0.31
N VAL A 118 -3.53 -5.03 0.70
CA VAL A 118 -4.19 -6.05 -0.18
C VAL A 118 -5.65 -5.66 -0.40
N LYS A 119 -6.26 -6.14 -1.47
CA LYS A 119 -7.69 -5.81 -1.75
C LYS A 119 -8.57 -6.08 -0.51
N PRO A 120 -8.98 -5.04 0.17
CA PRO A 120 -9.84 -5.21 1.35
C PRO A 120 -11.31 -5.23 0.95
N THR A 121 -12.15 -5.84 1.74
CA THR A 121 -13.61 -5.87 1.40
C THR A 121 -14.20 -4.47 1.56
N CYS A 122 -13.92 -3.60 0.63
CA CYS A 122 -14.44 -2.21 0.73
C CYS A 122 -14.44 -1.55 -0.65
N LEU A 123 -15.48 -0.82 -0.98
CA LEU A 123 -15.55 -0.14 -2.31
C LEU A 123 -14.71 1.15 -2.29
N ILE A 124 -13.44 1.04 -2.00
CA ILE A 124 -12.57 2.26 -1.99
C ILE A 124 -11.36 2.07 -2.92
N ASN A 125 -10.83 0.88 -3.00
CA ASN A 125 -9.67 0.63 -3.89
C ASN A 125 -10.12 0.47 -5.35
N ASN A 126 -9.19 0.41 -6.27
CA ASN A 126 -9.56 0.25 -7.70
C ASN A 126 -9.10 -1.10 -8.23
N SER A 127 -7.82 -1.25 -8.49
CA SER A 127 -7.30 -2.56 -9.01
C SER A 127 -6.21 -3.08 -8.08
N SER A 128 -6.38 -4.27 -7.56
CA SER A 128 -5.34 -4.85 -6.65
C SER A 128 -4.35 -5.70 -7.45
N TYR A 129 -3.08 -5.47 -7.25
CA TYR A 129 -2.05 -6.27 -8.00
C TYR A 129 -1.93 -7.66 -7.39
N ILE A 130 -1.56 -7.74 -6.13
CA ILE A 130 -1.42 -9.07 -5.47
C ILE A 130 -1.76 -8.97 -3.98
N ALA A 131 -1.36 -9.93 -3.20
CA ALA A 131 -1.66 -9.88 -1.73
C ALA A 131 -0.37 -10.09 -0.92
N THR A 132 0.20 -9.01 -0.43
CA THR A 132 1.46 -9.13 0.38
C THR A 132 1.21 -10.00 1.61
N THR A 133 0.06 -9.87 2.22
CA THR A 133 -0.26 -10.67 3.43
C THR A 133 -1.75 -11.03 3.45
N ALA A 134 -2.06 -12.31 3.38
CA ALA A 134 -3.49 -12.74 3.40
C ALA A 134 -4.19 -12.23 4.66
N LEU A 135 -5.51 -12.28 4.68
CA LEU A 135 -6.25 -11.81 5.88
C LEU A 135 -6.44 -12.96 6.87
N SER A 136 -7.31 -12.80 7.83
CA SER A 136 -7.55 -13.88 8.84
C SER A 136 -8.50 -14.94 8.26
N HIS A 137 -9.18 -15.66 9.12
CA HIS A 137 -10.12 -16.72 8.62
C HIS A 137 -11.20 -16.10 7.71
N PRO A 138 -11.77 -16.91 6.84
CA PRO A 138 -12.81 -16.40 5.92
C PRO A 138 -14.11 -16.14 6.68
N ILE A 139 -14.36 -16.88 7.73
CA ILE A 139 -15.62 -16.68 8.51
C ILE A 139 -15.54 -15.39 9.32
N GLU A 140 -15.75 -14.27 8.69
CA GLU A 140 -15.69 -12.97 9.42
C GLU A 140 -16.71 -12.94 10.57
N MET A 1 2.20 15.13 11.77
CA MET A 1 1.42 15.30 13.04
C MET A 1 0.06 14.62 12.92
N ARG A 2 -0.68 14.56 14.01
CA ARG A 2 -2.02 13.91 13.96
C ARG A 2 -3.09 14.90 14.43
N GLY A 3 -4.33 14.46 14.49
CA GLY A 3 -5.42 15.37 14.94
C GLY A 3 -6.53 14.55 15.60
N SER A 4 -6.89 14.90 16.82
CA SER A 4 -7.96 14.14 17.54
C SER A 4 -9.21 15.01 17.67
N HIS A 5 -9.05 16.30 17.73
CA HIS A 5 -10.23 17.21 17.87
C HIS A 5 -11.14 17.08 16.64
N HIS A 6 -12.04 18.02 16.46
CA HIS A 6 -12.97 17.96 15.28
C HIS A 6 -12.17 17.91 13.96
N HIS A 7 -11.32 18.89 13.74
CA HIS A 7 -10.52 18.91 12.47
C HIS A 7 -9.67 17.65 12.36
N HIS A 8 -10.19 16.62 11.73
CA HIS A 8 -9.42 15.35 11.58
C HIS A 8 -8.39 15.47 10.46
N HIS A 9 -8.82 15.92 9.30
CA HIS A 9 -7.88 16.07 8.15
C HIS A 9 -7.83 17.53 7.69
N HIS A 10 -7.22 17.78 6.56
CA HIS A 10 -7.13 19.19 6.05
C HIS A 10 -7.68 19.26 4.62
N GLY A 11 -8.84 18.68 4.40
CA GLY A 11 -9.45 18.72 3.04
C GLY A 11 -10.97 18.66 3.15
N SER A 12 -11.66 19.11 2.13
CA SER A 12 -13.16 19.09 2.18
C SER A 12 -13.68 17.76 1.65
N ASN A 13 -14.97 17.52 1.77
CA ASN A 13 -15.55 16.23 1.28
C ASN A 13 -16.51 16.50 0.12
N ALA A 14 -16.20 16.01 -1.05
CA ALA A 14 -17.08 16.22 -2.24
C ALA A 14 -16.62 15.34 -3.40
N LYS A 15 -17.46 15.17 -4.40
CA LYS A 15 -17.18 14.34 -5.65
C LYS A 15 -15.79 13.67 -5.64
N PHE A 16 -15.61 12.68 -4.80
CA PHE A 16 -14.31 11.98 -4.71
C PHE A 16 -14.54 10.50 -4.39
N GLY A 17 -15.14 10.22 -3.26
CA GLY A 17 -15.41 8.80 -2.87
C GLY A 17 -16.65 8.72 -1.99
N LEU A 18 -17.54 9.68 -2.08
CA LEU A 18 -18.77 9.64 -1.25
C LEU A 18 -20.02 9.71 -2.14
N TRP A 19 -21.13 9.26 -1.63
CA TRP A 19 -22.39 9.28 -2.43
C TRP A 19 -23.60 9.04 -1.50
N VAL A 20 -24.79 9.15 -2.02
CA VAL A 20 -26.03 8.94 -1.18
C VAL A 20 -25.90 7.67 -0.31
N ASP A 21 -26.80 7.52 0.64
CA ASP A 21 -26.75 6.32 1.57
C ASP A 21 -26.46 5.02 0.81
N GLY A 22 -25.31 4.44 1.04
CA GLY A 22 -24.94 3.17 0.35
C GLY A 22 -24.49 2.15 1.40
N ASN A 23 -23.24 1.74 1.33
CA ASN A 23 -22.72 0.75 2.32
C ASN A 23 -21.22 0.96 2.57
N CYS A 24 -20.77 2.18 2.46
CA CYS A 24 -19.32 2.46 2.69
C CYS A 24 -19.12 3.77 3.47
N GLU A 25 -18.23 3.78 4.41
CA GLU A 25 -17.97 5.02 5.21
C GLU A 25 -17.15 6.00 4.36
N ASP A 26 -16.99 7.21 4.83
CA ASP A 26 -16.20 8.24 4.05
C ASP A 26 -14.85 7.66 3.61
N ILE A 27 -14.24 8.25 2.61
CA ILE A 27 -12.92 7.73 2.10
C ILE A 27 -11.90 7.67 3.25
N PRO A 28 -11.32 6.51 3.47
CA PRO A 28 -10.32 6.37 4.57
C PRO A 28 -9.04 7.12 4.18
N HIS A 29 -8.01 7.02 5.00
CA HIS A 29 -6.75 7.72 4.67
C HIS A 29 -5.84 6.84 3.81
N VAL A 30 -5.99 6.92 2.52
CA VAL A 30 -5.13 6.09 1.61
C VAL A 30 -4.11 7.00 0.90
N ASN A 31 -2.99 6.45 0.52
CA ASN A 31 -1.95 7.28 -0.16
C ASN A 31 -2.17 7.31 -1.67
N GLU A 32 -2.21 8.48 -2.25
CA GLU A 32 -2.41 8.60 -3.72
C GLU A 32 -1.13 9.07 -4.38
N PHE A 33 -0.78 8.51 -5.51
CA PHE A 33 0.48 8.93 -6.21
C PHE A 33 0.15 9.70 -7.49
N PRO A 34 0.03 11.01 -7.36
CA PRO A 34 -0.27 11.86 -8.53
C PRO A 34 0.98 12.02 -9.40
N ALA A 35 1.41 10.95 -10.04
CA ALA A 35 2.64 11.03 -10.89
C ALA A 35 2.47 12.07 -11.99
N ILE A 36 3.30 13.08 -11.99
CA ILE A 36 3.20 14.15 -13.03
C ILE A 36 4.23 13.90 -14.14
N ASP A 37 5.28 13.17 -13.85
CA ASP A 37 6.32 12.89 -14.89
C ASP A 37 6.86 11.48 -14.72
N LEU A 38 7.45 11.20 -13.57
CA LEU A 38 8.01 9.83 -13.34
C LEU A 38 6.90 8.77 -13.42
N PHE A 39 7.24 7.53 -13.20
CA PHE A 39 6.21 6.44 -13.26
C PHE A 39 6.66 5.24 -12.44
N GLU A 40 6.33 5.20 -11.17
CA GLU A 40 6.73 4.05 -10.31
C GLU A 40 5.99 4.09 -8.97
N CYS A 41 4.83 3.47 -8.91
CA CYS A 41 4.05 3.46 -7.64
C CYS A 41 4.87 2.84 -6.50
N ASN A 42 5.86 2.05 -6.82
CA ASN A 42 6.69 1.41 -5.75
C ASN A 42 7.95 2.25 -5.48
N LYS A 43 7.85 3.54 -5.58
CA LYS A 43 9.03 4.41 -5.32
C LYS A 43 9.03 4.93 -3.88
N LEU A 44 8.33 4.26 -2.99
CA LEU A 44 8.29 4.72 -1.57
C LEU A 44 7.87 3.57 -0.65
N VAL A 45 8.17 2.35 -1.04
CA VAL A 45 7.79 1.18 -0.19
C VAL A 45 8.92 0.83 0.78
N PHE A 46 8.79 1.25 2.02
CA PHE A 46 9.84 0.95 3.03
C PHE A 46 9.22 0.89 4.43
N GLU A 47 8.39 1.86 4.74
CA GLU A 47 7.73 1.87 6.08
C GLU A 47 6.42 2.64 6.00
N LEU A 48 5.34 2.04 6.43
CA LEU A 48 4.02 2.74 6.38
C LEU A 48 3.86 3.68 7.59
N SER A 49 4.90 3.83 8.40
CA SER A 49 4.79 4.74 9.58
C SER A 49 5.22 6.15 9.20
N ALA A 50 6.30 6.28 8.45
CA ALA A 50 6.79 7.63 8.04
C ALA A 50 6.23 7.98 6.66
N SER A 51 5.92 6.99 5.86
CA SER A 51 5.38 7.28 4.49
C SER A 51 3.89 7.64 4.56
N ASP A 52 3.22 7.29 5.63
CA ASP A 52 1.76 7.61 5.76
C ASP A 52 1.53 9.12 5.62
N GLN A 53 2.47 9.92 6.04
CA GLN A 53 2.30 11.40 5.93
C GLN A 53 2.49 11.85 4.46
N PRO A 54 1.58 12.67 3.97
CA PRO A 54 1.69 13.15 2.57
C PRO A 54 2.80 14.19 2.44
N LYS A 55 3.32 14.36 1.25
CA LYS A 55 4.42 15.36 1.05
C LYS A 55 3.85 16.63 0.38
N GLN A 56 3.27 16.48 -0.79
CA GLN A 56 2.70 17.67 -1.49
C GLN A 56 1.24 17.41 -1.86
N TYR A 57 0.31 18.01 -1.16
CA TYR A 57 -1.13 17.81 -1.47
C TYR A 57 -1.93 19.06 -1.10
N GLU A 58 -1.31 20.21 -1.14
CA GLU A 58 -2.03 21.47 -0.80
C GLU A 58 -2.15 22.37 -2.02
N GLN A 59 -1.20 22.29 -2.92
CA GLN A 59 -1.23 23.16 -4.14
C GLN A 59 -2.03 22.47 -5.25
N HIS A 60 -2.13 21.17 -5.22
CA HIS A 60 -2.89 20.43 -6.28
C HIS A 60 -4.36 20.23 -5.85
N LEU A 61 -4.82 20.98 -4.89
CA LEU A 61 -6.24 20.82 -4.42
C LEU A 61 -7.21 21.47 -5.42
N THR A 62 -6.73 22.36 -6.25
CA THR A 62 -7.63 23.03 -7.24
C THR A 62 -7.50 22.38 -8.62
N ASP A 63 -6.37 21.77 -8.89
CA ASP A 63 -6.18 21.11 -10.21
C ASP A 63 -7.23 20.01 -10.44
N TYR A 64 -7.86 19.53 -9.40
CA TYR A 64 -8.88 18.45 -9.58
C TYR A 64 -9.98 18.89 -10.58
N GLU A 65 -10.18 20.17 -10.72
CA GLU A 65 -11.23 20.68 -11.66
C GLU A 65 -11.07 20.07 -13.06
N LYS A 66 -9.90 20.18 -13.62
CA LYS A 66 -9.64 19.64 -14.99
C LYS A 66 -9.89 18.12 -15.06
N ILE A 67 -9.97 17.45 -13.94
CA ILE A 67 -10.19 15.96 -13.96
C ILE A 67 -11.48 15.63 -14.73
N LYS A 68 -12.51 16.43 -14.59
CA LYS A 68 -13.79 16.15 -15.31
C LYS A 68 -13.56 16.19 -16.82
N GLU A 69 -12.60 16.98 -17.26
CA GLU A 69 -12.32 17.08 -18.72
C GLU A 69 -11.13 16.18 -19.09
N GLY A 70 -10.83 15.20 -18.27
CA GLY A 70 -9.67 14.29 -18.56
C GLY A 70 -9.85 13.65 -19.95
N PHE A 71 -11.06 13.51 -20.41
CA PHE A 71 -11.30 12.89 -21.75
C PHE A 71 -11.21 13.95 -22.84
N LYS A 72 -10.12 14.69 -22.88
CA LYS A 72 -9.95 15.74 -23.92
C LYS A 72 -8.99 15.23 -24.99
N ASN A 73 -9.32 14.09 -25.59
CA ASN A 73 -8.49 13.41 -26.67
C ASN A 73 -7.17 14.14 -27.00
N LYS A 74 -6.24 14.14 -26.08
CA LYS A 74 -4.92 14.81 -26.31
C LYS A 74 -3.79 13.96 -25.73
N ASN A 75 -3.93 13.56 -24.50
CA ASN A 75 -2.87 12.73 -23.85
C ASN A 75 -2.64 11.42 -24.63
N ALA A 76 -3.66 10.95 -25.31
CA ALA A 76 -3.53 9.69 -26.09
C ALA A 76 -2.40 9.83 -27.14
N SER A 77 -2.18 11.01 -27.63
CA SER A 77 -1.11 11.22 -28.65
C SER A 77 0.11 11.91 -28.01
N MET A 78 0.19 11.96 -26.71
CA MET A 78 1.35 12.62 -26.04
C MET A 78 2.31 11.56 -25.47
N ILE A 79 1.81 10.40 -25.15
CA ILE A 79 2.69 9.33 -24.58
C ILE A 79 3.00 8.30 -25.67
N LYS A 80 2.00 7.61 -26.14
CA LYS A 80 2.21 6.56 -27.19
C LYS A 80 2.33 7.22 -28.58
N SER A 81 3.29 8.10 -28.74
CA SER A 81 3.48 8.78 -30.05
C SER A 81 4.80 9.56 -30.05
N ALA A 82 5.11 10.22 -28.97
CA ALA A 82 6.38 11.00 -28.89
C ALA A 82 7.57 10.06 -28.72
N PHE A 83 7.59 9.29 -27.67
CA PHE A 83 8.72 8.35 -27.44
C PHE A 83 8.19 6.91 -27.26
N LEU A 84 7.73 6.31 -28.33
CA LEU A 84 7.20 4.92 -28.25
C LEU A 84 8.30 3.96 -27.74
N PRO A 85 8.14 3.46 -26.53
CA PRO A 85 9.16 2.54 -25.96
C PRO A 85 9.04 1.15 -26.59
N THR A 86 7.87 0.56 -26.51
CA THR A 86 7.67 -0.80 -27.09
C THR A 86 6.19 -1.17 -27.09
N GLY A 87 5.43 -0.66 -28.01
CA GLY A 87 3.97 -0.97 -28.07
C GLY A 87 3.78 -2.47 -28.27
N ALA A 88 4.69 -3.11 -28.95
CA ALA A 88 4.57 -4.59 -29.19
C ALA A 88 4.56 -5.35 -27.86
N PHE A 89 5.12 -4.77 -26.82
CA PHE A 89 5.15 -5.46 -25.49
C PHE A 89 3.92 -5.09 -24.65
N LYS A 90 2.85 -4.67 -25.28
CA LYS A 90 1.62 -4.30 -24.51
C LYS A 90 0.76 -5.54 -24.21
N ALA A 91 1.24 -6.72 -24.53
CA ALA A 91 0.44 -7.96 -24.25
C ALA A 91 0.18 -8.09 -22.75
N ASP A 92 1.01 -7.49 -21.92
CA ASP A 92 0.81 -7.58 -20.44
C ASP A 92 -0.60 -7.12 -20.04
N ARG A 93 -1.22 -6.30 -20.85
CA ARG A 93 -2.60 -5.80 -20.52
C ARG A 93 -3.56 -6.98 -20.32
N TYR A 94 -3.27 -8.11 -20.91
CA TYR A 94 -4.18 -9.30 -20.75
C TYR A 94 -4.35 -9.65 -19.28
N LYS A 95 -3.36 -10.26 -18.68
CA LYS A 95 -3.46 -10.65 -17.24
C LYS A 95 -2.24 -10.16 -16.46
N SER A 96 -1.07 -10.25 -17.05
CA SER A 96 0.17 -9.80 -16.33
C SER A 96 0.38 -8.29 -16.52
N HIS A 97 -0.61 -7.50 -16.21
CA HIS A 97 -0.46 -6.02 -16.35
C HIS A 97 0.11 -5.41 -15.07
N GLY A 98 1.30 -5.80 -14.70
CA GLY A 98 1.94 -5.26 -13.47
C GLY A 98 2.16 -6.41 -12.48
N LYS A 99 2.56 -7.55 -12.97
CA LYS A 99 2.81 -8.72 -12.06
C LYS A 99 3.87 -8.37 -11.01
N GLY A 100 4.73 -7.43 -11.30
CA GLY A 100 5.78 -7.06 -10.32
C GLY A 100 5.35 -5.82 -9.54
N TYR A 101 4.05 -5.62 -9.39
CA TYR A 101 3.56 -4.43 -8.64
C TYR A 101 2.18 -4.71 -8.06
N ASN A 102 1.88 -5.96 -7.78
CA ASN A 102 0.55 -6.31 -7.21
C ASN A 102 0.59 -6.22 -5.68
N TRP A 103 0.56 -5.03 -5.15
CA TRP A 103 0.61 -4.86 -3.66
C TRP A 103 -0.08 -3.55 -3.24
N GLY A 104 -0.95 -3.03 -4.08
CA GLY A 104 -1.65 -1.76 -3.72
C GLY A 104 -2.91 -1.60 -4.56
N ASN A 105 -3.38 -0.39 -4.75
CA ASN A 105 -4.61 -0.16 -5.56
C ASN A 105 -4.25 0.61 -6.85
N TYR A 106 -4.48 0.01 -7.99
CA TYR A 106 -4.16 0.70 -9.27
C TYR A 106 -5.42 0.86 -10.13
N ASN A 107 -5.91 2.06 -10.27
CA ASN A 107 -7.13 2.29 -11.09
C ASN A 107 -7.11 3.71 -11.66
N THR A 108 -6.56 3.89 -12.83
CA THR A 108 -6.50 5.25 -13.43
C THR A 108 -6.52 5.19 -14.96
N GLU A 109 -6.89 6.29 -15.59
CA GLU A 109 -6.91 6.32 -17.08
C GLU A 109 -5.71 7.12 -17.60
N THR A 110 -5.19 8.02 -16.78
CA THR A 110 -4.01 8.83 -17.21
C THR A 110 -2.82 8.54 -16.30
N GLN A 111 -2.91 8.87 -15.03
CA GLN A 111 -1.77 8.62 -14.09
C GLN A 111 -2.19 8.88 -12.64
N LYS A 112 -2.86 7.93 -12.03
CA LYS A 112 -3.29 8.12 -10.60
C LYS A 112 -3.14 6.79 -9.85
N CYS A 113 -2.11 6.67 -9.04
CA CYS A 113 -1.90 5.40 -8.28
C CYS A 113 -2.39 5.55 -6.84
N GLU A 114 -2.66 4.44 -6.19
CA GLU A 114 -3.14 4.50 -4.78
C GLU A 114 -2.70 3.22 -4.04
N ILE A 115 -2.22 3.36 -2.83
CA ILE A 115 -1.77 2.18 -2.05
C ILE A 115 -2.23 2.29 -0.59
N PHE A 116 -2.62 1.19 0.02
CA PHE A 116 -3.08 1.22 1.43
C PHE A 116 -3.31 -0.21 1.93
N ASN A 117 -3.61 -0.35 3.21
CA ASN A 117 -3.85 -1.72 3.77
C ASN A 117 -5.16 -2.30 3.24
N VAL A 118 -6.28 -1.70 3.58
CA VAL A 118 -7.59 -2.21 3.10
C VAL A 118 -8.56 -1.05 2.80
N LYS A 119 -9.70 -1.36 2.25
CA LYS A 119 -10.69 -0.29 1.93
C LYS A 119 -12.13 -0.83 2.07
N PRO A 120 -13.06 0.05 2.34
CA PRO A 120 -14.48 -0.38 2.50
C PRO A 120 -15.09 -0.73 1.13
N THR A 121 -16.38 -0.93 1.10
CA THR A 121 -17.06 -1.27 -0.19
C THR A 121 -17.76 -0.03 -0.76
N CYS A 122 -17.01 0.94 -1.21
CA CYS A 122 -17.61 2.17 -1.79
C CYS A 122 -17.41 2.22 -3.30
N LEU A 123 -17.67 3.34 -3.91
CA LEU A 123 -17.51 3.46 -5.38
C LEU A 123 -16.03 3.63 -5.77
N ILE A 124 -15.20 4.04 -4.84
CA ILE A 124 -13.75 4.20 -5.17
C ILE A 124 -13.03 2.85 -5.04
N ASN A 125 -13.46 1.89 -5.80
CA ASN A 125 -12.84 0.55 -5.76
C ASN A 125 -11.81 0.40 -6.89
N ASN A 126 -10.55 0.54 -6.57
CA ASN A 126 -9.49 0.42 -7.62
C ASN A 126 -9.05 -1.04 -7.73
N SER A 127 -8.02 -1.31 -8.50
CA SER A 127 -7.55 -2.73 -8.65
C SER A 127 -6.93 -3.21 -7.33
N SER A 128 -7.62 -4.07 -6.62
CA SER A 128 -7.08 -4.57 -5.33
C SER A 128 -6.49 -5.98 -5.52
N TYR A 129 -5.23 -6.15 -5.23
CA TYR A 129 -4.60 -7.50 -5.39
C TYR A 129 -3.22 -7.51 -4.73
N ILE A 130 -3.13 -8.00 -3.53
CA ILE A 130 -1.81 -8.05 -2.82
C ILE A 130 -1.13 -9.40 -3.08
N ALA A 131 -0.25 -9.46 -4.04
CA ALA A 131 0.45 -10.73 -4.34
C ALA A 131 1.65 -10.46 -5.28
N THR A 132 2.67 -9.82 -4.78
CA THR A 132 3.86 -9.53 -5.64
C THR A 132 4.69 -10.79 -5.81
N THR A 133 4.95 -11.17 -7.04
CA THR A 133 5.77 -12.40 -7.30
C THR A 133 7.18 -12.21 -6.74
N ALA A 134 7.40 -12.56 -5.50
CA ALA A 134 8.76 -12.41 -4.90
C ALA A 134 9.10 -13.64 -4.06
N LEU A 135 10.37 -13.96 -3.95
CA LEU A 135 10.78 -15.15 -3.15
C LEU A 135 10.92 -14.77 -1.67
N SER A 136 11.56 -13.67 -1.39
CA SER A 136 11.73 -13.23 0.03
C SER A 136 12.25 -11.79 0.09
N HIS A 137 13.16 -11.45 -0.76
CA HIS A 137 13.72 -10.06 -0.76
C HIS A 137 13.17 -9.27 -1.96
N PRO A 138 12.60 -8.11 -1.71
CA PRO A 138 12.05 -7.28 -2.82
C PRO A 138 13.18 -6.56 -3.57
N ILE A 139 14.11 -7.31 -4.12
CA ILE A 139 15.23 -6.68 -4.88
C ILE A 139 15.55 -7.50 -6.13
N GLU A 140 15.60 -8.81 -6.00
CA GLU A 140 15.91 -9.68 -7.17
C GLU A 140 14.90 -9.43 -8.30
N MET A 1 -25.08 -30.89 -14.20
CA MET A 1 -24.19 -29.73 -13.91
C MET A 1 -24.85 -28.43 -14.38
N ARG A 2 -25.91 -28.03 -13.74
CA ARG A 2 -26.61 -26.77 -14.13
C ARG A 2 -26.57 -25.76 -12.98
N GLY A 3 -25.48 -25.70 -12.27
CA GLY A 3 -25.37 -24.74 -11.13
C GLY A 3 -24.11 -23.88 -11.31
N SER A 4 -24.06 -23.12 -12.38
CA SER A 4 -22.87 -22.24 -12.62
C SER A 4 -23.31 -20.79 -12.81
N HIS A 5 -22.45 -19.86 -12.48
CA HIS A 5 -22.81 -18.41 -12.63
C HIS A 5 -21.55 -17.54 -12.56
N HIS A 6 -21.71 -16.24 -12.64
CA HIS A 6 -20.52 -15.34 -12.58
C HIS A 6 -20.66 -14.38 -11.40
N HIS A 7 -19.70 -14.37 -10.51
CA HIS A 7 -19.77 -13.47 -9.32
C HIS A 7 -19.15 -12.10 -9.67
N HIS A 8 -19.80 -11.03 -9.28
CA HIS A 8 -19.26 -9.67 -9.58
C HIS A 8 -18.92 -8.93 -8.28
N HIS A 9 -17.88 -8.14 -8.29
CA HIS A 9 -17.49 -7.40 -7.05
C HIS A 9 -17.27 -5.91 -7.38
N HIS A 10 -18.18 -5.32 -8.10
CA HIS A 10 -18.05 -3.88 -8.46
C HIS A 10 -19.42 -3.21 -8.53
N GLY A 11 -19.48 -1.92 -8.34
CA GLY A 11 -20.78 -1.21 -8.40
C GLY A 11 -20.55 0.30 -8.47
N SER A 12 -20.05 0.88 -7.40
CA SER A 12 -19.79 2.34 -7.38
C SER A 12 -18.28 2.62 -7.50
N ASN A 13 -17.92 3.79 -7.95
CA ASN A 13 -16.48 4.12 -8.10
C ASN A 13 -15.95 4.74 -6.80
N ALA A 14 -16.62 5.76 -6.30
CA ALA A 14 -16.17 6.40 -5.03
C ALA A 14 -17.33 6.50 -4.05
N LYS A 15 -17.07 6.27 -2.78
CA LYS A 15 -18.16 6.34 -1.77
C LYS A 15 -17.57 6.62 -0.38
N PHE A 16 -18.08 7.62 0.29
CA PHE A 16 -17.56 7.95 1.66
C PHE A 16 -18.40 7.27 2.74
N GLY A 17 -18.71 6.01 2.53
CA GLY A 17 -19.52 5.26 3.54
C GLY A 17 -18.80 3.98 3.94
N LEU A 18 -19.44 3.14 4.73
CA LEU A 18 -18.79 1.87 5.16
C LEU A 18 -19.86 0.80 5.39
N TRP A 19 -19.81 -0.27 4.63
CA TRP A 19 -20.82 -1.36 4.81
C TRP A 19 -20.82 -1.88 6.26
N VAL A 20 -21.97 -1.88 6.89
CA VAL A 20 -22.05 -2.36 8.30
C VAL A 20 -22.15 -3.88 8.33
N ASP A 21 -21.04 -4.56 8.39
CA ASP A 21 -21.06 -6.05 8.43
C ASP A 21 -19.86 -6.59 9.20
N GLY A 22 -18.68 -6.33 8.72
CA GLY A 22 -17.45 -6.81 9.42
C GLY A 22 -17.18 -5.91 10.62
N ASN A 23 -16.11 -5.16 10.57
CA ASN A 23 -15.77 -4.24 11.70
C ASN A 23 -14.99 -3.03 11.18
N CYS A 24 -15.21 -2.65 9.94
CA CYS A 24 -14.47 -1.49 9.36
C CYS A 24 -15.32 -0.22 9.46
N GLU A 25 -15.12 0.56 10.48
CA GLU A 25 -15.90 1.83 10.63
C GLU A 25 -14.96 3.01 10.83
N ASP A 26 -14.52 3.63 9.76
CA ASP A 26 -13.60 4.79 9.87
C ASP A 26 -13.38 5.42 8.48
N ILE A 27 -13.29 4.60 7.46
CA ILE A 27 -13.07 5.14 6.07
C ILE A 27 -11.82 6.02 6.02
N PRO A 28 -10.65 5.40 6.10
CA PRO A 28 -9.38 6.17 6.06
C PRO A 28 -9.12 6.70 4.64
N HIS A 29 -7.91 7.12 4.38
CA HIS A 29 -7.59 7.65 3.01
C HIS A 29 -6.29 7.03 2.50
N VAL A 30 -6.28 6.58 1.27
CA VAL A 30 -5.04 5.96 0.69
C VAL A 30 -4.07 7.05 0.26
N ASN A 31 -2.81 6.70 0.09
CA ASN A 31 -1.80 7.72 -0.34
C ASN A 31 -1.73 7.77 -1.87
N GLU A 32 -2.16 8.87 -2.44
CA GLU A 32 -2.12 9.00 -3.93
C GLU A 32 -0.68 9.24 -4.41
N PHE A 33 -0.39 8.88 -5.63
CA PHE A 33 0.99 9.09 -6.17
C PHE A 33 0.97 9.06 -7.71
N PRO A 34 1.32 10.17 -8.33
CA PRO A 34 1.34 10.21 -9.81
C PRO A 34 2.54 9.42 -10.34
N ALA A 35 2.53 8.13 -10.15
CA ALA A 35 3.66 7.28 -10.63
C ALA A 35 3.92 7.50 -12.13
N ILE A 36 4.83 8.37 -12.46
CA ILE A 36 5.13 8.63 -13.91
C ILE A 36 6.65 8.67 -14.12
N ASP A 37 7.39 7.96 -13.30
CA ASP A 37 8.88 7.95 -13.45
C ASP A 37 9.39 6.50 -13.54
N LEU A 38 10.67 6.31 -13.34
CA LEU A 38 11.24 4.92 -13.41
C LEU A 38 10.58 4.01 -12.38
N PHE A 39 10.10 4.58 -11.30
CA PHE A 39 9.45 3.75 -10.24
C PHE A 39 7.92 3.90 -10.32
N GLU A 40 7.20 2.98 -9.73
CA GLU A 40 5.71 3.05 -9.76
C GLU A 40 5.16 3.28 -8.34
N CYS A 41 3.96 2.83 -8.07
CA CYS A 41 3.38 3.01 -6.71
C CYS A 41 3.90 1.92 -5.76
N ASN A 42 5.20 1.83 -5.61
CA ASN A 42 5.78 0.80 -4.70
C ASN A 42 7.05 1.33 -4.02
N LYS A 43 7.14 2.63 -3.86
CA LYS A 43 8.34 3.22 -3.20
C LYS A 43 7.95 3.95 -1.93
N LEU A 44 6.89 4.73 -1.97
CA LEU A 44 6.44 5.48 -0.76
C LEU A 44 5.59 4.56 0.14
N VAL A 45 6.22 3.63 0.80
CA VAL A 45 5.46 2.70 1.70
C VAL A 45 6.31 2.33 2.92
N PHE A 46 6.84 3.32 3.60
CA PHE A 46 7.68 3.05 4.80
C PHE A 46 6.83 3.14 6.07
N GLU A 47 5.88 4.05 6.09
CA GLU A 47 5.00 4.19 7.30
C GLU A 47 3.88 3.16 7.27
N LEU A 48 3.49 2.72 6.10
CA LEU A 48 2.39 1.71 5.99
C LEU A 48 2.92 0.32 6.34
N SER A 49 4.18 0.07 6.08
CA SER A 49 4.77 -1.27 6.40
C SER A 49 4.66 -1.57 7.90
N ALA A 50 4.59 -0.55 8.71
CA ALA A 50 4.47 -0.76 10.19
C ALA A 50 3.01 -0.98 10.58
N SER A 51 2.11 -0.34 9.88
CA SER A 51 0.65 -0.50 10.21
C SER A 51 0.15 -1.89 9.79
N ASP A 52 0.84 -2.54 8.88
CA ASP A 52 0.40 -3.90 8.42
C ASP A 52 0.32 -4.87 9.60
N GLN A 53 0.98 -4.58 10.69
CA GLN A 53 0.95 -5.49 11.88
C GLN A 53 -0.51 -5.82 12.28
N PRO A 54 -0.71 -7.00 12.83
CA PRO A 54 -2.08 -7.40 13.25
C PRO A 54 -2.52 -6.64 14.49
N LYS A 55 -3.58 -7.08 15.12
CA LYS A 55 -4.07 -6.39 16.35
C LYS A 55 -3.59 -7.12 17.60
N GLN A 56 -4.13 -6.77 18.75
CA GLN A 56 -3.69 -7.45 20.02
C GLN A 56 -4.37 -8.83 20.13
N TYR A 57 -3.58 -9.87 20.15
CA TYR A 57 -4.16 -11.25 20.26
C TYR A 57 -3.14 -12.21 20.87
N GLU A 58 -2.27 -11.70 21.70
CA GLU A 58 -1.24 -12.58 22.34
C GLU A 58 -1.17 -12.31 23.84
N GLN A 59 -0.77 -11.12 24.23
CA GLN A 59 -0.68 -10.79 25.68
C GLN A 59 -1.06 -9.33 25.91
N HIS A 60 -0.84 -8.83 27.11
CA HIS A 60 -1.18 -7.40 27.40
C HIS A 60 0.10 -6.57 27.55
N LEU A 61 1.16 -7.18 28.02
CA LEU A 61 2.44 -6.42 28.20
C LEU A 61 3.30 -6.53 26.94
N THR A 62 3.17 -7.61 26.21
CA THR A 62 3.98 -7.79 24.97
C THR A 62 3.71 -6.64 23.99
N ASP A 63 2.55 -6.03 24.07
CA ASP A 63 2.23 -4.90 23.14
C ASP A 63 2.86 -3.59 23.64
N TYR A 64 3.20 -3.52 24.90
CA TYR A 64 3.82 -2.27 25.44
C TYR A 64 5.35 -2.35 25.37
N GLU A 65 5.90 -3.54 25.38
CA GLU A 65 7.39 -3.67 25.32
C GLU A 65 7.88 -3.78 23.87
N LYS A 66 7.00 -4.15 22.96
CA LYS A 66 7.42 -4.28 21.52
C LYS A 66 7.86 -2.91 20.97
N ILE A 67 7.50 -1.84 21.61
CA ILE A 67 7.90 -0.48 21.11
C ILE A 67 9.43 -0.33 21.21
N LYS A 68 10.04 -1.02 22.14
CA LYS A 68 11.52 -0.92 22.30
C LYS A 68 12.21 -2.00 21.45
N GLU A 69 11.56 -3.12 21.28
CA GLU A 69 12.16 -4.21 20.45
C GLU A 69 11.43 -4.35 19.11
N GLY A 70 10.75 -3.32 18.69
CA GLY A 70 10.01 -3.38 17.38
C GLY A 70 11.00 -3.18 16.24
N PHE A 71 11.67 -4.22 15.82
CA PHE A 71 12.64 -4.09 14.70
C PHE A 71 11.90 -4.10 13.36
N LYS A 72 11.37 -2.98 12.96
CA LYS A 72 10.62 -2.91 11.67
C LYS A 72 10.60 -1.47 11.14
N ASN A 73 11.59 -0.69 11.48
CA ASN A 73 11.64 0.73 11.00
C ASN A 73 12.30 0.81 9.63
N LYS A 74 13.34 0.05 9.41
CA LYS A 74 14.04 0.09 8.07
C LYS A 74 15.02 -1.07 7.97
N ASN A 75 16.07 -1.03 8.75
CA ASN A 75 17.10 -2.12 8.70
C ASN A 75 16.46 -3.50 8.89
N ALA A 76 15.30 -3.55 9.51
CA ALA A 76 14.63 -4.87 9.72
C ALA A 76 14.34 -5.54 8.38
N SER A 77 14.03 -4.76 7.38
CA SER A 77 13.74 -5.35 6.04
C SER A 77 14.92 -5.11 5.08
N MET A 78 16.06 -4.72 5.59
CA MET A 78 17.25 -4.48 4.71
C MET A 78 18.26 -5.63 4.83
N ILE A 79 18.11 -6.48 5.81
CA ILE A 79 19.07 -7.61 5.98
C ILE A 79 18.91 -8.61 4.83
N LYS A 80 17.72 -8.74 4.31
CA LYS A 80 17.48 -9.68 3.17
C LYS A 80 17.57 -8.94 1.84
N SER A 81 17.18 -7.70 1.83
CA SER A 81 17.25 -6.89 0.56
C SER A 81 18.26 -5.76 0.72
N ALA A 82 19.31 -5.99 1.46
CA ALA A 82 20.36 -4.94 1.67
C ALA A 82 20.92 -4.47 0.33
N PHE A 83 20.67 -3.24 -0.03
CA PHE A 83 21.20 -2.70 -1.32
C PHE A 83 22.63 -2.21 -1.12
N LEU A 84 23.59 -3.08 -1.24
CA LEU A 84 25.02 -2.67 -1.06
C LEU A 84 25.38 -1.48 -1.98
N PRO A 85 25.86 -0.41 -1.40
CA PRO A 85 26.22 0.78 -2.22
C PRO A 85 27.49 0.52 -3.03
N THR A 86 28.34 -0.36 -2.56
CA THR A 86 29.61 -0.67 -3.29
C THR A 86 29.28 -1.24 -4.68
N GLY A 87 28.16 -1.91 -4.81
CA GLY A 87 27.77 -2.49 -6.12
C GLY A 87 26.25 -2.37 -6.30
N ALA A 88 25.69 -1.25 -5.95
CA ALA A 88 24.21 -1.07 -6.09
C ALA A 88 23.87 -0.60 -7.51
N PHE A 89 24.78 0.09 -8.15
CA PHE A 89 24.51 0.58 -9.54
C PHE A 89 24.25 -0.60 -10.49
N LYS A 90 25.00 -1.66 -10.32
CA LYS A 90 24.80 -2.86 -11.19
C LYS A 90 23.78 -3.83 -10.58
N ALA A 91 23.55 -3.74 -9.29
CA ALA A 91 22.57 -4.65 -8.64
C ALA A 91 21.18 -4.49 -9.27
N ASP A 92 20.94 -3.39 -9.95
CA ASP A 92 19.60 -3.18 -10.60
C ASP A 92 19.31 -4.30 -11.60
N ARG A 93 18.07 -4.73 -11.67
CA ARG A 93 17.71 -5.81 -12.63
C ARG A 93 16.58 -5.34 -13.55
N TYR A 94 15.85 -6.27 -14.12
CA TYR A 94 14.73 -5.88 -15.04
C TYR A 94 13.45 -5.66 -14.24
N LYS A 95 12.38 -5.30 -14.91
CA LYS A 95 11.09 -5.06 -14.19
C LYS A 95 10.10 -6.19 -14.46
N SER A 96 10.09 -6.69 -15.67
CA SER A 96 9.15 -7.81 -16.02
C SER A 96 9.78 -9.16 -15.65
N HIS A 97 11.08 -9.25 -15.66
CA HIS A 97 11.76 -10.53 -15.31
C HIS A 97 11.92 -10.64 -13.80
N GLY A 98 10.90 -11.06 -13.11
CA GLY A 98 10.99 -11.20 -11.62
C GLY A 98 10.11 -10.14 -10.95
N LYS A 99 9.00 -9.80 -11.56
CA LYS A 99 8.10 -8.77 -10.97
C LYS A 99 7.59 -9.23 -9.60
N GLY A 100 7.76 -8.41 -8.59
CA GLY A 100 7.29 -8.79 -7.22
C GLY A 100 7.47 -7.60 -6.28
N TYR A 101 6.90 -6.47 -6.61
CA TYR A 101 7.03 -5.26 -5.74
C TYR A 101 5.79 -4.37 -5.87
N ASN A 102 4.65 -4.97 -6.10
CA ASN A 102 3.39 -4.17 -6.23
C ASN A 102 2.26 -4.83 -5.44
N TRP A 103 1.57 -4.07 -4.63
CA TRP A 103 0.45 -4.65 -3.83
C TRP A 103 -0.39 -3.54 -3.19
N GLY A 104 -0.49 -2.41 -3.84
CA GLY A 104 -1.29 -1.28 -3.29
C GLY A 104 -2.67 -1.25 -3.96
N ASN A 105 -3.04 -0.13 -4.52
CA ASN A 105 -4.37 -0.03 -5.19
C ASN A 105 -4.28 0.93 -6.38
N TYR A 106 -4.89 0.59 -7.48
CA TYR A 106 -4.85 1.48 -8.68
C TYR A 106 -6.27 1.80 -9.15
N ASN A 107 -6.57 3.07 -9.30
CA ASN A 107 -7.94 3.47 -9.77
C ASN A 107 -7.84 4.80 -10.51
N THR A 108 -7.63 4.76 -11.80
CA THR A 108 -7.50 6.03 -12.58
C THR A 108 -7.95 5.85 -14.04
N GLU A 109 -8.12 6.93 -14.74
CA GLU A 109 -8.54 6.86 -16.16
C GLU A 109 -7.35 7.23 -17.06
N THR A 110 -6.40 7.98 -16.54
CA THR A 110 -5.23 8.38 -17.37
C THR A 110 -3.94 7.72 -16.83
N GLN A 111 -3.45 8.19 -15.71
CA GLN A 111 -2.20 7.59 -15.13
C GLN A 111 -1.97 8.06 -13.70
N LYS A 112 -2.65 7.46 -12.74
CA LYS A 112 -2.48 7.85 -11.32
C LYS A 112 -2.74 6.64 -10.42
N CYS A 113 -1.88 6.36 -9.48
CA CYS A 113 -2.10 5.18 -8.58
C CYS A 113 -1.90 5.56 -7.11
N GLU A 114 -2.25 4.68 -6.22
CA GLU A 114 -2.10 4.95 -4.76
C GLU A 114 -1.84 3.65 -4.01
N ILE A 115 -1.49 3.72 -2.76
CA ILE A 115 -1.22 2.48 -1.97
C ILE A 115 -1.83 2.60 -0.56
N PHE A 116 -2.48 1.56 -0.10
CA PHE A 116 -3.10 1.57 1.26
C PHE A 116 -3.61 0.17 1.60
N ASN A 117 -2.72 -0.78 1.71
CA ASN A 117 -3.14 -2.18 2.04
C ASN A 117 -3.88 -2.22 3.38
N VAL A 118 -4.96 -2.96 3.43
CA VAL A 118 -5.76 -3.06 4.70
C VAL A 118 -6.24 -4.50 4.90
N LYS A 119 -6.81 -4.80 6.03
CA LYS A 119 -7.31 -6.19 6.29
C LYS A 119 -8.49 -6.50 5.37
N PRO A 120 -8.69 -7.78 5.08
CA PRO A 120 -9.81 -8.18 4.19
C PRO A 120 -11.15 -8.03 4.92
N THR A 121 -11.61 -6.82 5.09
CA THR A 121 -12.91 -6.60 5.78
C THR A 121 -13.41 -5.17 5.52
N CYS A 122 -13.08 -4.62 4.37
CA CYS A 122 -13.54 -3.23 4.04
C CYS A 122 -13.62 -3.05 2.53
N LEU A 123 -14.19 -1.96 2.08
CA LEU A 123 -14.30 -1.71 0.61
C LEU A 123 -13.90 -0.27 0.28
N ILE A 124 -12.62 -0.03 0.10
CA ILE A 124 -12.15 1.35 -0.23
C ILE A 124 -11.05 1.29 -1.28
N ASN A 125 -11.24 0.47 -2.29
CA ASN A 125 -10.21 0.35 -3.37
C ASN A 125 -10.85 -0.14 -4.67
N ASN A 126 -10.10 -0.14 -5.74
CA ASN A 126 -10.65 -0.60 -7.04
C ASN A 126 -9.80 -1.74 -7.63
N SER A 127 -8.59 -1.44 -8.04
CA SER A 127 -7.71 -2.50 -8.61
C SER A 127 -6.66 -2.93 -7.58
N SER A 128 -6.87 -4.05 -6.94
CA SER A 128 -5.89 -4.54 -5.93
C SER A 128 -4.99 -5.62 -6.54
N TYR A 129 -3.76 -5.29 -6.81
CA TYR A 129 -2.82 -6.29 -7.41
C TYR A 129 -1.83 -6.79 -6.34
N ILE A 130 -2.34 -7.38 -5.29
CA ILE A 130 -1.43 -7.90 -4.21
C ILE A 130 -0.78 -9.20 -4.67
N ALA A 131 0.32 -9.11 -5.37
CA ALA A 131 1.03 -10.34 -5.85
C ALA A 131 2.51 -10.28 -5.47
N THR A 132 2.81 -10.15 -4.21
CA THR A 132 4.23 -10.08 -3.76
C THR A 132 4.51 -11.16 -2.72
N THR A 133 3.64 -11.29 -1.74
CA THR A 133 3.84 -12.33 -0.68
C THR A 133 2.50 -12.77 -0.11
N ALA A 134 2.04 -13.94 -0.50
CA ALA A 134 0.73 -14.45 0.01
C ALA A 134 0.64 -15.96 -0.15
N LEU A 135 -0.11 -16.62 0.69
CA LEU A 135 -0.24 -18.10 0.59
C LEU A 135 -1.68 -18.50 0.27
N SER A 136 -2.64 -17.64 0.53
CA SER A 136 -4.07 -17.98 0.25
C SER A 136 -4.52 -17.32 -1.06
N HIS A 137 -3.90 -16.21 -1.42
CA HIS A 137 -4.29 -15.51 -2.69
C HIS A 137 -3.85 -16.33 -3.91
N PRO A 138 -2.57 -16.63 -4.00
CA PRO A 138 -2.07 -17.42 -5.16
C PRO A 138 -2.52 -18.89 -5.03
N ILE A 139 -2.28 -19.66 -6.06
CA ILE A 139 -2.69 -21.10 -6.01
C ILE A 139 -1.97 -21.82 -4.87
N GLU A 140 -0.80 -21.35 -4.51
CA GLU A 140 -0.03 -22.00 -3.39
C GLU A 140 -0.85 -21.97 -2.10
#